data_7UWQ
#
_entry.id   7UWQ
#
_cell.length_a   1.00
_cell.length_b   1.00
_cell.length_c   1.00
_cell.angle_alpha   90.00
_cell.angle_beta   90.00
_cell.angle_gamma   90.00
#
_symmetry.space_group_name_H-M   'P 1'
#
_entity_poly.entity_id   1
_entity_poly.type   'polypeptide(L)'
_entity_poly.pdbx_seq_one_letter_code
;MAHHHHHHMNIKAASLTPEQALAELEARYEASVTALRKAIGDYIDHNTLPDTEARAEGLFVYPQLSVSWDGADHKALKTR
AWGRFTHAGCYTTTITNPKLFRNYLLEQLTLLYQDYGAHISVELSQHEIPYPYVIDGSTLTLDRSMSAGLTRYFPTTELS
QIGDETADGLFHPTEFYPLSHFDARRVDFSLARLRHYTGTPAEHFQPYVLFTNYTRYVDEFVSWGCSQILDPDSPYIALS
CAGGIWITAETEAPEQAISDLAWKKHQMPAWHLITHDGKGITLINIGVGPANAKTICDHLAVLRPDVWLMIGHCGGLRES
QAIGDYVLAHAYLRDDHVLDAVLPPDIPIPSIAEVQRALYDATKQVSGMPGEEVKQRLRTGTVVTTDDRNWELRYSASAL
RFNLSRAVAIDMESATIAAQGYRFRVPYGTLLCVSDKPLHGEIKLPGQANRFYEGAISEHLQIGIRAIDLLRAEGDHMHS
RKLRTFNEPPFR
;
_entity_poly.pdbx_strand_id   A,B,C,D,E,F
#
# COMPACT_ATOMS: atom_id res chain seq x y z
N LEU A 16 8.56 54.68 2.40
CA LEU A 16 8.31 55.20 3.74
C LEU A 16 9.36 54.72 4.73
N THR A 17 9.74 55.61 5.64
CA THR A 17 10.59 55.19 6.74
C THR A 17 9.81 54.21 7.64
N PRO A 18 10.47 53.18 8.15
CA PRO A 18 9.74 52.15 8.91
C PRO A 18 8.99 52.68 10.12
N GLU A 19 9.47 53.77 10.73
CA GLU A 19 8.79 54.32 11.91
C GLU A 19 7.37 54.74 11.57
N GLN A 20 7.18 55.38 10.41
CA GLN A 20 5.85 55.77 9.98
C GLN A 20 4.96 54.55 9.80
N ALA A 21 5.50 53.48 9.20
CA ALA A 21 4.71 52.27 9.01
C ALA A 21 4.27 51.68 10.34
N LEU A 22 5.18 51.63 11.32
CA LEU A 22 4.83 51.07 12.62
C LEU A 22 3.75 51.92 13.30
N ALA A 23 3.91 53.25 13.28
CA ALA A 23 2.93 54.11 13.92
C ALA A 23 1.56 53.97 13.27
N GLU A 24 1.53 53.92 11.93
CA GLU A 24 0.26 53.80 11.22
C GLU A 24 -0.41 52.46 11.52
N LEU A 25 0.37 51.39 11.54
CA LEU A 25 -0.19 50.07 11.84
C LEU A 25 -0.80 50.06 13.23
N GLU A 26 -0.08 50.60 14.22
CA GLU A 26 -0.61 50.63 15.58
C GLU A 26 -1.90 51.43 15.66
N ALA A 27 -1.93 52.60 15.02
CA ALA A 27 -3.12 53.45 15.09
C ALA A 27 -4.32 52.76 14.44
N ARG A 28 -4.12 52.15 13.27
CA ARG A 28 -5.24 51.50 12.59
C ARG A 28 -5.77 50.34 13.41
N TYR A 29 -4.87 49.51 13.96
CA TYR A 29 -5.32 48.35 14.74
C TYR A 29 -6.08 48.81 15.97
N GLU A 30 -5.58 49.83 16.67
CA GLU A 30 -6.27 50.31 17.86
C GLU A 30 -7.65 50.85 17.51
N ALA A 31 -7.76 51.61 16.43
CA ALA A 31 -9.05 52.15 16.04
C ALA A 31 -10.06 51.04 15.74
N SER A 32 -9.63 50.02 14.99
CA SER A 32 -10.55 48.95 14.64
C SER A 32 -11.00 48.17 15.86
N VAL A 33 -10.07 47.87 16.77
CA VAL A 33 -10.44 47.11 17.97
C VAL A 33 -11.41 47.91 18.84
N THR A 34 -11.14 49.20 19.01
CA THR A 34 -12.03 50.01 19.83
C THR A 34 -13.43 50.09 19.21
N ALA A 35 -13.50 50.25 17.89
CA ALA A 35 -14.80 50.31 17.22
C ALA A 35 -15.59 49.02 17.45
N LEU A 36 -14.93 47.86 17.26
CA LEU A 36 -15.64 46.60 17.45
C LEU A 36 -16.10 46.43 18.88
N ARG A 37 -15.26 46.81 19.86
CA ARG A 37 -15.66 46.68 21.25
C ARG A 37 -16.88 47.54 21.56
N LYS A 38 -16.90 48.78 21.07
CA LYS A 38 -18.05 49.62 21.36
C LYS A 38 -19.32 49.13 20.66
N ALA A 39 -19.18 48.58 19.45
CA ALA A 39 -20.34 48.02 18.77
C ALA A 39 -20.92 46.85 19.55
N ILE A 40 -20.07 45.96 20.05
CA ILE A 40 -20.56 44.86 20.88
C ILE A 40 -21.25 45.42 22.12
N GLY A 41 -20.63 46.41 22.76
CA GLY A 41 -21.18 46.94 24.00
C GLY A 41 -22.56 47.54 23.82
N ASP A 42 -22.74 48.38 22.80
CA ASP A 42 -24.04 49.01 22.65
C ASP A 42 -25.08 48.08 22.05
N TYR A 43 -24.67 47.04 21.30
CA TYR A 43 -25.65 46.02 20.93
C TYR A 43 -26.15 45.29 22.16
N ILE A 44 -25.26 44.92 23.09
CA ILE A 44 -25.71 44.24 24.30
C ILE A 44 -26.61 45.13 25.13
N ASP A 45 -26.21 46.39 25.32
CA ASP A 45 -26.90 47.24 26.30
C ASP A 45 -28.06 48.04 25.73
N HIS A 46 -28.27 48.04 24.40
CA HIS A 46 -29.40 48.78 23.86
C HIS A 46 -30.11 48.09 22.70
N ASN A 47 -29.72 46.87 22.34
CA ASN A 47 -30.35 46.13 21.25
C ASN A 47 -30.37 46.95 19.96
N THR A 48 -29.18 47.25 19.46
CA THR A 48 -29.02 48.02 18.24
C THR A 48 -28.05 47.30 17.31
N LEU A 49 -28.25 47.50 16.00
CA LEU A 49 -27.42 46.85 15.00
C LEU A 49 -26.55 47.88 14.28
N PRO A 50 -25.40 47.46 13.74
CA PRO A 50 -24.56 48.38 12.98
C PRO A 50 -24.94 48.44 11.51
N ASP A 51 -24.73 49.60 10.91
CA ASP A 51 -25.01 49.79 9.50
C ASP A 51 -24.15 48.86 8.66
N THR A 52 -24.72 48.37 7.56
CA THR A 52 -24.02 47.49 6.64
C THR A 52 -23.24 48.25 5.59
N GLU A 53 -23.35 49.58 5.56
CA GLU A 53 -22.62 50.41 4.61
C GLU A 53 -21.37 51.02 5.21
N ALA A 54 -21.49 51.64 6.39
CA ALA A 54 -20.32 52.15 7.08
C ALA A 54 -19.38 51.03 7.49
N ARG A 55 -19.93 49.90 7.95
CA ARG A 55 -19.11 48.75 8.26
C ARG A 55 -18.36 48.24 7.04
N ALA A 56 -18.92 48.45 5.85
CA ALA A 56 -18.24 48.08 4.61
C ALA A 56 -17.19 49.11 4.19
N GLU A 57 -16.97 50.15 5.00
CA GLU A 57 -15.92 51.13 4.78
C GLU A 57 -14.60 50.72 5.43
N GLY A 58 -14.38 49.42 5.61
CA GLY A 58 -13.22 48.97 6.35
C GLY A 58 -13.24 49.34 7.81
N LEU A 59 -14.38 49.13 8.48
CA LEU A 59 -14.52 49.58 9.86
C LEU A 59 -14.01 48.53 10.84
N PHE A 60 -14.02 47.25 10.47
CA PHE A 60 -13.60 46.14 11.33
C PHE A 60 -12.54 45.29 10.64
N VAL A 61 -11.52 45.90 10.07
CA VAL A 61 -10.59 45.16 9.23
C VAL A 61 -9.17 45.27 9.75
N TYR A 62 -8.38 44.24 9.46
CA TYR A 62 -6.97 44.23 9.81
C TYR A 62 -6.18 45.18 8.91
N PRO A 63 -5.18 45.88 9.45
CA PRO A 63 -4.27 46.64 8.59
C PRO A 63 -3.46 45.71 7.72
N GLN A 64 -3.03 46.21 6.57
CA GLN A 64 -2.26 45.43 5.61
C GLN A 64 -0.99 46.17 5.24
N LEU A 65 0.12 45.43 5.18
CA LEU A 65 1.43 45.96 4.87
C LEU A 65 1.98 45.28 3.63
N SER A 66 2.56 46.09 2.74
CA SER A 66 3.11 45.59 1.49
C SER A 66 4.48 46.22 1.23
N VAL A 67 5.39 45.41 0.70
CA VAL A 67 6.71 45.88 0.27
C VAL A 67 6.94 45.45 -1.16
N SER A 68 7.46 46.36 -1.99
CA SER A 68 7.68 46.11 -3.40
C SER A 68 9.16 46.25 -3.71
N TRP A 69 9.73 45.23 -4.34
CA TRP A 69 11.14 45.22 -4.70
C TRP A 69 11.43 44.18 -5.78
N ALA A 88 11.49 39.18 -8.04
CA ALA A 88 11.05 40.57 -7.93
C ALA A 88 9.53 40.65 -7.97
N GLY A 89 8.97 41.57 -7.20
CA GLY A 89 7.53 41.74 -7.16
C GLY A 89 7.12 42.45 -5.88
N CYS A 90 5.84 42.28 -5.53
CA CYS A 90 5.25 42.91 -4.36
C CYS A 90 4.72 41.84 -3.43
N TYR A 91 4.93 42.05 -2.13
CA TYR A 91 4.52 41.10 -1.10
C TYR A 91 3.63 41.81 -0.10
N THR A 92 2.47 41.22 0.21
CA THR A 92 1.49 41.82 1.10
C THR A 92 1.03 40.81 2.15
N THR A 93 0.94 41.26 3.40
CA THR A 93 0.34 40.46 4.48
C THR A 93 -0.39 41.36 5.45
N THR A 94 -1.29 40.75 6.22
CA THR A 94 -2.10 41.45 7.21
C THR A 94 -1.48 41.29 8.59
N ILE A 95 -1.24 42.41 9.26
CA ILE A 95 -0.60 42.43 10.57
C ILE A 95 -1.66 42.35 11.65
N THR A 96 -1.36 41.63 12.74
CA THR A 96 -2.34 41.32 13.77
C THR A 96 -2.08 41.99 15.11
N ASN A 97 -0.82 42.25 15.47
CA ASN A 97 -0.48 42.84 16.76
C ASN A 97 0.81 43.62 16.63
N PRO A 98 0.75 44.81 16.04
CA PRO A 98 2.00 45.54 15.75
C PRO A 98 2.80 45.93 16.99
N LYS A 99 2.18 46.00 18.15
CA LYS A 99 2.88 46.43 19.35
C LYS A 99 3.59 45.28 20.05
N LEU A 100 3.31 44.04 19.68
CA LEU A 100 4.01 42.89 20.25
C LEU A 100 5.19 42.46 19.39
N PHE A 101 5.03 42.50 18.06
CA PHE A 101 6.09 42.15 17.12
C PHE A 101 6.92 43.34 16.70
N ARG A 102 7.05 44.35 17.56
CA ARG A 102 7.62 45.63 17.13
C ARG A 102 9.07 45.48 16.67
N ASN A 103 9.92 44.87 17.51
CA ASN A 103 11.33 44.78 17.19
C ASN A 103 11.57 43.94 15.95
N TYR A 104 10.91 42.79 15.87
CA TYR A 104 11.08 41.90 14.72
C TYR A 104 10.68 42.59 13.43
N LEU A 105 9.49 43.18 13.41
CA LEU A 105 9.03 43.88 12.21
C LEU A 105 9.95 45.04 11.86
N LEU A 106 10.39 45.79 12.86
CA LEU A 106 11.22 46.96 12.59
C LEU A 106 12.55 46.56 11.96
N GLU A 107 13.21 45.54 12.53
CA GLU A 107 14.50 45.14 11.98
C GLU A 107 14.35 44.49 10.61
N GLN A 108 13.28 43.72 10.40
CA GLN A 108 13.08 43.13 9.09
C GLN A 108 12.77 44.18 8.03
N LEU A 109 12.08 45.25 8.42
CA LEU A 109 11.76 46.30 7.44
C LEU A 109 12.98 47.18 7.16
N THR A 110 13.81 47.43 8.18
CA THR A 110 15.00 48.24 7.95
C THR A 110 16.08 47.44 7.23
N LEU A 111 16.06 46.11 7.31
CA LEU A 111 17.05 45.32 6.59
C LEU A 111 16.76 45.28 5.10
N LEU A 112 15.52 45.54 4.70
CA LEU A 112 15.13 45.59 3.30
C LEU A 112 15.03 47.01 2.76
N TYR A 113 15.48 48.00 3.54
CA TYR A 113 15.46 49.39 3.13
C TYR A 113 16.87 49.96 2.96
N GLN A 114 17.89 49.24 3.39
CA GLN A 114 19.28 49.68 3.22
C GLN A 114 20.09 48.77 2.33
N ASP A 115 19.55 47.62 1.91
CA ASP A 115 20.27 46.70 1.06
C ASP A 115 19.57 46.44 -0.27
N TYR A 116 18.30 46.81 -0.40
CA TYR A 116 17.56 46.62 -1.64
C TYR A 116 16.84 47.92 -1.98
N GLY A 117 16.08 47.90 -3.07
CA GLY A 117 15.20 48.99 -3.41
C GLY A 117 13.74 48.59 -3.30
N ALA A 118 13.05 49.10 -2.28
CA ALA A 118 11.70 48.65 -1.97
C ALA A 118 10.84 49.83 -1.54
N HIS A 119 9.55 49.74 -1.86
CA HIS A 119 8.57 50.73 -1.43
C HIS A 119 7.60 50.07 -0.46
N ILE A 120 7.26 50.81 0.60
CA ILE A 120 6.46 50.30 1.72
C ILE A 120 5.10 51.00 1.69
N SER A 121 4.03 50.21 1.74
CA SER A 121 2.67 50.73 1.73
C SER A 121 1.86 50.10 2.86
N VAL A 122 1.01 50.92 3.48
CA VAL A 122 0.15 50.51 4.58
C VAL A 122 -1.27 50.92 4.23
N GLU A 123 -2.21 49.97 4.31
CA GLU A 123 -3.59 50.25 3.94
C GLU A 123 -4.52 49.36 4.75
N LEU A 124 -5.78 49.28 4.33
CA LEU A 124 -6.78 48.46 4.98
C LEU A 124 -7.10 47.24 4.13
N SER A 125 -7.26 46.10 4.78
CA SER A 125 -7.59 44.85 4.09
C SER A 125 -9.09 44.60 4.13
N GLN A 126 -9.51 43.50 3.52
CA GLN A 126 -10.92 43.12 3.45
C GLN A 126 -11.26 41.97 4.39
N HIS A 127 -10.38 41.64 5.34
CA HIS A 127 -10.62 40.59 6.31
C HIS A 127 -11.01 41.21 7.65
N GLU A 128 -11.92 40.56 8.36
CA GLU A 128 -12.53 41.11 9.55
C GLU A 128 -12.03 40.42 10.81
N ILE A 129 -12.07 41.15 11.92
CA ILE A 129 -11.58 40.67 13.21
C ILE A 129 -12.71 39.90 13.90
N PRO A 130 -12.56 38.61 14.13
CA PRO A 130 -13.57 37.88 14.90
C PRO A 130 -13.70 38.47 16.29
N TYR A 131 -14.93 38.48 16.81
CA TYR A 131 -15.17 39.12 18.10
C TYR A 131 -14.58 38.37 19.30
N PRO A 132 -14.48 37.03 19.31
CA PRO A 132 -13.91 36.39 20.51
C PRO A 132 -12.50 36.82 20.82
N TYR A 133 -11.78 37.40 19.86
CA TYR A 133 -10.41 37.84 20.08
C TYR A 133 -10.31 39.23 20.69
N VAL A 134 -11.42 39.97 20.82
CA VAL A 134 -11.32 41.36 21.26
C VAL A 134 -12.02 41.57 22.60
N ILE A 135 -12.31 40.51 23.34
CA ILE A 135 -13.06 40.60 24.59
C ILE A 135 -12.05 40.87 25.71
N ASP A 136 -11.91 42.15 26.07
CA ASP A 136 -11.05 42.53 27.19
C ASP A 136 -11.65 43.64 28.05
N GLY A 137 -12.91 43.99 27.86
CA GLY A 137 -13.51 45.06 28.64
C GLY A 137 -14.95 44.80 29.04
N SER A 138 -15.46 43.62 28.71
CA SER A 138 -16.85 43.26 28.97
C SER A 138 -16.91 41.96 29.77
N THR A 139 -18.12 41.60 30.21
CA THR A 139 -18.38 40.35 30.90
C THR A 139 -19.64 39.76 30.29
N LEU A 140 -19.49 38.74 29.45
CA LEU A 140 -20.61 38.17 28.71
C LEU A 140 -21.32 37.14 29.58
N THR A 141 -22.11 37.66 30.51
CA THR A 141 -23.06 36.83 31.27
C THR A 141 -24.40 36.75 30.55
N LEU A 142 -24.34 36.37 29.28
CA LEU A 142 -25.48 36.46 28.37
C LEU A 142 -26.21 35.13 28.30
N ASP A 143 -27.52 35.19 28.09
CA ASP A 143 -28.33 34.01 27.89
C ASP A 143 -28.21 33.53 26.45
N ARG A 144 -29.06 32.60 26.05
CA ARG A 144 -28.94 32.01 24.72
C ARG A 144 -29.29 33.00 23.62
N SER A 145 -30.26 33.88 23.88
CA SER A 145 -30.69 34.83 22.85
C SER A 145 -29.56 35.78 22.46
N MET A 146 -28.84 36.31 23.45
CA MET A 146 -27.75 37.23 23.17
C MET A 146 -26.61 36.52 22.44
N SER A 147 -26.31 35.29 22.83
CA SER A 147 -25.27 34.53 22.14
C SER A 147 -25.65 34.28 20.68
N ALA A 148 -26.91 33.93 20.43
CA ALA A 148 -27.36 33.74 19.06
C ALA A 148 -27.27 35.04 18.26
N GLY A 149 -27.66 36.16 18.87
CA GLY A 149 -27.55 37.43 18.19
C GLY A 149 -26.11 37.81 17.87
N LEU A 150 -25.20 37.55 18.81
CA LEU A 150 -23.78 37.81 18.56
C LEU A 150 -23.27 36.94 17.44
N THR A 151 -23.66 35.66 17.41
CA THR A 151 -23.21 34.79 16.32
C THR A 151 -23.78 35.22 14.98
N ARG A 152 -24.98 35.78 14.96
CA ARG A 152 -25.63 36.11 13.70
C ARG A 152 -25.20 37.46 13.13
N TYR A 153 -25.13 38.51 13.94
CA TYR A 153 -24.92 39.86 13.44
C TYR A 153 -23.47 40.32 13.52
N PHE A 154 -22.52 39.46 13.86
CA PHE A 154 -21.16 39.89 14.10
C PHE A 154 -20.19 38.91 13.47
N PRO A 155 -18.97 39.35 13.16
CA PRO A 155 -17.99 38.45 12.54
C PRO A 155 -17.61 37.31 13.48
N THR A 156 -17.38 36.14 12.89
CA THR A 156 -17.05 34.94 13.65
C THR A 156 -15.91 34.21 12.94
N THR A 157 -15.45 33.12 13.57
CA THR A 157 -14.35 32.33 13.05
C THR A 157 -14.88 31.32 12.03
N GLU A 158 -14.23 31.26 10.87
CA GLU A 158 -14.58 30.29 9.84
C GLU A 158 -13.37 29.39 9.59
N LEU A 159 -13.60 28.08 9.65
CA LEU A 159 -12.52 27.10 9.54
C LEU A 159 -11.97 26.97 8.13
N SER A 160 -12.61 27.56 7.13
CA SER A 160 -12.05 27.56 5.78
C SER A 160 -10.95 28.60 5.62
N GLN A 161 -10.72 29.42 6.64
CA GLN A 161 -9.78 30.54 6.54
C GLN A 161 -8.41 30.22 7.15
N ILE A 162 -8.37 29.55 8.31
CA ILE A 162 -7.10 29.18 8.92
C ILE A 162 -6.60 27.90 8.27
N GLY A 163 -5.29 27.84 8.04
CA GLY A 163 -4.68 26.69 7.40
C GLY A 163 -3.22 26.53 7.71
N GLU A 175 1.65 41.80 -4.67
CA GLU A 175 0.24 41.60 -4.32
C GLU A 175 -0.14 40.13 -4.45
N PHE A 176 0.79 39.32 -4.94
CA PHE A 176 0.51 37.93 -5.26
C PHE A 176 1.49 36.96 -4.61
N TYR A 177 2.32 37.42 -3.68
CA TYR A 177 3.26 36.56 -2.99
C TYR A 177 3.21 36.84 -1.49
N PRO A 178 3.41 35.82 -0.66
CA PRO A 178 3.33 36.02 0.79
C PRO A 178 4.60 36.63 1.35
N LEU A 179 4.42 37.56 2.29
CA LEU A 179 5.54 38.27 2.90
C LEU A 179 6.02 37.59 4.19
N SER A 180 5.17 36.81 4.84
CA SER A 180 5.53 36.10 6.05
C SER A 180 4.93 34.71 6.02
N HIS A 181 5.35 33.88 6.98
CA HIS A 181 4.85 32.50 7.03
C HIS A 181 3.35 32.47 7.32
N PHE A 182 2.87 33.32 8.23
CA PHE A 182 1.51 33.26 8.72
C PHE A 182 0.81 34.59 8.54
N ASP A 183 -0.51 34.53 8.34
CA ASP A 183 -1.35 35.72 8.25
C ASP A 183 -1.91 36.03 9.64
N ALA A 184 -2.82 37.00 9.71
CA ALA A 184 -3.31 37.46 11.00
C ALA A 184 -4.29 36.49 11.64
N ARG A 185 -5.14 35.84 10.83
CA ARG A 185 -6.18 34.98 11.37
C ARG A 185 -5.62 33.70 11.97
N ARG A 186 -4.35 33.37 11.71
CA ARG A 186 -3.69 32.23 12.33
C ARG A 186 -2.84 32.62 13.53
N VAL A 187 -2.13 33.74 13.44
CA VAL A 187 -1.38 34.23 14.58
C VAL A 187 -2.32 34.56 15.74
N ASP A 188 -3.46 35.17 15.43
CA ASP A 188 -4.41 35.51 16.49
C ASP A 188 -5.08 34.28 17.04
N PHE A 189 -5.26 33.24 16.22
CA PHE A 189 -5.81 31.98 16.70
C PHE A 189 -4.85 31.27 17.63
N SER A 190 -3.54 31.41 17.39
CA SER A 190 -2.56 30.73 18.22
C SER A 190 -2.24 31.49 19.51
N LEU A 191 -2.24 32.82 19.46
CA LEU A 191 -1.97 33.60 20.67
C LEU A 191 -3.06 33.42 21.72
N ALA A 192 -4.27 33.05 21.31
CA ALA A 192 -5.35 32.85 22.28
C ALA A 192 -5.18 31.54 23.03
N ARG A 193 -4.51 30.56 22.46
CA ARG A 193 -4.28 29.28 23.11
C ARG A 193 -2.94 29.20 23.84
N LEU A 194 -1.95 29.98 23.42
CA LEU A 194 -0.72 30.07 24.21
C LEU A 194 -1.02 30.52 25.63
N ARG A 195 -1.94 31.47 25.80
CA ARG A 195 -2.26 31.96 27.13
C ARG A 195 -3.06 30.96 27.94
N HIS A 196 -3.69 29.98 27.29
CA HIS A 196 -4.51 29.01 28.00
C HIS A 196 -3.72 27.78 28.40
N TYR A 197 -2.96 27.20 27.47
CA TYR A 197 -2.14 26.04 27.81
C TYR A 197 -1.08 26.39 28.84
N THR A 198 -0.43 27.54 28.68
CA THR A 198 0.73 27.89 29.48
C THR A 198 0.36 28.55 30.80
N GLY A 199 -0.37 29.66 30.74
CA GLY A 199 -0.73 30.39 31.93
C GLY A 199 -0.07 31.74 32.10
N THR A 200 0.71 32.19 31.13
CA THR A 200 1.39 33.47 31.18
C THR A 200 1.06 34.28 29.93
N PRO A 201 1.13 35.60 30.01
CA PRO A 201 0.88 36.41 28.82
C PRO A 201 1.91 36.17 27.74
N ALA A 202 1.49 36.34 26.49
CA ALA A 202 2.38 36.09 25.37
C ALA A 202 3.45 37.17 25.20
N GLU A 203 3.37 38.25 25.96
CA GLU A 203 4.37 39.31 25.86
C GLU A 203 5.65 38.99 26.63
N HIS A 204 5.69 37.91 27.40
CA HIS A 204 6.82 37.60 28.25
C HIS A 204 7.76 36.56 27.66
N PHE A 205 7.35 35.85 26.61
CA PHE A 205 8.15 34.74 26.11
C PHE A 205 9.51 35.22 25.63
N GLN A 206 10.52 34.39 25.85
CA GLN A 206 11.90 34.68 25.52
C GLN A 206 12.37 33.82 24.34
N PRO A 207 13.43 34.24 23.64
CA PRO A 207 13.81 33.55 22.41
C PRO A 207 14.52 32.22 22.57
N TYR A 208 14.96 31.84 23.77
CA TYR A 208 15.71 30.60 24.00
C TYR A 208 14.87 29.66 24.85
N VAL A 209 14.38 28.58 24.26
CA VAL A 209 13.36 27.74 24.91
C VAL A 209 13.98 26.41 25.32
N LEU A 210 13.69 25.97 26.53
CA LEU A 210 14.07 24.67 27.06
C LEU A 210 12.83 23.85 27.33
N PHE A 211 12.83 22.59 26.89
CA PHE A 211 11.73 21.67 27.13
C PHE A 211 12.18 20.60 28.11
N THR A 212 11.31 20.27 29.08
CA THR A 212 11.59 19.21 30.04
C THR A 212 10.36 18.32 30.17
N ASN A 213 10.50 17.25 30.94
CA ASN A 213 9.37 16.38 31.24
C ASN A 213 9.38 15.91 32.69
N TYR A 214 10.25 16.46 33.54
CA TYR A 214 10.46 15.96 34.90
C TYR A 214 10.49 17.16 35.84
N THR A 215 9.57 17.18 36.81
CA THR A 215 9.33 18.38 37.60
C THR A 215 10.51 18.78 38.48
N ARG A 216 11.44 17.85 38.76
CA ARG A 216 12.60 18.22 39.54
C ARG A 216 13.44 19.27 38.82
N TYR A 217 13.48 19.20 37.49
CA TYR A 217 14.14 20.25 36.71
C TYR A 217 13.48 21.59 36.95
N VAL A 218 12.14 21.60 37.05
CA VAL A 218 11.43 22.85 37.30
C VAL A 218 11.81 23.42 38.66
N ASP A 219 11.88 22.56 39.68
CA ASP A 219 12.27 23.04 41.00
C ASP A 219 13.68 23.62 40.98
N GLU A 220 14.62 22.92 40.32
CA GLU A 220 15.99 23.41 40.27
C GLU A 220 16.07 24.74 39.53
N PHE A 221 15.35 24.88 38.42
CA PHE A 221 15.38 26.10 37.64
C PHE A 221 14.82 27.27 38.44
N VAL A 222 13.71 27.06 39.15
CA VAL A 222 13.12 28.14 39.93
C VAL A 222 14.09 28.57 41.04
N SER A 223 14.69 27.60 41.73
CA SER A 223 15.64 27.95 42.80
C SER A 223 16.83 28.73 42.24
N TRP A 224 17.41 28.25 41.14
CA TRP A 224 18.57 28.91 40.57
C TRP A 224 18.23 30.32 40.10
N GLY A 225 17.06 30.50 39.48
CA GLY A 225 16.66 31.83 39.04
C GLY A 225 16.45 32.79 40.20
N CYS A 226 15.75 32.33 41.25
CA CYS A 226 15.55 33.18 42.41
C CYS A 226 16.87 33.53 43.08
N SER A 227 17.86 32.64 42.99
CA SER A 227 19.18 32.97 43.53
C SER A 227 19.92 33.97 42.63
N GLN A 228 19.72 33.87 41.32
CA GLN A 228 20.44 34.75 40.39
C GLN A 228 19.88 36.16 40.41
N ILE A 229 18.58 36.32 40.62
CA ILE A 229 17.97 37.66 40.58
C ILE A 229 18.57 38.55 41.66
N LEU A 230 18.81 38.01 42.85
CA LEU A 230 19.33 38.80 43.96
C LEU A 230 20.74 39.29 43.73
N ASP A 231 21.46 38.74 42.75
CA ASP A 231 22.83 39.17 42.49
C ASP A 231 22.84 40.57 41.90
N PRO A 232 23.55 41.53 42.49
CA PRO A 232 23.53 42.90 41.95
C PRO A 232 24.04 43.00 40.52
N ASP A 233 25.02 42.19 40.13
CA ASP A 233 25.59 42.23 38.79
C ASP A 233 25.16 40.97 38.04
N SER A 234 23.98 41.05 37.41
CA SER A 234 23.47 39.93 36.63
C SER A 234 22.43 40.47 35.66
N PRO A 235 22.37 39.96 34.43
CA PRO A 235 21.41 40.50 33.47
C PRO A 235 19.96 40.36 33.88
N TYR A 236 19.62 39.29 34.60
CA TYR A 236 18.22 39.01 34.91
C TYR A 236 17.70 39.95 35.98
N ILE A 237 16.44 40.37 35.81
CA ILE A 237 15.87 41.39 36.68
C ILE A 237 14.52 40.96 37.24
N ALA A 238 13.91 39.93 36.66
CA ALA A 238 12.59 39.50 37.11
C ALA A 238 12.34 38.06 36.71
N LEU A 239 11.42 37.43 37.44
CA LEU A 239 10.98 36.08 37.15
C LEU A 239 9.46 36.07 37.04
N SER A 240 8.93 35.43 36.00
CA SER A 240 7.50 35.34 35.78
C SER A 240 7.09 33.88 35.81
N CYS A 241 6.19 33.54 36.73
CA CYS A 241 5.78 32.15 36.93
C CYS A 241 4.40 31.92 36.37
N ALA A 242 4.07 30.64 36.17
CA ALA A 242 2.76 30.26 35.67
C ALA A 242 1.70 30.56 36.73
N GLY A 243 0.58 31.13 36.29
CA GLY A 243 -0.47 31.53 37.20
C GLY A 243 -0.55 33.01 37.49
N GLY A 244 0.44 33.79 37.06
CA GLY A 244 0.41 35.22 37.28
C GLY A 244 1.17 35.69 38.50
N ILE A 245 2.40 35.25 38.64
CA ILE A 245 3.27 35.66 39.75
C ILE A 245 4.49 36.34 39.17
N TRP A 246 4.79 37.53 39.69
CA TRP A 246 5.87 38.39 39.20
C TRP A 246 6.81 38.68 40.36
N ILE A 247 8.01 38.10 40.32
CA ILE A 247 8.97 38.20 41.41
C ILE A 247 10.14 39.05 40.98
N THR A 248 10.43 40.09 41.74
CA THR A 248 11.55 40.99 41.50
C THR A 248 12.51 40.92 42.70
N ALA A 249 13.50 41.81 42.70
CA ALA A 249 14.47 41.86 43.78
C ALA A 249 13.98 42.63 45.00
N GLU A 250 12.79 43.21 44.94
CA GLU A 250 12.25 44.01 46.04
C GLU A 250 10.94 43.43 46.59
N THR A 251 10.76 42.11 46.47
CA THR A 251 9.59 41.44 47.01
C THR A 251 9.90 40.89 48.39
N GLU A 252 8.97 41.07 49.33
CA GLU A 252 9.17 40.57 50.67
C GLU A 252 9.25 39.05 50.70
N ALA A 253 8.38 38.38 49.94
CA ALA A 253 8.28 36.93 49.99
C ALA A 253 8.81 36.33 48.70
N PRO A 254 9.96 35.65 48.71
CA PRO A 254 10.38 34.84 47.56
C PRO A 254 9.91 33.39 47.60
N GLU A 255 9.02 33.03 48.52
CA GLU A 255 8.65 31.63 48.76
C GLU A 255 7.25 31.31 48.25
N GLN A 256 6.87 31.88 47.11
CA GLN A 256 5.61 31.55 46.48
C GLN A 256 5.77 31.30 44.97
N ALA A 257 7.00 31.23 44.47
CA ALA A 257 7.22 31.02 43.06
C ALA A 257 6.70 29.65 42.62
N ILE A 258 6.99 28.61 43.40
CA ILE A 258 6.60 27.26 43.04
C ILE A 258 5.45 26.80 43.93
N SER A 259 4.22 27.00 43.45
CA SER A 259 3.02 26.53 44.13
C SER A 259 2.44 25.33 43.40
N ASP A 260 1.67 24.53 44.14
CA ASP A 260 1.10 23.31 43.59
C ASP A 260 -0.16 23.54 42.78
N LEU A 261 -0.73 24.74 42.83
CA LEU A 261 -1.95 25.04 42.09
C LEU A 261 -1.70 25.16 40.58
N ALA A 262 -0.45 25.37 40.17
CA ALA A 262 -0.16 25.53 38.75
C ALA A 262 -0.49 24.28 37.96
N TRP A 263 -0.15 23.10 38.51
CA TRP A 263 -0.39 21.85 37.80
C TRP A 263 -1.85 21.44 37.80
N LYS A 264 -2.67 22.02 38.67
CA LYS A 264 -4.11 21.82 38.64
C LYS A 264 -4.76 22.35 37.37
N LYS A 265 -4.47 23.60 37.01
CA LYS A 265 -5.27 24.32 36.04
C LYS A 265 -4.68 24.33 34.64
N HIS A 266 -3.36 24.41 34.52
CA HIS A 266 -2.69 24.55 33.23
C HIS A 266 -1.96 23.27 32.87
N GLN A 267 -2.12 22.83 31.62
CA GLN A 267 -1.54 21.57 31.20
C GLN A 267 -0.03 21.65 31.09
N MET A 268 0.49 22.78 30.59
CA MET A 268 1.90 22.93 30.27
C MET A 268 2.41 24.25 30.84
N PRO A 269 2.71 24.31 32.13
CA PRO A 269 3.17 25.56 32.74
C PRO A 269 4.52 25.98 32.20
N ALA A 270 4.78 27.28 32.24
CA ALA A 270 6.05 27.82 31.78
C ALA A 270 6.56 28.88 32.74
N TRP A 271 7.88 28.93 32.90
CA TRP A 271 8.56 29.91 33.75
C TRP A 271 9.53 30.71 32.90
N HIS A 272 9.42 32.03 32.97
CA HIS A 272 10.29 32.92 32.19
C HIS A 272 11.22 33.68 33.12
N LEU A 273 12.46 33.88 32.69
CA LEU A 273 13.46 34.60 33.47
C LEU A 273 13.85 35.83 32.67
N ILE A 274 13.19 36.95 32.94
CA ILE A 274 13.23 38.11 32.05
C ILE A 274 14.59 38.78 32.12
N THR A 275 14.98 39.39 30.99
CA THR A 275 16.19 40.20 30.89
C THR A 275 15.80 41.57 30.37
N HIS A 276 16.61 42.58 30.69
CA HIS A 276 16.29 43.95 30.30
C HIS A 276 16.24 44.11 28.78
N ASP A 277 17.17 43.49 28.07
CA ASP A 277 17.21 43.59 26.61
C ASP A 277 16.08 42.81 25.95
N GLY A 278 15.81 41.60 26.42
CA GLY A 278 14.86 40.73 25.77
C GLY A 278 15.49 39.41 25.41
N LYS A 279 16.58 39.07 26.10
CA LYS A 279 17.33 37.84 25.86
C LYS A 279 17.40 37.09 27.18
N GLY A 280 16.37 36.29 27.47
CA GLY A 280 16.31 35.54 28.71
C GLY A 280 16.21 34.05 28.47
N ILE A 281 15.59 33.32 29.40
CA ILE A 281 15.42 31.88 29.27
C ILE A 281 13.98 31.54 29.62
N THR A 282 13.39 30.65 28.83
CA THR A 282 12.04 30.15 29.06
C THR A 282 12.10 28.64 29.30
N LEU A 283 11.38 28.17 30.30
CA LEU A 283 11.30 26.75 30.61
C LEU A 283 9.85 26.31 30.50
N ILE A 284 9.60 25.28 29.71
CA ILE A 284 8.25 24.76 29.49
C ILE A 284 8.23 23.29 29.86
N ASN A 285 7.23 22.89 30.63
CA ASN A 285 7.08 21.50 31.09
C ASN A 285 5.99 20.84 30.25
N ILE A 286 6.39 20.30 29.09
CA ILE A 286 5.40 19.82 28.13
C ILE A 286 4.63 18.63 28.68
N GLY A 287 5.32 17.67 29.30
CA GLY A 287 4.69 16.47 29.82
C GLY A 287 5.29 15.23 29.18
N VAL A 288 4.43 14.24 28.95
CA VAL A 288 4.84 12.96 28.37
C VAL A 288 3.94 12.65 27.18
N GLY A 289 4.54 12.32 26.04
CA GLY A 289 3.79 11.95 24.87
C GLY A 289 4.24 12.72 23.64
N PRO A 290 4.11 12.10 22.48
CA PRO A 290 4.45 12.78 21.21
C PRO A 290 3.33 13.62 20.63
N ALA A 291 2.17 13.67 21.26
CA ALA A 291 1.07 14.51 20.80
C ALA A 291 0.97 15.82 21.56
N ASN A 292 1.56 15.92 22.74
CA ASN A 292 1.63 17.18 23.46
C ASN A 292 2.84 18.01 23.05
N ALA A 293 3.85 17.39 22.45
CA ALA A 293 5.02 18.11 21.97
C ALA A 293 4.83 18.67 20.58
N LYS A 294 3.73 18.37 19.92
CA LYS A 294 3.44 18.88 18.59
C LYS A 294 2.53 20.10 18.62
N THR A 295 1.49 20.10 19.46
CA THR A 295 0.59 21.25 19.53
C THR A 295 1.29 22.47 20.11
N ILE A 296 2.10 22.27 21.15
CA ILE A 296 2.79 23.42 21.72
C ILE A 296 3.79 24.00 20.73
N CYS A 297 4.42 23.16 19.90
CA CYS A 297 5.30 23.69 18.87
C CYS A 297 4.53 24.44 17.80
N ASP A 298 3.37 23.90 17.40
CA ASP A 298 2.51 24.60 16.46
C ASP A 298 2.17 26.00 16.96
N HIS A 299 1.78 26.10 18.22
CA HIS A 299 1.36 27.39 18.76
C HIS A 299 2.54 28.31 19.07
N LEU A 300 3.71 27.76 19.33
CA LEU A 300 4.86 28.55 19.71
C LEU A 300 5.68 29.01 18.52
N ALA A 301 5.49 28.41 17.35
CA ALA A 301 6.27 28.80 16.19
C ALA A 301 6.02 30.24 15.76
N VAL A 302 4.81 30.77 16.03
CA VAL A 302 4.45 32.09 15.52
C VAL A 302 5.16 33.22 16.23
N LEU A 303 5.89 32.94 17.30
CA LEU A 303 6.67 33.97 17.98
C LEU A 303 8.11 34.06 17.46
N ARG A 304 8.51 33.15 16.57
CA ARG A 304 9.83 33.11 15.97
C ARG A 304 10.93 33.02 17.02
N PRO A 305 11.07 31.89 17.72
CA PRO A 305 12.12 31.76 18.73
C PRO A 305 13.49 31.64 18.09
N ASP A 306 14.55 31.59 18.91
CA ASP A 306 15.90 31.47 18.39
C ASP A 306 16.46 30.06 18.50
N VAL A 307 16.07 29.28 19.50
CA VAL A 307 16.56 27.91 19.62
C VAL A 307 15.62 27.14 20.54
N TRP A 308 15.40 25.87 20.19
CA TRP A 308 14.67 24.91 21.00
C TRP A 308 15.64 23.86 21.50
N LEU A 309 15.68 23.63 22.81
CA LEU A 309 16.50 22.57 23.37
C LEU A 309 15.61 21.58 24.12
N MET A 310 15.96 20.30 24.03
CA MET A 310 15.23 19.25 24.72
C MET A 310 16.13 18.63 25.77
N ILE A 311 15.64 18.54 27.00
CA ILE A 311 16.40 18.00 28.13
C ILE A 311 15.50 17.04 28.88
N GLY A 312 15.86 15.78 28.87
CA GLY A 312 15.02 14.76 29.49
C GLY A 312 15.83 13.55 29.84
N HIS A 313 15.16 12.39 29.85
CA HIS A 313 15.82 11.12 30.15
C HIS A 313 15.29 10.05 29.20
N CYS A 314 16.10 9.02 28.99
CA CYS A 314 15.81 7.98 28.03
C CYS A 314 16.13 6.63 28.66
N GLY A 315 16.07 5.58 27.86
CA GLY A 315 16.45 4.24 28.30
C GLY A 315 17.46 3.63 27.34
N GLY A 316 18.64 3.34 27.86
CA GLY A 316 19.73 2.87 27.03
C GLY A 316 19.47 1.51 26.40
N LEU A 317 20.09 1.29 25.25
CA LEU A 317 19.93 0.04 24.52
C LEU A 317 21.25 -0.70 24.29
N ARG A 318 22.35 -0.18 24.82
CA ARG A 318 23.66 -0.80 24.66
C ARG A 318 24.18 -1.29 26.01
N GLU A 319 24.87 -2.43 26.00
CA GLU A 319 25.32 -3.03 27.25
C GLU A 319 26.41 -2.20 27.93
N SER A 320 27.18 -1.43 27.16
CA SER A 320 28.25 -0.65 27.76
C SER A 320 27.75 0.57 28.53
N GLN A 321 26.49 0.95 28.38
CA GLN A 321 25.96 2.14 29.01
C GLN A 321 25.62 1.89 30.47
N ALA A 322 25.93 2.87 31.32
CA ALA A 322 25.58 2.83 32.73
C ALA A 322 24.64 3.97 33.05
N ILE A 323 23.81 3.77 34.08
CA ILE A 323 22.85 4.81 34.48
C ILE A 323 23.61 6.06 34.87
N GLY A 324 23.27 7.17 34.22
CA GLY A 324 23.96 8.43 34.42
C GLY A 324 24.83 8.89 33.28
N ASP A 325 24.72 8.28 32.11
CA ASP A 325 25.53 8.61 30.95
C ASP A 325 24.72 9.43 29.95
N TYR A 326 25.40 10.27 29.19
CA TYR A 326 24.77 11.22 28.29
C TYR A 326 24.73 10.69 26.87
N VAL A 327 23.61 10.94 26.19
CA VAL A 327 23.40 10.54 24.81
C VAL A 327 23.10 11.80 23.99
N LEU A 328 23.76 11.91 22.85
CA LEU A 328 23.58 13.03 21.93
C LEU A 328 23.14 12.47 20.59
N ALA A 329 22.02 12.97 20.08
CA ALA A 329 21.43 12.42 18.87
C ALA A 329 22.00 13.10 17.64
N HIS A 330 22.30 12.29 16.62
CA HIS A 330 22.67 12.83 15.31
C HIS A 330 21.78 12.30 14.19
N ALA A 331 20.74 11.55 14.53
CA ALA A 331 19.76 11.07 13.56
C ALA A 331 18.58 10.51 14.34
N TYR A 332 17.39 10.66 13.79
CA TYR A 332 16.16 10.25 14.47
C TYR A 332 15.41 9.25 13.61
N LEU A 333 14.98 8.15 14.24
CA LEU A 333 14.11 7.17 13.61
C LEU A 333 12.70 7.43 14.12
N ARG A 334 11.81 7.82 13.22
CA ARG A 334 10.49 8.32 13.60
C ARG A 334 9.46 7.20 13.55
N ASP A 335 9.03 6.73 14.72
CA ASP A 335 7.96 5.75 14.83
C ASP A 335 6.69 6.33 15.43
N ASP A 336 6.62 7.65 15.60
CA ASP A 336 5.39 8.30 16.05
C ASP A 336 4.55 8.64 14.83
N HIS A 337 3.29 8.20 14.85
CA HIS A 337 2.46 8.30 13.66
C HIS A 337 1.98 9.72 13.37
N VAL A 338 2.15 10.65 14.31
CA VAL A 338 1.84 12.05 14.02
C VAL A 338 2.87 12.59 13.03
N LEU A 339 2.45 13.60 12.27
CA LEU A 339 3.27 14.29 11.27
C LEU A 339 3.64 13.41 10.07
N ASP A 340 3.04 12.23 9.95
CA ASP A 340 3.29 11.40 8.77
C ASP A 340 2.44 11.79 7.59
N ALA A 341 1.48 12.69 7.76
CA ALA A 341 0.64 13.15 6.66
C ALA A 341 1.14 14.44 6.04
N VAL A 342 1.99 15.19 6.74
CA VAL A 342 2.52 16.44 6.22
C VAL A 342 4.02 16.38 5.98
N LEU A 343 4.73 15.43 6.58
CA LEU A 343 6.18 15.28 6.38
C LEU A 343 6.49 13.80 6.40
N PRO A 344 6.44 13.14 5.25
CA PRO A 344 6.57 11.68 5.20
C PRO A 344 7.92 11.23 5.73
N PRO A 345 8.02 10.00 6.22
CA PRO A 345 9.29 9.54 6.82
C PRO A 345 10.43 9.41 5.83
N ASP A 346 10.17 9.54 4.52
CA ASP A 346 11.25 9.50 3.55
C ASP A 346 12.16 10.72 3.67
N ILE A 347 11.59 11.87 4.04
CA ILE A 347 12.36 13.12 4.11
C ILE A 347 13.37 13.03 5.24
N PRO A 348 14.65 13.32 4.99
CA PRO A 348 15.65 13.20 6.06
C PRO A 348 15.74 14.47 6.90
N ILE A 349 15.86 14.28 8.21
CA ILE A 349 16.00 15.39 9.16
C ILE A 349 17.45 15.46 9.59
N PRO A 350 18.23 16.39 9.07
CA PRO A 350 19.66 16.45 9.45
C PRO A 350 19.89 17.01 10.83
N SER A 351 21.14 17.21 11.19
CA SER A 351 21.53 17.86 12.44
C SER A 351 22.18 19.19 12.13
N ILE A 352 22.31 20.02 13.16
CA ILE A 352 22.86 21.37 13.03
C ILE A 352 24.21 21.40 13.73
N ALA A 353 25.26 21.75 12.98
CA ALA A 353 26.62 21.63 13.49
C ALA A 353 26.86 22.58 14.66
N GLU A 354 26.35 23.80 14.59
CA GLU A 354 26.61 24.78 15.64
C GLU A 354 26.06 24.32 16.98
N VAL A 355 24.83 23.81 16.98
CA VAL A 355 24.20 23.39 18.24
C VAL A 355 24.94 22.19 18.84
N GLN A 356 25.32 21.23 18.00
CA GLN A 356 26.03 20.06 18.52
C GLN A 356 27.40 20.45 19.06
N ARG A 357 28.10 21.35 18.40
CA ARG A 357 29.38 21.82 18.92
C ARG A 357 29.19 22.51 20.26
N ALA A 358 28.15 23.35 20.38
CA ALA A 358 27.90 24.04 21.65
C ALA A 358 27.58 23.04 22.76
N LEU A 359 26.78 22.03 22.47
CA LEU A 359 26.44 21.04 23.49
C LEU A 359 27.68 20.25 23.93
N TYR A 360 28.53 19.86 22.98
CA TYR A 360 29.75 19.14 23.33
C TYR A 360 30.66 19.99 24.19
N ASP A 361 30.85 21.26 23.81
CA ASP A 361 31.70 22.15 24.61
C ASP A 361 31.13 22.35 26.00
N ALA A 362 29.82 22.52 26.12
CA ALA A 362 29.21 22.73 27.42
C ALA A 362 29.37 21.51 28.31
N THR A 363 29.17 20.31 27.75
CA THR A 363 29.36 19.09 28.53
C THR A 363 30.81 18.98 29.01
N LYS A 364 31.76 19.24 28.12
CA LYS A 364 33.17 19.16 28.51
C LYS A 364 33.49 20.15 29.61
N GLN A 365 32.99 21.38 29.52
CA GLN A 365 33.34 22.40 30.50
C GLN A 365 32.68 22.13 31.85
N VAL A 366 31.37 21.86 31.86
CA VAL A 366 30.65 21.71 33.12
C VAL A 366 31.04 20.41 33.81
N SER A 367 31.12 19.31 33.06
CA SER A 367 31.41 18.02 33.69
C SER A 367 32.79 17.99 34.33
N GLY A 368 33.67 18.90 33.95
CA GLY A 368 34.99 18.99 34.56
C GLY A 368 35.89 17.80 34.30
N MET A 369 35.91 17.29 33.08
CA MET A 369 36.78 16.18 32.73
C MET A 369 37.16 16.22 31.26
N VAL A 374 35.71 12.80 28.38
CA VAL A 374 34.27 12.65 28.21
C VAL A 374 33.98 11.60 27.16
N LYS A 375 35.03 10.94 26.67
CA LYS A 375 34.87 9.94 25.62
C LYS A 375 34.12 8.71 26.10
N GLN A 376 33.96 8.52 27.41
CA GLN A 376 33.30 7.35 27.96
C GLN A 376 31.93 7.63 28.54
N ARG A 377 31.69 8.84 29.06
CA ARG A 377 30.40 9.20 29.63
C ARG A 377 29.45 9.82 28.63
N LEU A 378 29.90 10.08 27.40
CA LEU A 378 29.09 10.76 26.40
C LEU A 378 29.14 9.97 25.10
N ARG A 379 27.96 9.70 24.53
CA ARG A 379 27.89 8.96 23.28
C ARG A 379 27.09 9.76 22.26
N THR A 380 27.29 9.43 20.99
CA THR A 380 26.56 10.06 19.89
C THR A 380 25.94 8.96 19.04
N GLY A 381 24.66 9.09 18.75
CA GLY A 381 24.01 8.02 18.04
C GLY A 381 22.61 8.36 17.57
N THR A 382 21.87 7.32 17.21
CA THR A 382 20.52 7.42 16.69
C THR A 382 19.53 7.10 17.80
N VAL A 383 18.54 7.97 18.00
CA VAL A 383 17.53 7.80 19.03
C VAL A 383 16.20 7.43 18.38
N VAL A 384 15.50 6.49 18.97
CA VAL A 384 14.19 6.06 18.51
C VAL A 384 13.13 6.82 19.27
N THR A 385 12.03 7.15 18.61
CA THR A 385 10.90 7.81 19.24
C THR A 385 9.64 7.02 18.92
N THR A 386 8.88 6.68 19.96
CA THR A 386 7.69 5.87 19.82
C THR A 386 6.54 6.49 20.60
N ASP A 387 5.32 6.21 20.16
CA ASP A 387 4.12 6.69 20.82
C ASP A 387 3.48 5.64 21.71
N ASP A 388 4.16 4.52 21.92
CA ASP A 388 3.65 3.40 22.70
C ASP A 388 4.44 3.32 24.00
N ARG A 389 3.80 3.63 25.12
CA ARG A 389 4.50 3.63 26.39
C ARG A 389 4.78 2.22 26.91
N ASN A 390 4.20 1.19 26.29
CA ASN A 390 4.41 -0.19 26.71
C ASN A 390 4.99 -1.01 25.57
N TRP A 391 6.02 -0.49 24.92
CA TRP A 391 6.59 -1.19 23.76
C TRP A 391 7.15 -2.55 24.12
N GLU A 392 7.48 -2.79 25.40
CA GLU A 392 8.08 -4.06 25.79
C GLU A 392 7.18 -5.24 25.42
N LEU A 393 5.88 -5.09 25.63
CA LEU A 393 4.95 -6.19 25.36
C LEU A 393 4.93 -6.57 23.88
N ARG A 394 5.44 -5.72 23.00
CA ARG A 394 5.52 -6.05 21.58
C ARG A 394 6.96 -6.04 21.07
N TYR A 395 7.93 -6.13 21.98
CA TYR A 395 9.33 -5.95 21.63
C TYR A 395 9.74 -6.83 20.46
N SER A 396 9.24 -8.07 20.42
CA SER A 396 9.69 -9.04 19.44
C SER A 396 9.49 -8.56 18.02
N ALA A 397 8.60 -7.59 17.80
CA ALA A 397 8.52 -6.98 16.47
C ALA A 397 9.57 -5.89 16.31
N SER A 398 9.50 -4.87 17.19
CA SER A 398 10.32 -3.68 17.01
C SER A 398 11.79 -4.01 16.94
N ALA A 399 12.19 -5.15 17.55
CA ALA A 399 13.59 -5.53 17.57
C ALA A 399 14.20 -5.46 16.19
N LEU A 400 13.49 -5.93 15.18
CA LEU A 400 14.06 -5.93 13.84
C LEU A 400 14.54 -4.54 13.44
N ARG A 401 13.65 -3.55 13.55
CA ARG A 401 14.05 -2.20 13.18
C ARG A 401 15.13 -1.67 14.10
N PHE A 402 15.08 -2.03 15.39
CA PHE A 402 16.10 -1.56 16.31
C PHE A 402 17.48 -2.07 15.93
N ASN A 403 17.54 -3.10 15.09
CA ASN A 403 18.82 -3.60 14.61
C ASN A 403 19.26 -2.94 13.32
N LEU A 404 18.32 -2.50 12.48
CA LEU A 404 18.68 -1.93 11.20
C LEU A 404 19.24 -0.52 11.33
N SER A 405 18.83 0.21 12.36
CA SER A 405 19.22 1.60 12.52
C SER A 405 20.33 1.81 13.53
N ARG A 406 20.83 0.76 14.17
CA ARG A 406 21.93 0.85 15.13
C ARG A 406 21.64 1.88 16.20
N ALA A 407 20.47 1.75 16.83
CA ALA A 407 20.00 2.75 17.78
C ALA A 407 20.78 2.67 19.09
N VAL A 408 20.78 3.78 19.81
CA VAL A 408 21.52 3.89 21.07
C VAL A 408 20.62 4.18 22.26
N ALA A 409 19.45 4.79 22.07
CA ALA A 409 18.55 5.12 23.17
C ALA A 409 17.14 5.19 22.62
N ILE A 410 16.17 5.26 23.54
CA ILE A 410 14.76 5.35 23.19
C ILE A 410 14.10 6.38 24.10
N ASP A 411 13.24 7.21 23.53
CA ASP A 411 12.53 8.23 24.29
C ASP A 411 11.17 8.43 23.62
N MET A 412 10.50 9.54 23.94
CA MET A 412 9.13 9.72 23.49
C MET A 412 8.81 11.08 22.88
N GLU A 413 9.74 12.03 22.86
CA GLU A 413 9.42 13.38 22.40
C GLU A 413 10.40 13.98 21.40
N SER A 414 11.67 13.55 21.37
CA SER A 414 12.69 14.32 20.69
C SER A 414 12.46 14.42 19.19
N ALA A 415 12.00 13.33 18.56
CA ALA A 415 11.85 13.34 17.11
C ALA A 415 10.76 14.31 16.67
N THR A 416 9.67 14.42 17.44
CA THR A 416 8.60 15.35 17.08
C THR A 416 9.07 16.80 17.19
N ILE A 417 9.83 17.12 18.23
CA ILE A 417 10.38 18.47 18.36
C ILE A 417 11.34 18.77 17.22
N ALA A 418 12.16 17.79 16.85
CA ALA A 418 13.09 18.01 15.74
C ALA A 418 12.33 18.21 14.42
N ALA A 419 11.28 17.43 14.17
CA ALA A 419 10.51 17.62 12.96
C ALA A 419 9.83 18.99 12.92
N GLN A 420 9.27 19.42 14.06
CA GLN A 420 8.62 20.72 14.10
C GLN A 420 9.63 21.85 13.95
N GLY A 421 10.83 21.70 14.50
CA GLY A 421 11.85 22.71 14.28
C GLY A 421 12.39 22.71 12.87
N TYR A 422 12.27 21.59 12.16
CA TYR A 422 12.62 21.55 10.75
C TYR A 422 11.56 22.21 9.88
N ARG A 423 10.29 22.03 10.21
CA ARG A 423 9.22 22.59 9.38
C ARG A 423 9.17 24.10 9.47
N PHE A 424 9.36 24.67 10.66
CA PHE A 424 9.22 26.10 10.88
C PHE A 424 10.56 26.83 10.87
N ARG A 425 11.64 26.15 10.52
CA ARG A 425 12.97 26.75 10.40
C ARG A 425 13.44 27.35 11.73
N VAL A 426 13.53 26.50 12.74
CA VAL A 426 14.08 26.88 14.04
C VAL A 426 15.21 25.91 14.39
N PRO A 427 16.37 26.39 14.84
CA PRO A 427 17.43 25.47 15.25
C PRO A 427 16.99 24.60 16.43
N TYR A 428 17.47 23.36 16.45
CA TYR A 428 17.04 22.39 17.46
C TYR A 428 18.22 21.57 17.93
N GLY A 429 18.08 20.99 19.13
CA GLY A 429 19.09 20.15 19.73
C GLY A 429 18.45 19.11 20.61
N THR A 430 19.28 18.30 21.27
CA THR A 430 18.81 17.24 22.14
C THR A 430 19.98 16.70 22.95
N LEU A 431 19.79 16.51 24.25
CA LEU A 431 20.81 15.91 25.11
C LEU A 431 20.11 15.10 26.19
N LEU A 432 20.19 13.79 26.12
CA LEU A 432 19.44 12.90 26.99
C LEU A 432 20.35 12.24 28.02
N CYS A 433 19.75 11.75 29.09
CA CYS A 433 20.48 11.10 30.17
C CYS A 433 19.85 9.75 30.47
N VAL A 434 20.67 8.70 30.55
CA VAL A 434 20.16 7.35 30.70
C VAL A 434 19.61 7.15 32.12
N SER A 435 18.39 6.64 32.21
CA SER A 435 17.77 6.40 33.50
C SER A 435 17.52 4.93 33.81
N ASP A 436 17.50 4.06 32.81
CA ASP A 436 17.35 2.63 33.07
C ASP A 436 17.89 1.86 31.88
N LYS A 437 17.91 0.54 32.02
CA LYS A 437 18.38 -0.38 30.99
C LYS A 437 17.30 -1.43 30.77
N PRO A 438 16.31 -1.14 29.94
CA PRO A 438 15.18 -2.08 29.80
C PRO A 438 15.59 -3.46 29.33
N LEU A 439 16.53 -3.56 28.38
CA LEU A 439 16.84 -4.84 27.77
C LEU A 439 17.80 -5.70 28.60
N HIS A 440 18.38 -5.15 29.66
CA HIS A 440 19.37 -5.85 30.47
C HIS A 440 18.92 -5.99 31.92
N GLY A 441 17.62 -5.96 32.15
CA GLY A 441 17.06 -6.24 33.47
C GLY A 441 17.42 -5.27 34.56
N GLU A 442 17.47 -3.97 34.26
CA GLU A 442 17.62 -2.93 35.28
C GLU A 442 16.54 -1.87 35.12
N ILE A 443 15.36 -2.28 34.65
CA ILE A 443 14.30 -1.33 34.31
C ILE A 443 13.81 -0.62 35.56
N LYS A 444 13.65 0.70 35.45
CA LYS A 444 13.15 1.53 36.54
C LYS A 444 12.05 2.45 36.05
N LEU A 445 11.58 3.34 36.92
CA LEU A 445 10.50 4.26 36.60
C LEU A 445 10.90 5.68 36.96
N PRO A 446 10.39 6.68 36.23
CA PRO A 446 10.68 8.07 36.57
C PRO A 446 9.91 8.50 37.82
N GLY A 447 10.64 8.89 38.86
CA GLY A 447 10.05 9.28 40.12
C GLY A 447 10.20 8.26 41.23
N GLN A 448 10.64 7.05 40.92
CA GLN A 448 10.83 6.03 41.93
C GLN A 448 12.26 6.07 42.48
N ALA A 449 12.60 5.11 43.33
CA ALA A 449 13.90 5.10 43.98
C ALA A 449 15.02 4.93 42.95
N ASN A 450 15.79 6.00 42.76
CA ASN A 450 16.89 5.99 41.80
C ASN A 450 17.93 6.99 42.29
N ARG A 451 18.97 6.48 42.95
CA ARG A 451 19.93 7.36 43.60
C ARG A 451 21.08 7.78 42.69
N PHE A 452 21.21 7.20 41.50
CA PHE A 452 22.27 7.59 40.58
C PHE A 452 21.81 8.55 39.51
N TYR A 453 20.53 8.52 39.14
CA TYR A 453 19.99 9.50 38.19
C TYR A 453 19.50 10.76 38.89
N GLU A 454 19.09 10.66 40.15
CA GLU A 454 18.69 11.85 40.91
C GLU A 454 19.88 12.72 41.28
N GLY A 455 21.08 12.16 41.34
CA GLY A 455 22.25 12.97 41.60
C GLY A 455 22.58 13.91 40.45
N ALA A 456 22.46 13.42 39.21
CA ALA A 456 22.78 14.21 38.03
C ALA A 456 21.50 14.82 37.46
N ILE A 457 20.89 15.70 38.24
CA ILE A 457 19.74 16.46 37.78
C ILE A 457 20.04 17.95 37.98
N SER A 458 20.90 18.26 38.94
CA SER A 458 21.35 19.63 39.13
C SER A 458 22.57 19.96 38.28
N GLU A 459 23.08 18.99 37.53
CA GLU A 459 24.20 19.20 36.61
C GLU A 459 23.79 19.11 35.15
N HIS A 460 22.79 18.29 34.84
CA HIS A 460 22.22 18.27 33.50
C HIS A 460 21.67 19.64 33.12
N LEU A 461 20.92 20.26 34.03
CA LEU A 461 20.37 21.58 33.77
C LEU A 461 21.47 22.61 33.56
N GLN A 462 22.56 22.48 34.32
CA GLN A 462 23.68 23.42 34.13
C GLN A 462 24.29 23.27 32.76
N ILE A 463 24.38 22.03 32.26
CA ILE A 463 24.89 21.83 30.90
C ILE A 463 23.97 22.49 29.88
N GLY A 464 22.66 22.34 30.06
CA GLY A 464 21.72 23.00 29.15
C GLY A 464 21.85 24.52 29.16
N ILE A 465 21.95 25.10 30.36
CA ILE A 465 22.05 26.55 30.47
C ILE A 465 23.36 27.05 29.89
N ARG A 466 24.45 26.31 30.09
CA ARG A 466 25.73 26.70 29.50
C ARG A 466 25.68 26.61 27.98
N ALA A 467 24.98 25.61 27.44
CA ALA A 467 24.81 25.55 25.99
C ALA A 467 24.05 26.76 25.48
N ILE A 468 22.98 27.16 26.18
CA ILE A 468 22.24 28.35 25.78
C ILE A 468 23.15 29.58 25.80
N ASP A 469 23.98 29.69 26.84
CA ASP A 469 24.88 30.83 26.95
C ASP A 469 25.87 30.87 25.80
N LEU A 470 26.47 29.72 25.47
CA LEU A 470 27.42 29.67 24.37
C LEU A 470 26.78 30.00 23.04
N LEU A 471 25.54 29.52 22.82
CA LEU A 471 24.84 29.86 21.59
C LEU A 471 24.51 31.35 21.51
N ARG A 472 24.15 31.96 22.65
CA ARG A 472 23.84 33.38 22.64
C ARG A 472 25.09 34.23 22.41
N ALA A 473 26.24 33.79 22.94
CA ALA A 473 27.44 34.60 22.88
C ALA A 473 27.86 34.88 21.44
N GLU A 474 27.75 33.89 20.57
CA GLU A 474 28.13 34.03 19.17
C GLU A 474 26.90 34.34 18.33
N GLY A 475 27.03 35.33 17.45
CA GLY A 475 25.93 35.76 16.62
C GLY A 475 24.83 36.45 17.40
N ASN A 487 11.24 29.58 -2.82
CA ASN A 487 9.97 30.00 -2.25
C ASN A 487 10.13 30.36 -0.77
N GLU A 488 11.17 31.14 -0.47
CA GLU A 488 11.44 31.56 0.90
C GLU A 488 10.86 32.95 1.12
N PRO A 489 9.93 33.12 2.06
CA PRO A 489 9.43 34.46 2.39
C PRO A 489 10.57 35.37 2.85
N PRO A 490 10.54 36.64 2.45
CA PRO A 490 11.67 37.54 2.77
C PRO A 490 11.88 37.77 4.26
N PHE A 491 10.86 37.61 5.11
CA PHE A 491 11.07 37.71 6.55
C PHE A 491 11.69 36.43 7.09
N ARG A 492 12.67 36.59 7.97
CA ARG A 492 13.36 35.47 8.59
C ARG A 492 12.67 35.01 9.87
N LEU B 16 -9.79 -31.78 44.60
CA LEU B 16 -9.59 -31.02 45.83
C LEU B 16 -10.67 -29.96 46.03
N THR B 17 -11.10 -29.78 47.26
CA THR B 17 -11.97 -28.67 47.57
C THR B 17 -11.21 -27.35 47.37
N PRO B 18 -11.87 -26.32 46.84
CA PRO B 18 -11.14 -25.09 46.51
C PRO B 18 -10.45 -24.43 47.70
N GLU B 19 -10.97 -24.62 48.91
CA GLU B 19 -10.35 -24.01 50.09
C GLU B 19 -8.92 -24.51 50.27
N GLN B 20 -8.71 -25.81 50.08
CA GLN B 20 -7.37 -26.37 50.18
C GLN B 20 -6.45 -25.76 49.14
N ALA B 21 -6.95 -25.59 47.91
CA ALA B 21 -6.14 -24.99 46.85
C ALA B 21 -5.73 -23.57 47.22
N LEU B 22 -6.67 -22.78 47.74
CA LEU B 22 -6.36 -21.40 48.11
C LEU B 22 -5.32 -21.35 49.23
N ALA B 23 -5.51 -22.18 50.26
CA ALA B 23 -4.56 -22.19 51.37
C ALA B 23 -3.16 -22.60 50.91
N GLU B 24 -3.08 -23.63 50.07
CA GLU B 24 -1.79 -24.10 49.59
C GLU B 24 -1.11 -23.03 48.74
N LEU B 25 -1.88 -22.37 47.86
CA LEU B 25 -1.29 -21.32 47.03
C LEU B 25 -0.73 -20.20 47.89
N GLU B 26 -1.50 -19.76 48.89
CA GLU B 26 -1.03 -18.69 49.76
C GLU B 26 0.25 -19.10 50.49
N ALA B 27 0.28 -20.32 51.04
CA ALA B 27 1.44 -20.77 51.78
C ALA B 27 2.69 -20.83 50.89
N ARG B 28 2.55 -21.39 49.69
CA ARG B 28 3.69 -21.51 48.80
C ARG B 28 4.22 -20.13 48.40
N TYR B 29 3.32 -19.22 48.04
CA TYR B 29 3.76 -17.89 47.63
C TYR B 29 4.47 -17.17 48.76
N GLU B 30 3.92 -17.26 49.97
CA GLU B 30 4.55 -16.60 51.11
C GLU B 30 5.94 -17.17 51.38
N ALA B 31 6.08 -18.50 51.32
CA ALA B 31 7.37 -19.12 51.56
C ALA B 31 8.40 -18.65 50.54
N SER B 32 8.02 -18.64 49.26
CA SER B 32 8.98 -18.24 48.22
C SER B 32 9.40 -16.79 48.37
N VAL B 33 8.44 -15.89 48.64
CA VAL B 33 8.78 -14.49 48.80
C VAL B 33 9.70 -14.26 49.98
N THR B 34 9.40 -14.92 51.11
CA THR B 34 10.25 -14.76 52.29
C THR B 34 11.66 -15.26 52.03
N ALA B 35 11.78 -16.41 51.35
CA ALA B 35 13.11 -16.95 51.04
C ALA B 35 13.90 -15.98 50.19
N LEU B 36 13.28 -15.43 49.13
CA LEU B 36 14.01 -14.50 48.27
C LEU B 36 14.42 -13.25 49.03
N ARG B 37 13.53 -12.72 49.88
CA ARG B 37 13.88 -11.53 50.64
C ARG B 37 15.07 -11.79 51.56
N LYS B 38 15.09 -12.93 52.24
CA LYS B 38 16.22 -13.20 53.14
C LYS B 38 17.50 -13.43 52.36
N ALA B 39 17.43 -14.06 51.19
CA ALA B 39 18.63 -14.23 50.37
C ALA B 39 19.20 -12.88 49.95
N ILE B 40 18.35 -11.97 49.51
CA ILE B 40 18.82 -10.63 49.17
C ILE B 40 19.46 -9.98 50.39
N GLY B 41 18.80 -10.09 51.55
CA GLY B 41 19.30 -9.42 52.74
C GLY B 41 20.67 -9.90 53.15
N ASP B 42 20.87 -11.22 53.21
CA ASP B 42 22.16 -11.70 53.67
C ASP B 42 23.24 -11.59 52.59
N TYR B 43 22.87 -11.56 51.30
CA TYR B 43 23.89 -11.21 50.32
C TYR B 43 24.37 -9.78 50.50
N ILE B 44 23.44 -8.85 50.74
CA ILE B 44 23.86 -7.46 50.94
C ILE B 44 24.72 -7.33 52.21
N ASP B 45 24.29 -7.95 53.30
CA ASP B 45 24.92 -7.67 54.58
C ASP B 45 26.08 -8.60 54.91
N HIS B 46 26.34 -9.64 54.13
CA HIS B 46 27.48 -10.51 54.42
C HIS B 46 28.24 -11.00 53.20
N ASN B 47 27.89 -10.55 52.00
CA ASN B 47 28.57 -10.94 50.76
C ASN B 47 28.63 -12.47 50.64
N THR B 48 27.45 -13.06 50.52
CA THR B 48 27.32 -14.51 50.37
C THR B 48 26.39 -14.82 49.22
N LEU B 49 26.64 -15.97 48.58
CA LEU B 49 25.86 -16.39 47.43
C LEU B 49 24.99 -17.60 47.77
N PRO B 50 23.88 -17.79 47.08
CA PRO B 50 23.05 -18.98 47.31
C PRO B 50 23.48 -20.17 46.46
N ASP B 51 23.27 -21.35 47.01
CA ASP B 51 23.59 -22.58 46.32
C ASP B 51 22.79 -22.69 45.03
N THR B 52 23.41 -23.25 43.99
CA THR B 52 22.75 -23.45 42.71
C THR B 52 22.00 -24.77 42.65
N GLU B 53 22.08 -25.61 43.69
CA GLU B 53 21.38 -26.87 43.73
C GLU B 53 20.09 -26.79 44.54
N ALA B 54 20.16 -26.23 45.75
CA ALA B 54 18.95 -26.02 46.54
C ALA B 54 18.02 -25.03 45.87
N ARG B 55 18.58 -23.96 45.27
CA ARG B 55 17.77 -23.02 44.51
C ARG B 55 17.07 -23.70 43.34
N ALA B 56 17.67 -24.76 42.80
CA ALA B 56 17.05 -25.53 41.73
C ALA B 56 16.00 -26.51 42.25
N GLU B 57 15.72 -26.50 43.55
CA GLU B 57 14.66 -27.30 44.16
C GLU B 57 13.33 -26.55 44.19
N GLY B 58 13.12 -25.62 43.25
CA GLY B 58 11.94 -24.77 43.29
C GLY B 58 11.91 -23.85 44.48
N LEU B 59 13.02 -23.16 44.77
CA LEU B 59 13.11 -22.34 45.97
C LEU B 59 12.58 -20.93 45.72
N PHE B 60 12.63 -20.45 44.48
CA PHE B 60 12.21 -19.10 44.11
C PHE B 60 11.19 -19.14 42.98
N VAL B 61 10.16 -19.99 43.07
CA VAL B 61 9.29 -20.22 41.93
C VAL B 61 7.85 -19.90 42.29
N TYR B 62 7.09 -19.51 41.27
CA TYR B 62 5.66 -19.26 41.42
C TYR B 62 4.90 -20.56 41.60
N PRO B 63 3.87 -20.58 42.45
CA PRO B 63 2.98 -21.74 42.48
C PRO B 63 2.20 -21.87 41.18
N GLN B 64 1.81 -23.10 40.87
CA GLN B 64 1.10 -23.40 39.63
C GLN B 64 -0.18 -24.16 39.95
N LEU B 65 -1.26 -23.77 39.28
CA LEU B 65 -2.58 -24.37 39.47
C LEU B 65 -3.07 -24.95 38.14
N SER B 66 -3.63 -26.15 38.22
CA SER B 66 -4.13 -26.86 37.05
C SER B 66 -5.49 -27.46 37.33
N VAL B 67 -6.37 -27.41 36.34
CA VAL B 67 -7.69 -28.05 36.40
C VAL B 67 -7.85 -28.93 35.17
N SER B 68 -8.36 -30.15 35.37
CA SER B 68 -8.52 -31.12 34.31
C SER B 68 -9.99 -31.48 34.17
N TRP B 69 -10.51 -31.37 32.96
CA TRP B 69 -11.92 -31.66 32.68
C TRP B 69 -12.14 -31.89 31.19
N ALA B 88 -12.03 -30.63 25.85
CA ALA B 88 -11.62 -31.39 27.03
C ALA B 88 -10.09 -31.45 27.13
N GLY B 89 -9.58 -31.38 28.36
CA GLY B 89 -8.15 -31.43 28.57
C GLY B 89 -7.79 -30.85 29.92
N CYS B 90 -6.53 -30.45 30.05
CA CYS B 90 -6.00 -29.89 31.28
C CYS B 90 -5.47 -28.49 31.02
N TYR B 91 -5.73 -27.59 31.96
CA TYR B 91 -5.35 -26.19 31.85
C TYR B 91 -4.51 -25.81 33.07
N THR B 92 -3.35 -25.19 32.83
CA THR B 92 -2.42 -24.83 33.89
C THR B 92 -1.97 -23.38 33.74
N THR B 93 -1.94 -22.65 34.87
CA THR B 93 -1.37 -21.31 34.91
C THR B 93 -0.69 -21.08 36.24
N THR B 94 0.19 -20.08 36.26
CA THR B 94 0.95 -19.70 37.45
C THR B 94 0.29 -18.52 38.13
N ILE B 95 0.00 -18.68 39.42
CA ILE B 95 -0.69 -17.66 40.21
C ILE B 95 0.34 -16.73 40.84
N THR B 96 0.01 -15.45 40.92
CA THR B 96 0.95 -14.42 41.35
C THR B 96 0.63 -13.77 42.69
N ASN B 97 -0.64 -13.67 43.06
CA ASN B 97 -1.04 -13.01 44.30
C ASN B 97 -2.35 -13.61 44.78
N PRO B 98 -2.29 -14.81 45.38
CA PRO B 98 -3.54 -15.50 45.74
C PRO B 98 -4.38 -14.77 46.76
N LYS B 99 -3.80 -13.87 47.55
CA LYS B 99 -4.56 -13.20 48.59
C LYS B 99 -5.29 -11.96 48.08
N LEU B 100 -4.95 -11.48 46.89
CA LEU B 100 -5.66 -10.35 46.29
C LEU B 100 -6.80 -10.79 45.39
N PHE B 101 -6.59 -11.87 44.61
CA PHE B 101 -7.60 -12.42 43.72
C PHE B 101 -8.45 -13.49 44.38
N ARG B 102 -8.62 -13.43 45.71
CA ARG B 102 -9.20 -14.55 46.44
C ARG B 102 -10.63 -14.85 45.98
N ASN B 103 -11.50 -13.83 45.98
CA ASN B 103 -12.90 -14.06 45.66
C ASN B 103 -13.08 -14.54 44.22
N TYR B 104 -12.39 -13.88 43.28
CA TYR B 104 -12.50 -14.25 41.88
C TYR B 104 -12.07 -15.69 41.65
N LEU B 105 -10.89 -16.06 42.15
CA LEU B 105 -10.40 -17.41 41.99
C LEU B 105 -11.32 -18.42 42.66
N LEU B 106 -11.82 -18.09 43.85
CA LEU B 106 -12.67 -19.03 44.59
C LEU B 106 -13.97 -19.30 43.84
N GLU B 107 -14.61 -18.24 43.35
CA GLU B 107 -15.88 -18.46 42.64
C GLU B 107 -15.66 -19.15 41.30
N GLN B 108 -14.58 -18.82 40.60
CA GLN B 108 -14.32 -19.50 39.34
C GLN B 108 -13.99 -20.97 39.55
N LEU B 109 -13.33 -21.31 40.65
CA LEU B 109 -13.00 -22.71 40.91
C LEU B 109 -14.22 -23.49 41.38
N THR B 110 -15.09 -22.86 42.18
CA THR B 110 -16.28 -23.55 42.62
C THR B 110 -17.33 -23.66 41.52
N LEU B 111 -17.28 -22.78 40.51
CA LEU B 111 -18.23 -22.88 39.41
C LEU B 111 -17.89 -24.04 38.48
N LEU B 112 -16.64 -24.49 38.50
CA LEU B 112 -16.20 -25.62 37.69
C LEU B 112 -16.11 -26.90 38.50
N TYR B 113 -16.61 -26.90 39.73
CA TYR B 113 -16.60 -28.07 40.59
C TYR B 113 -18.00 -28.59 40.88
N GLN B 114 -19.03 -27.82 40.55
CA GLN B 114 -20.41 -28.24 40.74
C GLN B 114 -21.18 -28.41 39.43
N ASP B 115 -20.61 -28.03 38.30
CA ASP B 115 -21.27 -28.16 37.01
C ASP B 115 -20.52 -29.05 36.03
N TYR B 116 -19.25 -29.36 36.30
CA TYR B 116 -18.46 -30.21 35.42
C TYR B 116 -17.76 -31.25 36.26
N GLY B 117 -16.96 -32.09 35.61
CA GLY B 117 -16.09 -33.01 36.30
C GLY B 117 -14.63 -32.65 36.11
N ALA B 118 -13.98 -32.14 37.16
CA ALA B 118 -12.64 -31.61 37.04
C ALA B 118 -11.83 -31.96 38.27
N HIS B 119 -10.52 -32.15 38.06
CA HIS B 119 -9.57 -32.39 39.13
C HIS B 119 -8.62 -31.20 39.24
N ILE B 120 -8.34 -30.80 40.49
CA ILE B 120 -7.57 -29.61 40.80
C ILE B 120 -6.23 -30.03 41.38
N SER B 121 -5.15 -29.48 40.83
CA SER B 121 -3.80 -29.79 41.28
C SER B 121 -3.01 -28.50 41.51
N VAL B 122 -2.20 -28.49 42.57
CA VAL B 122 -1.37 -27.35 42.93
C VAL B 122 0.06 -27.85 43.11
N GLU B 123 1.00 -27.19 42.43
CA GLU B 123 2.39 -27.63 42.48
C GLU B 123 3.31 -26.43 42.32
N LEU B 124 4.58 -26.69 42.04
CA LEU B 124 5.58 -25.65 41.83
C LEU B 124 5.95 -25.58 40.35
N SER B 125 6.11 -24.37 39.84
CA SER B 125 6.48 -24.15 38.45
C SER B 125 7.99 -23.94 38.33
N GLN B 126 8.45 -23.75 37.09
CA GLN B 126 9.86 -23.54 36.82
C GLN B 126 10.20 -22.09 36.49
N HIS B 127 9.28 -21.16 36.77
CA HIS B 127 9.51 -19.75 36.54
C HIS B 127 9.85 -19.06 37.86
N GLU B 128 10.74 -18.07 37.81
CA GLU B 128 11.30 -17.47 39.00
C GLU B 128 10.76 -16.05 39.20
N ILE B 129 10.76 -15.62 40.45
CA ILE B 129 10.22 -14.31 40.83
C ILE B 129 11.33 -13.28 40.69
N PRO B 130 11.20 -12.31 39.80
CA PRO B 130 12.21 -11.24 39.74
C PRO B 130 12.27 -10.49 41.06
N TYR B 131 13.47 -10.07 41.42
CA TYR B 131 13.67 -9.42 42.71
C TYR B 131 13.03 -8.03 42.84
N PRO B 132 12.97 -7.21 41.78
CA PRO B 132 12.36 -5.87 41.97
C PRO B 132 10.93 -5.91 42.46
N TYR B 133 10.24 -7.05 42.30
CA TYR B 133 8.85 -7.15 42.73
C TYR B 133 8.71 -7.52 44.21
N VAL B 134 9.79 -7.86 44.91
CA VAL B 134 9.66 -8.35 46.27
C VAL B 134 10.31 -7.41 47.29
N ILE B 135 10.59 -6.17 46.90
CA ILE B 135 11.28 -5.22 47.76
C ILE B 135 10.23 -4.52 48.63
N ASP B 136 10.05 -5.01 49.85
CA ASP B 136 9.14 -4.37 50.80
C ASP B 136 9.68 -4.35 52.22
N GLY B 137 10.95 -4.70 52.43
CA GLY B 137 11.50 -4.71 53.78
C GLY B 137 12.93 -4.23 53.87
N SER B 138 13.48 -3.75 52.76
CA SER B 138 14.85 -3.30 52.68
C SER B 138 14.91 -1.88 52.14
N THR B 139 16.11 -1.30 52.17
CA THR B 139 16.36 0.02 51.60
C THR B 139 17.67 -0.07 50.82
N LEU B 140 17.57 -0.13 49.49
CA LEU B 140 18.72 -0.35 48.63
C LEU B 140 19.42 0.98 48.38
N THR B 141 20.17 1.42 49.38
CA THR B 141 21.10 2.54 49.23
C THR B 141 22.47 2.03 48.77
N LEU B 142 22.47 1.26 47.70
CA LEU B 142 23.64 0.52 47.26
C LEU B 142 24.39 1.28 46.19
N ASP B 143 25.70 1.10 46.16
CA ASP B 143 26.55 1.68 45.13
C ASP B 143 26.48 0.82 43.87
N ARG B 144 27.37 1.09 42.91
CA ARG B 144 27.32 0.39 41.63
C ARG B 144 27.69 -1.08 41.77
N SER B 145 28.62 -1.40 42.66
CA SER B 145 29.06 -2.78 42.80
C SER B 145 27.94 -3.68 43.27
N MET B 146 27.18 -3.23 44.27
CA MET B 146 26.08 -4.04 44.78
C MET B 146 24.98 -4.20 43.74
N SER B 147 24.69 -3.15 42.98
CA SER B 147 23.70 -3.26 41.93
C SER B 147 24.13 -4.25 40.85
N ALA B 148 25.41 -4.21 40.47
CA ALA B 148 25.91 -5.19 39.50
C ALA B 148 25.82 -6.60 40.04
N GLY B 149 26.17 -6.80 41.31
CA GLY B 149 26.05 -8.12 41.91
C GLY B 149 24.63 -8.62 41.95
N LEU B 150 23.68 -7.73 42.29
CA LEU B 150 22.28 -8.10 42.29
C LEU B 150 21.81 -8.49 40.89
N THR B 151 22.24 -7.73 39.88
CA THR B 151 21.84 -8.06 38.52
C THR B 151 22.44 -9.38 38.06
N ARG B 152 23.64 -9.70 38.54
CA ARG B 152 24.33 -10.90 38.05
C ARG B 152 23.89 -12.18 38.76
N TYR B 153 23.78 -12.18 40.08
CA TYR B 153 23.55 -13.40 40.85
C TYR B 153 22.09 -13.65 41.20
N PHE B 154 21.16 -12.87 40.69
CA PHE B 154 19.77 -12.96 41.13
C PHE B 154 18.85 -12.87 39.92
N PRO B 155 17.63 -13.42 40.04
CA PRO B 155 16.69 -13.37 38.92
C PRO B 155 16.30 -11.94 38.57
N THR B 156 16.12 -11.70 37.27
CA THR B 156 15.77 -10.38 36.77
C THR B 156 14.68 -10.51 35.71
N THR B 157 14.23 -9.36 35.23
CA THR B 157 13.16 -9.31 34.23
C THR B 157 13.75 -9.49 32.84
N GLU B 158 13.15 -10.38 32.06
CA GLU B 158 13.54 -10.60 30.67
C GLU B 158 12.36 -10.26 29.76
N LEU B 159 12.62 -9.42 28.76
CA LEU B 159 11.56 -8.93 27.88
C LEU B 159 11.07 -9.98 26.90
N SER B 160 11.73 -11.11 26.78
CA SER B 160 11.22 -12.19 25.94
C SER B 160 10.10 -12.97 26.63
N GLN B 161 9.82 -12.68 27.90
CA GLN B 161 8.85 -13.44 28.68
C GLN B 161 7.48 -12.79 28.75
N ILE B 162 7.41 -11.47 28.92
CA ILE B 162 6.13 -10.78 28.95
C ILE B 162 5.67 -10.53 27.53
N GLY B 163 4.38 -10.69 27.28
CA GLY B 163 3.82 -10.51 25.97
C GLY B 163 2.34 -10.19 25.98
N GLU B 175 -2.36 -29.39 30.35
CA GLU B 175 -0.96 -28.97 30.46
C GLU B 175 -0.55 -28.18 29.23
N PHE B 176 -1.45 -28.08 28.26
CA PHE B 176 -1.12 -27.48 26.97
C PHE B 176 -2.11 -26.39 26.56
N TYR B 177 -2.98 -25.95 27.46
CA TYR B 177 -3.93 -24.89 27.17
C TYR B 177 -3.94 -23.88 28.29
N PRO B 178 -4.15 -22.60 27.98
CA PRO B 178 -4.13 -21.57 29.02
C PRO B 178 -5.43 -21.52 29.81
N LEU B 179 -5.31 -21.35 31.13
CA LEU B 179 -6.47 -21.31 32.01
C LEU B 179 -6.97 -19.89 32.24
N SER B 180 -6.13 -18.88 32.04
CA SER B 180 -6.53 -17.49 32.21
C SER B 180 -5.89 -16.65 31.11
N HIS B 181 -6.33 -15.40 31.03
CA HIS B 181 -5.81 -14.51 29.99
C HIS B 181 -4.33 -14.23 30.19
N PHE B 182 -3.90 -14.03 31.43
CA PHE B 182 -2.56 -13.57 31.74
C PHE B 182 -1.86 -14.52 32.70
N ASP B 183 -0.54 -14.61 32.58
CA ASP B 183 0.27 -15.39 33.51
C ASP B 183 0.78 -14.48 34.63
N ALA B 184 1.68 -15.00 35.47
CA ALA B 184 2.10 -14.25 36.64
C ALA B 184 3.09 -13.14 36.29
N ARG B 185 3.97 -13.37 35.32
CA ARG B 185 5.00 -12.39 35.00
C ARG B 185 4.45 -11.15 34.32
N ARG B 186 3.19 -11.17 33.87
CA ARG B 186 2.53 -10.00 33.32
C ARG B 186 1.64 -9.30 34.33
N VAL B 187 0.90 -10.06 35.13
CA VAL B 187 0.10 -9.47 36.19
C VAL B 187 0.99 -8.74 37.18
N ASP B 188 2.14 -9.34 37.53
CA ASP B 188 3.02 -8.69 38.48
C ASP B 188 3.72 -7.49 37.86
N PHE B 189 3.93 -7.50 36.55
CA PHE B 189 4.50 -6.34 35.86
C PHE B 189 3.52 -5.19 35.83
N SER B 190 2.22 -5.49 35.74
CA SER B 190 1.21 -4.44 35.67
C SER B 190 0.84 -3.88 37.04
N LEU B 191 0.81 -4.73 38.07
CA LEU B 191 0.49 -4.25 39.41
C LEU B 191 1.53 -3.29 39.95
N ALA B 192 2.78 -3.37 39.46
CA ALA B 192 3.81 -2.46 39.91
C ALA B 192 3.66 -1.07 39.34
N ARG B 193 3.01 -0.93 38.18
CA ARG B 193 2.79 0.36 37.56
C ARG B 193 1.42 0.95 37.89
N LEU B 194 0.43 0.12 38.23
CA LEU B 194 -0.82 0.68 38.72
C LEU B 194 -0.58 1.54 39.96
N ARG B 195 0.30 1.11 40.84
CA ARG B 195 0.57 1.87 42.06
C ARG B 195 1.37 3.13 41.80
N HIS B 196 2.03 3.23 40.65
CA HIS B 196 2.84 4.40 40.34
C HIS B 196 2.06 5.46 39.58
N TYR B 197 1.35 5.05 38.51
CA TYR B 197 0.54 6.01 37.78
C TYR B 197 -0.56 6.60 38.64
N THR B 198 -1.24 5.77 39.43
CA THR B 198 -2.43 6.17 40.15
C THR B 198 -2.12 6.82 41.50
N GLY B 199 -1.41 6.11 42.36
CA GLY B 199 -1.10 6.61 43.68
C GLY B 199 -1.80 5.92 44.83
N THR B 200 -2.55 4.85 44.56
CA THR B 200 -3.25 4.09 45.59
C THR B 200 -2.90 2.62 45.47
N PRO B 201 -3.00 1.87 46.57
CA PRO B 201 -2.71 0.44 46.50
C PRO B 201 -3.71 -0.28 45.62
N ALA B 202 -3.25 -1.37 45.00
CA ALA B 202 -4.09 -2.13 44.09
C ALA B 202 -5.16 -2.93 44.80
N GLU B 203 -5.15 -2.99 46.12
CA GLU B 203 -6.15 -3.73 46.86
C GLU B 203 -7.45 -2.95 47.04
N HIS B 204 -7.50 -1.68 46.63
CA HIS B 204 -8.65 -0.84 46.86
C HIS B 204 -9.55 -0.69 45.65
N PHE B 205 -9.09 -1.08 44.47
CA PHE B 205 -9.85 -0.81 43.25
C PHE B 205 -11.20 -1.51 43.29
N GLN B 206 -12.20 -0.85 42.73
CA GLN B 206 -13.58 -1.30 42.70
C GLN B 206 -13.98 -1.73 41.29
N PRO B 207 -15.03 -2.55 41.15
CA PRO B 207 -15.35 -3.12 39.83
C PRO B 207 -16.04 -2.18 38.85
N TYR B 208 -16.51 -1.01 39.28
CA TYR B 208 -17.24 -0.09 38.39
C TYR B 208 -16.42 1.17 38.21
N VAL B 209 -15.88 1.38 37.00
CA VAL B 209 -14.88 2.41 36.77
C VAL B 209 -15.48 3.53 35.93
N LEU B 210 -15.22 4.78 36.35
CA LEU B 210 -15.60 5.97 35.62
C LEU B 210 -14.35 6.71 35.18
N PHE B 211 -14.32 7.14 33.92
CA PHE B 211 -13.21 7.91 33.37
C PHE B 211 -13.67 9.33 33.12
N THR B 212 -12.84 10.31 33.47
CA THR B 212 -13.13 11.71 33.20
C THR B 212 -11.89 12.38 32.62
N ASN B 213 -12.04 13.64 32.23
CA ASN B 213 -10.91 14.43 31.78
C ASN B 213 -10.96 15.86 32.29
N TYR B 214 -11.87 16.20 33.20
CA TYR B 214 -12.11 17.56 33.63
C TYR B 214 -12.20 17.57 35.15
N THR B 215 -11.33 18.35 35.79
CA THR B 215 -11.14 18.24 37.24
C THR B 215 -12.35 18.69 38.05
N ARG B 216 -13.26 19.46 37.44
CA ARG B 216 -14.48 19.83 38.17
C ARG B 216 -15.30 18.60 38.53
N TYR B 217 -15.29 17.59 37.66
CA TYR B 217 -15.94 16.32 37.99
C TYR B 217 -15.32 15.70 39.23
N VAL B 218 -13.99 15.79 39.35
CA VAL B 218 -13.30 15.25 40.51
C VAL B 218 -13.75 15.98 41.78
N ASP B 219 -13.84 17.30 41.72
CA ASP B 219 -14.29 18.06 42.88
C ASP B 219 -15.70 17.66 43.28
N GLU B 220 -16.60 17.55 42.30
CA GLU B 220 -17.98 17.18 42.59
C GLU B 220 -18.06 15.78 43.20
N PHE B 221 -17.31 14.83 42.65
CA PHE B 221 -17.33 13.47 43.16
C PHE B 221 -16.82 13.40 44.59
N VAL B 222 -15.73 14.11 44.88
CA VAL B 222 -15.19 14.09 46.24
C VAL B 222 -16.20 14.68 47.22
N SER B 223 -16.83 15.81 46.85
CA SER B 223 -17.81 16.42 47.74
C SER B 223 -19.00 15.49 47.97
N TRP B 224 -19.52 14.90 46.91
CA TRP B 224 -20.68 14.02 47.04
C TRP B 224 -20.35 12.80 47.89
N GLY B 225 -19.16 12.22 47.69
CA GLY B 225 -18.77 11.07 48.50
C GLY B 225 -18.62 11.41 49.97
N CYS B 226 -17.96 12.52 50.27
CA CYS B 226 -17.81 12.93 51.66
C CYS B 226 -19.16 13.22 52.29
N SER B 227 -20.13 13.67 51.50
CA SER B 227 -21.48 13.87 52.04
C SER B 227 -22.19 12.55 52.25
N GLN B 228 -21.95 11.58 51.38
CA GLN B 228 -22.65 10.30 51.48
C GLN B 228 -22.12 9.45 52.64
N ILE B 229 -20.82 9.55 52.95
CA ILE B 229 -20.26 8.71 53.99
C ILE B 229 -20.90 9.00 55.34
N LEU B 230 -21.17 10.27 55.63
CA LEU B 230 -21.75 10.66 56.91
C LEU B 230 -23.18 10.16 57.11
N ASP B 231 -23.84 9.71 56.05
CA ASP B 231 -25.21 9.22 56.17
C ASP B 231 -25.21 7.90 56.92
N PRO B 232 -25.97 7.76 58.01
CA PRO B 232 -25.96 6.50 58.77
C PRO B 232 -26.42 5.30 57.97
N ASP B 233 -27.37 5.47 57.05
CA ASP B 233 -27.89 4.37 56.25
C ASP B 233 -27.40 4.56 54.81
N SER B 234 -26.20 4.03 54.53
CA SER B 234 -25.64 4.10 53.19
C SER B 234 -24.58 3.02 53.07
N PRO B 235 -24.47 2.36 51.92
CA PRO B 235 -23.48 1.27 51.79
C PRO B 235 -22.04 1.72 51.98
N TYR B 236 -21.71 2.95 51.59
CA TYR B 236 -20.32 3.39 51.59
C TYR B 236 -19.85 3.66 53.02
N ILE B 237 -18.60 3.29 53.31
CA ILE B 237 -18.08 3.38 54.67
C ILE B 237 -16.74 4.11 54.71
N ALA B 238 -16.09 4.29 53.56
CA ALA B 238 -14.79 4.93 53.56
C ALA B 238 -14.49 5.50 52.18
N LEU B 239 -13.58 6.47 52.15
CA LEU B 239 -13.10 7.07 50.91
C LEU B 239 -11.59 7.02 50.91
N SER B 240 -11.01 6.60 49.79
CA SER B 240 -9.56 6.50 49.65
C SER B 240 -9.13 7.42 48.51
N CYS B 241 -8.26 8.38 48.83
CA CYS B 241 -7.83 9.39 47.87
C CYS B 241 -6.42 9.11 47.40
N ALA B 242 -6.06 9.73 46.27
CA ALA B 242 -4.73 9.58 45.72
C ALA B 242 -3.71 10.26 46.65
N GLY B 243 -2.59 9.59 46.87
CA GLY B 243 -1.58 10.08 47.77
C GLY B 243 -1.54 9.42 49.14
N GLY B 244 -2.52 8.58 49.45
CA GLY B 244 -2.53 7.88 50.71
C GLY B 244 -3.34 8.55 51.80
N ILE B 245 -4.58 8.91 51.50
CA ILE B 245 -5.49 9.52 52.46
C ILE B 245 -6.70 8.62 52.61
N TRP B 246 -7.05 8.30 53.85
CA TRP B 246 -8.12 7.38 54.19
C TRP B 246 -9.12 8.11 55.09
N ILE B 247 -10.30 8.41 54.57
CA ILE B 247 -11.29 9.20 55.27
C ILE B 247 -12.47 8.31 55.64
N THR B 248 -12.81 8.28 56.92
CA THR B 248 -13.94 7.52 57.44
C THR B 248 -14.93 8.49 58.07
N ALA B 249 -15.93 7.93 58.75
CA ALA B 249 -16.96 8.74 59.40
C ALA B 249 -16.52 9.25 60.78
N GLU B 250 -15.33 8.88 61.25
CA GLU B 250 -14.85 9.27 62.56
C GLU B 250 -13.56 10.08 62.49
N THR B 251 -13.35 10.78 61.38
CA THR B 251 -12.18 11.65 61.23
C THR B 251 -12.54 13.07 61.61
N GLU B 252 -11.65 13.72 62.37
CA GLU B 252 -11.89 15.09 62.79
C GLU B 252 -11.95 16.03 61.59
N ALA B 253 -11.03 15.85 60.64
CA ALA B 253 -10.90 16.77 59.51
C ALA B 253 -11.37 16.11 58.23
N PRO B 254 -12.50 16.52 57.66
CA PRO B 254 -12.86 16.09 56.30
C PRO B 254 -12.37 17.01 55.19
N GLU B 255 -11.51 17.98 55.50
CA GLU B 255 -11.12 19.03 54.56
C GLU B 255 -9.70 18.85 54.04
N GLN B 256 -9.28 17.60 53.82
CA GLN B 256 -7.99 17.31 53.21
C GLN B 256 -8.09 16.27 52.10
N ALA B 257 -9.30 15.90 51.70
CA ALA B 257 -9.46 14.91 50.65
C ALA B 257 -8.91 15.40 49.32
N ILE B 258 -9.20 16.65 48.96
CA ILE B 258 -8.78 17.20 47.69
C ILE B 258 -7.64 18.20 47.90
N SER B 259 -6.41 17.71 47.81
CA SER B 259 -5.23 18.57 47.91
C SER B 259 -4.59 18.74 46.54
N ASP B 260 -3.84 19.81 46.38
CA ASP B 260 -3.23 20.13 45.10
C ASP B 260 -1.94 19.38 44.84
N LEU B 261 -1.39 18.70 45.84
CA LEU B 261 -0.16 17.95 45.67
C LEU B 261 -0.35 16.67 44.85
N ALA B 262 -1.59 16.19 44.71
CA ALA B 262 -1.83 14.96 43.96
C ALA B 262 -1.46 15.11 42.50
N TRP B 263 -1.78 16.26 41.89
CA TRP B 263 -1.50 16.46 40.48
C TRP B 263 -0.03 16.73 40.20
N LYS B 264 0.75 17.08 41.22
CA LYS B 264 2.19 17.20 41.10
C LYS B 264 2.87 15.89 40.77
N LYS B 265 2.58 14.83 41.53
CA LYS B 265 3.41 13.64 41.54
C LYS B 265 2.86 12.51 40.67
N HIS B 266 1.54 12.36 40.61
CA HIS B 266 0.92 11.23 39.92
C HIS B 266 0.23 11.72 38.65
N GLN B 267 0.45 10.99 37.56
CA GLN B 267 -0.10 11.43 36.28
C GLN B 267 -1.61 11.25 36.22
N MET B 268 -2.13 10.17 36.79
CA MET B 268 -3.54 9.80 36.66
C MET B 268 -4.09 9.43 38.03
N PRO B 269 -4.44 10.42 38.85
CA PRO B 269 -4.93 10.13 40.19
C PRO B 269 -6.28 9.42 40.16
N ALA B 270 -6.57 8.66 41.20
CA ALA B 270 -7.83 7.94 41.30
C ALA B 270 -8.39 8.04 42.71
N TRP B 271 -9.72 8.12 42.79
CA TRP B 271 -10.44 8.19 44.05
C TRP B 271 -11.39 7.01 44.13
N HIS B 272 -11.32 6.26 45.23
CA HIS B 272 -12.18 5.09 45.43
C HIS B 272 -13.16 5.35 46.56
N LEU B 273 -14.38 4.86 46.40
CA LEU B 273 -15.42 5.02 47.42
C LEU B 273 -15.81 3.62 47.89
N ILE B 274 -15.17 3.17 48.97
CA ILE B 274 -15.21 1.75 49.35
C ILE B 274 -16.59 1.37 49.87
N THR B 275 -16.96 0.11 49.65
CA THR B 275 -18.16 -0.48 50.18
C THR B 275 -17.79 -1.73 50.97
N HIS B 276 -18.62 -2.10 51.93
CA HIS B 276 -18.32 -3.24 52.78
C HIS B 276 -18.21 -4.54 51.99
N ASP B 277 -19.10 -4.75 51.03
CA ASP B 277 -19.09 -5.96 50.23
C ASP B 277 -17.93 -6.00 49.25
N GLY B 278 -17.65 -4.88 48.59
CA GLY B 278 -16.66 -4.85 47.54
C GLY B 278 -17.25 -4.33 46.25
N LYS B 279 -18.36 -3.60 46.36
CA LYS B 279 -19.08 -3.05 45.21
C LYS B 279 -19.17 -1.55 45.41
N GLY B 280 -18.15 -0.81 45.00
CA GLY B 280 -18.11 0.62 45.15
C GLY B 280 -17.98 1.34 43.84
N ILE B 281 -17.38 2.53 43.85
CA ILE B 281 -17.17 3.31 42.63
C ILE B 281 -15.74 3.83 42.62
N THR B 282 -15.10 3.76 41.47
CA THR B 282 -13.75 4.26 41.25
C THR B 282 -13.79 5.36 40.21
N LEU B 283 -13.10 6.47 40.47
CA LEU B 283 -13.01 7.58 39.53
C LEU B 283 -11.55 7.79 39.17
N ILE B 284 -11.24 7.79 37.88
CA ILE B 284 -9.88 7.94 37.40
C ILE B 284 -9.85 9.14 36.46
N ASN B 285 -8.86 10.01 36.64
CA ASN B 285 -8.71 11.22 35.83
C ASN B 285 -7.58 10.98 34.84
N ILE B 286 -7.91 10.38 33.69
CA ILE B 286 -6.89 9.93 32.76
C ILE B 286 -6.12 11.11 32.18
N GLY B 287 -6.81 12.18 31.78
CA GLY B 287 -6.17 13.32 31.16
C GLY B 287 -6.72 13.56 29.76
N VAL B 288 -5.84 14.00 28.86
CA VAL B 288 -6.20 14.32 27.49
C VAL B 288 -5.25 13.59 26.55
N GLY B 289 -5.80 12.87 25.58
CA GLY B 289 -5.01 12.18 24.60
C GLY B 289 -5.42 10.73 24.44
N PRO B 290 -5.24 10.18 23.24
CA PRO B 290 -5.55 8.77 23.01
C PRO B 290 -4.42 7.80 23.35
N ALA B 291 -3.28 8.30 23.82
CA ALA B 291 -2.19 7.43 24.25
C ALA B 291 -2.13 7.24 25.75
N ASN B 292 -2.77 8.11 26.53
CA ASN B 292 -2.90 7.91 27.97
C ASN B 292 -4.10 7.05 28.33
N ALA B 293 -5.08 6.94 27.43
CA ALA B 293 -6.25 6.10 27.68
C ALA B 293 -6.02 4.65 27.27
N LYS B 294 -4.89 4.34 26.66
CA LYS B 294 -4.56 2.98 26.28
C LYS B 294 -3.68 2.27 27.30
N THR B 295 -2.67 2.96 27.85
CA THR B 295 -1.80 2.33 28.84
C THR B 295 -2.54 2.04 30.13
N ILE B 296 -3.38 2.96 30.58
CA ILE B 296 -4.12 2.71 31.81
C ILE B 296 -5.08 1.55 31.62
N CYS B 297 -5.67 1.40 30.43
CA CYS B 297 -6.53 0.25 30.19
C CYS B 297 -5.72 -1.05 30.16
N ASP B 298 -4.54 -1.02 29.54
CA ASP B 298 -3.65 -2.18 29.56
C ASP B 298 -3.37 -2.62 30.97
N HIS B 299 -3.02 -1.68 31.85
CA HIS B 299 -2.66 -2.05 33.20
C HIS B 299 -3.86 -2.37 34.08
N LEU B 300 -5.03 -1.85 33.75
CA LEU B 300 -6.21 -2.05 34.57
C LEU B 300 -7.00 -3.29 34.18
N ALA B 301 -6.74 -3.85 33.00
CA ALA B 301 -7.50 -5.02 32.57
C ALA B 301 -7.25 -6.23 33.46
N VAL B 302 -6.07 -6.32 34.08
CA VAL B 302 -5.71 -7.52 34.84
C VAL B 302 -6.47 -7.66 36.15
N LEU B 303 -7.24 -6.66 36.55
CA LEU B 303 -8.07 -6.76 37.75
C LEU B 303 -9.48 -7.25 37.44
N ARG B 304 -9.83 -7.39 36.17
CA ARG B 304 -11.14 -7.88 35.72
C ARG B 304 -12.26 -7.01 36.25
N PRO B 305 -12.41 -5.77 35.77
CA PRO B 305 -13.50 -4.92 36.25
C PRO B 305 -14.84 -5.37 35.71
N ASP B 306 -15.91 -4.71 36.13
CA ASP B 306 -17.25 -5.07 35.66
C ASP B 306 -17.79 -4.13 34.58
N VAL B 307 -17.41 -2.86 34.60
CA VAL B 307 -17.88 -1.93 33.57
C VAL B 307 -16.96 -0.72 33.55
N TRP B 308 -16.71 -0.22 32.34
CA TRP B 308 -15.98 1.02 32.10
C TRP B 308 -16.96 2.04 31.53
N LEU B 309 -17.03 3.22 32.14
CA LEU B 309 -17.86 4.30 31.62
C LEU B 309 -16.97 5.50 31.32
N MET B 310 -17.29 6.21 30.25
CA MET B 310 -16.57 7.42 29.86
C MET B 310 -17.50 8.60 29.98
N ILE B 311 -17.05 9.65 30.67
CA ILE B 311 -17.83 10.84 30.90
C ILE B 311 -16.94 12.05 30.63
N GLY B 312 -17.28 12.81 29.61
CA GLY B 312 -16.46 13.93 29.21
C GLY B 312 -17.25 14.94 28.43
N HIS B 313 -16.56 15.66 27.55
CA HIS B 313 -17.20 16.66 26.70
C HIS B 313 -16.62 16.56 25.30
N CYS B 314 -17.39 17.02 24.32
CA CYS B 314 -17.04 16.89 22.92
C CYS B 314 -17.36 18.21 22.22
N GLY B 315 -17.26 18.22 20.90
CA GLY B 315 -17.62 19.37 20.10
C GLY B 315 -18.59 18.97 19.00
N GLY B 316 -19.79 19.54 19.04
CA GLY B 316 -20.84 19.15 18.11
C GLY B 316 -20.53 19.48 16.67
N LEU B 317 -21.09 18.70 15.76
CA LEU B 317 -20.89 18.87 14.33
C LEU B 317 -22.18 19.13 13.57
N ARG B 318 -23.31 19.22 14.25
CA ARG B 318 -24.60 19.45 13.61
C ARG B 318 -25.16 20.80 14.04
N GLU B 319 -25.84 21.47 13.11
CA GLU B 319 -26.31 22.82 13.37
C GLU B 319 -27.44 22.84 14.39
N SER B 320 -28.20 21.75 14.51
CA SER B 320 -29.31 21.72 15.45
C SER B 320 -28.86 21.60 16.90
N GLN B 321 -27.59 21.28 17.16
CA GLN B 321 -27.12 21.05 18.51
C GLN B 321 -26.82 22.37 19.21
N ALA B 322 -27.18 22.44 20.49
CA ALA B 322 -26.90 23.59 21.33
C ALA B 322 -25.98 23.16 22.48
N ILE B 323 -25.18 24.12 22.97
CA ILE B 323 -24.26 23.82 24.06
C ILE B 323 -25.06 23.35 25.27
N GLY B 324 -24.72 22.17 25.77
CA GLY B 324 -25.44 21.55 26.86
C GLY B 324 -26.27 20.34 26.50
N ASP B 325 -26.12 19.80 25.30
CA ASP B 325 -26.88 18.66 24.84
C ASP B 325 -26.05 17.38 24.90
N TYR B 326 -26.73 16.25 25.07
CA TYR B 326 -26.08 14.98 25.31
C TYR B 326 -25.98 14.16 24.03
N VAL B 327 -24.83 13.50 23.85
CA VAL B 327 -24.57 12.65 22.70
C VAL B 327 -24.26 11.24 23.21
N LEU B 328 -24.88 10.25 22.58
CA LEU B 328 -24.70 8.85 22.92
C LEU B 328 -24.19 8.12 21.68
N ALA B 329 -23.07 7.44 21.80
CA ALA B 329 -22.42 6.83 20.66
C ALA B 329 -22.96 5.43 20.42
N HIS B 330 -23.20 5.11 19.15
CA HIS B 330 -23.54 3.75 18.76
C HIS B 330 -22.60 3.20 17.70
N ALA B 331 -21.55 3.93 17.34
CA ALA B 331 -20.53 3.47 16.42
C ALA B 331 -19.38 4.46 16.48
N TYR B 332 -18.16 3.95 16.32
CA TYR B 332 -16.95 4.74 16.46
C TYR B 332 -16.15 4.71 15.16
N LEU B 333 -15.73 5.88 14.70
CA LEU B 333 -14.81 5.99 13.57
C LEU B 333 -13.43 6.26 14.13
N ARG B 334 -12.51 5.33 13.93
CA ARG B 334 -11.22 5.34 14.61
C ARG B 334 -10.17 6.01 13.72
N ASP B 335 -9.77 7.23 14.09
CA ASP B 335 -8.68 7.93 13.42
C ASP B 335 -7.44 8.06 14.30
N ASP B 336 -7.40 7.41 15.45
CA ASP B 336 -6.21 7.38 16.28
C ASP B 336 -5.32 6.22 15.84
N HIS B 337 -4.06 6.53 15.54
CA HIS B 337 -3.19 5.54 14.94
C HIS B 337 -2.73 4.46 15.89
N VAL B 338 -2.96 4.62 17.21
CA VAL B 338 -2.66 3.54 18.14
C VAL B 338 -3.66 2.42 17.94
N LEU B 339 -3.25 1.20 18.29
CA LEU B 339 -4.04 -0.02 18.19
C LEU B 339 -4.33 -0.43 16.75
N ASP B 340 -3.71 0.20 15.77
CA ASP B 340 -3.90 -0.24 14.38
C ASP B 340 -3.01 -1.40 14.00
N ALA B 341 -2.07 -1.79 14.86
CA ALA B 341 -1.22 -2.93 14.58
C ALA B 341 -1.72 -4.22 15.20
N VAL B 342 -2.61 -4.13 16.20
CA VAL B 342 -3.15 -5.32 16.85
C VAL B 342 -4.63 -5.50 16.61
N LEU B 343 -5.36 -4.45 16.19
CA LEU B 343 -6.78 -4.54 15.89
C LEU B 343 -7.06 -3.63 14.71
N PRO B 344 -6.96 -4.15 13.50
CA PRO B 344 -7.05 -3.29 12.31
C PRO B 344 -8.41 -2.62 12.22
N PRO B 345 -8.51 -1.48 11.53
CA PRO B 345 -9.79 -0.76 11.49
C PRO B 345 -10.90 -1.48 10.75
N ASP B 346 -10.59 -2.58 10.06
CA ASP B 346 -11.63 -3.35 9.40
C ASP B 346 -12.56 -4.02 10.40
N ILE B 347 -12.04 -4.40 11.56
CA ILE B 347 -12.83 -5.13 12.56
C ILE B 347 -13.89 -4.20 13.14
N PRO B 348 -15.15 -4.59 13.17
CA PRO B 348 -16.19 -3.70 13.70
C PRO B 348 -16.33 -3.81 15.20
N ILE B 349 -16.49 -2.65 15.84
CA ILE B 349 -16.69 -2.59 17.29
C ILE B 349 -18.17 -2.31 17.56
N PRO B 350 -18.95 -3.29 17.96
CA PRO B 350 -20.38 -3.06 18.17
C PRO B 350 -20.67 -2.30 19.46
N SER B 351 -21.95 -2.17 19.78
CA SER B 351 -22.39 -1.58 21.05
C SER B 351 -23.06 -2.65 21.89
N ILE B 352 -23.24 -2.34 23.17
CA ILE B 352 -23.81 -3.27 24.13
C ILE B 352 -25.18 -2.76 24.53
N ALA B 353 -26.21 -3.59 24.31
CA ALA B 353 -27.58 -3.14 24.48
C ALA B 353 -27.89 -2.78 25.93
N GLU B 354 -27.40 -3.59 26.87
CA GLU B 354 -27.72 -3.35 28.29
C GLU B 354 -27.21 -2.00 28.76
N VAL B 355 -25.97 -1.67 28.40
CA VAL B 355 -25.39 -0.40 28.85
C VAL B 355 -26.11 0.79 28.24
N GLN B 356 -26.44 0.71 26.95
CA GLN B 356 -27.15 1.82 26.31
C GLN B 356 -28.54 2.00 26.90
N ARG B 357 -29.24 0.89 27.19
CA ARG B 357 -30.54 1.00 27.84
C ARG B 357 -30.42 1.65 29.21
N ALA B 358 -29.40 1.25 29.98
CA ALA B 358 -29.21 1.84 31.30
C ALA B 358 -28.93 3.33 31.21
N LEU B 359 -28.09 3.74 30.26
CA LEU B 359 -27.77 5.16 30.11
C LEU B 359 -29.00 5.96 29.71
N TYR B 360 -29.81 5.43 28.79
CA TYR B 360 -31.02 6.13 28.38
C TYR B 360 -31.99 6.28 29.54
N ASP B 361 -32.19 5.20 30.31
CA ASP B 361 -33.08 5.28 31.46
C ASP B 361 -32.58 6.27 32.50
N ALA B 362 -31.26 6.28 32.75
CA ALA B 362 -30.70 7.19 33.73
C ALA B 362 -30.88 8.63 33.30
N THR B 363 -30.63 8.92 32.02
CA THR B 363 -30.83 10.28 31.52
C THR B 363 -32.28 10.71 31.68
N LYS B 364 -33.21 9.82 31.30
CA LYS B 364 -34.63 10.16 31.42
C LYS B 364 -35.02 10.43 32.87
N GLN B 365 -34.53 9.61 33.80
CA GLN B 365 -34.93 9.76 35.19
C GLN B 365 -34.33 11.01 35.82
N VAL B 366 -33.02 11.20 35.66
CA VAL B 366 -32.34 12.30 36.34
C VAL B 366 -32.72 13.64 35.72
N SER B 367 -32.75 13.73 34.39
CA SER B 367 -33.04 14.99 33.73
C SER B 367 -34.44 15.49 34.04
N GLY B 368 -35.33 14.62 34.50
CA GLY B 368 -36.67 15.04 34.90
C GLY B 368 -37.54 15.54 33.77
N MET B 369 -37.50 14.87 32.62
CA MET B 369 -38.33 15.27 31.49
C MET B 369 -38.67 14.07 30.62
N VAL B 374 -37.04 13.89 26.21
CA VAL B 374 -35.60 13.86 26.03
C VAL B 374 -35.25 13.68 24.58
N LYS B 375 -36.27 13.68 23.72
CA LYS B 375 -36.05 13.47 22.30
C LYS B 375 -35.29 14.61 21.63
N GLN B 376 -35.18 15.76 22.29
CA GLN B 376 -34.51 16.92 21.72
C GLN B 376 -33.17 17.24 22.35
N ARG B 377 -32.97 16.91 23.63
CA ARG B 377 -31.71 17.17 24.31
C ARG B 377 -30.74 16.01 24.23
N LEU B 378 -31.14 14.87 23.68
CA LEU B 378 -30.33 13.68 23.63
C LEU B 378 -30.30 13.14 22.21
N ARG B 379 -29.11 12.86 21.70
CA ARG B 379 -28.96 12.32 20.36
C ARG B 379 -28.15 11.04 20.40
N THR B 380 -28.29 10.23 19.36
CA THR B 380 -27.54 8.99 19.21
C THR B 380 -26.87 9.00 17.85
N GLY B 381 -25.58 8.71 17.81
CA GLY B 381 -24.88 8.81 16.55
C GLY B 381 -23.47 8.25 16.59
N THR B 382 -22.71 8.62 15.58
CA THR B 382 -21.33 8.17 15.40
C THR B 382 -20.38 9.25 15.86
N VAL B 383 -19.42 8.90 16.72
CA VAL B 383 -18.44 9.84 17.23
C VAL B 383 -17.09 9.57 16.59
N VAL B 384 -16.38 10.64 16.24
CA VAL B 384 -15.04 10.55 15.66
C VAL B 384 -14.02 10.70 16.77
N THR B 385 -12.91 9.99 16.66
CA THR B 385 -11.82 10.11 17.62
C THR B 385 -10.54 10.37 16.85
N THR B 386 -9.81 11.41 17.25
CA THR B 386 -8.60 11.82 16.56
C THR B 386 -7.50 12.08 17.57
N ASP B 387 -6.26 11.92 17.12
CA ASP B 387 -5.08 12.17 17.96
C ASP B 387 -4.46 13.52 17.67
N ASP B 388 -5.12 14.36 16.89
CA ASP B 388 -4.62 15.68 16.51
C ASP B 388 -5.46 16.73 17.20
N ARG B 389 -4.86 17.45 18.15
CA ARG B 389 -5.60 18.45 18.90
C ARG B 389 -5.87 19.71 18.10
N ASN B 390 -5.26 19.85 16.92
CA ASN B 390 -5.45 21.02 16.08
C ASN B 390 -5.98 20.62 14.71
N TRP B 391 -7.00 19.76 14.68
CA TRP B 391 -7.51 19.26 13.41
C TRP B 391 -8.04 20.37 12.52
N GLU B 392 -8.42 21.52 13.10
CA GLU B 392 -9.01 22.59 12.31
C GLU B 392 -8.08 23.03 11.19
N LEU B 393 -6.79 23.14 11.47
CA LEU B 393 -5.83 23.60 10.48
C LEU B 393 -5.74 22.67 9.27
N ARG B 394 -6.24 21.44 9.40
CA ARG B 394 -6.26 20.51 8.27
C ARG B 394 -7.68 20.08 7.91
N TYR B 395 -8.68 20.85 8.36
CA TYR B 395 -10.07 20.42 8.23
C TYR B 395 -10.42 20.03 6.80
N SER B 396 -9.89 20.77 5.83
CA SER B 396 -10.29 20.57 4.44
C SER B 396 -10.05 19.15 3.96
N ALA B 397 -9.17 18.40 4.62
CA ALA B 397 -9.05 16.98 4.30
C ALA B 397 -10.12 16.18 5.05
N SER B 398 -10.10 16.25 6.38
CA SER B 398 -10.93 15.36 7.18
C SER B 398 -12.40 15.49 6.81
N ALA B 399 -12.79 16.65 6.28
CA ALA B 399 -14.19 16.88 5.94
C ALA B 399 -14.76 15.74 5.13
N LEU B 400 -13.99 15.23 4.16
CA LEU B 400 -14.52 14.16 3.32
C LEU B 400 -15.00 12.99 4.17
N ARG B 401 -14.15 12.48 5.06
CA ARG B 401 -14.55 11.36 5.88
C ARG B 401 -15.68 11.75 6.82
N PHE B 402 -15.67 12.99 7.32
CA PHE B 402 -16.73 13.42 8.22
C PHE B 402 -18.08 13.40 7.53
N ASN B 403 -18.10 13.36 6.20
CA ASN B 403 -19.35 13.27 5.46
C ASN B 403 -19.75 11.83 5.19
N LEU B 404 -18.78 10.93 5.05
CA LEU B 404 -19.12 9.55 4.72
C LEU B 404 -19.70 8.79 5.89
N SER B 405 -19.35 9.16 7.12
CA SER B 405 -19.76 8.44 8.30
C SER B 405 -20.92 9.09 9.04
N ARG B 406 -21.41 10.23 8.57
CA ARG B 406 -22.56 10.91 9.18
C ARG B 406 -22.33 11.14 10.68
N ALA B 407 -21.18 11.74 10.99
CA ALA B 407 -20.77 11.89 12.38
C ALA B 407 -21.59 12.96 13.09
N VAL B 408 -21.64 12.86 14.41
CA VAL B 408 -22.42 13.78 15.23
C VAL B 408 -21.57 14.55 16.23
N ALA B 409 -20.40 14.05 16.62
CA ALA B 409 -19.56 14.74 17.59
C ALA B 409 -18.13 14.29 17.36
N ILE B 410 -17.20 14.99 18.02
CA ILE B 410 -15.78 14.68 17.93
C ILE B 410 -15.17 14.80 19.32
N ASP B 411 -14.31 13.84 19.67
CA ASP B 411 -13.64 13.84 20.97
C ASP B 411 -12.27 13.21 20.77
N MET B 412 -11.63 12.80 21.86
CA MET B 412 -10.24 12.35 21.79
C MET B 412 -9.93 11.04 22.51
N GLU B 413 -10.88 10.44 23.23
CA GLU B 413 -10.57 9.25 24.02
C GLU B 413 -11.52 8.07 23.85
N SER B 414 -12.77 8.29 23.44
CA SER B 414 -13.80 7.26 23.60
C SER B 414 -13.50 6.03 22.76
N ALA B 415 -13.00 6.19 21.54
CA ALA B 415 -12.80 5.04 20.67
C ALA B 415 -11.71 4.12 21.22
N THR B 416 -10.66 4.68 21.81
CA THR B 416 -9.60 3.85 22.37
C THR B 416 -10.09 3.04 23.56
N ILE B 417 -10.90 3.66 24.42
CA ILE B 417 -11.47 2.93 25.55
C ILE B 417 -12.40 1.84 25.07
N ALA B 418 -13.20 2.12 24.03
CA ALA B 418 -14.08 1.08 23.49
C ALA B 418 -13.27 -0.07 22.89
N ALA B 419 -12.22 0.23 22.15
CA ALA B 419 -11.39 -0.84 21.59
C ALA B 419 -10.75 -1.68 22.68
N GLN B 420 -10.24 -1.03 23.73
CA GLN B 420 -9.61 -1.78 24.82
C GLN B 420 -10.63 -2.61 25.58
N GLY B 421 -11.85 -2.11 25.75
CA GLY B 421 -12.88 -2.91 26.37
C GLY B 421 -13.37 -4.03 25.49
N TYR B 422 -13.19 -3.91 24.18
CA TYR B 422 -13.50 -5.01 23.27
C TYR B 422 -12.43 -6.09 23.31
N ARG B 423 -11.16 -5.69 23.42
CA ARG B 423 -10.07 -6.68 23.39
C ARG B 423 -10.05 -7.53 24.65
N PHE B 424 -10.29 -6.93 25.81
CA PHE B 424 -10.20 -7.63 27.09
C PHE B 424 -11.54 -8.11 27.61
N ARG B 425 -12.60 -7.98 26.82
CA ARG B 425 -13.94 -8.47 27.18
C ARG B 425 -14.46 -7.79 28.44
N VAL B 426 -14.58 -6.47 28.37
CA VAL B 426 -15.18 -5.69 29.45
C VAL B 426 -16.30 -4.84 28.86
N PRO B 427 -17.48 -4.79 29.46
CA PRO B 427 -18.54 -3.92 28.94
C PRO B 427 -18.14 -2.45 28.99
N TYR B 428 -18.58 -1.69 28.01
CA TYR B 428 -18.18 -0.29 27.86
C TYR B 428 -19.36 0.57 27.45
N GLY B 429 -19.24 1.86 27.73
CA GLY B 429 -20.26 2.84 27.39
C GLY B 429 -19.64 4.18 27.12
N THR B 430 -20.49 5.18 26.85
CA THR B 430 -20.02 6.54 26.56
C THR B 430 -21.21 7.48 26.58
N LEU B 431 -21.05 8.63 27.23
CA LEU B 431 -22.10 9.66 27.24
C LEU B 431 -21.42 11.02 27.29
N LEU B 432 -21.47 11.77 26.19
CA LEU B 432 -20.74 13.01 26.05
C LEU B 432 -21.67 14.21 26.12
N CYS B 433 -21.10 15.37 26.41
CA CYS B 433 -21.86 16.61 26.53
C CYS B 433 -21.21 17.68 25.66
N VAL B 434 -22.02 18.37 24.85
CA VAL B 434 -21.48 19.32 23.89
C VAL B 434 -20.99 20.56 24.61
N SER B 435 -19.76 20.98 24.31
CA SER B 435 -19.18 22.15 24.93
C SER B 435 -18.92 23.31 23.98
N ASP B 436 -18.84 23.04 22.68
CA ASP B 436 -18.68 24.11 21.70
C ASP B 436 -19.15 23.64 20.33
N LYS B 437 -19.15 24.56 19.37
CA LYS B 437 -19.56 24.29 18.00
C LYS B 437 -18.47 24.78 17.08
N PRO B 438 -17.44 23.96 16.84
CA PRO B 438 -16.30 24.43 16.05
C PRO B 438 -16.66 24.90 14.66
N LEU B 439 -17.56 24.20 13.96
CA LEU B 439 -17.83 24.49 12.57
C LEU B 439 -18.79 25.66 12.36
N HIS B 440 -19.42 26.15 13.41
CA HIS B 440 -20.43 27.20 13.30
C HIS B 440 -20.04 28.44 14.10
N GLY B 441 -18.74 28.62 14.32
CA GLY B 441 -18.23 29.85 14.92
C GLY B 441 -18.64 30.11 16.34
N GLU B 442 -18.71 29.08 17.19
CA GLU B 442 -18.92 29.25 18.61
C GLU B 442 -17.85 28.51 19.40
N ILE B 443 -16.65 28.41 18.84
CA ILE B 443 -15.60 27.57 19.42
C ILE B 443 -15.15 28.14 20.77
N LYS B 444 -15.02 27.25 21.76
CA LYS B 444 -14.58 27.62 23.09
C LYS B 444 -13.47 26.69 23.57
N LEU B 445 -13.06 26.84 24.82
CA LEU B 445 -11.99 26.04 25.39
C LEU B 445 -12.43 25.46 26.73
N PRO B 446 -11.91 24.29 27.09
CA PRO B 446 -12.25 23.69 28.40
C PRO B 446 -11.52 24.43 29.52
N GLY B 447 -12.30 25.01 30.43
CA GLY B 447 -11.76 25.78 31.53
C GLY B 447 -11.94 27.27 31.40
N GLN B 448 -12.35 27.77 30.23
CA GLN B 448 -12.54 29.19 30.02
C GLN B 448 -14.00 29.57 30.34
N ALA B 449 -14.35 30.82 30.10
CA ALA B 449 -15.67 31.32 30.43
C ALA B 449 -16.74 30.59 29.62
N ASN B 450 -17.54 29.78 30.32
CA ASN B 450 -18.60 28.99 29.68
C ASN B 450 -19.67 28.76 30.74
N ARG B 451 -20.73 29.58 30.69
CA ARG B 451 -21.73 29.54 31.76
C ARG B 451 -22.85 28.54 31.49
N PHE B 452 -22.92 27.95 30.30
CA PHE B 452 -23.96 26.97 30.01
C PHE B 452 -23.47 25.54 30.13
N TYR B 453 -22.19 25.29 29.94
CA TYR B 453 -21.63 23.96 30.16
C TYR B 453 -21.20 23.74 31.59
N GLU B 454 -20.83 24.82 32.31
CA GLU B 454 -20.47 24.69 33.71
C GLU B 454 -21.69 24.43 34.59
N GLY B 455 -22.89 24.80 34.13
CA GLY B 455 -24.08 24.50 34.89
C GLY B 455 -24.39 23.01 34.93
N ALA B 456 -24.22 22.33 33.79
CA ALA B 456 -24.50 20.90 33.69
C ALA B 456 -23.22 20.09 33.87
N ILE B 457 -22.65 20.19 35.06
CA ILE B 457 -21.50 19.38 35.44
C ILE B 457 -21.85 18.62 36.72
N SER B 458 -22.74 19.18 37.52
CA SER B 458 -23.23 18.50 38.70
C SER B 458 -24.41 17.59 38.40
N GLU B 459 -24.89 17.59 37.16
CA GLU B 459 -25.96 16.71 36.73
C GLU B 459 -25.50 15.62 35.79
N HIS B 460 -24.48 15.89 34.98
CA HIS B 460 -23.85 14.85 34.16
C HIS B 460 -23.32 13.72 35.03
N LEU B 461 -22.62 14.07 36.11
CA LEU B 461 -22.09 13.07 37.02
C LEU B 461 -23.19 12.27 37.67
N GLN B 462 -24.31 12.92 37.99
CA GLN B 462 -25.44 12.19 38.57
C GLN B 462 -26.00 11.18 37.60
N ILE B 463 -26.05 11.52 36.32
CA ILE B 463 -26.50 10.57 35.30
C ILE B 463 -25.55 9.37 35.25
N GLY B 464 -24.24 9.64 35.28
CA GLY B 464 -23.30 8.52 35.29
C GLY B 464 -23.45 7.61 36.49
N ILE B 465 -23.61 8.20 37.68
CA ILE B 465 -23.74 7.40 38.89
C ILE B 465 -25.05 6.60 38.87
N ARG B 466 -26.12 7.21 38.37
CA ARG B 466 -27.38 6.47 38.27
C ARG B 466 -27.27 5.32 37.28
N ALA B 467 -26.54 5.51 36.19
CA ALA B 467 -26.32 4.42 35.26
C ALA B 467 -25.56 3.27 35.94
N ILE B 468 -24.53 3.61 36.72
CA ILE B 468 -23.79 2.59 37.45
C ILE B 468 -24.72 1.84 38.41
N ASP B 469 -25.59 2.58 39.09
CA ASP B 469 -26.52 1.95 40.04
C ASP B 469 -27.48 1.00 39.32
N LEU B 470 -28.03 1.42 38.18
CA LEU B 470 -28.95 0.57 37.45
C LEU B 470 -28.25 -0.67 36.92
N LEU B 471 -27.00 -0.54 36.46
CA LEU B 471 -26.26 -1.70 36.00
C LEU B 471 -25.97 -2.67 37.15
N ARG B 472 -25.66 -2.13 38.33
CA ARG B 472 -25.37 -3.00 39.47
C ARG B 472 -26.63 -3.72 39.95
N ALA B 473 -27.78 -3.05 39.89
CA ALA B 473 -29.00 -3.62 40.45
C ALA B 473 -29.37 -4.93 39.77
N GLU B 474 -29.21 -5.01 38.46
CA GLU B 474 -29.54 -6.21 37.70
C GLU B 474 -28.29 -7.06 37.49
N GLY B 475 -28.41 -8.36 37.73
CA GLY B 475 -27.28 -9.26 37.61
C GLY B 475 -26.22 -9.04 38.67
N ASN B 487 -11.78 -20.65 21.43
CA ASN B 487 -10.54 -20.42 22.16
C ASN B 487 -10.76 -19.48 23.34
N GLU B 488 -11.81 -19.73 24.10
CA GLU B 488 -12.16 -18.91 25.26
C GLU B 488 -11.60 -19.56 26.52
N PRO B 489 -10.71 -18.91 27.26
CA PRO B 489 -10.26 -19.45 28.54
C PRO B 489 -11.42 -19.67 29.49
N PRO B 490 -11.41 -20.76 30.26
CA PRO B 490 -12.57 -21.06 31.12
C PRO B 490 -12.84 -20.03 32.21
N PHE B 491 -11.85 -19.25 32.63
CA PHE B 491 -12.11 -18.17 33.58
C PHE B 491 -12.73 -16.98 32.87
N ARG B 492 -13.74 -16.39 33.51
CA ARG B 492 -14.43 -15.22 32.96
C ARG B 492 -13.78 -13.92 33.41
N LEU C 16 -47.42 28.45 -5.84
CA LEU C 16 -48.44 27.65 -6.53
C LEU C 16 -48.92 26.51 -5.65
N THR C 17 -50.22 26.21 -5.73
CA THR C 17 -50.74 25.02 -5.10
C THR C 17 -50.16 23.79 -5.78
N PRO C 18 -49.84 22.74 -5.04
CA PRO C 18 -49.16 21.58 -5.66
C PRO C 18 -49.96 20.93 -6.78
N GLU C 19 -51.30 21.01 -6.74
CA GLU C 19 -52.10 20.39 -7.78
C GLU C 19 -51.79 20.99 -9.15
N GLN C 20 -51.63 22.31 -9.20
CA GLN C 20 -51.27 22.96 -10.45
C GLN C 20 -49.92 22.49 -10.95
N ALA C 21 -48.96 22.34 -10.04
CA ALA C 21 -47.63 21.87 -10.42
C ALA C 21 -47.71 20.46 -11.02
N LEU C 22 -48.47 19.58 -10.38
CA LEU C 22 -48.59 18.21 -10.89
C LEU C 22 -49.24 18.19 -12.26
N ALA C 23 -50.33 18.94 -12.43
CA ALA C 23 -51.01 18.96 -13.73
C ALA C 23 -50.11 19.51 -14.82
N GLU C 24 -49.38 20.59 -14.52
CA GLU C 24 -48.49 21.17 -15.53
C GLU C 24 -47.37 20.21 -15.90
N LEU C 25 -46.78 19.54 -14.90
CA LEU C 25 -45.72 18.59 -15.18
C LEU C 25 -46.22 17.47 -16.08
N GLU C 26 -47.40 16.92 -15.77
CA GLU C 26 -47.94 15.84 -16.59
C GLU C 26 -48.18 16.31 -18.02
N ALA C 27 -48.77 17.51 -18.18
CA ALA C 27 -49.07 18.00 -19.52
C ALA C 27 -47.80 18.20 -20.34
N ARG C 28 -46.78 18.83 -19.72
CA ARG C 28 -45.54 19.08 -20.44
C ARG C 28 -44.86 17.78 -20.86
N TYR C 29 -44.79 16.82 -19.94
CA TYR C 29 -44.14 15.55 -20.27
C TYR C 29 -44.88 14.83 -21.39
N GLU C 30 -46.21 14.81 -21.32
CA GLU C 30 -46.97 14.13 -22.37
C GLU C 30 -46.75 14.80 -23.72
N ALA C 31 -46.75 16.14 -23.75
CA ALA C 31 -46.55 16.84 -25.02
C ALA C 31 -45.19 16.52 -25.61
N SER C 32 -44.14 16.54 -24.78
CA SER C 32 -42.80 16.28 -25.30
C SER C 32 -42.67 14.86 -25.82
N VAL C 33 -43.20 13.88 -25.09
CA VAL C 33 -43.11 12.49 -25.54
C VAL C 33 -43.85 12.29 -26.85
N THR C 34 -45.06 12.85 -26.95
CA THR C 34 -45.82 12.69 -28.18
C THR C 34 -45.10 13.32 -29.37
N ALA C 35 -44.52 14.51 -29.16
CA ALA C 35 -43.79 15.17 -30.24
C ALA C 35 -42.62 14.32 -30.72
N LEU C 36 -41.84 13.78 -29.78
CA LEU C 36 -40.69 12.96 -30.18
C LEU C 36 -41.15 11.70 -30.92
N ARG C 37 -42.22 11.06 -30.44
CA ARG C 37 -42.70 9.86 -31.11
C ARG C 37 -43.13 10.16 -32.54
N LYS C 38 -43.85 11.26 -32.75
CA LYS C 38 -44.29 11.57 -34.11
C LYS C 38 -43.11 11.95 -35.01
N ALA C 39 -42.10 12.63 -34.46
CA ALA C 39 -40.92 12.94 -35.26
C ALA C 39 -40.21 11.67 -35.71
N ILE C 40 -40.05 10.71 -34.80
CA ILE C 40 -39.45 9.44 -35.19
C ILE C 40 -40.29 8.77 -36.27
N GLY C 41 -41.61 8.77 -36.08
CA GLY C 41 -42.48 8.08 -37.02
C GLY C 41 -42.40 8.65 -38.42
N ASP C 42 -42.48 9.98 -38.55
CA ASP C 42 -42.47 10.53 -39.90
C ASP C 42 -41.08 10.55 -40.50
N TYR C 43 -40.01 10.57 -39.69
CA TYR C 43 -38.68 10.36 -40.27
C TYR C 43 -38.57 8.96 -40.86
N ILE C 44 -39.06 7.95 -40.15
CA ILE C 44 -38.99 6.58 -40.68
C ILE C 44 -39.82 6.45 -41.95
N ASP C 45 -41.05 6.98 -41.93
CA ASP C 45 -41.98 6.69 -43.01
C ASP C 45 -41.93 7.68 -44.17
N HIS C 46 -41.19 8.78 -44.05
CA HIS C 46 -41.11 9.73 -45.17
C HIS C 46 -39.74 10.32 -45.39
N ASN C 47 -38.72 9.92 -44.64
CA ASN C 47 -37.36 10.44 -44.80
C ASN C 47 -37.34 11.97 -44.72
N THR C 48 -37.72 12.48 -43.54
CA THR C 48 -37.75 13.90 -43.30
C THR C 48 -37.03 14.22 -41.98
N LEU C 49 -36.45 15.41 -41.91
CA LEU C 49 -35.70 15.83 -40.75
C LEU C 49 -36.43 16.94 -40.01
N PRO C 50 -36.21 17.08 -38.71
CA PRO C 50 -36.83 18.18 -37.96
C PRO C 50 -35.98 19.44 -37.99
N ASP C 51 -36.67 20.58 -37.93
CA ASP C 51 -36.00 21.87 -37.90
C ASP C 51 -35.11 21.98 -36.66
N THR C 52 -33.97 22.64 -36.83
CA THR C 52 -33.04 22.86 -35.73
C THR C 52 -33.37 24.13 -34.94
N GLU C 53 -34.36 24.90 -35.36
CA GLU C 53 -34.76 26.11 -34.66
C GLU C 53 -35.98 25.87 -33.77
N ALA C 54 -37.03 25.25 -34.31
CA ALA C 54 -38.20 24.90 -33.49
C ALA C 54 -37.82 23.88 -32.43
N ARG C 55 -36.99 22.90 -32.79
CA ARG C 55 -36.51 21.94 -31.80
C ARG C 55 -35.73 22.62 -30.68
N ALA C 56 -35.10 23.75 -30.99
CA ALA C 56 -34.39 24.53 -29.97
C ALA C 56 -35.34 25.39 -29.13
N GLU C 57 -36.65 25.29 -29.37
CA GLU C 57 -37.66 25.97 -28.56
C GLU C 57 -38.12 25.11 -27.39
N GLY C 58 -37.26 24.23 -26.90
CA GLY C 58 -37.66 23.28 -25.87
C GLY C 58 -38.70 22.29 -26.33
N LEU C 59 -38.50 21.69 -27.50
CA LEU C 59 -39.53 20.81 -28.06
C LEU C 59 -39.37 19.38 -27.56
N PHE C 60 -38.17 18.98 -27.17
CA PHE C 60 -37.87 17.61 -26.71
C PHE C 60 -37.20 17.64 -25.35
N VAL C 61 -37.73 18.40 -24.39
CA VAL C 61 -37.02 18.62 -23.15
C VAL C 61 -37.85 18.16 -21.95
N TYR C 62 -37.15 17.77 -20.89
CA TYR C 62 -37.80 17.39 -19.65
C TYR C 62 -38.35 18.62 -18.93
N PRO C 63 -39.51 18.51 -18.30
CA PRO C 63 -39.97 19.60 -17.42
C PRO C 63 -39.06 19.73 -16.21
N GLN C 64 -39.01 20.94 -15.65
CA GLN C 64 -38.16 21.25 -14.53
C GLN C 64 -38.97 21.89 -13.41
N LEU C 65 -38.72 21.45 -12.18
CA LEU C 65 -39.43 21.93 -11.00
C LEU C 65 -38.43 22.55 -10.03
N SER C 66 -38.80 23.69 -9.47
CA SER C 66 -37.96 24.41 -8.53
C SER C 66 -38.77 24.89 -7.34
N VAL C 67 -38.17 24.82 -6.16
CA VAL C 67 -38.77 25.37 -4.93
C VAL C 67 -37.75 26.29 -4.27
N SER C 68 -38.23 27.44 -3.82
CA SER C 68 -37.38 28.46 -3.21
C SER C 68 -37.82 28.72 -1.78
N TRP C 69 -36.88 28.62 -0.85
CA TRP C 69 -37.17 28.82 0.57
C TRP C 69 -35.88 29.11 1.35
N ALA C 88 -30.79 28.15 3.16
CA ALA C 88 -31.80 28.87 2.38
C ALA C 88 -31.34 29.05 0.94
N GLY C 89 -32.27 28.96 0.00
CA GLY C 89 -31.96 29.11 -1.40
C GLY C 89 -33.03 28.48 -2.26
N CYS C 90 -32.65 28.18 -3.51
CA CYS C 90 -33.55 27.60 -4.49
C CYS C 90 -33.00 26.26 -4.95
N TYR C 91 -33.90 25.29 -5.11
CA TYR C 91 -33.54 23.93 -5.50
C TYR C 91 -34.32 23.56 -6.76
N THR C 92 -33.63 23.04 -7.77
CA THR C 92 -34.24 22.70 -9.06
C THR C 92 -33.82 21.31 -9.48
N THR C 93 -34.79 20.52 -9.97
CA THR C 93 -34.52 19.23 -10.59
C THR C 93 -35.48 18.98 -11.74
N THR C 94 -35.10 18.05 -12.61
CA THR C 94 -35.88 17.68 -13.77
C THR C 94 -36.68 16.41 -13.48
N ILE C 95 -37.98 16.47 -13.69
CA ILE C 95 -38.89 15.36 -13.39
C ILE C 95 -39.02 14.49 -14.63
N THR C 96 -39.12 13.18 -14.43
CA THR C 96 -39.08 12.21 -15.51
C THR C 96 -40.38 11.47 -15.75
N ASN C 97 -41.19 11.25 -14.71
CA ASN C 97 -42.44 10.49 -14.84
C ASN C 97 -43.41 10.95 -13.79
N PRO C 98 -44.04 12.12 -13.99
CA PRO C 98 -44.88 12.69 -12.94
C PRO C 98 -46.08 11.84 -12.57
N LYS C 99 -46.53 10.95 -13.44
CA LYS C 99 -47.72 10.17 -13.17
C LYS C 99 -47.42 8.90 -12.38
N LEU C 100 -46.15 8.52 -12.26
CA LEU C 100 -45.78 7.36 -11.45
C LEU C 100 -45.39 7.77 -10.03
N PHE C 101 -44.68 8.89 -9.88
CA PHE C 101 -44.27 9.40 -8.58
C PHE C 101 -45.28 10.37 -7.98
N ARG C 102 -46.56 10.22 -8.32
CA ARG C 102 -47.54 11.26 -7.99
C ARG C 102 -47.67 11.46 -6.49
N ASN C 103 -47.90 10.38 -5.74
CA ASN C 103 -48.14 10.52 -4.31
C ASN C 103 -46.92 11.05 -3.58
N TYR C 104 -45.74 10.50 -3.91
CA TYR C 104 -44.50 10.94 -3.26
C TYR C 104 -44.26 12.42 -3.50
N LEU C 105 -44.32 12.85 -4.76
CA LEU C 105 -44.09 14.26 -5.08
C LEU C 105 -45.13 15.14 -4.42
N LEU C 106 -46.40 14.72 -4.42
CA LEU C 106 -47.46 15.54 -3.86
C LEU C 106 -47.27 15.74 -2.36
N GLU C 107 -46.96 14.67 -1.63
CA GLU C 107 -46.80 14.81 -0.19
C GLU C 107 -45.54 15.60 0.15
N GLN C 108 -44.46 15.40 -0.61
CA GLN C 108 -43.25 16.16 -0.34
C GLN C 108 -43.43 17.64 -0.65
N LEU C 109 -44.25 17.97 -1.65
CA LEU C 109 -44.47 19.38 -1.97
C LEU C 109 -45.42 20.02 -0.99
N THR C 110 -46.43 19.28 -0.51
CA THR C 110 -47.34 19.85 0.47
C THR C 110 -46.71 19.94 1.86
N LEU C 111 -45.69 19.12 2.14
CA LEU C 111 -45.02 19.20 3.44
C LEU C 111 -44.13 20.44 3.53
N LEU C 112 -43.71 20.99 2.39
CA LEU C 112 -42.90 22.19 2.35
C LEU C 112 -43.72 23.44 2.02
N TYR C 113 -45.05 23.32 2.03
CA TYR C 113 -45.93 24.45 1.77
C TYR C 113 -46.76 24.83 2.98
N GLN C 114 -46.76 24.00 4.03
CA GLN C 114 -47.48 24.30 5.26
C GLN C 114 -46.57 24.48 6.46
N ASP C 115 -45.28 24.21 6.32
CA ASP C 115 -44.34 24.35 7.43
C ASP C 115 -43.23 25.35 7.15
N TYR C 116 -43.03 25.74 5.89
CA TYR C 116 -41.99 26.69 5.53
C TYR C 116 -42.60 27.75 4.62
N GLY C 117 -41.76 28.68 4.17
CA GLY C 117 -42.17 29.64 3.15
C GLY C 117 -41.42 29.39 1.86
N ALA C 118 -42.11 28.89 0.84
CA ALA C 118 -41.46 28.47 -0.39
C ALA C 118 -42.33 28.83 -1.59
N HIS C 119 -41.67 29.11 -2.70
CA HIS C 119 -42.32 29.38 -3.98
C HIS C 119 -42.00 28.27 -4.96
N ILE C 120 -43.00 27.82 -5.70
CA ILE C 120 -42.92 26.68 -6.59
C ILE C 120 -43.00 27.17 -8.03
N SER C 121 -42.04 26.74 -8.86
CA SER C 121 -42.00 27.13 -10.26
C SER C 121 -41.81 25.90 -11.14
N VAL C 122 -42.50 25.90 -12.28
CA VAL C 122 -42.44 24.80 -13.26
C VAL C 122 -42.11 25.41 -14.62
N GLU C 123 -41.09 24.87 -15.28
CA GLU C 123 -40.65 25.42 -16.55
C GLU C 123 -40.06 24.30 -17.41
N LEU C 124 -39.36 24.67 -18.47
CA LEU C 124 -38.71 23.74 -19.38
C LEU C 124 -37.21 23.78 -19.17
N SER C 125 -36.58 22.60 -19.20
CA SER C 125 -35.14 22.49 -19.03
C SER C 125 -34.46 22.42 -20.40
N GLN C 126 -33.13 22.32 -20.38
CA GLN C 126 -32.33 22.24 -21.59
C GLN C 126 -31.79 20.84 -21.85
N HIS C 127 -32.31 19.83 -21.17
CA HIS C 127 -31.91 18.45 -21.37
C HIS C 127 -32.95 17.72 -22.20
N GLU C 128 -32.49 16.82 -23.07
CA GLU C 128 -33.34 16.19 -24.06
C GLU C 128 -33.61 14.73 -23.72
N ILE C 129 -34.74 14.23 -24.19
CA ILE C 129 -35.18 12.87 -23.91
C ILE C 129 -34.56 11.94 -24.94
N PRO C 130 -33.70 11.00 -24.54
CA PRO C 130 -33.19 10.03 -25.50
C PRO C 130 -34.33 9.21 -26.10
N TYR C 131 -34.20 8.87 -27.38
CA TYR C 131 -35.27 8.17 -28.07
C TYR C 131 -35.50 6.73 -27.60
N PRO C 132 -34.49 5.96 -27.19
CA PRO C 132 -34.78 4.57 -26.78
C PRO C 132 -35.75 4.48 -25.62
N TYR C 133 -35.96 5.56 -24.87
CA TYR C 133 -36.88 5.54 -23.75
C TYR C 133 -38.33 5.81 -24.13
N VAL C 134 -38.60 6.19 -25.38
CA VAL C 134 -39.95 6.60 -25.74
C VAL C 134 -40.58 5.66 -26.77
N ILE C 135 -40.02 4.47 -26.96
CA ILE C 135 -40.49 3.53 -27.96
C ILE C 135 -41.61 2.70 -27.35
N ASP C 136 -42.86 3.10 -27.62
CA ASP C 136 -44.03 2.35 -27.16
C ASP C 136 -45.14 2.29 -28.20
N GLY C 137 -44.89 2.73 -29.44
CA GLY C 137 -45.94 2.71 -30.45
C GLY C 137 -45.46 2.34 -31.82
N SER C 138 -44.19 1.97 -31.95
CA SER C 138 -43.59 1.63 -33.22
C SER C 138 -42.94 0.26 -33.14
N THR C 139 -42.49 -0.23 -34.30
CA THR C 139 -41.76 -1.49 -34.39
C THR C 139 -40.56 -1.26 -35.30
N LEU C 140 -39.37 -1.13 -34.70
CA LEU C 140 -38.17 -0.78 -35.44
C LEU C 140 -37.57 -2.03 -36.07
N THR C 141 -38.19 -2.46 -37.17
CA THR C 141 -37.61 -3.49 -38.03
C THR C 141 -36.73 -2.86 -39.10
N LEU C 142 -35.80 -2.03 -38.66
CA LEU C 142 -35.02 -1.17 -39.53
C LEU C 142 -33.68 -1.81 -39.87
N ASP C 143 -33.19 -1.53 -41.08
CA ASP C 143 -31.87 -1.98 -41.51
C ASP C 143 -30.80 -1.06 -40.92
N ARG C 144 -29.57 -1.20 -41.40
CA ARG C 144 -28.46 -0.46 -40.84
C ARG C 144 -28.57 1.04 -41.15
N SER C 145 -29.07 1.39 -42.33
CA SER C 145 -29.14 2.79 -42.73
C SER C 145 -30.08 3.57 -41.81
N MET C 146 -31.24 3.00 -41.50
CA MET C 146 -32.18 3.70 -40.63
C MET C 146 -31.64 3.83 -39.21
N SER C 147 -30.95 2.79 -38.72
CA SER C 147 -30.36 2.88 -37.39
C SER C 147 -29.28 3.96 -37.35
N ALA C 148 -28.46 4.04 -38.39
CA ALA C 148 -27.45 5.10 -38.44
C ALA C 148 -28.09 6.47 -38.48
N GLY C 149 -29.16 6.63 -39.27
CA GLY C 149 -29.86 7.91 -39.32
C GLY C 149 -30.46 8.29 -37.98
N LEU C 150 -31.05 7.31 -37.29
CA LEU C 150 -31.59 7.57 -35.96
C LEU C 150 -30.51 7.99 -34.99
N THR C 151 -29.36 7.33 -35.04
CA THR C 151 -28.27 7.69 -34.15
C THR C 151 -27.72 9.08 -34.47
N ARG C 152 -27.75 9.48 -35.74
CA ARG C 152 -27.15 10.74 -36.13
C ARG C 152 -28.05 11.95 -35.92
N TYR C 153 -29.33 11.86 -36.30
CA TYR C 153 -30.21 13.02 -36.32
C TYR C 153 -31.10 13.14 -35.09
N PHE C 154 -30.91 12.31 -34.07
CA PHE C 154 -31.83 12.27 -32.95
C PHE C 154 -31.05 12.17 -31.64
N PRO C 155 -31.65 12.61 -30.53
CA PRO C 155 -30.95 12.55 -29.24
C PRO C 155 -30.65 11.12 -28.83
N THR C 156 -29.50 10.93 -28.19
CA THR C 156 -29.06 9.61 -27.76
C THR C 156 -28.49 9.71 -26.35
N THR C 157 -28.12 8.56 -25.80
CA THR C 157 -27.58 8.47 -24.44
C THR C 157 -26.10 8.78 -24.46
N GLU C 158 -25.67 9.66 -23.56
CA GLU C 158 -24.26 9.99 -23.40
C GLU C 158 -23.82 9.60 -21.99
N LEU C 159 -22.73 8.83 -21.90
CA LEU C 159 -22.27 8.32 -20.61
C LEU C 159 -21.62 9.37 -19.73
N SER C 160 -21.36 10.57 -20.25
CA SER C 160 -20.86 11.63 -19.40
C SER C 160 -21.96 12.29 -18.59
N GLN C 161 -23.21 11.91 -18.80
CA GLN C 161 -24.35 12.55 -18.16
C GLN C 161 -24.87 11.79 -16.95
N ILE C 162 -24.96 10.47 -17.03
CA ILE C 162 -25.40 9.67 -15.89
C ILE C 162 -24.23 9.45 -14.94
N GLY C 163 -24.50 9.53 -13.65
CA GLY C 163 -23.47 9.37 -12.65
C GLY C 163 -23.99 8.94 -11.29
N GLU C 175 -31.30 27.44 -7.53
CA GLU C 175 -30.86 27.13 -8.89
C GLU C 175 -29.50 26.44 -8.86
N PHE C 176 -28.92 26.33 -7.67
CA PHE C 176 -27.57 25.82 -7.52
C PHE C 176 -27.46 24.68 -6.52
N TYR C 177 -28.58 24.13 -6.07
CA TYR C 177 -28.57 23.01 -5.13
C TYR C 177 -29.55 21.94 -5.60
N PRO C 178 -29.23 20.67 -5.36
CA PRO C 178 -30.11 19.60 -5.83
C PRO C 178 -31.30 19.40 -4.91
N LEU C 179 -32.47 19.16 -5.53
CA LEU C 179 -33.70 18.97 -4.80
C LEU C 179 -33.99 17.51 -4.48
N SER C 180 -33.42 16.59 -5.25
CA SER C 180 -33.61 15.16 -5.01
C SER C 180 -32.30 14.44 -5.24
N HIS C 181 -32.28 13.16 -4.86
CA HIS C 181 -31.05 12.37 -5.01
C HIS C 181 -30.67 12.20 -6.47
N PHE C 182 -31.65 11.96 -7.35
CA PHE C 182 -31.40 11.61 -8.73
C PHE C 182 -32.12 12.56 -9.68
N ASP C 183 -31.53 12.75 -10.85
CA ASP C 183 -32.15 13.54 -11.91
C ASP C 183 -32.92 12.62 -12.85
N ALA C 184 -33.41 13.16 -13.96
CA ALA C 184 -34.28 12.39 -14.83
C ALA C 184 -33.51 11.37 -15.67
N ARG C 185 -32.31 11.73 -16.12
CA ARG C 185 -31.55 10.85 -17.01
C ARG C 185 -31.03 9.61 -16.31
N ARG C 186 -31.07 9.55 -14.98
CA ARG C 186 -30.71 8.37 -14.22
C ARG C 186 -31.92 7.55 -13.82
N VAL C 187 -32.99 8.21 -13.38
CA VAL C 187 -34.23 7.49 -13.07
C VAL C 187 -34.76 6.78 -14.30
N ASP C 188 -34.70 7.45 -15.46
CA ASP C 188 -35.20 6.82 -16.67
C ASP C 188 -34.28 5.72 -17.15
N PHE C 189 -32.98 5.82 -16.86
CA PHE C 189 -32.05 4.75 -17.19
C PHE C 189 -32.29 3.52 -16.33
N SER C 190 -32.71 3.72 -15.08
CA SER C 190 -32.93 2.60 -14.18
C SER C 190 -34.29 1.94 -14.36
N LEU C 191 -35.32 2.73 -14.68
CA LEU C 191 -36.64 2.15 -14.91
C LEU C 191 -36.69 1.26 -16.13
N ALA C 192 -35.78 1.46 -17.09
CA ALA C 192 -35.75 0.61 -18.27
C ALA C 192 -35.16 -0.76 -17.99
N ARG C 193 -34.32 -0.88 -16.97
CA ARG C 193 -33.72 -2.15 -16.60
C ARG C 193 -34.48 -2.87 -15.49
N LEU C 194 -35.22 -2.14 -14.66
CA LEU C 194 -36.10 -2.82 -13.71
C LEU C 194 -37.09 -3.72 -14.43
N ARG C 195 -37.62 -3.28 -15.56
CA ARG C 195 -38.58 -4.07 -16.30
C ARG C 195 -37.94 -5.25 -17.01
N HIS C 196 -36.63 -5.23 -17.20
CA HIS C 196 -35.95 -6.32 -17.91
C HIS C 196 -35.45 -7.39 -16.95
N TYR C 197 -34.76 -6.99 -15.87
CA TYR C 197 -34.29 -7.97 -14.90
C TYR C 197 -35.46 -8.69 -14.23
N THR C 198 -36.50 -7.96 -13.87
CA THR C 198 -37.58 -8.49 -13.05
C THR C 198 -38.65 -9.18 -13.87
N GLY C 199 -39.25 -8.47 -14.81
CA GLY C 199 -40.32 -9.01 -15.62
C GLY C 199 -41.70 -8.44 -15.35
N THR C 200 -41.81 -7.42 -14.51
CA THR C 200 -43.08 -6.78 -14.19
C THR C 200 -42.96 -5.29 -14.41
N PRO C 201 -44.07 -4.61 -14.68
CA PRO C 201 -44.03 -3.15 -14.84
C PRO C 201 -43.62 -2.46 -13.55
N ALA C 202 -42.96 -1.32 -13.69
CA ALA C 202 -42.49 -0.57 -12.53
C ALA C 202 -43.61 0.10 -11.75
N GLU C 203 -44.84 0.09 -12.26
CA GLU C 203 -45.95 0.70 -11.56
C GLU C 203 -46.53 -0.18 -10.46
N HIS C 204 -46.07 -1.42 -10.35
CA HIS C 204 -46.64 -2.38 -9.41
C HIS C 204 -45.83 -2.53 -8.12
N PHE C 205 -44.61 -2.04 -8.09
CA PHE C 205 -43.73 -2.30 -6.95
C PHE C 205 -44.31 -1.71 -5.67
N GLN C 206 -44.11 -2.42 -4.57
CA GLN C 206 -44.64 -2.08 -3.26
C GLN C 206 -43.51 -1.61 -2.34
N PRO C 207 -43.84 -0.87 -1.28
CA PRO C 207 -42.78 -0.25 -0.46
C PRO C 207 -42.05 -1.19 0.50
N TYR C 208 -42.52 -2.42 0.72
CA TYR C 208 -41.90 -3.34 1.67
C TYR C 208 -41.32 -4.53 0.91
N VAL C 209 -39.99 -4.62 0.84
CA VAL C 209 -39.33 -5.56 -0.05
C VAL C 209 -38.68 -6.68 0.76
N LEU C 210 -38.88 -7.91 0.30
CA LEU C 210 -38.25 -9.10 0.86
C LEU C 210 -37.32 -9.71 -0.17
N PHE C 211 -36.10 -10.07 0.24
CA PHE C 211 -35.14 -10.71 -0.63
C PHE C 211 -34.95 -12.15 -0.18
N THR C 212 -34.88 -13.08 -1.13
CA THR C 212 -34.63 -14.48 -0.84
C THR C 212 -33.59 -15.01 -1.80
N ASN C 213 -33.19 -16.27 -1.59
CA ASN C 213 -32.28 -16.94 -2.52
C ASN C 213 -32.66 -18.40 -2.74
N TYR C 214 -33.81 -18.84 -2.25
CA TYR C 214 -34.19 -20.24 -2.26
C TYR C 214 -35.62 -20.35 -2.74
N THR C 215 -35.84 -21.09 -3.84
CA THR C 215 -37.11 -21.04 -4.54
C THR C 215 -38.28 -21.62 -3.74
N ARG C 216 -38.00 -22.43 -2.72
CA ARG C 216 -39.09 -22.94 -1.88
C ARG C 216 -39.82 -21.80 -1.19
N TYR C 217 -39.10 -20.75 -0.81
CA TYR C 217 -39.74 -19.56 -0.27
C TYR C 217 -40.71 -18.96 -1.28
N VAL C 218 -40.32 -18.95 -2.55
CA VAL C 218 -41.19 -18.42 -3.60
C VAL C 218 -42.47 -19.24 -3.69
N ASP C 219 -42.34 -20.56 -3.66
CA ASP C 219 -43.53 -21.41 -3.71
C ASP C 219 -44.45 -21.15 -2.53
N GLU C 220 -43.87 -21.05 -1.32
CA GLU C 220 -44.68 -20.82 -0.14
C GLU C 220 -45.38 -19.47 -0.22
N PHE C 221 -44.67 -18.44 -0.67
CA PHE C 221 -45.26 -17.10 -0.75
C PHE C 221 -46.40 -17.07 -1.76
N VAL C 222 -46.22 -17.70 -2.92
CA VAL C 222 -47.29 -17.72 -3.92
C VAL C 222 -48.52 -18.44 -3.38
N SER C 223 -48.31 -19.59 -2.73
CA SER C 223 -49.45 -20.33 -2.18
C SER C 223 -50.18 -19.52 -1.11
N TRP C 224 -49.43 -18.91 -0.20
CA TRP C 224 -50.04 -18.13 0.87
C TRP C 224 -50.81 -16.93 0.32
N GLY C 225 -50.24 -16.25 -0.68
CA GLY C 225 -50.93 -15.11 -1.27
C GLY C 225 -52.21 -15.52 -1.98
N CYS C 226 -52.15 -16.60 -2.77
CA CYS C 226 -53.36 -17.07 -3.45
C CYS C 226 -54.42 -17.50 -2.45
N SER C 227 -54.01 -17.99 -1.28
CA SER C 227 -54.99 -18.32 -0.25
C SER C 227 -55.55 -17.07 0.41
N GLN C 228 -54.73 -16.02 0.56
CA GLN C 228 -55.19 -14.81 1.24
C GLN C 228 -56.13 -13.99 0.36
N ILE C 229 -55.93 -14.01 -0.96
CA ILE C 229 -56.76 -13.18 -1.83
C ILE C 229 -58.22 -13.60 -1.75
N LEU C 230 -58.49 -14.90 -1.67
CA LEU C 230 -59.85 -15.40 -1.63
C LEU C 230 -60.60 -15.03 -0.36
N ASP C 231 -59.90 -14.58 0.67
CA ASP C 231 -60.56 -14.20 1.92
C ASP C 231 -61.36 -12.93 1.72
N PRO C 232 -62.67 -12.92 2.01
CA PRO C 232 -63.46 -11.70 1.79
C PRO C 232 -62.98 -10.49 2.58
N ASP C 233 -62.47 -10.69 3.80
CA ASP C 233 -62.00 -9.59 4.65
C ASP C 233 -60.48 -9.66 4.71
N SER C 234 -59.82 -9.03 3.73
CA SER C 234 -58.36 -8.98 3.70
C SER C 234 -57.94 -7.81 2.84
N PRO C 235 -56.89 -7.09 3.19
CA PRO C 235 -56.49 -5.92 2.38
C PRO C 235 -56.11 -6.26 0.96
N TYR C 236 -55.52 -7.43 0.72
CA TYR C 236 -54.99 -7.76 -0.59
C TYR C 236 -56.11 -8.07 -1.57
N ILE C 237 -55.95 -7.62 -2.81
CA ILE C 237 -57.01 -7.75 -3.81
C ILE C 237 -56.50 -8.37 -5.10
N ALA C 238 -55.18 -8.43 -5.28
CA ALA C 238 -54.64 -8.96 -6.53
C ALA C 238 -53.21 -9.43 -6.31
N LEU C 239 -52.77 -10.33 -7.21
CA LEU C 239 -51.40 -10.82 -7.22
C LEU C 239 -50.84 -10.65 -8.61
N SER C 240 -49.62 -10.11 -8.71
CA SER C 240 -48.97 -9.90 -9.99
C SER C 240 -47.69 -10.73 -10.02
N CYS C 241 -47.59 -11.62 -10.99
CA CYS C 241 -46.47 -12.54 -11.09
C CYS C 241 -45.52 -12.12 -12.21
N ALA C 242 -44.30 -12.65 -12.15
CA ALA C 242 -43.32 -12.38 -13.18
C ALA C 242 -43.74 -13.01 -14.49
N GLY C 243 -43.59 -12.27 -15.58
CA GLY C 243 -44.00 -12.73 -16.89
C GLY C 243 -45.31 -12.14 -17.39
N GLY C 244 -46.03 -11.40 -16.55
CA GLY C 244 -47.26 -10.77 -16.98
C GLY C 244 -48.52 -11.57 -16.67
N ILE C 245 -48.67 -12.00 -15.43
CA ILE C 245 -49.84 -12.74 -14.97
C ILE C 245 -50.49 -11.94 -13.86
N TRP C 246 -51.80 -11.72 -13.99
CA TRP C 246 -52.59 -10.90 -13.06
C TRP C 246 -53.72 -11.76 -12.52
N ILE C 247 -53.64 -12.12 -11.24
CA ILE C 247 -54.61 -13.03 -10.63
C ILE C 247 -55.45 -12.25 -9.63
N THR C 248 -56.76 -12.33 -9.79
CA THR C 248 -57.72 -11.69 -8.90
C THR C 248 -58.59 -12.76 -8.27
N ALA C 249 -59.64 -12.33 -7.56
CA ALA C 249 -60.55 -13.25 -6.90
C ALA C 249 -61.63 -13.79 -7.84
N GLU C 250 -61.65 -13.35 -9.10
CA GLU C 250 -62.67 -13.78 -10.05
C GLU C 250 -62.06 -14.48 -11.27
N THR C 251 -60.90 -15.10 -11.09
CA THR C 251 -60.25 -15.85 -12.16
C THR C 251 -60.63 -17.32 -12.05
N GLU C 252 -60.95 -17.93 -13.19
CA GLU C 252 -61.31 -19.34 -13.20
C GLU C 252 -60.15 -20.22 -12.76
N ALA C 253 -58.94 -19.92 -13.24
CA ALA C 253 -57.78 -20.77 -12.98
C ALA C 253 -56.82 -20.08 -12.04
N PRO C 254 -56.68 -20.54 -10.80
CA PRO C 254 -55.58 -20.06 -9.93
C PRO C 254 -54.30 -20.89 -10.03
N GLU C 255 -54.19 -21.80 -10.99
CA GLU C 255 -53.10 -22.76 -11.06
C GLU C 255 -52.10 -22.44 -12.17
N GLN C 256 -51.85 -21.15 -12.41
CA GLN C 256 -50.84 -20.73 -13.36
C GLN C 256 -49.92 -19.64 -12.80
N ALA C 257 -50.02 -19.34 -11.50
CA ALA C 257 -49.18 -18.31 -10.91
C ALA C 257 -47.72 -18.69 -10.95
N ILE C 258 -47.40 -19.94 -10.61
CA ILE C 258 -46.01 -20.38 -10.57
C ILE C 258 -45.72 -21.29 -11.75
N SER C 259 -45.22 -20.71 -12.84
CA SER C 259 -44.81 -21.47 -14.01
C SER C 259 -43.29 -21.50 -14.09
N ASP C 260 -42.78 -22.52 -14.79
CA ASP C 260 -41.34 -22.72 -14.90
C ASP C 260 -40.68 -21.85 -15.96
N LEU C 261 -41.47 -21.18 -16.80
CA LEU C 261 -40.91 -20.32 -17.83
C LEU C 261 -40.32 -19.02 -17.28
N ALA C 262 -40.69 -18.64 -16.06
CA ALA C 262 -40.18 -17.40 -15.49
C ALA C 262 -38.67 -17.44 -15.31
N TRP C 263 -38.14 -18.57 -14.84
CA TRP C 263 -36.72 -18.68 -14.58
C TRP C 263 -35.90 -18.81 -15.85
N LYS C 264 -36.53 -19.16 -16.97
CA LYS C 264 -35.87 -19.16 -18.28
C LYS C 264 -35.43 -17.78 -18.72
N LYS C 265 -36.32 -16.78 -18.66
CA LYS C 265 -36.12 -15.53 -19.37
C LYS C 265 -35.61 -14.41 -18.48
N HIS C 266 -36.04 -14.36 -17.23
CA HIS C 266 -35.72 -13.25 -16.33
C HIS C 266 -34.77 -13.71 -15.24
N GLN C 267 -33.74 -12.92 -15.00
CA GLN C 267 -32.71 -13.33 -14.04
C GLN C 267 -33.23 -13.27 -12.61
N MET C 268 -34.03 -12.26 -12.28
CA MET C 268 -34.46 -12.00 -10.91
C MET C 268 -35.96 -11.75 -10.89
N PRO C 269 -36.77 -12.81 -10.92
CA PRO C 269 -38.22 -12.63 -10.95
C PRO C 269 -38.73 -12.03 -9.65
N ALA C 270 -39.87 -11.35 -9.74
CA ALA C 270 -40.48 -10.74 -8.57
C ALA C 270 -41.98 -10.97 -8.58
N TRP C 271 -42.55 -11.16 -7.39
CA TRP C 271 -43.97 -11.35 -7.19
C TRP C 271 -44.50 -10.25 -6.27
N HIS C 272 -45.55 -9.56 -6.70
CA HIS C 272 -46.13 -8.47 -5.93
C HIS C 272 -47.52 -8.87 -5.46
N LEU C 273 -47.87 -8.46 -4.23
CA LEU C 273 -49.18 -8.77 -3.66
C LEU C 273 -49.87 -7.43 -3.40
N ILE C 274 -50.67 -6.99 -4.36
CA ILE C 274 -51.15 -5.61 -4.39
C ILE C 274 -52.17 -5.37 -3.29
N THR C 275 -52.21 -4.12 -2.81
CA THR C 275 -53.19 -3.66 -1.84
C THR C 275 -53.88 -2.43 -2.43
N HIS C 276 -55.11 -2.18 -1.98
CA HIS C 276 -55.88 -1.06 -2.54
C HIS C 276 -55.22 0.27 -2.26
N ASP C 277 -54.66 0.46 -1.06
CA ASP C 277 -54.01 1.72 -0.71
C ASP C 277 -52.68 1.90 -1.42
N GLY C 278 -51.88 0.84 -1.50
CA GLY C 278 -50.53 0.95 -2.02
C GLY C 278 -49.51 0.45 -1.01
N LYS C 279 -49.97 -0.37 -0.07
CA LYS C 279 -49.13 -0.91 0.99
C LYS C 279 -49.23 -2.43 0.92
N GLY C 280 -48.40 -3.05 0.09
CA GLY C 280 -48.43 -4.48 -0.08
C GLY C 280 -47.10 -5.12 0.25
N ILE C 281 -46.79 -6.26 -0.37
CA ILE C 281 -45.53 -6.95 -0.15
C ILE C 281 -44.96 -7.35 -1.51
N THR C 282 -43.65 -7.16 -1.66
CA THR C 282 -42.92 -7.56 -2.86
C THR C 282 -41.88 -8.59 -2.49
N LEU C 283 -41.78 -9.65 -3.29
CA LEU C 283 -40.78 -10.70 -3.09
C LEU C 283 -39.90 -10.77 -4.32
N ILE C 284 -38.59 -10.68 -4.12
CA ILE C 284 -37.62 -10.70 -5.22
C ILE C 284 -36.65 -11.84 -4.96
N ASN C 285 -36.38 -12.63 -5.98
CA ASN C 285 -35.48 -13.78 -5.89
C ASN C 285 -34.16 -13.39 -6.55
N ILE C 286 -33.28 -12.77 -5.78
CA ILE C 286 -32.07 -12.19 -6.36
C ILE C 286 -31.15 -13.27 -6.92
N GLY C 287 -30.94 -14.36 -6.19
CA GLY C 287 -30.05 -15.42 -6.61
C GLY C 287 -28.94 -15.63 -5.59
N VAL C 288 -27.75 -15.95 -6.10
CA VAL C 288 -26.58 -16.22 -5.26
C VAL C 288 -25.42 -15.36 -5.77
N GLY C 289 -24.79 -14.65 -4.85
CA GLY C 289 -23.64 -13.83 -5.18
C GLY C 289 -23.77 -12.42 -4.67
N PRO C 290 -22.63 -11.79 -4.35
CA PRO C 290 -22.63 -10.40 -3.90
C PRO C 290 -22.62 -9.36 -5.02
N ALA C 291 -22.59 -9.79 -6.28
CA ALA C 291 -22.66 -8.86 -7.40
C ALA C 291 -24.05 -8.75 -8.00
N ASN C 292 -24.93 -9.71 -7.76
CA ASN C 292 -26.32 -9.60 -8.16
C ASN C 292 -27.17 -8.87 -7.13
N ALA C 293 -26.71 -8.77 -5.89
CA ALA C 293 -27.43 -8.06 -4.86
C ALA C 293 -27.09 -6.57 -4.83
N LYS C 294 -26.14 -6.13 -5.64
CA LYS C 294 -25.76 -4.73 -5.73
C LYS C 294 -26.44 -4.02 -6.89
N THR C 295 -26.52 -4.65 -8.06
CA THR C 295 -27.16 -4.00 -9.20
C THR C 295 -28.66 -3.85 -8.98
N ILE C 296 -29.31 -4.86 -8.42
CA ILE C 296 -30.74 -4.73 -8.18
C ILE C 296 -31.02 -3.64 -7.17
N CYS C 297 -30.14 -3.47 -6.16
CA CYS C 297 -30.33 -2.37 -5.21
C CYS C 297 -30.10 -1.03 -5.88
N ASP C 298 -29.10 -0.93 -6.75
CA ASP C 298 -28.88 0.29 -7.51
C ASP C 298 -30.13 0.69 -8.28
N HIS C 299 -30.73 -0.27 -8.98
CA HIS C 299 -31.88 0.04 -9.81
C HIS C 299 -33.16 0.22 -8.99
N LEU C 300 -33.24 -0.37 -7.82
CA LEU C 300 -34.46 -0.31 -7.02
C LEU C 300 -34.48 0.88 -6.08
N ALA C 301 -33.34 1.53 -5.84
CA ALA C 301 -33.31 2.66 -4.93
C ALA C 301 -34.14 3.83 -5.41
N VAL C 302 -34.30 3.98 -6.74
CA VAL C 302 -34.95 5.17 -7.29
C VAL C 302 -36.45 5.18 -7.05
N LEU C 303 -37.04 4.09 -6.56
CA LEU C 303 -38.45 4.06 -6.23
C LEU C 303 -38.73 4.45 -4.79
N ARG C 304 -37.69 4.64 -3.97
CA ARG C 304 -37.80 5.04 -2.57
C ARG C 304 -38.63 4.06 -1.77
N PRO C 305 -38.14 2.84 -1.53
CA PRO C 305 -38.91 1.87 -0.74
C PRO C 305 -38.95 2.25 0.72
N ASP C 306 -39.68 1.48 1.54
CA ASP C 306 -39.76 1.76 2.97
C ASP C 306 -38.90 0.85 3.81
N VAL C 307 -38.67 -0.40 3.39
CA VAL C 307 -37.81 -1.30 4.16
C VAL C 307 -37.36 -2.43 3.24
N TRP C 308 -36.11 -2.85 3.44
CA TRP C 308 -35.51 -4.01 2.79
C TRP C 308 -35.28 -5.08 3.85
N LEU C 309 -35.77 -6.28 3.63
CA LEU C 309 -35.51 -7.39 4.52
C LEU C 309 -34.81 -8.51 3.76
N MET C 310 -33.87 -9.18 4.42
CA MET C 310 -33.15 -10.29 3.83
C MET C 310 -33.51 -11.57 4.58
N ILE C 311 -33.89 -12.60 3.85
CA ILE C 311 -34.31 -13.87 4.42
C ILE C 311 -33.63 -14.98 3.64
N GLY C 312 -32.75 -15.71 4.28
CA GLY C 312 -31.98 -16.73 3.61
C GLY C 312 -31.48 -17.77 4.59
N HIS C 313 -30.35 -18.38 4.23
CA HIS C 313 -29.72 -19.38 5.08
C HIS C 313 -28.21 -19.15 5.08
N CYS C 314 -27.56 -19.62 6.15
CA CYS C 314 -26.13 -19.40 6.34
C CYS C 314 -25.51 -20.70 6.82
N GLY C 315 -24.24 -20.62 7.22
CA GLY C 315 -23.54 -21.75 7.80
C GLY C 315 -22.91 -21.38 9.13
N GLY C 316 -23.34 -22.03 10.19
CA GLY C 316 -22.91 -21.68 11.52
C GLY C 316 -21.42 -21.92 11.75
N LEU C 317 -20.85 -21.12 12.65
CA LEU C 317 -19.44 -21.21 12.99
C LEU C 317 -19.19 -21.52 14.45
N ARG C 318 -20.23 -21.74 15.25
CA ARG C 318 -20.09 -22.04 16.67
C ARG C 318 -20.58 -23.44 16.95
N GLU C 319 -19.92 -24.12 17.89
CA GLU C 319 -20.23 -25.52 18.17
C GLU C 319 -21.59 -25.68 18.83
N SER C 320 -22.07 -24.66 19.54
CA SER C 320 -23.35 -24.77 20.22
C SER C 320 -24.54 -24.70 19.27
N GLN C 321 -24.33 -24.29 18.03
CA GLN C 321 -25.43 -24.10 17.09
C GLN C 321 -25.86 -25.43 16.49
N ALA C 322 -27.18 -25.60 16.34
CA ALA C 322 -27.76 -26.76 15.69
C ALA C 322 -28.52 -26.33 14.45
N ILE C 323 -28.60 -27.24 13.48
CA ILE C 323 -29.30 -26.93 12.22
C ILE C 323 -30.75 -26.59 12.54
N GLY C 324 -31.18 -25.41 12.10
CA GLY C 324 -32.51 -24.92 12.39
C GLY C 324 -32.58 -23.75 13.37
N ASP C 325 -31.45 -23.13 13.69
CA ASP C 325 -31.40 -22.04 14.65
C ASP C 325 -31.25 -20.71 13.92
N TYR C 326 -31.75 -19.65 14.55
CA TYR C 326 -31.83 -18.33 13.92
C TYR C 326 -30.66 -17.45 14.35
N VAL C 327 -30.14 -16.68 13.39
CA VAL C 327 -29.05 -15.75 13.61
C VAL C 327 -29.52 -14.37 13.23
N LEU C 328 -29.24 -13.39 14.08
CA LEU C 328 -29.60 -11.99 13.86
C LEU C 328 -28.32 -11.17 13.90
N ALA C 329 -28.08 -10.41 12.84
CA ALA C 329 -26.82 -9.68 12.70
C ALA C 329 -26.91 -8.32 13.36
N HIS C 330 -25.85 -7.95 14.08
CA HIS C 330 -25.73 -6.60 14.61
C HIS C 330 -24.43 -5.92 14.17
N ALA C 331 -23.66 -6.54 13.29
CA ALA C 331 -22.46 -5.97 12.71
C ALA C 331 -22.03 -6.86 11.56
N TYR C 332 -21.46 -6.25 10.53
CA TYR C 332 -21.09 -6.95 9.32
C TYR C 332 -19.59 -6.78 9.06
N LEU C 333 -18.91 -7.87 8.78
CA LEU C 333 -17.52 -7.86 8.34
C LEU C 333 -17.51 -8.05 6.84
N ARG C 334 -17.07 -7.03 6.11
CA ARG C 334 -17.22 -6.99 4.66
C ARG C 334 -15.96 -7.52 3.99
N ASP C 335 -16.05 -8.72 3.42
CA ASP C 335 -14.97 -9.30 2.62
C ASP C 335 -15.32 -9.38 1.14
N ASP C 336 -16.42 -8.79 0.71
CA ASP C 336 -16.75 -8.71 -0.71
C ASP C 336 -16.11 -7.46 -1.30
N HIS C 337 -15.36 -7.65 -2.37
CA HIS C 337 -14.54 -6.56 -2.90
C HIS C 337 -15.36 -5.50 -3.63
N VAL C 338 -16.63 -5.75 -3.91
CA VAL C 338 -17.48 -4.71 -4.49
C VAL C 338 -17.75 -3.66 -3.43
N LEU C 339 -18.01 -2.43 -3.87
CA LEU C 339 -18.31 -1.27 -3.03
C LEU C 339 -17.13 -0.80 -2.21
N ASP C 340 -15.93 -1.32 -2.45
CA ASP C 340 -14.76 -0.84 -1.73
C ASP C 340 -14.17 0.41 -2.35
N ALA C 341 -14.65 0.83 -3.51
CA ALA C 341 -14.17 2.05 -4.15
C ALA C 341 -15.04 3.26 -3.85
N VAL C 342 -16.27 3.05 -3.39
CA VAL C 342 -17.17 4.15 -3.07
C VAL C 342 -17.50 4.22 -1.60
N LEU C 343 -17.30 3.15 -0.83
CA LEU C 343 -17.56 3.14 0.61
C LEU C 343 -16.50 2.27 1.26
N PRO C 344 -15.37 2.85 1.64
CA PRO C 344 -14.24 2.06 2.13
C PRO C 344 -14.60 1.30 3.38
N PRO C 345 -13.91 0.19 3.67
CA PRO C 345 -14.28 -0.64 4.83
C PRO C 345 -14.07 0.05 6.17
N ASP C 346 -13.40 1.20 6.20
CA ASP C 346 -13.24 1.92 7.46
C ASP C 346 -14.56 2.45 7.98
N ILE C 347 -15.46 2.82 7.08
CA ILE C 347 -16.74 3.43 7.48
C ILE C 347 -17.60 2.38 8.19
N PRO C 348 -18.12 2.66 9.38
CA PRO C 348 -18.92 1.66 10.10
C PRO C 348 -20.38 1.68 9.67
N ILE C 349 -20.94 0.49 9.52
CA ILE C 349 -22.35 0.32 9.16
C ILE C 349 -23.11 -0.09 10.42
N PRO C 350 -23.85 0.81 11.04
CA PRO C 350 -24.56 0.45 12.27
C PRO C 350 -25.79 -0.39 12.03
N SER C 351 -26.55 -0.65 13.08
CA SER C 351 -27.84 -1.33 12.99
C SER C 351 -28.96 -0.36 13.35
N ILE C 352 -30.18 -0.76 13.03
CA ILE C 352 -31.36 0.08 13.24
C ILE C 352 -32.19 -0.56 14.33
N ALA C 353 -32.43 0.20 15.41
CA ALA C 353 -33.06 -0.39 16.60
C ALA C 353 -34.49 -0.83 16.32
N GLU C 354 -35.25 -0.05 15.56
CA GLU C 354 -36.65 -0.38 15.32
C GLU C 354 -36.79 -1.72 14.60
N VAL C 355 -35.98 -1.93 13.56
CA VAL C 355 -36.09 -3.16 12.78
C VAL C 355 -35.69 -4.38 13.62
N GLN C 356 -34.63 -4.26 14.42
CA GLN C 356 -34.20 -5.38 15.25
C GLN C 356 -35.25 -5.70 16.31
N ARG C 357 -35.85 -4.67 16.91
CA ARG C 357 -36.92 -4.92 17.87
C ARG C 357 -38.10 -5.61 17.21
N ALA C 358 -38.47 -5.19 16.00
CA ALA C 358 -39.57 -5.83 15.29
C ALA C 358 -39.27 -7.29 14.98
N LEU C 359 -38.04 -7.58 14.54
CA LEU C 359 -37.68 -8.95 14.23
C LEU C 359 -37.70 -9.83 15.48
N TYR C 360 -37.17 -9.32 16.59
CA TYR C 360 -37.19 -10.09 17.84
C TYR C 360 -38.62 -10.37 18.28
N ASP C 361 -39.49 -9.36 18.24
CA ASP C 361 -40.88 -9.58 18.64
C ASP C 361 -41.57 -10.58 17.73
N ALA C 362 -41.32 -10.48 16.41
CA ALA C 362 -41.96 -11.41 15.48
C ALA C 362 -41.50 -12.84 15.73
N THR C 363 -40.20 -13.04 15.96
CA THR C 363 -39.71 -14.38 16.26
C THR C 363 -40.35 -14.93 17.52
N LYS C 364 -40.42 -14.10 18.57
CA LYS C 364 -41.02 -14.55 19.82
C LYS C 364 -42.48 -14.93 19.63
N GLN C 365 -43.23 -14.12 18.88
CA GLN C 365 -44.66 -14.38 18.72
C GLN C 365 -44.92 -15.60 17.85
N VAL C 366 -44.28 -15.69 16.70
CA VAL C 366 -44.57 -16.77 15.76
C VAL C 366 -44.02 -18.10 16.27
N SER C 367 -42.80 -18.11 16.78
CA SER C 367 -42.19 -19.36 17.24
C SER C 367 -42.96 -19.99 18.38
N GLY C 368 -43.78 -19.22 19.09
CA GLY C 368 -44.60 -19.75 20.15
C GLY C 368 -43.84 -20.26 21.35
N MET C 369 -42.81 -19.54 21.78
CA MET C 369 -42.04 -19.93 22.95
C MET C 369 -41.45 -18.72 23.65
N VAL C 374 -36.79 -18.18 23.80
CA VAL C 374 -36.10 -18.02 22.53
C VAL C 374 -34.63 -17.74 22.75
N LYS C 375 -34.21 -17.77 24.02
CA LYS C 375 -32.83 -17.46 24.37
C LYS C 375 -31.85 -18.50 23.85
N GLN C 376 -32.32 -19.67 23.43
CA GLN C 376 -31.45 -20.75 22.97
C GLN C 376 -31.52 -20.99 21.47
N ARG C 377 -32.66 -20.72 20.83
CA ARG C 377 -32.80 -20.92 19.39
C ARG C 377 -32.46 -19.68 18.58
N LEU C 378 -32.19 -18.55 19.23
CA LEU C 378 -31.94 -17.30 18.55
C LEU C 378 -30.66 -16.67 19.09
N ARG C 379 -29.77 -16.27 18.18
CA ARG C 379 -28.51 -15.66 18.58
C ARG C 379 -28.36 -14.32 17.89
N THR C 380 -27.51 -13.46 18.45
CA THR C 380 -27.20 -12.17 17.88
C THR C 380 -25.68 -12.04 17.76
N GLY C 381 -25.20 -11.66 16.60
CA GLY C 381 -23.77 -11.63 16.40
C GLY C 381 -23.34 -10.97 15.12
N THR C 382 -22.08 -11.22 14.77
CA THR C 382 -21.45 -10.64 13.58
C THR C 382 -21.43 -11.68 12.47
N VAL C 383 -21.90 -11.30 11.28
CA VAL C 383 -21.94 -12.19 10.13
C VAL C 383 -20.87 -11.76 9.13
N VAL C 384 -20.19 -12.75 8.56
CA VAL C 384 -19.18 -12.53 7.54
C VAL C 384 -19.83 -12.66 6.17
N THR C 385 -19.38 -11.86 5.21
CA THR C 385 -19.84 -11.95 3.84
C THR C 385 -18.64 -12.06 2.92
N THR C 386 -18.66 -13.05 2.05
CA THR C 386 -17.53 -13.33 1.16
C THR C 386 -18.05 -13.55 -0.25
N ASP C 387 -17.19 -13.26 -1.23
CA ASP C 387 -17.52 -13.48 -2.63
C ASP C 387 -16.92 -14.76 -3.18
N ASP C 388 -16.37 -15.61 -2.32
CA ASP C 388 -15.72 -16.84 -2.72
C ASP C 388 -16.59 -18.01 -2.25
N ARG C 389 -17.19 -18.72 -3.20
CA ARG C 389 -18.08 -19.82 -2.84
C ARG C 389 -17.33 -21.04 -2.35
N ASN C 390 -16.01 -21.08 -2.50
CA ASN C 390 -15.21 -22.22 -2.07
C ASN C 390 -14.17 -21.78 -1.05
N TRP C 391 -14.58 -21.01 -0.05
CA TRP C 391 -13.63 -20.48 0.92
C TRP C 391 -12.92 -21.58 1.69
N GLU C 392 -13.50 -22.78 1.76
CA GLU C 392 -12.90 -23.86 2.55
C GLU C 392 -11.48 -24.16 2.08
N LEU C 393 -11.26 -24.17 0.77
CA LEU C 393 -9.95 -24.51 0.23
C LEU C 393 -8.88 -23.50 0.64
N ARG C 394 -9.27 -22.33 1.14
CA ARG C 394 -8.30 -21.35 1.62
C ARG C 394 -8.54 -21.02 3.09
N TYR C 395 -9.25 -21.88 3.81
CA TYR C 395 -9.69 -21.56 5.17
C TYR C 395 -8.52 -21.12 6.05
N SER C 396 -7.36 -21.75 5.88
CA SER C 396 -6.24 -21.52 6.78
C SER C 396 -5.82 -20.06 6.80
N ALA C 397 -6.17 -19.28 5.78
CA ALA C 397 -5.94 -17.84 5.87
C ALA C 397 -7.08 -17.15 6.63
N SER C 398 -8.30 -17.30 6.11
CA SER C 398 -9.43 -16.53 6.63
C SER C 398 -9.62 -16.76 8.12
N ALA C 399 -9.18 -17.92 8.62
CA ALA C 399 -9.36 -18.24 10.03
C ALA C 399 -8.90 -17.10 10.91
N LEU C 400 -7.77 -16.48 10.59
CA LEU C 400 -7.27 -15.42 11.46
C LEU C 400 -8.33 -14.34 11.65
N ARG C 401 -8.87 -13.81 10.55
CA ARG C 401 -9.88 -12.77 10.68
C ARG C 401 -11.13 -13.30 11.35
N PHE C 402 -11.49 -14.55 11.08
CA PHE C 402 -12.68 -15.12 11.71
C PHE C 402 -12.54 -15.17 13.23
N ASN C 403 -11.32 -15.06 13.75
CA ASN C 403 -11.11 -15.02 15.18
C ASN C 403 -11.12 -13.61 15.73
N LEU C 404 -10.71 -12.63 14.93
CA LEU C 404 -10.62 -11.27 15.44
C LEU C 404 -11.99 -10.62 15.59
N SER C 405 -12.96 -11.03 14.78
CA SER C 405 -14.27 -10.41 14.77
C SER C 405 -15.33 -11.19 15.52
N ARG C 406 -14.98 -12.34 16.11
CA ARG C 406 -15.92 -13.13 16.89
C ARG C 406 -17.19 -13.42 16.11
N ALA C 407 -17.03 -13.94 14.89
CA ALA C 407 -18.14 -14.15 13.99
C ALA C 407 -19.01 -15.32 14.43
N VAL C 408 -20.27 -15.29 13.99
CA VAL C 408 -21.25 -16.30 14.35
C VAL C 408 -21.78 -17.07 13.15
N ALA C 409 -21.77 -16.50 11.96
CA ALA C 409 -22.29 -17.16 10.78
C ALA C 409 -21.60 -16.59 9.55
N ILE C 410 -21.80 -17.25 8.41
CA ILE C 410 -21.22 -16.82 7.15
C ILE C 410 -22.28 -16.97 6.06
N ASP C 411 -22.37 -15.97 5.18
CA ASP C 411 -23.31 -15.98 4.08
C ASP C 411 -22.69 -15.22 2.91
N MET C 412 -23.50 -14.83 1.94
CA MET C 412 -22.95 -14.27 0.71
C MET C 412 -23.60 -12.98 0.22
N GLU C 413 -24.67 -12.49 0.87
CA GLU C 413 -25.39 -11.34 0.35
C GLU C 413 -25.67 -10.23 1.35
N SER C 414 -25.74 -10.53 2.65
CA SER C 414 -26.35 -9.58 3.60
C SER C 414 -25.56 -8.28 3.71
N ALA C 415 -24.22 -8.35 3.69
CA ALA C 415 -23.44 -7.14 3.88
C ALA C 415 -23.62 -6.16 2.72
N THR C 416 -23.74 -6.68 1.50
CA THR C 416 -23.93 -5.79 0.35
C THR C 416 -25.28 -5.10 0.40
N ILE C 417 -26.33 -5.81 0.80
CA ILE C 417 -27.63 -5.20 0.95
C ILE C 417 -27.61 -4.15 2.06
N ALA C 418 -26.93 -4.43 3.16
CA ALA C 418 -26.82 -3.46 4.23
C ALA C 418 -26.08 -2.21 3.78
N ALA C 419 -24.97 -2.38 3.05
CA ALA C 419 -24.23 -1.22 2.55
C ALA C 419 -25.08 -0.40 1.60
N GLN C 420 -25.80 -1.05 0.70
CA GLN C 420 -26.64 -0.32 -0.25
C GLN C 420 -27.79 0.40 0.46
N GLY C 421 -28.36 -0.22 1.49
CA GLY C 421 -29.38 0.46 2.26
C GLY C 421 -28.84 1.59 3.11
N TYR C 422 -27.55 1.55 3.43
CA TYR C 422 -26.91 2.67 4.10
C TYR C 422 -26.63 3.83 3.16
N ARG C 423 -26.22 3.53 1.92
CA ARG C 423 -25.89 4.59 0.97
C ARG C 423 -27.11 5.38 0.53
N PHE C 424 -28.23 4.70 0.30
CA PHE C 424 -29.43 5.33 -0.23
C PHE C 424 -30.45 5.67 0.84
N ARG C 425 -30.10 5.50 2.11
CA ARG C 425 -30.95 5.86 3.24
C ARG C 425 -32.27 5.09 3.23
N VAL C 426 -32.15 3.77 3.28
CA VAL C 426 -33.30 2.88 3.40
C VAL C 426 -33.09 1.97 4.61
N PRO C 427 -34.08 1.80 5.48
CA PRO C 427 -33.92 0.87 6.60
C PRO C 427 -33.70 -0.56 6.13
N TYR C 428 -32.89 -1.30 6.87
CA TYR C 428 -32.50 -2.64 6.48
C TYR C 428 -32.49 -3.58 7.67
N GLY C 429 -32.60 -4.87 7.40
CA GLY C 429 -32.59 -5.90 8.42
C GLY C 429 -31.99 -7.18 7.86
N THR C 430 -31.98 -8.23 8.69
CA THR C 430 -31.44 -9.52 8.30
C THR C 430 -31.81 -10.55 9.34
N LEU C 431 -32.26 -11.73 8.89
CA LEU C 431 -32.57 -12.83 9.80
C LEU C 431 -32.26 -14.14 9.07
N LEU C 432 -31.21 -14.83 9.50
CA LEU C 432 -30.71 -15.99 8.79
C LEU C 432 -31.02 -17.26 9.58
N CYS C 433 -30.99 -18.39 8.88
CA CYS C 433 -31.28 -19.69 9.47
C CYS C 433 -30.14 -20.66 9.13
N VAL C 434 -29.64 -21.36 10.15
CA VAL C 434 -28.47 -22.22 9.96
C VAL C 434 -28.86 -23.45 9.17
N SER C 435 -28.10 -23.76 8.12
CA SER C 435 -28.37 -24.91 7.28
C SER C 435 -27.29 -25.99 7.34
N ASP C 436 -26.08 -25.64 7.77
CA ASP C 436 -25.03 -26.65 7.92
C ASP C 436 -23.97 -26.14 8.89
N LYS C 437 -23.02 -27.01 9.20
CA LYS C 437 -21.92 -26.70 10.11
C LYS C 437 -20.62 -27.04 9.40
N PRO C 438 -20.08 -26.13 8.59
CA PRO C 438 -18.90 -26.48 7.79
C PRO C 438 -17.70 -26.89 8.63
N LEU C 439 -17.45 -26.22 9.76
CA LEU C 439 -16.23 -26.47 10.51
C LEU C 439 -16.30 -27.68 11.43
N HIS C 440 -17.47 -28.28 11.59
CA HIS C 440 -17.65 -29.41 12.50
C HIS C 440 -18.15 -30.64 11.77
N GLY C 441 -17.86 -30.75 10.48
CA GLY C 441 -18.12 -31.95 9.73
C GLY C 441 -19.58 -32.33 9.56
N GLU C 442 -20.46 -31.35 9.37
CA GLU C 442 -21.85 -31.62 9.01
C GLU C 442 -22.25 -30.83 7.77
N ILE C 443 -21.29 -30.61 6.87
CA ILE C 443 -21.51 -29.72 5.73
C ILE C 443 -22.55 -30.31 4.79
N LYS C 444 -23.49 -29.48 4.34
CA LYS C 444 -24.53 -29.89 3.42
C LYS C 444 -24.65 -28.90 2.27
N LEU C 445 -25.65 -29.08 1.41
CA LEU C 445 -25.84 -28.24 0.24
C LEU C 445 -27.29 -27.76 0.18
N PRO C 446 -27.52 -26.57 -0.37
CA PRO C 446 -28.91 -26.08 -0.51
C PRO C 446 -29.61 -26.82 -1.64
N GLY C 447 -30.70 -27.50 -1.29
CA GLY C 447 -31.46 -28.29 -2.24
C GLY C 447 -31.28 -29.78 -2.11
N GLN C 448 -30.32 -30.24 -1.32
CA GLN C 448 -30.08 -31.66 -1.13
C GLN C 448 -30.88 -32.17 0.07
N ALA C 449 -30.68 -33.43 0.42
CA ALA C 449 -31.44 -34.05 1.50
C ALA C 449 -31.15 -33.37 2.83
N ASN C 450 -32.15 -32.66 3.35
CA ASN C 450 -32.00 -31.93 4.60
C ASN C 450 -33.41 -31.84 5.22
N ARG C 451 -33.69 -32.74 6.17
CA ARG C 451 -35.04 -32.83 6.70
C ARG C 451 -35.29 -31.92 7.90
N PHE C 452 -34.26 -31.28 8.44
CA PHE C 452 -34.44 -30.36 9.56
C PHE C 452 -34.49 -28.90 9.15
N TYR C 453 -33.87 -28.53 8.03
CA TYR C 453 -33.96 -27.19 7.51
C TYR C 453 -35.16 -27.01 6.58
N GLU C 454 -35.60 -28.09 5.92
CA GLU C 454 -36.78 -28.01 5.08
C GLU C 454 -38.06 -27.90 5.89
N GLY C 455 -38.05 -28.34 7.15
CA GLY C 455 -39.21 -28.17 7.99
C GLY C 455 -39.47 -26.71 8.34
N ALA C 456 -38.41 -25.96 8.64
CA ALA C 456 -38.54 -24.56 9.02
C ALA C 456 -38.30 -23.67 7.80
N ILE C 457 -39.19 -23.79 6.83
CA ILE C 457 -39.18 -22.91 5.66
C ILE C 457 -40.55 -22.25 5.55
N SER C 458 -41.57 -22.91 6.05
CA SER C 458 -42.91 -22.34 6.10
C SER C 458 -43.13 -21.51 7.36
N GLU C 459 -42.16 -21.47 8.26
CA GLU C 459 -42.23 -20.67 9.46
C GLU C 459 -41.27 -19.50 9.44
N HIS C 460 -40.12 -19.63 8.78
CA HIS C 460 -39.22 -18.51 8.56
C HIS C 460 -39.92 -17.38 7.81
N LEU C 461 -40.63 -17.75 6.74
CA LEU C 461 -41.36 -16.75 5.96
C LEU C 461 -42.44 -16.08 6.79
N GLN C 462 -43.09 -16.83 7.68
CA GLN C 462 -44.10 -16.22 8.53
C GLN C 462 -43.48 -15.21 9.47
N ILE C 463 -42.28 -15.49 9.98
CA ILE C 463 -41.59 -14.52 10.82
C ILE C 463 -41.28 -13.26 10.03
N GLY C 464 -40.82 -13.41 8.79
CA GLY C 464 -40.56 -12.23 7.98
C GLY C 464 -41.81 -11.40 7.72
N ILE C 465 -42.91 -12.06 7.39
CA ILE C 465 -44.15 -11.34 7.10
C ILE C 465 -44.68 -10.66 8.36
N ARG C 466 -44.57 -11.32 9.51
CA ARG C 466 -44.99 -10.68 10.75
C ARG C 466 -44.13 -9.47 11.08
N ALA C 467 -42.83 -9.54 10.80
CA ALA C 467 -41.98 -8.37 11.00
C ALA C 467 -42.41 -7.22 10.10
N ILE C 468 -42.74 -7.52 8.84
CA ILE C 468 -43.23 -6.48 7.94
C ILE C 468 -44.51 -5.86 8.49
N ASP C 469 -45.41 -6.70 9.00
CA ASP C 469 -46.67 -6.20 9.54
C ASP C 469 -46.44 -5.30 10.75
N LEU C 470 -45.55 -5.70 11.65
CA LEU C 470 -45.28 -4.89 12.83
C LEU C 470 -44.63 -3.55 12.45
N LEU C 471 -43.74 -3.57 11.46
CA LEU C 471 -43.13 -2.33 11.00
C LEU C 471 -44.16 -1.41 10.36
N ARG C 472 -45.10 -1.97 9.60
CA ARG C 472 -46.12 -1.15 8.96
C ARG C 472 -47.08 -0.56 9.98
N ALA C 473 -47.40 -1.32 11.04
CA ALA C 473 -48.41 -0.88 12.00
C ALA C 473 -48.03 0.44 12.66
N GLU C 474 -46.76 0.60 13.00
CA GLU C 474 -46.28 1.81 13.66
C GLU C 474 -45.69 2.76 12.62
N GLY C 475 -46.06 4.03 12.71
CA GLY C 475 -45.60 5.03 11.76
C GLY C 475 -46.18 4.83 10.38
N ASN C 487 -25.81 18.47 4.04
CA ASN C 487 -26.02 18.30 2.60
C ASN C 487 -27.12 17.29 2.31
N GLU C 488 -28.23 17.41 3.04
CA GLU C 488 -29.36 16.51 2.87
C GLU C 488 -30.38 17.13 1.93
N PRO C 489 -30.67 16.51 0.78
CA PRO C 489 -31.74 17.03 -0.09
C PRO C 489 -33.06 17.09 0.66
N PRO C 490 -33.86 18.13 0.41
CA PRO C 490 -35.12 18.30 1.17
C PRO C 490 -36.14 17.20 0.96
N PHE C 491 -36.10 16.47 -0.15
CA PHE C 491 -36.99 15.32 -0.31
C PHE C 491 -36.47 14.12 0.46
N ARG C 492 -37.38 13.42 1.13
CA ARG C 492 -37.03 12.25 1.90
C ARG C 492 -37.10 10.97 1.07
N LEU D 16 5.26 -53.93 -11.76
CA LEU D 16 3.96 -54.54 -12.04
C LEU D 16 3.39 -54.04 -13.38
N THR D 17 2.75 -54.93 -14.10
CA THR D 17 2.01 -54.51 -15.28
C THR D 17 0.83 -53.64 -14.85
N PRO D 18 0.50 -52.59 -15.59
CA PRO D 18 -0.55 -51.66 -15.13
C PRO D 18 -1.90 -52.31 -14.92
N GLU D 19 -2.21 -53.39 -15.64
CA GLU D 19 -3.51 -54.04 -15.48
C GLU D 19 -3.68 -54.56 -14.06
N GLN D 20 -2.63 -55.15 -13.50
CA GLN D 20 -2.69 -55.62 -12.11
C GLN D 20 -2.94 -54.46 -11.15
N ALA D 21 -2.27 -53.33 -11.39
CA ALA D 21 -2.48 -52.17 -10.53
C ALA D 21 -3.92 -51.68 -10.58
N LEU D 22 -4.49 -51.62 -11.79
CA LEU D 22 -5.87 -51.17 -11.91
C LEU D 22 -6.83 -52.12 -11.20
N ALA D 23 -6.66 -53.43 -11.42
CA ALA D 23 -7.54 -54.40 -10.78
C ALA D 23 -7.44 -54.32 -9.26
N GLU D 24 -6.22 -54.22 -8.74
CA GLU D 24 -6.04 -54.15 -7.29
C GLU D 24 -6.66 -52.88 -6.72
N LEU D 25 -6.48 -51.75 -7.40
CA LEU D 25 -7.08 -50.50 -6.92
C LEU D 25 -8.59 -50.61 -6.87
N GLU D 26 -9.19 -51.15 -7.93
CA GLU D 26 -10.65 -51.28 -7.95
C GLU D 26 -11.13 -52.19 -6.82
N ALA D 27 -10.45 -53.33 -6.62
CA ALA D 27 -10.88 -54.26 -5.58
C ALA D 27 -10.79 -53.63 -4.19
N ARG D 28 -9.68 -52.96 -3.90
CA ARG D 28 -9.51 -52.35 -2.59
C ARG D 28 -10.56 -51.27 -2.34
N TYR D 29 -10.79 -50.41 -3.33
CA TYR D 29 -11.77 -49.34 -3.14
C TYR D 29 -13.16 -49.91 -2.92
N GLU D 30 -13.54 -50.93 -3.70
CA GLU D 30 -14.86 -51.52 -3.52
C GLU D 30 -15.01 -52.14 -2.14
N ALA D 31 -13.98 -52.85 -1.68
CA ALA D 31 -14.05 -53.47 -0.36
C ALA D 31 -14.23 -52.43 0.73
N SER D 32 -13.45 -51.34 0.67
CA SER D 32 -13.54 -50.32 1.71
C SER D 32 -14.91 -49.64 1.71
N VAL D 33 -15.43 -49.32 0.52
CA VAL D 33 -16.74 -48.66 0.46
C VAL D 33 -17.84 -49.57 1.00
N THR D 34 -17.81 -50.85 0.61
CA THR D 34 -18.82 -51.77 1.10
C THR D 34 -18.76 -51.93 2.61
N ALA D 35 -17.54 -52.01 3.17
CA ALA D 35 -17.41 -52.14 4.61
C ALA D 35 -17.99 -50.93 5.33
N LEU D 36 -17.67 -49.71 4.85
CA LEU D 36 -18.21 -48.52 5.50
C LEU D 36 -19.72 -48.47 5.41
N ARG D 37 -20.28 -48.82 4.24
CA ARG D 37 -21.73 -48.80 4.11
C ARG D 37 -22.40 -49.76 5.08
N LYS D 38 -21.86 -50.97 5.21
CA LYS D 38 -22.49 -51.92 6.13
C LYS D 38 -22.33 -51.49 7.59
N ALA D 39 -21.20 -50.86 7.94
CA ALA D 39 -21.05 -50.36 9.30
C ALA D 39 -22.08 -49.28 9.60
N ILE D 40 -22.29 -48.35 8.67
CA ILE D 40 -23.33 -47.35 8.88
C ILE D 40 -24.69 -48.02 9.03
N GLY D 41 -24.98 -48.99 8.16
CA GLY D 41 -26.28 -49.63 8.20
C GLY D 41 -26.58 -50.32 9.51
N ASP D 42 -25.63 -51.12 10.00
CA ASP D 42 -25.92 -51.84 11.23
C ASP D 42 -25.82 -50.95 12.47
N TYR D 43 -25.05 -49.85 12.42
CA TYR D 43 -25.15 -48.88 13.52
C TYR D 43 -26.54 -48.26 13.57
N ILE D 44 -27.10 -47.89 12.41
CA ILE D 44 -28.43 -47.29 12.42
C ILE D 44 -29.47 -48.30 12.89
N ASP D 45 -29.40 -49.53 12.39
CA ASP D 45 -30.49 -50.47 12.63
C ASP D 45 -30.33 -51.33 13.87
N HIS D 46 -29.18 -51.28 14.56
CA HIS D 46 -29.02 -52.07 15.76
C HIS D 46 -28.27 -51.38 16.88
N ASN D 47 -27.88 -50.12 16.73
CA ASN D 47 -27.16 -49.37 17.75
C ASN D 47 -25.91 -50.13 18.21
N THR D 48 -24.99 -50.31 17.28
CA THR D 48 -23.73 -50.99 17.55
C THR D 48 -22.57 -50.16 17.01
N LEU D 49 -21.43 -50.29 17.68
CA LEU D 49 -20.24 -49.54 17.32
C LEU D 49 -19.18 -50.46 16.73
N PRO D 50 -18.29 -49.93 15.88
CA PRO D 50 -17.20 -50.75 15.35
C PRO D 50 -15.97 -50.74 16.24
N ASP D 51 -15.25 -51.86 16.20
CA ASP D 51 -14.02 -51.99 16.98
C ASP D 51 -13.01 -50.94 16.54
N THR D 52 -12.24 -50.44 17.50
CA THR D 52 -11.19 -49.48 17.23
C THR D 52 -9.87 -50.12 16.86
N GLU D 53 -9.78 -51.44 16.91
CA GLU D 53 -8.57 -52.17 16.54
C GLU D 53 -8.62 -52.71 15.12
N ALA D 54 -9.71 -53.40 14.78
CA ALA D 54 -9.89 -53.86 13.40
C ALA D 54 -10.00 -52.69 12.44
N ARG D 55 -10.72 -51.64 12.84
CA ARG D 55 -10.80 -50.43 12.02
C ARG D 55 -9.42 -49.81 11.80
N ALA D 56 -8.52 -50.00 12.76
CA ALA D 56 -7.14 -49.52 12.61
C ALA D 56 -6.29 -50.44 11.74
N GLU D 57 -6.88 -51.50 11.18
CA GLU D 57 -6.21 -52.38 10.23
C GLU D 57 -6.37 -51.91 8.79
N GLY D 58 -6.55 -50.61 8.58
CA GLY D 58 -6.84 -50.10 7.25
C GLY D 58 -8.18 -50.55 6.72
N LEU D 59 -9.23 -50.47 7.53
CA LEU D 59 -10.53 -51.00 7.13
C LEU D 59 -11.33 -49.97 6.34
N PHE D 60 -11.09 -48.68 6.56
CA PHE D 60 -11.82 -47.59 5.91
C PHE D 60 -10.86 -46.63 5.22
N VAL D 61 -9.90 -47.13 4.46
CA VAL D 61 -8.84 -46.27 3.95
C VAL D 61 -8.80 -46.30 2.43
N TYR D 62 -8.31 -45.20 1.86
CA TYR D 62 -8.13 -45.10 0.42
C TYR D 62 -6.94 -45.94 -0.03
N PRO D 63 -7.01 -46.59 -1.18
CA PRO D 63 -5.82 -47.23 -1.74
C PRO D 63 -4.78 -46.19 -2.14
N GLN D 64 -3.52 -46.61 -2.14
CA GLN D 64 -2.41 -45.71 -2.44
C GLN D 64 -1.55 -46.33 -3.53
N LEU D 65 -1.14 -45.50 -4.49
CA LEU D 65 -0.34 -45.91 -5.62
C LEU D 65 0.97 -45.14 -5.63
N SER D 66 2.07 -45.84 -5.88
CA SER D 66 3.40 -45.24 -5.91
C SER D 66 4.19 -45.75 -7.11
N VAL D 67 4.95 -44.85 -7.72
CA VAL D 67 5.87 -45.20 -8.81
C VAL D 67 7.25 -44.67 -8.46
N SER D 68 8.27 -45.49 -8.68
CA SER D 68 9.64 -45.16 -8.35
C SER D 68 10.49 -45.17 -9.61
N TRP D 69 11.20 -44.07 -9.85
CA TRP D 69 12.05 -43.93 -11.03
C TRP D 69 13.08 -42.82 -10.85
N ALA D 88 14.80 -37.72 -9.81
CA ALA D 88 14.64 -39.14 -9.51
C ALA D 88 14.14 -39.34 -8.09
N GLY D 89 13.28 -40.34 -7.91
CA GLY D 89 12.73 -40.62 -6.59
C GLY D 89 11.45 -41.42 -6.72
N CYS D 90 10.66 -41.38 -5.66
CA CYS D 90 9.40 -42.10 -5.58
C CYS D 90 8.25 -41.13 -5.38
N TYR D 91 7.13 -41.38 -6.06
CA TYR D 91 5.96 -40.52 -6.03
C TYR D 91 4.77 -41.36 -5.59
N THR D 92 4.01 -40.87 -4.61
CA THR D 92 2.86 -41.59 -4.07
C THR D 92 1.65 -40.68 -3.97
N THR D 93 0.49 -41.19 -4.38
CA THR D 93 -0.78 -40.51 -4.19
C THR D 93 -1.89 -41.51 -3.91
N THR D 94 -2.99 -41.01 -3.33
CA THR D 94 -4.14 -41.82 -2.99
C THR D 94 -5.21 -41.68 -4.06
N ILE D 95 -5.66 -42.81 -4.59
CA ILE D 95 -6.63 -42.85 -5.68
C ILE D 95 -8.03 -42.91 -5.09
N THR D 96 -8.98 -42.23 -5.73
CA THR D 96 -10.33 -42.06 -5.20
C THR D 96 -11.42 -42.77 -5.97
N ASN D 97 -11.27 -42.96 -7.27
CA ASN D 97 -12.30 -43.58 -8.10
C ASN D 97 -11.64 -44.26 -9.29
N PRO D 98 -11.02 -45.42 -9.08
CA PRO D 98 -10.24 -46.04 -10.16
C PRO D 98 -11.06 -46.42 -11.38
N LYS D 99 -12.37 -46.60 -11.24
CA LYS D 99 -13.19 -47.03 -12.36
C LYS D 99 -13.66 -45.88 -13.23
N LEU D 100 -13.52 -44.64 -12.76
CA LEU D 100 -13.88 -43.48 -13.57
C LEU D 100 -12.67 -42.91 -14.32
N PHE D 101 -11.50 -42.89 -13.68
CA PHE D 101 -10.27 -42.41 -14.29
C PHE D 101 -9.48 -43.52 -14.97
N ARG D 102 -10.15 -44.56 -15.46
CA ARG D 102 -9.45 -45.76 -15.89
C ARG D 102 -8.51 -45.48 -17.06
N ASN D 103 -9.02 -44.85 -18.12
CA ASN D 103 -8.20 -44.65 -19.32
C ASN D 103 -7.03 -43.72 -19.02
N TYR D 104 -7.29 -42.62 -18.33
CA TYR D 104 -6.23 -41.66 -18.01
C TYR D 104 -5.12 -42.30 -17.20
N LEU D 105 -5.50 -42.99 -16.12
CA LEU D 105 -4.50 -43.66 -15.27
C LEU D 105 -3.74 -44.73 -16.07
N LEU D 106 -4.45 -45.50 -16.88
CA LEU D 106 -3.81 -46.58 -17.62
C LEU D 106 -2.78 -46.05 -18.60
N GLU D 107 -3.14 -45.00 -19.36
CA GLU D 107 -2.19 -44.48 -20.34
C GLU D 107 -1.02 -43.78 -19.65
N GLN D 108 -1.28 -43.08 -18.54
CA GLN D 108 -0.18 -42.43 -17.85
C GLN D 108 0.77 -43.44 -17.22
N LEU D 109 0.24 -44.59 -16.76
CA LEU D 109 1.10 -45.60 -16.17
C LEU D 109 1.87 -46.37 -17.24
N THR D 110 1.25 -46.62 -18.40
CA THR D 110 1.97 -47.31 -19.46
C THR D 110 2.98 -46.40 -20.16
N LEU D 111 2.79 -45.09 -20.10
CA LEU D 111 3.76 -44.18 -20.71
C LEU D 111 5.04 -44.09 -19.88
N LEU D 112 4.97 -44.42 -18.59
CA LEU D 112 6.13 -44.42 -17.71
C LEU D 112 6.70 -45.82 -17.51
N TYR D 113 6.22 -46.81 -18.26
CA TYR D 113 6.70 -48.17 -18.17
C TYR D 113 7.42 -48.63 -19.42
N GLN D 114 7.34 -47.86 -20.50
CA GLN D 114 8.02 -48.17 -21.74
C GLN D 114 9.09 -47.16 -22.12
N ASP D 115 9.18 -46.04 -21.40
CA ASP D 115 10.18 -45.01 -21.71
C ASP D 115 11.13 -44.76 -20.55
N TYR D 116 10.81 -45.21 -19.35
CA TYR D 116 11.67 -45.01 -18.19
C TYR D 116 11.83 -46.34 -17.47
N GLY D 117 12.55 -46.30 -16.35
CA GLY D 117 12.63 -47.45 -15.46
C GLY D 117 11.96 -47.17 -14.14
N ALA D 118 10.80 -47.78 -13.90
CA ALA D 118 9.99 -47.45 -12.74
C ALA D 118 9.36 -48.72 -12.17
N HIS D 119 9.18 -48.71 -10.85
CA HIS D 119 8.50 -49.79 -10.14
C HIS D 119 7.19 -49.27 -9.57
N ILE D 120 6.14 -50.07 -9.69
CA ILE D 120 4.78 -49.70 -9.33
C ILE D 120 4.36 -50.49 -8.10
N SER D 121 3.85 -49.79 -7.08
CA SER D 121 3.40 -50.41 -5.86
C SER D 121 2.02 -49.92 -5.48
N VAL D 122 1.18 -50.82 -4.98
CA VAL D 122 -0.18 -50.52 -4.55
C VAL D 122 -0.35 -51.03 -3.13
N GLU D 123 -0.84 -50.16 -2.24
CA GLU D 123 -0.97 -50.52 -0.84
C GLU D 123 -2.15 -49.75 -0.23
N LEU D 124 -2.22 -49.74 1.09
CA LEU D 124 -3.26 -49.04 1.83
C LEU D 124 -2.68 -47.80 2.50
N SER D 125 -3.43 -46.71 2.47
CA SER D 125 -3.01 -45.46 3.08
C SER D 125 -3.61 -45.33 4.48
N GLN D 126 -3.28 -44.22 5.15
CA GLN D 126 -3.77 -43.95 6.49
C GLN D 126 -4.85 -42.88 6.52
N HIS D 127 -5.42 -42.54 5.37
CA HIS D 127 -6.50 -41.57 5.29
C HIS D 127 -7.84 -42.29 5.13
N GLU D 128 -8.88 -41.74 5.74
CA GLU D 128 -10.17 -42.40 5.84
C GLU D 128 -11.21 -41.74 4.94
N ILE D 129 -12.19 -42.53 4.54
CA ILE D 129 -13.23 -42.08 3.62
C ILE D 129 -14.35 -41.44 4.44
N PRO D 130 -14.61 -40.15 4.29
CA PRO D 130 -15.76 -39.55 4.98
C PRO D 130 -17.05 -40.21 4.55
N TYR D 131 -17.98 -40.35 5.49
CA TYR D 131 -19.22 -41.06 5.21
C TYR D 131 -20.17 -40.34 4.24
N PRO D 132 -20.24 -39.01 4.22
CA PRO D 132 -21.19 -38.37 3.28
C PRO D 132 -20.93 -38.72 1.83
N TYR D 133 -19.74 -39.19 1.50
CA TYR D 133 -19.41 -39.54 0.12
C TYR D 133 -19.83 -40.95 -0.27
N VAL D 134 -20.28 -41.77 0.67
CA VAL D 134 -20.56 -43.17 0.35
C VAL D 134 -22.04 -43.51 0.50
N ILE D 135 -22.91 -42.51 0.54
CA ILE D 135 -24.34 -42.73 0.76
C ILE D 135 -24.98 -42.98 -0.60
N ASP D 136 -25.17 -44.26 -0.93
CA ASP D 136 -25.86 -44.63 -2.17
C ASP D 136 -26.80 -45.83 -1.99
N GLY D 137 -27.06 -46.27 -0.76
CA GLY D 137 -27.93 -47.40 -0.55
C GLY D 137 -28.84 -47.28 0.65
N SER D 138 -28.81 -46.13 1.31
CA SER D 138 -29.59 -45.90 2.51
C SER D 138 -30.45 -44.65 2.34
N THR D 139 -31.32 -44.41 3.31
CA THR D 139 -32.15 -43.21 3.36
C THR D 139 -32.11 -42.68 4.79
N LEU D 140 -31.35 -41.62 5.01
CA LEU D 140 -31.11 -41.09 6.36
C LEU D 140 -32.27 -40.18 6.75
N THR D 141 -33.39 -40.79 7.12
CA THR D 141 -34.50 -40.09 7.75
C THR D 141 -34.33 -40.08 9.26
N LEU D 142 -33.16 -39.62 9.70
CA LEU D 142 -32.73 -39.75 11.09
C LEU D 142 -33.02 -38.47 11.86
N ASP D 143 -33.31 -38.63 13.15
CA ASP D 143 -33.52 -37.50 14.04
C ASP D 143 -32.17 -36.94 14.48
N ARG D 144 -32.18 -36.06 15.47
CA ARG D 144 -30.96 -35.38 15.88
C ARG D 144 -29.99 -36.34 16.55
N SER D 145 -30.51 -37.31 17.32
CA SER D 145 -29.64 -38.23 18.05
C SER D 145 -28.80 -39.07 17.10
N MET D 146 -29.41 -39.60 16.04
CA MET D 146 -28.67 -40.41 15.09
C MET D 146 -27.65 -39.58 14.33
N SER D 147 -27.99 -38.34 13.98
CA SER D 147 -27.02 -37.49 13.30
C SER D 147 -25.83 -37.18 14.21
N ALA D 148 -26.08 -36.92 15.49
CA ALA D 148 -24.99 -36.70 16.44
C ALA D 148 -24.12 -37.93 16.57
N GLY D 149 -24.75 -39.11 16.66
CA GLY D 149 -23.97 -40.34 16.74
C GLY D 149 -23.11 -40.58 15.51
N LEU D 150 -23.67 -40.30 14.32
CA LEU D 150 -22.91 -40.44 13.09
C LEU D 150 -21.74 -39.48 13.08
N THR D 151 -21.95 -38.24 13.51
CA THR D 151 -20.85 -37.29 13.54
C THR D 151 -19.78 -37.69 14.55
N ARG D 152 -20.17 -38.34 15.64
CA ARG D 152 -19.21 -38.64 16.69
C ARG D 152 -18.41 -39.91 16.44
N TYR D 153 -19.07 -41.00 16.01
CA TYR D 153 -18.42 -42.30 15.93
C TYR D 153 -17.92 -42.66 14.54
N PHE D 154 -17.96 -41.74 13.58
CA PHE D 154 -17.65 -42.08 12.20
C PHE D 154 -16.79 -40.99 11.58
N PRO D 155 -16.00 -41.33 10.55
CA PRO D 155 -15.15 -40.32 9.92
C PRO D 155 -15.97 -39.21 9.28
N THR D 156 -15.43 -37.99 9.34
CA THR D 156 -16.10 -36.81 8.81
C THR D 156 -15.08 -35.96 8.06
N THR D 157 -15.58 -34.88 7.46
CA THR D 157 -14.76 -33.98 6.67
C THR D 157 -14.08 -32.97 7.59
N GLU D 158 -12.77 -32.79 7.43
CA GLU D 158 -12.01 -31.80 8.18
C GLU D 158 -11.43 -30.80 7.20
N LEU D 159 -11.66 -29.50 7.46
CA LEU D 159 -11.23 -28.45 6.54
C LEU D 159 -9.73 -28.20 6.57
N SER D 160 -9.00 -28.78 7.50
CA SER D 160 -7.55 -28.67 7.48
C SER D 160 -6.92 -29.62 6.47
N GLN D 161 -7.70 -30.48 5.83
CA GLN D 161 -7.18 -31.50 4.94
C GLN D 161 -7.27 -31.11 3.47
N ILE D 162 -8.38 -30.52 3.03
CA ILE D 162 -8.51 -30.08 1.65
C ILE D 162 -7.82 -28.72 1.49
N GLY D 163 -7.13 -28.56 0.37
CA GLY D 163 -6.41 -27.33 0.09
C GLY D 163 -6.17 -27.08 -1.38
N GLU D 175 8.27 -41.25 -2.06
CA GLU D 175 7.42 -41.18 -0.89
C GLU D 175 7.28 -39.75 -0.40
N PHE D 176 8.02 -38.84 -1.05
CA PHE D 176 8.10 -37.46 -0.59
C PHE D 176 7.78 -36.45 -1.70
N TYR D 177 7.26 -36.90 -2.83
CA TYR D 177 6.90 -36.01 -3.92
C TYR D 177 5.52 -36.37 -4.44
N PRO D 178 4.74 -35.38 -4.88
CA PRO D 178 3.38 -35.67 -5.35
C PRO D 178 3.38 -36.20 -6.78
N LEU D 179 2.52 -37.19 -7.00
CA LEU D 179 2.40 -37.84 -8.31
C LEU D 179 1.34 -37.20 -9.20
N SER D 180 0.37 -36.52 -8.60
CA SER D 180 -0.68 -35.85 -9.36
C SER D 180 -0.99 -34.51 -8.71
N HIS D 181 -1.78 -33.70 -9.41
CA HIS D 181 -2.12 -32.38 -8.91
C HIS D 181 -2.93 -32.46 -7.62
N PHE D 182 -3.89 -33.40 -7.56
CA PHE D 182 -4.85 -33.47 -6.47
C PHE D 182 -4.83 -34.84 -5.82
N ASP D 183 -5.14 -34.86 -4.52
CA ASP D 183 -5.27 -36.11 -3.78
C ASP D 183 -6.74 -36.54 -3.78
N ALA D 184 -7.07 -37.57 -3.01
CA ALA D 184 -8.41 -38.15 -3.06
C ALA D 184 -9.43 -37.28 -2.33
N ARG D 185 -9.04 -36.67 -1.22
CA ARG D 185 -9.99 -35.91 -0.41
C ARG D 185 -10.44 -34.62 -1.09
N ARG D 186 -9.77 -34.18 -2.15
CA ARG D 186 -10.19 -33.03 -2.94
C ARG D 186 -10.96 -33.42 -4.19
N VAL D 187 -10.53 -34.47 -4.88
CA VAL D 187 -11.27 -34.97 -6.02
C VAL D 187 -12.66 -35.42 -5.59
N ASP D 188 -12.75 -36.10 -4.45
CA ASP D 188 -14.05 -36.57 -3.99
C ASP D 188 -14.91 -35.43 -3.50
N PHE D 189 -14.28 -34.35 -2.99
CA PHE D 189 -15.03 -33.18 -2.58
C PHE D 189 -15.60 -32.44 -3.78
N SER D 190 -14.89 -32.47 -4.91
CA SER D 190 -15.35 -31.76 -6.10
C SER D 190 -16.36 -32.56 -6.92
N LEU D 191 -16.22 -33.89 -6.96
CA LEU D 191 -17.18 -34.70 -7.70
C LEU D 191 -18.57 -34.67 -7.08
N ALA D 192 -18.66 -34.37 -5.77
CA ALA D 192 -19.96 -34.29 -5.13
C ALA D 192 -20.72 -33.02 -5.49
N ARG D 193 -20.00 -31.96 -5.86
CA ARG D 193 -20.63 -30.70 -6.24
C ARG D 193 -20.81 -30.57 -7.75
N LEU D 194 -19.99 -31.25 -8.55
CA LEU D 194 -20.28 -31.29 -9.99
C LEU D 194 -21.67 -31.83 -10.27
N ARG D 195 -22.08 -32.86 -9.53
CA ARG D 195 -23.40 -33.44 -9.75
C ARG D 195 -24.52 -32.55 -9.24
N HIS D 196 -24.23 -31.58 -8.38
CA HIS D 196 -25.27 -30.72 -7.84
C HIS D 196 -25.44 -29.45 -8.66
N TYR D 197 -24.34 -28.76 -8.99
CA TYR D 197 -24.44 -27.56 -9.81
C TYR D 197 -24.98 -27.89 -11.19
N THR D 198 -24.51 -28.98 -11.80
CA THR D 198 -24.80 -29.28 -13.19
C THR D 198 -26.10 -30.04 -13.37
N GLY D 199 -26.24 -31.18 -12.72
CA GLY D 199 -27.41 -32.02 -12.86
C GLY D 199 -27.22 -33.31 -13.61
N THR D 200 -26.00 -33.65 -14.00
CA THR D 200 -25.70 -34.87 -14.72
C THR D 200 -24.60 -35.63 -13.98
N PRO D 201 -24.55 -36.96 -14.15
CA PRO D 201 -23.48 -37.73 -13.51
C PRO D 201 -22.11 -37.34 -14.06
N ALA D 202 -21.09 -37.48 -13.21
CA ALA D 202 -19.74 -37.10 -13.61
C ALA D 202 -19.12 -38.08 -14.60
N GLU D 203 -19.76 -39.22 -14.86
CA GLU D 203 -19.22 -40.19 -15.80
C GLU D 203 -19.49 -39.81 -17.26
N HIS D 204 -20.27 -38.77 -17.51
CA HIS D 204 -20.67 -38.42 -18.87
C HIS D 204 -19.85 -37.28 -19.47
N PHE D 205 -19.09 -36.55 -18.67
CA PHE D 205 -18.42 -35.36 -19.16
C PHE D 205 -17.43 -35.71 -20.27
N GLN D 206 -17.34 -34.82 -21.24
CA GLN D 206 -16.50 -34.98 -22.42
C GLN D 206 -15.30 -34.04 -22.37
N PRO D 207 -14.24 -34.32 -23.12
CA PRO D 207 -12.99 -33.54 -22.98
C PRO D 207 -13.00 -32.17 -23.64
N TYR D 208 -13.98 -31.83 -24.46
CA TYR D 208 -14.00 -30.55 -25.18
C TYR D 208 -15.18 -29.72 -24.67
N VAL D 209 -14.90 -28.65 -23.93
CA VAL D 209 -15.93 -27.92 -23.19
C VAL D 209 -16.19 -26.57 -23.84
N LEU D 210 -17.46 -26.23 -24.00
CA LEU D 210 -17.90 -24.93 -24.49
C LEU D 210 -18.68 -24.21 -23.39
N PHE D 211 -18.37 -22.95 -23.17
CA PHE D 211 -19.07 -22.12 -22.19
C PHE D 211 -19.89 -21.08 -22.92
N THR D 212 -21.12 -20.86 -22.46
CA THR D 212 -22.00 -19.84 -23.02
C THR D 212 -22.63 -19.05 -21.88
N ASN D 213 -23.38 -18.01 -22.25
CA ASN D 213 -24.15 -17.26 -21.27
C ASN D 213 -25.52 -16.86 -21.78
N TYR D 214 -25.94 -17.38 -22.94
CA TYR D 214 -27.17 -16.94 -23.60
C TYR D 214 -27.94 -18.19 -24.04
N THR D 215 -29.17 -18.33 -23.55
CA THR D 215 -29.90 -19.58 -23.69
C THR D 215 -30.26 -19.94 -25.13
N ARG D 216 -30.24 -18.96 -26.04
CA ARG D 216 -30.51 -19.28 -27.43
C ARG D 216 -29.45 -20.22 -28.00
N TYR D 217 -28.21 -20.08 -27.53
CA TYR D 217 -27.17 -21.03 -27.91
C TYR D 217 -27.54 -22.43 -27.45
N VAL D 218 -28.10 -22.55 -26.25
CA VAL D 218 -28.51 -23.86 -25.74
C VAL D 218 -29.59 -24.47 -26.64
N ASP D 219 -30.57 -23.66 -27.03
CA ASP D 219 -31.61 -24.17 -27.92
C ASP D 219 -31.03 -24.65 -29.25
N GLU D 220 -30.14 -23.84 -29.83
CA GLU D 220 -29.53 -24.23 -31.10
C GLU D 220 -28.73 -25.50 -30.98
N PHE D 221 -27.95 -25.63 -29.90
CA PHE D 221 -27.12 -26.82 -29.70
C PHE D 221 -27.97 -28.07 -29.54
N VAL D 222 -29.05 -27.98 -28.76
CA VAL D 222 -29.92 -29.14 -28.57
C VAL D 222 -30.56 -29.55 -29.89
N SER D 223 -31.05 -28.58 -30.66
CA SER D 223 -31.66 -28.91 -31.95
C SER D 223 -30.66 -29.56 -32.89
N TRP D 224 -29.46 -28.98 -32.99
CA TRP D 224 -28.44 -29.53 -33.89
C TRP D 224 -28.03 -30.93 -33.47
N GLY D 225 -27.88 -31.16 -32.17
CA GLY D 225 -27.51 -32.49 -31.71
C GLY D 225 -28.58 -33.52 -31.99
N CYS D 226 -29.84 -33.17 -31.71
CA CYS D 226 -30.93 -34.10 -32.00
C CYS D 226 -31.05 -34.38 -33.49
N SER D 227 -30.67 -33.42 -34.33
CA SER D 227 -30.65 -33.68 -35.76
C SER D 227 -29.48 -34.56 -36.16
N GLN D 228 -28.34 -34.41 -35.49
CA GLN D 228 -27.15 -35.18 -35.85
C GLN D 228 -27.26 -36.64 -35.41
N ILE D 229 -27.93 -36.91 -34.30
CA ILE D 229 -28.00 -38.28 -33.79
C ILE D 229 -28.71 -39.18 -34.78
N LEU D 230 -29.78 -38.68 -35.42
CA LEU D 230 -30.55 -39.49 -36.36
C LEU D 230 -29.77 -39.85 -37.62
N ASP D 231 -28.65 -39.21 -37.89
CA ASP D 231 -27.88 -39.51 -39.08
C ASP D 231 -27.22 -40.88 -38.94
N PRO D 232 -27.43 -41.81 -39.87
CA PRO D 232 -26.82 -43.15 -39.72
C PRO D 232 -25.30 -43.14 -39.67
N ASP D 233 -24.65 -42.23 -40.39
CA ASP D 233 -23.19 -42.16 -40.43
C ASP D 233 -22.76 -40.90 -39.68
N SER D 234 -22.60 -41.02 -38.36
CA SER D 234 -22.15 -39.92 -37.53
C SER D 234 -21.59 -40.48 -36.25
N PRO D 235 -20.51 -39.91 -35.71
CA PRO D 235 -19.92 -40.47 -34.48
C PRO D 235 -20.86 -40.46 -33.28
N TYR D 236 -21.73 -39.46 -33.18
CA TYR D 236 -22.54 -39.30 -31.99
C TYR D 236 -23.66 -40.34 -31.94
N ILE D 237 -23.93 -40.85 -30.74
CA ILE D 237 -24.88 -41.95 -30.58
C ILE D 237 -25.92 -41.65 -29.51
N ALA D 238 -25.68 -40.63 -28.68
CA ALA D 238 -26.62 -40.34 -27.61
C ALA D 238 -26.46 -38.90 -27.15
N LEU D 239 -27.52 -38.39 -26.53
CA LEU D 239 -27.51 -37.05 -25.95
C LEU D 239 -27.97 -37.15 -24.51
N SER D 240 -27.25 -36.51 -23.60
CA SER D 240 -27.58 -36.51 -22.18
C SER D 240 -27.87 -35.09 -21.75
N CYS D 241 -29.07 -34.86 -21.23
CA CYS D 241 -29.52 -33.54 -20.86
C CYS D 241 -29.52 -33.37 -19.35
N ALA D 242 -29.55 -32.11 -18.91
CA ALA D 242 -29.61 -31.82 -17.49
C ALA D 242 -30.95 -32.25 -16.91
N GLY D 243 -30.91 -32.87 -15.74
CA GLY D 243 -32.11 -33.39 -15.11
C GLY D 243 -32.30 -34.89 -15.24
N GLY D 244 -31.48 -35.57 -16.03
CA GLY D 244 -31.57 -37.02 -16.15
C GLY D 244 -32.40 -37.48 -17.33
N ILE D 245 -32.11 -36.96 -18.51
CA ILE D 245 -32.78 -37.36 -19.75
C ILE D 245 -31.75 -37.92 -20.70
N TRP D 246 -32.02 -39.11 -21.24
CA TRP D 246 -31.11 -39.85 -22.10
C TRP D 246 -31.81 -40.13 -23.42
N ILE D 247 -31.38 -39.45 -24.48
CA ILE D 247 -32.04 -39.54 -25.78
C ILE D 247 -31.13 -40.29 -26.75
N THR D 248 -31.66 -41.33 -27.35
CA THR D 248 -30.96 -42.12 -28.35
C THR D 248 -31.71 -42.05 -29.68
N ALA D 249 -31.30 -42.87 -30.64
CA ALA D 249 -31.92 -42.89 -31.95
C ALA D 249 -33.18 -43.77 -31.99
N GLU D 250 -33.53 -44.43 -30.88
CA GLU D 250 -34.68 -45.31 -30.84
C GLU D 250 -35.71 -44.87 -29.80
N THR D 251 -35.77 -43.57 -29.52
CA THR D 251 -36.75 -43.02 -28.60
C THR D 251 -37.95 -42.51 -29.37
N GLU D 252 -39.15 -42.82 -28.87
CA GLU D 252 -40.37 -42.38 -29.54
C GLU D 252 -40.48 -40.85 -29.53
N ALA D 253 -40.15 -40.22 -28.41
CA ALA D 253 -40.34 -38.79 -28.26
C ALA D 253 -38.99 -38.08 -28.25
N PRO D 254 -38.64 -37.32 -29.28
CA PRO D 254 -37.47 -36.42 -29.19
C PRO D 254 -37.80 -35.01 -28.70
N GLU D 255 -39.01 -34.77 -28.21
CA GLU D 255 -39.48 -33.43 -27.88
C GLU D 255 -39.54 -33.17 -26.37
N GLN D 256 -38.58 -33.72 -25.63
CA GLN D 256 -38.47 -33.45 -24.20
C GLN D 256 -37.05 -33.11 -23.78
N ALA D 257 -36.14 -32.93 -24.74
CA ALA D 257 -34.76 -32.61 -24.40
C ALA D 257 -34.65 -31.27 -23.69
N ILE D 258 -35.35 -30.26 -24.20
CA ILE D 258 -35.26 -28.92 -23.63
C ILE D 258 -36.55 -28.59 -22.86
N SER D 259 -36.53 -28.86 -21.56
CA SER D 259 -37.64 -28.53 -20.68
C SER D 259 -37.28 -27.34 -19.81
N ASP D 260 -38.30 -26.64 -19.33
CA ASP D 260 -38.09 -25.43 -18.54
C ASP D 260 -37.79 -25.71 -17.08
N LEU D 261 -37.96 -26.96 -16.62
CA LEU D 261 -37.69 -27.30 -15.24
C LEU D 261 -36.20 -27.33 -14.92
N ALA D 262 -35.33 -27.43 -15.93
CA ALA D 262 -33.90 -27.49 -15.68
C ALA D 262 -33.39 -26.22 -15.02
N TRP D 263 -33.87 -25.06 -15.47
CA TRP D 263 -33.39 -23.79 -14.93
C TRP D 263 -33.95 -23.49 -13.54
N LYS D 264 -35.02 -24.18 -13.15
CA LYS D 264 -35.53 -24.09 -11.78
C LYS D 264 -34.56 -24.60 -10.73
N LYS D 265 -34.01 -25.79 -10.94
CA LYS D 265 -33.35 -26.53 -9.87
C LYS D 265 -31.83 -26.41 -9.90
N HIS D 266 -31.24 -26.38 -11.09
CA HIS D 266 -29.79 -26.42 -11.24
C HIS D 266 -29.28 -25.06 -11.71
N GLN D 267 -28.22 -24.57 -11.08
CA GLN D 267 -27.71 -23.25 -11.40
C GLN D 267 -27.05 -23.22 -12.77
N MET D 268 -26.31 -24.26 -13.11
CA MET D 268 -25.48 -24.29 -14.32
C MET D 268 -25.72 -25.60 -15.06
N PRO D 269 -26.81 -25.70 -15.82
CA PRO D 269 -27.10 -26.94 -16.53
C PRO D 269 -26.08 -27.23 -17.61
N ALA D 270 -25.92 -28.51 -17.93
CA ALA D 270 -24.98 -28.93 -18.97
C ALA D 270 -25.60 -30.00 -19.85
N TRP D 271 -25.27 -29.95 -21.14
CA TRP D 271 -25.73 -30.91 -22.13
C TRP D 271 -24.52 -31.60 -22.75
N HIS D 272 -24.52 -32.93 -22.75
CA HIS D 272 -23.42 -33.70 -23.31
C HIS D 272 -23.88 -34.43 -24.56
N LEU D 273 -23.00 -34.52 -25.55
CA LEU D 273 -23.31 -35.20 -26.81
C LEU D 273 -22.32 -36.35 -26.93
N ILE D 274 -22.73 -37.54 -26.47
CA ILE D 274 -21.80 -38.64 -26.25
C ILE D 274 -21.31 -39.21 -27.57
N THR D 275 -20.09 -39.72 -27.55
CA THR D 275 -19.48 -40.44 -28.67
C THR D 275 -19.03 -41.80 -28.19
N HIS D 276 -18.96 -42.76 -29.11
CA HIS D 276 -18.61 -44.13 -28.74
C HIS D 276 -17.21 -44.21 -28.13
N ASP D 277 -16.24 -43.48 -28.70
CA ASP D 277 -14.88 -43.51 -28.20
C ASP D 277 -14.74 -42.79 -26.87
N GLY D 278 -15.36 -41.63 -26.73
CA GLY D 278 -15.18 -40.79 -25.56
C GLY D 278 -14.72 -39.41 -25.95
N LYS D 279 -14.99 -39.02 -27.19
CA LYS D 279 -14.58 -37.73 -27.74
C LYS D 279 -15.85 -37.04 -28.26
N GLY D 280 -16.55 -36.34 -27.37
CA GLY D 280 -17.77 -35.67 -27.73
C GLY D 280 -17.70 -34.18 -27.47
N ILE D 281 -18.85 -33.55 -27.22
CA ILE D 281 -18.89 -32.13 -26.93
C ILE D 281 -19.78 -31.91 -25.71
N THR D 282 -19.34 -31.03 -24.82
CA THR D 282 -20.08 -30.64 -23.64
C THR D 282 -20.39 -29.15 -23.70
N LEU D 283 -21.63 -28.78 -23.38
CA LEU D 283 -22.05 -27.39 -23.35
C LEU D 283 -22.52 -27.06 -21.94
N ILE D 284 -21.96 -26.01 -21.35
CA ILE D 284 -22.28 -25.60 -20.00
C ILE D 284 -22.75 -24.14 -20.04
N ASN D 285 -23.86 -23.86 -19.37
CA ASN D 285 -24.45 -22.52 -19.34
C ASN D 285 -24.12 -21.90 -17.98
N ILE D 286 -22.94 -21.27 -17.89
CA ILE D 286 -22.45 -20.81 -16.60
C ILE D 286 -23.34 -19.72 -16.03
N GLY D 287 -23.74 -18.74 -16.85
CA GLY D 287 -24.53 -17.62 -16.39
C GLY D 287 -23.82 -16.31 -16.65
N VAL D 288 -23.99 -15.37 -15.72
CA VAL D 288 -23.41 -14.04 -15.82
C VAL D 288 -22.67 -13.74 -14.52
N GLY D 289 -21.42 -13.31 -14.65
CA GLY D 289 -20.63 -12.93 -13.50
C GLY D 289 -19.27 -13.60 -13.49
N PRO D 290 -18.28 -12.93 -12.91
CA PRO D 290 -16.93 -13.51 -12.79
C PRO D 290 -16.74 -14.40 -11.58
N ALA D 291 -17.75 -14.58 -10.73
CA ALA D 291 -17.64 -15.47 -9.59
C ALA D 291 -18.29 -16.83 -9.84
N ASN D 292 -19.17 -16.94 -10.84
CA ASN D 292 -19.70 -18.23 -11.24
C ASN D 292 -18.82 -18.94 -12.25
N ALA D 293 -17.94 -18.22 -12.92
CA ALA D 293 -17.02 -18.82 -13.87
C ALA D 293 -15.74 -19.32 -13.21
N LYS D 294 -15.56 -19.05 -11.92
CA LYS D 294 -14.40 -19.53 -11.19
C LYS D 294 -14.66 -20.82 -10.42
N THR D 295 -15.83 -20.93 -9.77
CA THR D 295 -16.13 -22.15 -9.02
C THR D 295 -16.33 -23.34 -9.95
N ILE D 296 -17.00 -23.14 -11.08
CA ILE D 296 -17.19 -24.26 -11.98
C ILE D 296 -15.86 -24.71 -12.57
N CYS D 297 -14.93 -23.79 -12.80
CA CYS D 297 -13.61 -24.19 -13.28
C CYS D 297 -12.84 -24.93 -12.19
N ASP D 298 -12.94 -24.47 -10.93
CA ASP D 298 -12.33 -25.18 -9.83
C ASP D 298 -12.81 -26.62 -9.77
N HIS D 299 -14.12 -26.83 -9.88
CA HIS D 299 -14.66 -28.18 -9.77
C HIS D 299 -14.45 -29.01 -11.01
N LEU D 300 -14.31 -28.38 -12.16
CA LEU D 300 -14.17 -29.11 -13.42
C LEU D 300 -12.73 -29.44 -13.76
N ALA D 301 -11.76 -28.79 -13.12
CA ALA D 301 -10.36 -29.06 -13.44
C ALA D 301 -9.96 -30.49 -13.10
N VAL D 302 -10.61 -31.12 -12.12
CA VAL D 302 -10.17 -32.44 -11.66
C VAL D 302 -10.48 -33.55 -12.64
N LEU D 303 -11.22 -33.28 -13.71
CA LEU D 303 -11.48 -34.27 -14.73
C LEU D 303 -10.47 -34.22 -15.87
N ARG D 304 -9.57 -33.24 -15.87
CA ARG D 304 -8.53 -33.07 -16.88
C ARG D 304 -9.11 -32.96 -18.28
N PRO D 305 -9.79 -31.86 -18.60
CA PRO D 305 -10.34 -31.71 -19.95
C PRO D 305 -9.26 -31.44 -20.99
N ASP D 306 -9.64 -31.36 -22.26
CA ASP D 306 -8.67 -31.10 -23.31
C ASP D 306 -8.67 -29.66 -23.80
N VAL D 307 -9.81 -28.97 -23.77
CA VAL D 307 -9.84 -27.58 -24.19
C VAL D 307 -11.10 -26.93 -23.63
N TRP D 308 -10.96 -25.66 -23.23
CA TRP D 308 -12.05 -24.80 -22.80
C TRP D 308 -12.23 -23.70 -23.85
N LEU D 309 -13.45 -23.54 -24.34
CA LEU D 309 -13.76 -22.45 -25.26
C LEU D 309 -14.84 -21.59 -24.66
N MET D 310 -14.75 -20.27 -24.89
CA MET D 310 -15.73 -19.31 -24.41
C MET D 310 -16.42 -18.69 -25.61
N ILE D 311 -17.75 -18.70 -25.60
CA ILE D 311 -18.56 -18.17 -26.70
C ILE D 311 -19.66 -17.32 -26.10
N GLY D 312 -19.62 -16.04 -26.36
CA GLY D 312 -20.57 -15.11 -25.77
C GLY D 312 -20.69 -13.86 -26.58
N HIS D 313 -21.04 -12.76 -25.91
CA HIS D 313 -21.17 -11.47 -26.55
C HIS D 313 -20.56 -10.39 -25.67
N CYS D 314 -20.16 -9.30 -26.28
CA CYS D 314 -19.45 -8.23 -25.60
C CYS D 314 -20.03 -6.89 -26.06
N GLY D 315 -19.38 -5.81 -25.66
CA GLY D 315 -19.76 -4.47 -26.10
C GLY D 315 -18.55 -3.75 -26.66
N GLY D 316 -18.61 -3.39 -27.93
CA GLY D 316 -17.48 -2.79 -28.61
C GLY D 316 -17.11 -1.42 -28.06
N LEU D 317 -15.82 -1.09 -28.19
CA LEU D 317 -15.30 0.17 -27.72
C LEU D 317 -14.66 1.01 -28.81
N ARG D 318 -14.71 0.57 -30.06
CA ARG D 318 -14.13 1.30 -31.18
C ARG D 318 -15.22 1.74 -32.14
N GLU D 319 -15.05 2.93 -32.72
CA GLU D 319 -16.09 3.49 -33.57
C GLU D 319 -16.26 2.72 -34.87
N SER D 320 -15.21 2.05 -35.35
CA SER D 320 -15.31 1.32 -36.60
C SER D 320 -16.10 0.03 -36.48
N GLN D 321 -16.41 -0.43 -35.27
CA GLN D 321 -17.09 -1.69 -35.08
C GLN D 321 -18.59 -1.55 -35.29
N ALA D 322 -19.18 -2.54 -35.94
CA ALA D 322 -20.62 -2.61 -36.15
C ALA D 322 -21.18 -3.83 -35.45
N ILE D 323 -22.45 -3.75 -35.05
CA ILE D 323 -23.09 -4.87 -34.37
C ILE D 323 -23.08 -6.09 -35.28
N GLY D 324 -22.52 -7.18 -34.78
CA GLY D 324 -22.37 -8.39 -35.56
C GLY D 324 -20.94 -8.73 -35.96
N ASP D 325 -19.94 -8.06 -35.40
CA ASP D 325 -18.54 -8.28 -35.74
C ASP D 325 -17.86 -9.09 -34.65
N TYR D 326 -16.83 -9.83 -35.05
CA TYR D 326 -16.15 -10.79 -34.17
C TYR D 326 -14.89 -10.19 -33.57
N VAL D 327 -14.65 -10.49 -32.31
CA VAL D 327 -13.48 -10.03 -31.58
C VAL D 327 -12.74 -11.26 -31.06
N LEU D 328 -11.42 -11.27 -31.25
CA LEU D 328 -10.56 -12.34 -30.81
C LEU D 328 -9.52 -11.76 -29.87
N ALA D 329 -9.41 -12.31 -28.67
CA ALA D 329 -8.56 -11.75 -27.65
C ALA D 329 -7.15 -12.31 -27.75
N HIS D 330 -6.16 -11.43 -27.61
CA HIS D 330 -4.77 -11.86 -27.50
C HIS D 330 -4.11 -11.34 -26.23
N ALA D 331 -4.86 -10.69 -25.34
CA ALA D 331 -4.35 -10.24 -24.06
C ALA D 331 -5.55 -9.81 -23.23
N TYR D 332 -5.47 -10.03 -21.92
CA TYR D 332 -6.57 -9.76 -21.01
C TYR D 332 -6.14 -8.75 -19.95
N LEU D 333 -6.96 -7.74 -19.72
CA LEU D 333 -6.77 -6.80 -18.63
C LEU D 333 -7.75 -7.18 -17.53
N ARG D 334 -7.21 -7.60 -16.39
CA ARG D 334 -8.01 -8.21 -15.33
C ARG D 334 -8.41 -7.16 -14.31
N ASP D 335 -9.70 -6.80 -14.32
CA ASP D 335 -10.27 -5.91 -13.32
C ASP D 335 -11.25 -6.63 -12.39
N ASP D 336 -11.34 -7.95 -12.45
CA ASP D 336 -12.14 -8.70 -11.52
C ASP D 336 -11.30 -9.05 -10.29
N HIS D 337 -11.81 -8.71 -9.11
CA HIS D 337 -11.01 -8.81 -7.91
C HIS D 337 -10.82 -10.24 -7.43
N VAL D 338 -11.54 -11.21 -7.99
CA VAL D 338 -11.28 -12.60 -7.66
C VAL D 338 -9.95 -13.02 -8.27
N LEU D 339 -9.30 -14.01 -7.65
CA LEU D 339 -8.03 -14.58 -8.09
C LEU D 339 -6.86 -13.61 -7.93
N ASP D 340 -7.05 -12.48 -7.26
CA ASP D 340 -5.94 -11.58 -7.02
C ASP D 340 -5.11 -11.96 -5.81
N ALA D 341 -5.56 -12.94 -5.02
CA ALA D 341 -4.82 -13.40 -3.87
C ALA D 341 -3.95 -14.62 -4.18
N VAL D 342 -4.24 -15.34 -5.26
CA VAL D 342 -3.46 -16.51 -5.63
C VAL D 342 -2.69 -16.33 -6.93
N LEU D 343 -3.06 -15.36 -7.76
CA LEU D 343 -2.36 -15.09 -9.01
C LEU D 343 -2.38 -13.58 -9.23
N PRO D 344 -1.38 -12.87 -8.72
CA PRO D 344 -1.40 -11.41 -8.76
C PRO D 344 -1.43 -10.89 -10.18
N PRO D 345 -1.93 -9.68 -10.39
CA PRO D 345 -2.06 -9.16 -11.76
C PRO D 345 -0.74 -8.90 -12.44
N ASP D 346 0.38 -8.97 -11.73
CA ASP D 346 1.68 -8.80 -12.37
C ASP D 346 2.00 -9.95 -13.31
N ILE D 347 1.53 -11.15 -12.99
CA ILE D 347 1.85 -12.34 -13.79
C ILE D 347 1.17 -12.24 -15.15
N PRO D 348 1.88 -12.41 -16.25
CA PRO D 348 1.25 -12.28 -17.57
C PRO D 348 0.61 -13.59 -18.02
N ILE D 349 -0.58 -13.45 -18.62
CA ILE D 349 -1.31 -14.59 -19.15
C ILE D 349 -1.18 -14.57 -20.66
N PRO D 350 -0.35 -15.41 -21.25
CA PRO D 350 -0.16 -15.39 -22.70
C PRO D 350 -1.32 -15.99 -23.47
N SER D 351 -1.18 -16.13 -24.77
CA SER D 351 -2.14 -16.80 -25.62
C SER D 351 -1.51 -18.07 -26.19
N ILE D 352 -2.35 -18.94 -26.73
CA ILE D 352 -1.93 -20.23 -27.26
C ILE D 352 -2.08 -20.20 -28.77
N ALA D 353 -0.97 -20.42 -29.47
CA ALA D 353 -0.97 -20.23 -30.92
C ALA D 353 -1.89 -21.21 -31.64
N GLU D 354 -1.91 -22.47 -31.19
CA GLU D 354 -2.71 -23.48 -31.87
C GLU D 354 -4.19 -23.13 -31.84
N VAL D 355 -4.68 -22.72 -30.67
CA VAL D 355 -6.11 -22.41 -30.54
C VAL D 355 -6.48 -21.20 -31.38
N GLN D 356 -5.65 -20.17 -31.38
CA GLN D 356 -5.95 -18.98 -32.17
C GLN D 356 -5.93 -19.29 -33.66
N ARG D 357 -4.98 -20.10 -34.10
CA ARG D 357 -4.96 -20.50 -35.51
C ARG D 357 -6.22 -21.28 -35.87
N ALA D 358 -6.65 -22.18 -34.99
CA ALA D 358 -7.86 -22.95 -35.27
C ALA D 358 -9.09 -22.06 -35.35
N LEU D 359 -9.19 -21.08 -34.43
CA LEU D 359 -10.34 -20.18 -34.45
C LEU D 359 -10.35 -19.33 -35.72
N TYR D 360 -9.19 -18.82 -36.13
CA TYR D 360 -9.12 -18.03 -37.36
C TYR D 360 -9.52 -18.86 -38.57
N ASP D 361 -9.00 -20.09 -38.66
CA ASP D 361 -9.36 -20.95 -39.79
C ASP D 361 -10.84 -21.26 -39.80
N ALA D 362 -11.41 -21.54 -38.62
CA ALA D 362 -12.84 -21.86 -38.56
C ALA D 362 -13.69 -20.68 -38.97
N THR D 363 -13.34 -19.47 -38.52
CA THR D 363 -14.09 -18.29 -38.93
C THR D 363 -14.01 -18.09 -40.43
N LYS D 364 -12.82 -18.24 -41.00
CA LYS D 364 -12.66 -18.07 -42.45
C LYS D 364 -13.49 -19.09 -43.21
N GLN D 365 -13.50 -20.34 -42.77
CA GLN D 365 -14.20 -21.38 -43.51
C GLN D 365 -15.71 -21.24 -43.39
N VAL D 366 -16.22 -21.07 -42.17
CA VAL D 366 -17.66 -21.04 -41.96
C VAL D 366 -18.26 -19.75 -42.51
N SER D 367 -17.63 -18.60 -42.24
CA SER D 367 -18.19 -17.33 -42.68
C SER D 367 -18.28 -17.23 -44.20
N GLY D 368 -17.54 -18.05 -44.93
CA GLY D 368 -17.63 -18.08 -46.38
C GLY D 368 -17.14 -16.81 -47.06
N MET D 369 -16.04 -16.25 -46.59
CA MET D 369 -15.49 -15.04 -47.21
C MET D 369 -13.98 -14.98 -47.02
N VAL D 374 -12.11 -11.54 -44.44
CA VAL D 374 -12.48 -11.49 -43.03
C VAL D 374 -11.70 -10.41 -42.31
N LYS D 375 -10.92 -9.65 -43.07
CA LYS D 375 -10.08 -8.61 -42.49
C LYS D 375 -10.88 -7.46 -41.91
N GLN D 376 -12.18 -7.36 -42.22
CA GLN D 376 -13.02 -6.27 -41.76
C GLN D 376 -14.04 -6.68 -40.72
N ARG D 377 -14.51 -7.93 -40.76
CA ARG D 377 -15.49 -8.42 -39.79
C ARG D 377 -14.85 -9.05 -38.56
N LEU D 378 -13.54 -9.22 -38.55
CA LEU D 378 -12.85 -9.90 -37.46
C LEU D 378 -11.70 -9.03 -36.98
N ARG D 379 -11.62 -8.83 -35.67
CA ARG D 379 -10.54 -8.04 -35.08
C ARG D 379 -9.83 -8.84 -34.02
N THR D 380 -8.60 -8.44 -33.71
CA THR D 380 -7.80 -9.05 -32.66
C THR D 380 -7.33 -7.96 -31.72
N GLY D 381 -7.51 -8.17 -30.42
CA GLY D 381 -7.18 -7.11 -29.49
C GLY D 381 -7.23 -7.53 -28.05
N THR D 382 -7.24 -6.53 -27.18
CA THR D 382 -7.26 -6.72 -25.73
C THR D 382 -8.68 -6.53 -25.21
N VAL D 383 -9.15 -7.49 -24.42
CA VAL D 383 -10.49 -7.44 -23.85
C VAL D 383 -10.40 -7.14 -22.36
N VAL D 384 -11.29 -6.28 -21.88
CA VAL D 384 -11.37 -5.93 -20.46
C VAL D 384 -12.41 -6.82 -19.81
N THR D 385 -12.17 -7.19 -18.56
CA THR D 385 -13.12 -7.97 -17.77
C THR D 385 -13.35 -7.26 -16.46
N THR D 386 -14.62 -7.04 -16.12
CA THR D 386 -14.99 -6.30 -14.93
C THR D 386 -16.08 -7.06 -14.19
N ASP D 387 -16.14 -6.85 -12.87
CA ASP D 387 -17.16 -7.46 -12.03
C ASP D 387 -18.30 -6.50 -11.71
N ASP D 388 -18.34 -5.34 -12.36
CA ASP D 388 -19.34 -4.31 -12.12
C ASP D 388 -20.25 -4.24 -13.33
N ARG D 389 -21.50 -4.65 -13.17
CA ARG D 389 -22.43 -4.66 -14.28
C ARG D 389 -22.91 -3.28 -14.66
N ASN D 390 -22.63 -2.26 -13.85
CA ASN D 390 -23.05 -0.90 -14.13
C ASN D 390 -21.84 0.03 -14.21
N TRP D 391 -20.81 -0.37 -14.95
CA TRP D 391 -19.59 0.42 -15.01
C TRP D 391 -19.83 1.80 -15.59
N GLU D 392 -20.91 2.00 -16.35
CA GLU D 392 -21.14 3.28 -16.99
C GLU D 392 -21.22 4.40 -15.97
N LEU D 393 -21.88 4.16 -14.84
CA LEU D 393 -22.05 5.19 -13.82
C LEU D 393 -20.72 5.65 -13.23
N ARG D 394 -19.65 4.89 -13.42
CA ARG D 394 -18.33 5.30 -12.96
C ARG D 394 -17.34 5.42 -14.10
N TYR D 395 -17.84 5.54 -15.34
CA TYR D 395 -16.98 5.49 -16.51
C TYR D 395 -15.82 6.46 -16.41
N SER D 396 -16.06 7.65 -15.87
CA SER D 396 -15.05 8.70 -15.88
C SER D 396 -13.77 8.28 -15.19
N ALA D 397 -13.82 7.26 -14.32
CA ALA D 397 -12.57 6.73 -13.79
C ALA D 397 -11.96 5.71 -14.76
N SER D 398 -12.72 4.66 -15.07
CA SER D 398 -12.16 3.54 -15.82
C SER D 398 -11.58 3.99 -17.15
N ALA D 399 -12.08 5.11 -17.68
CA ALA D 399 -11.62 5.60 -18.98
C ALA D 399 -10.11 5.66 -19.04
N LEU D 400 -9.47 6.12 -17.97
CA LEU D 400 -8.01 6.24 -18.01
C LEU D 400 -7.37 4.91 -18.37
N ARG D 401 -7.71 3.85 -17.64
CA ARG D 401 -7.12 2.56 -17.94
C ARG D 401 -7.53 2.06 -19.32
N PHE D 402 -8.78 2.35 -19.73
CA PHE D 402 -9.23 1.91 -21.03
C PHE D 402 -8.40 2.54 -22.14
N ASN D 403 -7.67 3.61 -21.84
CA ASN D 403 -6.81 4.24 -22.83
C ASN D 403 -5.39 3.68 -22.79
N LEU D 404 -4.93 3.22 -21.62
CA LEU D 404 -3.56 2.75 -21.51
C LEU D 404 -3.38 1.38 -22.15
N SER D 405 -4.42 0.56 -22.20
CA SER D 405 -4.32 -0.80 -22.68
C SER D 405 -4.83 -0.98 -24.10
N ARG D 406 -5.32 0.08 -24.74
CA ARG D 406 -5.80 0.02 -26.12
C ARG D 406 -6.82 -1.09 -26.31
N ALA D 407 -7.84 -1.08 -25.46
CA ALA D 407 -8.82 -2.15 -25.42
C ALA D 407 -9.76 -2.09 -26.63
N VAL D 408 -10.34 -3.24 -26.96
CA VAL D 408 -11.23 -3.36 -28.11
C VAL D 408 -12.64 -3.78 -27.72
N ALA D 409 -12.83 -4.46 -26.59
CA ALA D 409 -14.16 -4.91 -26.19
C ALA D 409 -14.17 -5.06 -24.68
N ILE D 410 -15.37 -5.26 -24.14
CA ILE D 410 -15.56 -5.43 -22.70
C ILE D 410 -16.57 -6.56 -22.48
N ASP D 411 -16.29 -7.42 -21.52
CA ASP D 411 -17.17 -8.53 -21.19
C ASP D 411 -17.04 -8.80 -19.69
N MET D 412 -17.49 -9.96 -19.24
CA MET D 412 -17.55 -10.24 -17.81
C MET D 412 -17.00 -11.58 -17.36
N GLU D 413 -16.59 -12.46 -18.27
CA GLU D 413 -16.16 -13.80 -17.88
C GLU D 413 -14.84 -14.26 -18.44
N SER D 414 -14.37 -13.75 -19.58
CA SER D 414 -13.29 -14.40 -20.32
C SER D 414 -11.99 -14.42 -19.54
N ALA D 415 -11.66 -13.34 -18.83
CA ALA D 415 -10.37 -13.30 -18.15
C ALA D 415 -10.29 -14.32 -17.03
N THR D 416 -11.40 -14.56 -16.32
CA THR D 416 -11.38 -15.54 -15.24
C THR D 416 -11.20 -16.95 -15.79
N ILE D 417 -11.85 -17.26 -16.89
CA ILE D 417 -11.68 -18.57 -17.51
C ILE D 417 -10.25 -18.74 -18.01
N ALA D 418 -9.67 -17.68 -18.58
CA ALA D 418 -8.28 -17.77 -19.02
C ALA D 418 -7.33 -17.97 -17.86
N ALA D 419 -7.55 -17.25 -16.75
CA ALA D 419 -6.68 -17.43 -15.59
C ALA D 419 -6.81 -18.85 -15.02
N GLN D 420 -8.02 -19.38 -14.95
CA GLN D 420 -8.20 -20.73 -14.43
C GLN D 420 -7.59 -21.77 -15.35
N GLY D 421 -7.68 -21.56 -16.67
CA GLY D 421 -7.02 -22.47 -17.59
C GLY D 421 -5.52 -22.35 -17.57
N TYR D 422 -5.00 -21.21 -17.13
CA TYR D 422 -3.56 -21.07 -16.93
C TYR D 422 -3.09 -21.76 -15.66
N ARG D 423 -3.88 -21.70 -14.60
CA ARG D 423 -3.46 -22.29 -13.32
C ARG D 423 -3.44 -23.81 -13.38
N PHE D 424 -4.43 -24.42 -14.03
CA PHE D 424 -4.57 -25.87 -14.06
C PHE D 424 -4.03 -26.50 -15.33
N ARG D 425 -3.35 -25.72 -16.18
CA ARG D 425 -2.70 -26.20 -17.39
C ARG D 425 -3.72 -26.84 -18.35
N VAL D 426 -4.69 -26.03 -18.76
CA VAL D 426 -5.66 -26.44 -19.78
C VAL D 426 -5.65 -25.41 -20.90
N PRO D 427 -5.59 -25.82 -22.17
CA PRO D 427 -5.68 -24.84 -23.26
C PRO D 427 -6.99 -24.08 -23.25
N TYR D 428 -6.93 -22.81 -23.63
CA TYR D 428 -8.09 -21.93 -23.56
C TYR D 428 -8.16 -21.04 -24.79
N GLY D 429 -9.36 -20.54 -25.07
CA GLY D 429 -9.61 -19.66 -26.19
C GLY D 429 -10.75 -18.71 -25.86
N THR D 430 -11.11 -17.89 -26.84
CA THR D 430 -12.19 -16.92 -26.69
C THR D 430 -12.54 -16.32 -28.04
N LEU D 431 -13.84 -16.22 -28.32
CA LEU D 431 -14.30 -15.59 -29.56
C LEU D 431 -15.63 -14.90 -29.27
N LEU D 432 -15.63 -13.58 -29.26
CA LEU D 432 -16.78 -12.80 -28.83
C LEU D 432 -17.45 -12.13 -30.03
N CYS D 433 -18.71 -11.74 -29.85
CA CYS D 433 -19.49 -11.10 -30.89
C CYS D 433 -20.09 -9.82 -30.34
N VAL D 434 -19.95 -8.72 -31.08
CA VAL D 434 -20.39 -7.41 -30.59
C VAL D 434 -21.90 -7.34 -30.61
N SER D 435 -22.48 -6.92 -29.48
CA SER D 435 -23.93 -6.80 -29.37
C SER D 435 -24.43 -5.37 -29.19
N ASP D 436 -23.57 -4.45 -28.76
CA ASP D 436 -23.97 -3.06 -28.64
C ASP D 436 -22.72 -2.18 -28.64
N LYS D 437 -22.96 -0.87 -28.65
CA LYS D 437 -21.90 0.14 -28.66
C LYS D 437 -22.18 1.11 -27.53
N PRO D 438 -21.75 0.78 -26.31
CA PRO D 438 -22.11 1.64 -25.16
C PRO D 438 -21.62 3.07 -25.30
N LEU D 439 -20.42 3.30 -25.81
CA LEU D 439 -19.83 4.63 -25.82
C LEU D 439 -20.31 5.51 -26.95
N HIS D 440 -21.04 4.95 -27.93
CA HIS D 440 -21.48 5.69 -29.10
C HIS D 440 -22.99 5.71 -29.22
N GLY D 441 -23.69 5.57 -28.10
CA GLY D 441 -25.13 5.74 -28.06
C GLY D 441 -25.94 4.73 -28.85
N GLU D 442 -25.54 3.47 -28.85
CA GLU D 442 -26.34 2.39 -29.42
C GLU D 442 -26.52 1.26 -28.41
N ILE D 443 -26.56 1.60 -27.12
CA ILE D 443 -26.54 0.59 -26.07
C ILE D 443 -27.83 -0.22 -26.10
N LYS D 444 -27.69 -1.54 -25.98
CA LYS D 444 -28.83 -2.45 -25.98
C LYS D 444 -28.70 -3.44 -24.82
N LEU D 445 -29.61 -4.41 -24.75
CA LEU D 445 -29.63 -5.38 -23.67
C LEU D 445 -29.72 -6.79 -24.25
N PRO D 446 -29.15 -7.78 -23.56
CA PRO D 446 -29.25 -9.17 -24.03
C PRO D 446 -30.66 -9.72 -23.80
N GLY D 447 -31.32 -10.10 -24.88
CA GLY D 447 -32.68 -10.60 -24.82
C GLY D 447 -33.73 -9.64 -25.32
N GLN D 448 -33.37 -8.38 -25.56
CA GLN D 448 -34.32 -7.40 -26.05
C GLN D 448 -34.29 -7.37 -27.58
N ALA D 449 -35.04 -6.43 -28.16
CA ALA D 449 -35.16 -6.35 -29.62
C ALA D 449 -33.81 -6.05 -30.26
N ASN D 450 -33.27 -7.04 -30.96
CA ASN D 450 -31.97 -6.89 -31.61
C ASN D 450 -31.97 -7.84 -32.81
N ARG D 451 -32.24 -7.28 -34.00
CA ARG D 451 -32.42 -8.12 -35.18
C ARG D 451 -31.13 -8.41 -35.92
N PHE D 452 -30.02 -7.76 -35.57
CA PHE D 452 -28.75 -8.01 -36.24
C PHE D 452 -27.85 -8.95 -35.46
N TYR D 453 -27.98 -9.00 -34.13
CA TYR D 453 -27.24 -9.96 -33.33
C TYR D 453 -27.95 -11.29 -33.20
N GLU D 454 -29.28 -11.29 -33.29
CA GLU D 454 -30.03 -12.54 -33.25
C GLU D 454 -29.88 -13.34 -34.54
N GLY D 455 -29.53 -12.69 -35.65
CA GLY D 455 -29.28 -13.43 -36.87
C GLY D 455 -28.02 -14.27 -36.80
N ALA D 456 -26.96 -13.73 -36.20
CA ALA D 456 -25.69 -14.44 -36.10
C ALA D 456 -25.58 -15.11 -34.73
N ILE D 457 -26.47 -16.07 -34.50
CA ILE D 457 -26.41 -16.90 -33.30
C ILE D 457 -26.35 -18.36 -33.73
N SER D 458 -26.91 -18.65 -34.91
CA SER D 458 -26.82 -19.99 -35.47
C SER D 458 -25.54 -20.18 -36.29
N GLU D 459 -24.74 -19.15 -36.45
CA GLU D 459 -23.47 -19.22 -37.15
C GLU D 459 -22.27 -19.08 -36.21
N HIS D 460 -22.41 -18.33 -35.13
CA HIS D 460 -21.38 -18.27 -34.11
C HIS D 460 -21.12 -19.66 -33.52
N LEU D 461 -22.19 -20.38 -33.20
CA LEU D 461 -22.05 -21.72 -32.65
C LEU D 461 -21.39 -22.66 -33.65
N GLN D 462 -21.68 -22.49 -34.94
CA GLN D 462 -21.04 -23.32 -35.96
C GLN D 462 -19.54 -23.06 -36.01
N ILE D 463 -19.14 -21.80 -35.84
CA ILE D 463 -17.71 -21.48 -35.80
C ILE D 463 -17.07 -22.16 -34.60
N GLY D 464 -17.71 -22.12 -33.44
CA GLY D 464 -17.16 -22.80 -32.27
C GLY D 464 -17.02 -24.29 -32.48
N ILE D 465 -18.04 -24.93 -33.04
CA ILE D 465 -17.99 -26.37 -33.24
C ILE D 465 -16.92 -26.74 -34.27
N ARG D 466 -16.77 -25.93 -35.33
CA ARG D 466 -15.73 -26.19 -36.30
C ARG D 466 -14.35 -26.03 -35.69
N ALA D 467 -14.17 -25.06 -34.80
CA ALA D 467 -12.91 -24.93 -34.09
C ALA D 467 -12.61 -26.17 -33.25
N ILE D 468 -13.63 -26.69 -32.55
CA ILE D 468 -13.44 -27.90 -31.77
C ILE D 468 -13.03 -29.05 -32.69
N ASP D 469 -13.68 -29.16 -33.86
CA ASP D 469 -13.36 -30.23 -34.79
C ASP D 469 -11.92 -30.13 -35.28
N LEU D 470 -11.50 -28.92 -35.64
CA LEU D 470 -10.13 -28.75 -36.13
C LEU D 470 -9.10 -29.06 -35.04
N LEU D 471 -9.39 -28.66 -33.80
CA LEU D 471 -8.48 -28.99 -32.70
C LEU D 471 -8.42 -30.49 -32.45
N ARG D 472 -9.55 -31.18 -32.57
CA ARG D 472 -9.55 -32.63 -32.35
C ARG D 472 -8.81 -33.36 -33.47
N ALA D 473 -8.92 -32.86 -34.70
CA ALA D 473 -8.36 -33.58 -35.84
C ALA D 473 -6.85 -33.75 -35.71
N GLU D 474 -6.16 -32.72 -35.23
CA GLU D 474 -4.71 -32.76 -35.08
C GLU D 474 -4.36 -33.12 -33.64
N GLY D 475 -3.42 -34.05 -33.49
CA GLY D 475 -3.02 -34.52 -32.17
C GLY D 475 -4.09 -35.33 -31.47
N ASN D 487 9.14 -28.46 -11.03
CA ASN D 487 8.17 -29.00 -10.08
C ASN D 487 6.88 -29.43 -10.79
N GLU D 488 7.04 -30.14 -11.90
CA GLU D 488 5.92 -30.61 -12.69
C GLU D 488 5.60 -32.05 -12.30
N PRO D 489 4.40 -32.34 -11.79
CA PRO D 489 4.02 -33.73 -11.52
C PRO D 489 4.08 -34.57 -12.80
N PRO D 490 4.54 -35.82 -12.69
CA PRO D 490 4.72 -36.64 -13.90
C PRO D 490 3.43 -36.93 -14.67
N PHE D 491 2.27 -36.90 -14.02
CA PHE D 491 1.02 -37.05 -14.76
C PHE D 491 0.65 -35.76 -15.48
N ARG D 492 0.19 -35.90 -16.71
CA ARG D 492 -0.21 -34.75 -17.53
C ARG D 492 -1.69 -34.43 -17.34
N LEU E 16 -3.63 23.65 -50.23
CA LEU E 16 -2.31 23.82 -50.82
C LEU E 16 -1.70 22.48 -51.21
N THR E 17 -1.01 22.45 -52.34
CA THR E 17 -0.23 21.28 -52.69
C THR E 17 0.92 21.12 -51.69
N PRO E 18 1.25 19.89 -51.30
CA PRO E 18 2.26 19.71 -50.24
C PRO E 18 3.62 20.30 -50.57
N GLU E 19 3.98 20.40 -51.84
CA GLU E 19 5.28 20.94 -52.21
C GLU E 19 5.41 22.39 -51.75
N GLN E 20 4.35 23.17 -51.90
CA GLN E 20 4.36 24.55 -51.43
C GLN E 20 4.54 24.61 -49.93
N ALA E 21 3.86 23.72 -49.20
CA ALA E 21 4.00 23.70 -47.75
C ALA E 21 5.43 23.39 -47.34
N LEU E 22 6.05 22.41 -47.99
CA LEU E 22 7.44 22.06 -47.65
C LEU E 22 8.39 23.21 -47.93
N ALA E 23 8.25 23.84 -49.10
CA ALA E 23 9.12 24.95 -49.44
C ALA E 23 8.96 26.11 -48.47
N GLU E 24 7.71 26.43 -48.12
CA GLU E 24 7.47 27.54 -47.19
C GLU E 24 8.05 27.23 -45.81
N LEU E 25 7.87 26.00 -45.33
CA LEU E 25 8.41 25.63 -44.03
C LEU E 25 9.92 25.77 -44.01
N GLU E 26 10.58 25.26 -45.06
CA GLU E 26 12.04 25.36 -45.12
C GLU E 26 12.49 26.81 -45.12
N ALA E 27 11.84 27.65 -45.93
CA ALA E 27 12.24 29.05 -46.02
C ALA E 27 12.08 29.76 -44.67
N ARG E 28 10.93 29.56 -44.01
CA ARG E 28 10.70 30.22 -42.74
C ARG E 28 11.72 29.78 -41.69
N TYR E 29 11.96 28.48 -41.60
CA TYR E 29 12.91 27.99 -40.61
C TYR E 29 14.31 28.55 -40.86
N GLU E 30 14.74 28.55 -42.12
CA GLU E 30 16.07 29.08 -42.42
C GLU E 30 16.17 30.55 -42.07
N ALA E 31 15.13 31.34 -42.39
CA ALA E 31 15.17 32.76 -42.07
C ALA E 31 15.28 32.99 -40.57
N SER E 32 14.48 32.26 -39.78
CA SER E 32 14.51 32.46 -38.34
C SER E 32 15.86 32.08 -37.74
N VAL E 33 16.42 30.95 -38.18
CA VAL E 33 17.71 30.52 -37.65
C VAL E 33 18.80 31.52 -37.99
N THR E 34 18.83 32.00 -39.24
CA THR E 34 19.84 32.98 -39.63
C THR E 34 19.72 34.27 -38.83
N ALA E 35 18.49 34.73 -38.61
CA ALA E 35 18.28 35.95 -37.84
C ALA E 35 18.81 35.79 -36.41
N LEU E 36 18.49 34.66 -35.76
CA LEU E 36 18.96 34.46 -34.40
C LEU E 36 20.49 34.38 -34.35
N ARG E 37 21.09 33.69 -35.32
CA ARG E 37 22.55 33.58 -35.32
C ARG E 37 23.20 34.96 -35.46
N LYS E 38 22.68 35.80 -36.36
CA LYS E 38 23.29 37.11 -36.52
C LYS E 38 23.07 37.99 -35.30
N ALA E 39 21.91 37.87 -34.64
CA ALA E 39 21.68 38.63 -33.41
C ALA E 39 22.68 38.24 -32.33
N ILE E 40 22.91 36.94 -32.16
CA ILE E 40 23.91 36.51 -31.19
C ILE E 40 25.28 37.06 -31.57
N GLY E 41 25.63 36.98 -32.85
CA GLY E 41 26.95 37.42 -33.28
C GLY E 41 27.20 38.88 -33.01
N ASP E 42 26.25 39.75 -33.38
CA ASP E 42 26.51 41.17 -33.19
C ASP E 42 26.33 41.60 -31.74
N TYR E 43 25.55 40.88 -30.93
CA TYR E 43 25.58 41.16 -29.50
C TYR E 43 26.94 40.85 -28.91
N ILE E 44 27.54 39.72 -29.29
CA ILE E 44 28.86 39.37 -28.77
C ILE E 44 29.90 40.39 -29.23
N ASP E 45 29.88 40.74 -30.52
CA ASP E 45 30.98 41.52 -31.07
C ASP E 45 30.78 43.03 -31.00
N HIS E 46 29.61 43.52 -30.59
CA HIS E 46 29.42 44.96 -30.48
C HIS E 46 28.61 45.41 -29.28
N ASN E 47 28.20 44.51 -28.40
CA ASN E 47 27.42 44.84 -27.21
C ASN E 47 26.17 45.64 -27.58
N THR E 48 25.28 44.99 -28.34
CA THR E 48 24.04 45.60 -28.77
C THR E 48 22.88 44.65 -28.49
N LEU E 49 21.71 45.24 -28.23
CA LEU E 49 20.52 44.47 -27.91
C LEU E 49 19.50 44.54 -29.04
N PRO E 50 18.65 43.53 -29.18
CA PRO E 50 17.60 43.58 -30.19
C PRO E 50 16.33 44.26 -29.70
N ASP E 51 15.64 44.90 -30.64
CA ASP E 51 14.39 45.57 -30.33
C ASP E 51 13.37 44.57 -29.81
N THR E 52 12.55 45.01 -28.85
CA THR E 52 11.50 44.18 -28.30
C THR E 52 10.20 44.26 -29.10
N GLU E 53 10.14 45.11 -30.12
CA GLU E 53 8.96 45.24 -30.96
C GLU E 53 9.09 44.45 -32.25
N ALA E 54 10.20 44.61 -32.97
CA ALA E 54 10.44 43.81 -34.17
C ALA E 54 10.57 42.33 -33.82
N ARG E 55 11.25 42.02 -32.71
CA ARG E 55 11.34 40.63 -32.26
C ARG E 55 9.96 40.06 -31.95
N ALA E 56 9.01 40.91 -31.56
CA ALA E 56 7.65 40.47 -31.33
C ALA E 56 6.85 40.33 -32.63
N GLU E 57 7.48 40.55 -33.78
CA GLU E 57 6.86 40.33 -35.09
C GLU E 57 7.08 38.90 -35.59
N GLY E 58 7.24 37.94 -34.68
CA GLY E 58 7.57 36.58 -35.07
C GLY E 58 8.94 36.47 -35.71
N LEU E 59 9.96 37.08 -35.10
CA LEU E 59 11.29 37.10 -35.70
C LEU E 59 12.10 35.86 -35.33
N PHE E 60 11.82 35.25 -34.19
CA PHE E 60 12.55 34.09 -33.69
C PHE E 60 11.60 32.93 -33.38
N VAL E 61 10.69 32.61 -34.29
CA VAL E 61 9.62 31.66 -33.97
C VAL E 61 9.65 30.48 -34.92
N TYR E 62 9.17 29.35 -34.43
CA TYR E 62 9.04 28.14 -35.23
C TYR E 62 7.88 28.29 -36.22
N PRO E 63 8.02 27.77 -37.44
CA PRO E 63 6.87 27.70 -38.34
C PRO E 63 5.82 26.72 -37.79
N GLN E 64 4.58 26.96 -38.18
CA GLN E 64 3.46 26.15 -37.71
C GLN E 64 2.65 25.65 -38.90
N LEU E 65 2.27 24.38 -38.84
CA LEU E 65 1.51 23.71 -39.90
C LEU E 65 0.20 23.21 -39.35
N SER E 66 -0.88 23.42 -40.11
CA SER E 66 -2.22 23.01 -39.70
C SER E 66 -2.93 22.35 -40.87
N VAL E 67 -3.69 21.30 -40.57
CA VAL E 67 -4.55 20.64 -41.54
C VAL E 67 -5.96 20.56 -40.97
N SER E 68 -6.96 20.86 -41.80
CA SER E 68 -8.36 20.90 -41.39
C SER E 68 -9.14 19.90 -42.21
N TRP E 69 -9.87 19.02 -41.52
CA TRP E 69 -10.67 17.98 -42.17
C TRP E 69 -11.72 17.44 -41.22
N ALA E 88 -13.61 15.09 -36.62
CA ALA E 88 -13.43 16.21 -37.56
C ALA E 88 -12.99 17.47 -36.83
N GLY E 89 -12.11 18.23 -37.47
CA GLY E 89 -11.61 19.45 -36.87
C GLY E 89 -10.31 19.87 -37.53
N CYS E 90 -9.55 20.70 -36.81
CA CYS E 90 -8.28 21.23 -37.28
C CYS E 90 -7.17 20.82 -36.33
N TYR E 91 -6.03 20.45 -36.90
CA TYR E 91 -4.87 19.98 -36.15
C TYR E 91 -3.67 20.85 -36.50
N THR E 92 -2.97 21.35 -35.48
CA THR E 92 -1.83 22.25 -35.67
C THR E 92 -0.65 21.78 -34.83
N THR E 93 0.54 21.80 -35.44
CA THR E 93 1.79 21.56 -34.73
C THR E 93 2.91 22.41 -35.31
N THR E 94 3.96 22.59 -34.50
CA THR E 94 5.12 23.37 -34.88
C THR E 94 6.23 22.45 -35.39
N ILE E 95 6.72 22.73 -36.59
CA ILE E 95 7.74 21.93 -37.24
C ILE E 95 9.12 22.46 -36.87
N THR E 96 10.08 21.54 -36.68
CA THR E 96 11.39 21.89 -36.15
C THR E 96 12.53 21.74 -37.15
N ASN E 97 12.45 20.81 -38.10
CA ASN E 97 13.52 20.56 -39.05
C ASN E 97 12.93 20.01 -40.34
N PRO E 98 12.33 20.88 -41.15
CA PRO E 98 11.61 20.39 -42.33
C PRO E 98 12.48 19.68 -43.34
N LYS E 99 13.79 19.92 -43.35
CA LYS E 99 14.67 19.32 -44.34
C LYS E 99 15.15 17.92 -43.93
N LEU E 100 14.97 17.55 -42.68
CA LEU E 100 15.32 16.20 -42.23
C LEU E 100 14.14 15.23 -42.30
N PHE E 101 12.94 15.71 -41.94
CA PHE E 101 11.73 14.91 -41.98
C PHE E 101 10.99 15.03 -43.31
N ARG E 102 11.71 15.29 -44.41
CA ARG E 102 11.06 15.67 -45.65
C ARG E 102 10.15 14.56 -46.18
N ASN E 103 10.69 13.34 -46.31
CA ASN E 103 9.92 12.27 -46.91
C ASN E 103 8.72 11.90 -46.05
N TYR E 104 8.92 11.78 -44.74
CA TYR E 104 7.84 11.42 -43.83
C TYR E 104 6.71 12.45 -43.90
N LEU E 105 7.05 13.73 -43.77
CA LEU E 105 6.03 14.78 -43.83
C LEU E 105 5.34 14.79 -45.17
N LEU E 106 6.10 14.63 -46.26
CA LEU E 106 5.51 14.70 -47.59
C LEU E 106 4.51 13.57 -47.81
N GLU E 107 4.88 12.35 -47.44
CA GLU E 107 3.96 11.23 -47.66
C GLU E 107 2.75 11.32 -46.74
N GLN E 108 2.94 11.77 -45.49
CA GLN E 108 1.80 11.92 -44.60
C GLN E 108 0.85 13.02 -45.07
N LEU E 109 1.38 14.08 -45.67
CA LEU E 109 0.52 15.15 -46.15
C LEU E 109 -0.19 14.76 -47.44
N THR E 110 0.48 14.01 -48.32
CA THR E 110 -0.18 13.57 -49.55
C THR E 110 -1.18 12.46 -49.30
N LEU E 111 -1.02 11.70 -48.21
CA LEU E 111 -1.97 10.64 -47.91
C LEU E 111 -3.29 11.21 -47.39
N LEU E 112 -3.27 12.43 -46.86
CA LEU E 112 -4.47 13.11 -46.38
C LEU E 112 -5.01 14.12 -47.38
N TYR E 113 -4.47 14.14 -48.59
CA TYR E 113 -4.93 15.03 -49.64
C TYR E 113 -5.59 14.30 -50.79
N GLN E 114 -5.48 12.98 -50.85
CA GLN E 114 -6.11 12.18 -51.88
C GLN E 114 -7.17 11.24 -51.35
N ASP E 115 -7.33 11.12 -50.04
CA ASP E 115 -8.32 10.24 -49.45
C ASP E 115 -9.34 10.96 -48.59
N TYR E 116 -9.06 12.21 -48.19
CA TYR E 116 -9.97 12.98 -47.37
C TYR E 116 -10.12 14.37 -47.99
N GLY E 117 -10.90 15.22 -47.31
CA GLY E 117 -10.98 16.61 -47.68
C GLY E 117 -10.38 17.50 -46.62
N ALA E 118 -9.22 18.09 -46.91
CA ALA E 118 -8.47 18.82 -45.90
C ALA E 118 -7.83 20.07 -46.52
N HIS E 119 -7.70 21.11 -45.71
CA HIS E 119 -7.03 22.34 -46.09
C HIS E 119 -5.76 22.49 -45.29
N ILE E 120 -4.69 22.91 -45.95
CA ILE E 120 -3.35 22.99 -45.38
C ILE E 120 -2.96 24.46 -45.23
N SER E 121 -2.51 24.84 -44.04
CA SER E 121 -2.10 26.21 -43.76
C SER E 121 -0.75 26.22 -43.08
N VAL E 122 0.09 27.20 -43.45
CA VAL E 122 1.42 27.37 -42.90
C VAL E 122 1.54 28.81 -42.42
N GLU E 123 1.98 28.99 -41.17
CA GLU E 123 2.07 30.33 -40.60
C GLU E 123 3.19 30.36 -39.57
N LEU E 124 3.21 31.41 -38.74
CA LEU E 124 4.20 31.57 -37.70
C LEU E 124 3.56 31.34 -36.34
N SER E 125 4.29 30.67 -35.46
CA SER E 125 3.81 30.38 -34.11
C SER E 125 4.36 31.41 -33.14
N GLN E 126 3.97 31.27 -31.87
CA GLN E 126 4.40 32.17 -30.81
C GLN E 126 5.46 31.56 -29.89
N HIS E 127 6.08 30.45 -30.31
CA HIS E 127 7.13 29.82 -29.53
C HIS E 127 8.48 30.16 -30.14
N GLU E 128 9.48 30.31 -29.29
CA GLU E 128 10.79 30.83 -29.70
C GLU E 128 11.84 29.73 -29.68
N ILE E 129 12.86 29.91 -30.51
CA ILE E 129 13.93 28.93 -30.67
C ILE E 129 14.99 29.22 -29.61
N PRO E 130 15.24 28.30 -28.67
CA PRO E 130 16.34 28.51 -27.72
C PRO E 130 17.67 28.60 -28.46
N TYR E 131 18.55 29.45 -27.95
CA TYR E 131 19.82 29.69 -28.63
C TYR E 131 20.79 28.51 -28.61
N PRO E 132 20.84 27.66 -27.56
CA PRO E 132 21.81 26.56 -27.60
C PRO E 132 21.62 25.62 -28.77
N TYR E 133 20.45 25.62 -29.40
CA TYR E 133 20.18 24.73 -30.53
C TYR E 133 20.65 25.30 -31.86
N VAL E 134 21.09 26.55 -31.91
CA VAL E 134 21.41 27.16 -33.20
C VAL E 134 22.90 27.51 -33.33
N ILE E 135 23.74 26.96 -32.46
CA ILE E 135 25.16 27.28 -32.44
C ILE E 135 25.87 26.38 -33.44
N ASP E 136 26.10 26.89 -34.65
CA ASP E 136 26.85 26.16 -35.67
C ASP E 136 27.80 27.05 -36.46
N GLY E 137 28.02 28.29 -36.04
CA GLY E 137 28.89 29.18 -36.79
C GLY E 137 29.75 30.07 -35.92
N SER E 138 29.68 29.88 -34.60
CA SER E 138 30.41 30.71 -33.65
C SER E 138 31.24 29.82 -32.74
N THR E 139 32.07 30.46 -31.91
CA THR E 139 32.87 29.79 -30.90
C THR E 139 32.76 30.60 -29.61
N LEU E 140 31.96 30.10 -28.68
CA LEU E 140 31.65 30.85 -27.45
C LEU E 140 32.77 30.61 -26.43
N THR E 141 33.88 31.30 -26.65
CA THR E 141 34.95 31.39 -25.66
C THR E 141 34.71 32.58 -24.73
N LEU E 142 33.52 32.63 -24.15
CA LEU E 142 33.04 33.79 -23.42
C LEU E 142 33.28 33.63 -21.94
N ASP E 143 33.51 34.75 -21.26
CA ASP E 143 33.66 34.77 -19.81
C ASP E 143 32.28 34.75 -19.16
N ARG E 144 32.23 34.99 -17.85
CA ARG E 144 30.97 34.89 -17.12
C ARG E 144 30.00 35.99 -17.51
N SER E 145 30.51 37.19 -17.79
CA SER E 145 29.63 38.32 -18.11
C SER E 145 28.85 38.06 -19.39
N MET E 146 29.53 37.56 -20.42
CA MET E 146 28.84 37.29 -21.68
C MET E 146 27.82 36.16 -21.53
N SER E 147 28.15 35.13 -20.75
CA SER E 147 27.19 34.06 -20.52
C SER E 147 25.96 34.57 -19.78
N ALA E 148 26.15 35.43 -18.79
CA ALA E 148 25.02 36.00 -18.08
C ALA E 148 24.18 36.86 -19.02
N GLY E 149 24.82 37.65 -19.87
CA GLY E 149 24.06 38.46 -20.82
C GLY E 149 23.28 37.61 -21.80
N LEU E 150 23.87 36.52 -22.28
CA LEU E 150 23.17 35.61 -23.17
C LEU E 150 21.97 34.98 -22.47
N THR E 151 22.14 34.59 -21.21
CA THR E 151 21.02 34.00 -20.49
C THR E 151 19.92 35.02 -20.23
N ARG E 152 20.28 36.29 -20.07
CA ARG E 152 19.27 37.29 -19.71
C ARG E 152 18.53 37.85 -20.91
N TYR E 153 19.22 38.20 -21.99
CA TYR E 153 18.60 38.92 -23.11
C TYR E 153 18.17 38.02 -24.26
N PHE E 154 18.23 36.70 -24.12
CA PHE E 154 17.98 35.81 -25.24
C PHE E 154 17.12 34.64 -24.79
N PRO E 155 16.39 34.02 -25.73
CA PRO E 155 15.54 32.88 -25.36
C PRO E 155 16.37 31.71 -24.82
N THR E 156 15.79 31.01 -23.84
CA THR E 156 16.46 29.88 -23.21
C THR E 156 15.46 28.74 -23.03
N THR E 157 15.96 27.62 -22.53
CA THR E 157 15.14 26.43 -22.33
C THR E 157 14.41 26.52 -20.99
N GLU E 158 13.11 26.26 -21.01
CA GLU E 158 12.30 26.23 -19.81
C GLU E 158 11.72 24.83 -19.64
N LEU E 159 11.92 24.26 -18.44
CA LEU E 159 11.50 22.88 -18.18
C LEU E 159 10.00 22.71 -18.04
N SER E 160 9.24 23.81 -17.96
CA SER E 160 7.79 23.67 -17.95
C SER E 160 7.22 23.45 -19.34
N GLN E 161 8.05 23.49 -20.38
CA GLN E 161 7.60 23.39 -21.76
C GLN E 161 7.73 21.99 -22.34
N ILE E 162 8.85 21.30 -22.09
CA ILE E 162 9.04 19.95 -22.58
C ILE E 162 8.32 18.98 -21.64
N GLY E 163 7.67 17.98 -22.22
CA GLY E 163 6.93 17.00 -21.44
C GLY E 163 6.75 15.67 -22.15
N GLU E 175 -7.33 23.51 -34.40
CA GLU E 175 -6.53 24.42 -33.60
C GLU E 175 -6.45 23.92 -32.16
N PHE E 176 -7.18 22.85 -31.87
CA PHE E 176 -7.30 22.36 -30.50
C PHE E 176 -6.96 20.88 -30.36
N TYR E 177 -6.38 20.27 -31.39
CA TYR E 177 -6.00 18.87 -31.34
C TYR E 177 -4.59 18.70 -31.87
N PRO E 178 -3.82 17.76 -31.32
CA PRO E 178 -2.43 17.59 -31.78
C PRO E 178 -2.36 16.80 -33.08
N LEU E 179 -1.46 17.24 -33.97
CA LEU E 179 -1.29 16.60 -35.27
C LEU E 179 -0.20 15.53 -35.26
N SER E 180 0.73 15.60 -34.31
CA SER E 180 1.80 14.62 -34.19
C SER E 180 2.04 14.31 -32.73
N HIS E 181 2.85 13.28 -32.48
CA HIS E 181 3.14 12.88 -31.11
C HIS E 181 3.91 13.96 -30.36
N PHE E 182 4.86 14.60 -31.02
CA PHE E 182 5.79 15.52 -30.37
C PHE E 182 5.77 16.88 -31.06
N ASP E 183 6.03 17.93 -30.28
CA ASP E 183 6.17 19.27 -30.81
C ASP E 183 7.64 19.56 -31.08
N ALA E 184 7.95 20.81 -31.42
CA ALA E 184 9.31 21.14 -31.84
C ALA E 184 10.28 21.21 -30.67
N ARG E 185 9.82 21.71 -29.52
CA ARG E 185 10.73 21.90 -28.39
C ARG E 185 11.17 20.59 -27.75
N ARG E 186 10.54 19.48 -28.10
CA ARG E 186 10.96 18.15 -27.64
C ARG E 186 11.79 17.42 -28.68
N VAL E 187 11.40 17.51 -29.95
CA VAL E 187 12.21 16.92 -31.01
C VAL E 187 13.59 17.57 -31.05
N ASP E 188 13.65 18.89 -30.88
CA ASP E 188 14.93 19.56 -30.92
C ASP E 188 15.76 19.27 -29.67
N PHE E 189 15.09 19.00 -28.55
CA PHE E 189 15.79 18.61 -27.32
C PHE E 189 16.39 17.23 -27.46
N SER E 190 15.73 16.34 -28.20
CA SER E 190 16.21 14.98 -28.35
C SER E 190 17.28 14.85 -29.42
N LEU E 191 17.17 15.61 -30.51
CA LEU E 191 18.18 15.54 -31.56
C LEU E 191 19.54 16.05 -31.09
N ALA E 192 19.57 16.90 -30.06
CA ALA E 192 20.85 17.39 -29.55
C ALA E 192 21.58 16.33 -28.73
N ARG E 193 20.86 15.38 -28.15
CA ARG E 193 21.47 14.31 -27.36
C ARG E 193 21.72 13.05 -28.16
N LEU E 194 20.95 12.82 -29.23
CA LEU E 194 21.30 11.70 -30.12
C LEU E 194 22.70 11.85 -30.66
N ARG E 195 23.12 13.06 -31.01
CA ARG E 195 24.45 13.28 -31.55
C ARG E 195 25.53 13.14 -30.49
N HIS E 196 25.19 13.24 -29.21
CA HIS E 196 26.18 13.17 -28.15
C HIS E 196 26.36 11.74 -27.64
N TYR E 197 25.25 11.04 -27.34
CA TYR E 197 25.36 9.66 -26.89
C TYR E 197 25.97 8.77 -27.97
N THR E 198 25.54 8.94 -29.21
CA THR E 198 25.90 8.03 -30.29
C THR E 198 27.24 8.38 -30.95
N GLY E 199 27.36 9.60 -31.46
CA GLY E 199 28.56 10.02 -32.14
C GLY E 199 28.43 10.20 -33.63
N THR E 200 27.23 10.09 -34.19
CA THR E 200 26.98 10.27 -35.61
C THR E 200 25.88 11.29 -35.82
N PRO E 201 25.86 11.95 -36.97
CA PRO E 201 24.79 12.91 -37.23
C PRO E 201 23.44 12.22 -37.32
N ALA E 202 22.39 12.95 -36.95
CA ALA E 202 21.04 12.39 -36.96
C ALA E 202 20.48 12.20 -38.36
N GLU E 203 21.16 12.69 -39.39
CA GLU E 203 20.68 12.52 -40.76
C GLU E 203 21.01 11.15 -41.34
N HIS E 204 21.77 10.33 -40.63
CA HIS E 204 22.22 9.05 -41.17
C HIS E 204 21.41 7.86 -40.67
N PHE E 205 20.59 8.03 -39.64
CA PHE E 205 19.91 6.91 -39.02
C PHE E 205 18.98 6.22 -40.02
N GLN E 206 18.90 4.90 -39.91
CA GLN E 206 18.12 4.05 -40.80
C GLN E 206 16.90 3.50 -40.07
N PRO E 207 15.88 3.05 -40.80
CA PRO E 207 14.62 2.67 -40.15
C PRO E 207 14.62 1.31 -39.46
N TYR E 208 15.62 0.46 -39.66
CA TYR E 208 15.65 -0.88 -39.07
C TYR E 208 16.78 -0.96 -38.07
N VAL E 209 16.45 -1.04 -36.78
CA VAL E 209 17.43 -0.88 -35.70
C VAL E 209 17.67 -2.21 -35.02
N LEU E 210 18.95 -2.52 -34.79
CA LEU E 210 19.39 -3.70 -34.05
C LEU E 210 20.09 -3.25 -32.78
N PHE E 211 19.75 -3.86 -31.65
CA PHE E 211 20.39 -3.58 -30.38
C PHE E 211 21.22 -4.77 -29.95
N THR E 212 22.43 -4.51 -29.45
CA THR E 212 23.29 -5.56 -28.95
C THR E 212 23.87 -5.14 -27.60
N ASN E 213 24.61 -6.05 -26.97
CA ASN E 213 25.32 -5.72 -25.74
C ASN E 213 26.70 -6.34 -25.68
N TYR E 214 27.19 -6.93 -26.77
CA TYR E 214 28.42 -7.69 -26.79
C TYR E 214 29.23 -7.27 -28.00
N THR E 215 30.45 -6.77 -27.76
CA THR E 215 31.21 -6.09 -28.81
C THR E 215 31.64 -7.01 -29.95
N ARG E 216 31.65 -8.34 -29.74
CA ARG E 216 31.98 -9.24 -30.82
C ARG E 216 30.97 -9.12 -31.95
N TYR E 217 29.70 -8.88 -31.62
CA TYR E 217 28.70 -8.61 -32.64
C TYR E 217 29.08 -7.38 -33.46
N VAL E 218 29.59 -6.36 -32.80
CA VAL E 218 30.01 -5.14 -33.51
C VAL E 218 31.13 -5.45 -34.48
N ASP E 219 32.11 -6.24 -34.05
CA ASP E 219 33.21 -6.61 -34.95
C ASP E 219 32.69 -7.38 -36.15
N GLU E 220 31.80 -8.35 -35.92
CA GLU E 220 31.26 -9.14 -37.02
C GLU E 220 30.48 -8.27 -37.99
N PHE E 221 29.66 -7.36 -37.47
CA PHE E 221 28.85 -6.49 -38.32
C PHE E 221 29.73 -5.59 -39.17
N VAL E 222 30.78 -5.00 -38.58
CA VAL E 222 31.65 -4.12 -39.34
C VAL E 222 32.36 -4.90 -40.44
N SER E 223 32.85 -6.10 -40.13
CA SER E 223 33.53 -6.90 -41.14
C SER E 223 32.58 -7.28 -42.28
N TRP E 224 31.37 -7.73 -41.94
CA TRP E 224 30.41 -8.12 -42.97
C TRP E 224 30.01 -6.95 -43.83
N GLY E 225 29.80 -5.77 -43.23
CA GLY E 225 29.45 -4.60 -44.02
C GLY E 225 30.57 -4.17 -44.96
N CYS E 226 31.80 -4.14 -44.46
CA CYS E 226 32.93 -3.78 -45.32
C CYS E 226 33.10 -4.78 -46.44
N SER E 227 32.73 -6.05 -46.22
CA SER E 227 32.79 -7.03 -47.29
C SER E 227 31.65 -6.83 -48.29
N GLN E 228 30.48 -6.41 -47.80
CA GLN E 228 29.33 -6.24 -48.69
C GLN E 228 29.45 -5.01 -49.57
N ILE E 229 30.08 -3.95 -49.07
CA ILE E 229 30.15 -2.71 -49.85
C ILE E 229 30.93 -2.93 -51.14
N LEU E 230 32.01 -3.72 -51.09
CA LEU E 230 32.84 -3.95 -52.26
C LEU E 230 32.13 -4.73 -53.35
N ASP E 231 31.00 -5.37 -53.05
CA ASP E 231 30.28 -6.13 -54.05
C ASP E 231 29.65 -5.20 -55.07
N PRO E 232 29.92 -5.37 -56.36
CA PRO E 232 29.34 -4.45 -57.36
C PRO E 232 27.82 -4.44 -57.39
N ASP E 233 27.18 -5.58 -57.14
CA ASP E 233 25.72 -5.68 -57.17
C ASP E 233 25.23 -5.86 -55.74
N SER E 234 25.02 -4.74 -55.04
CA SER E 234 24.52 -4.78 -53.68
C SER E 234 23.91 -3.42 -53.37
N PRO E 235 22.80 -3.36 -52.63
CA PRO E 235 22.16 -2.06 -52.35
C PRO E 235 23.05 -1.11 -51.57
N TYR E 236 23.90 -1.62 -50.68
CA TYR E 236 24.66 -0.75 -49.79
C TYR E 236 25.79 -0.06 -50.53
N ILE E 237 26.02 1.21 -50.19
CA ILE E 237 26.99 2.02 -50.93
C ILE E 237 27.98 2.70 -49.99
N ALA E 238 27.69 2.73 -48.69
CA ALA E 238 28.57 3.42 -47.77
C ALA E 238 28.35 2.90 -46.35
N LEU E 239 29.37 3.09 -45.52
CA LEU E 239 29.31 2.74 -44.11
C LEU E 239 29.72 3.95 -43.30
N SER E 240 28.94 4.27 -42.26
CA SER E 240 29.22 5.39 -41.39
C SER E 240 29.46 4.88 -39.98
N CYS E 241 30.63 5.17 -39.43
CA CYS E 241 31.03 4.66 -38.13
C CYS E 241 30.96 5.76 -37.08
N ALA E 242 30.95 5.34 -35.82
CA ALA E 242 30.94 6.28 -34.72
C ALA E 242 32.26 7.03 -34.64
N GLY E 243 32.19 8.33 -34.43
CA GLY E 243 33.38 9.17 -34.40
C GLY E 243 33.61 9.99 -35.66
N GLY E 244 32.84 9.76 -36.72
CA GLY E 244 32.97 10.55 -37.92
C GLY E 244 33.85 9.92 -38.98
N ILE E 245 33.60 8.66 -39.31
CA ILE E 245 34.33 7.94 -40.34
C ILE E 245 33.34 7.50 -41.41
N TRP E 246 33.67 7.81 -42.67
CA TRP E 246 32.81 7.57 -43.82
C TRP E 246 33.57 6.71 -44.81
N ILE E 247 33.18 5.45 -44.95
CA ILE E 247 33.89 4.48 -45.78
C ILE E 247 33.05 4.16 -47.00
N THR E 248 33.61 4.33 -48.18
CA THR E 248 32.97 4.01 -49.45
C THR E 248 33.79 2.93 -50.16
N ALA E 249 33.42 2.66 -51.41
CA ALA E 249 34.11 1.64 -52.20
C ALA E 249 35.38 2.18 -52.86
N GLU E 250 35.70 3.46 -52.69
CA GLU E 250 36.87 4.06 -53.33
C GLU E 250 37.84 4.63 -52.29
N THR E 251 37.86 4.06 -51.09
CA THR E 251 38.79 4.47 -50.04
C THR E 251 40.01 3.57 -50.07
N GLU E 252 41.19 4.18 -49.95
CA GLU E 252 42.43 3.41 -49.95
C GLU E 252 42.50 2.48 -48.75
N ALA E 253 42.12 2.97 -47.57
CA ALA E 253 42.26 2.21 -46.34
C ALA E 253 40.91 1.77 -45.83
N PRO E 254 40.57 0.49 -45.87
CA PRO E 254 39.39 -0.02 -45.15
C PRO E 254 39.66 -0.48 -43.73
N GLU E 255 40.84 -0.22 -43.18
CA GLU E 255 41.27 -0.77 -41.90
C GLU E 255 41.27 0.27 -40.78
N GLN E 256 40.29 1.18 -40.80
CA GLN E 256 40.11 2.14 -39.72
C GLN E 256 38.67 2.23 -39.26
N ALA E 257 37.79 1.34 -39.73
CA ALA E 257 36.38 1.40 -39.33
C ALA E 257 36.22 1.13 -37.85
N ILE E 258 36.92 0.13 -37.32
CA ILE E 258 36.78 -0.24 -35.93
C ILE E 258 38.02 0.19 -35.15
N SER E 259 37.96 1.38 -34.56
CA SER E 259 39.03 1.90 -33.72
C SER E 259 38.59 1.85 -32.25
N ASP E 260 39.59 1.82 -31.37
CA ASP E 260 39.32 1.71 -29.94
C ASP E 260 38.96 3.03 -29.29
N LEU E 261 39.14 4.15 -29.98
CA LEU E 261 38.82 5.46 -29.42
C LEU E 261 37.31 5.70 -29.32
N ALA E 262 36.50 4.94 -30.04
CA ALA E 262 35.05 5.15 -30.01
C ALA E 262 34.48 4.87 -28.61
N TRP E 263 34.96 3.82 -27.96
CA TRP E 263 34.43 3.47 -26.64
C TRP E 263 34.93 4.39 -25.54
N LYS E 264 35.99 5.15 -25.79
CA LYS E 264 36.44 6.18 -24.87
C LYS E 264 35.44 7.30 -24.68
N LYS E 265 34.93 7.86 -25.77
CA LYS E 265 34.24 9.15 -25.72
C LYS E 265 32.73 9.02 -25.71
N HIS E 266 32.18 8.05 -26.44
CA HIS E 266 30.74 7.92 -26.62
C HIS E 266 30.22 6.72 -25.86
N GLN E 267 29.13 6.90 -25.14
CA GLN E 267 28.60 5.83 -24.30
C GLN E 267 27.99 4.71 -25.14
N MET E 268 27.29 5.06 -26.22
CA MET E 268 26.52 4.11 -27.01
C MET E 268 26.82 4.32 -28.49
N PRO E 269 27.94 3.79 -28.98
CA PRO E 269 28.29 4.00 -30.39
C PRO E 269 27.31 3.30 -31.31
N ALA E 270 27.20 3.84 -32.53
CA ALA E 270 26.31 3.25 -33.53
C ALA E 270 27.00 3.22 -34.89
N TRP E 271 26.72 2.17 -35.66
CA TRP E 271 27.24 1.97 -37.00
C TRP E 271 26.08 1.88 -37.97
N HIS E 272 26.10 2.69 -39.03
CA HIS E 272 25.04 2.70 -40.02
C HIS E 272 25.57 2.16 -41.35
N LEU E 273 24.74 1.42 -42.06
CA LEU E 273 25.11 0.85 -43.36
C LEU E 273 24.15 1.44 -44.38
N ILE E 274 24.58 2.53 -45.02
CA ILE E 274 23.66 3.36 -45.79
C ILE E 274 23.24 2.66 -47.07
N THR E 275 22.03 2.96 -47.53
CA THR E 275 21.49 2.49 -48.80
C THR E 275 21.05 3.71 -49.60
N HIS E 276 21.03 3.56 -50.93
CA HIS E 276 20.70 4.69 -51.80
C HIS E 276 19.28 5.18 -51.56
N ASP E 277 18.33 4.28 -51.36
CA ASP E 277 16.94 4.67 -51.14
C ASP E 277 16.72 5.27 -49.76
N GLY E 278 17.33 4.68 -48.73
CA GLY E 278 17.07 5.10 -47.37
C GLY E 278 16.59 3.93 -46.52
N LYS E 279 16.90 2.71 -46.97
CA LYS E 279 16.49 1.48 -46.30
C LYS E 279 17.76 0.69 -46.02
N GLY E 280 18.40 0.97 -44.89
CA GLY E 280 19.63 0.30 -44.52
C GLY E 280 19.52 -0.41 -43.20
N ILE E 281 20.64 -0.57 -42.49
CA ILE E 281 20.65 -1.21 -41.18
C ILE E 281 21.47 -0.36 -40.22
N THR E 282 20.97 -0.21 -39.01
CA THR E 282 21.66 0.51 -37.94
C THR E 282 21.93 -0.44 -36.79
N LEU E 283 23.15 -0.39 -36.25
CA LEU E 283 23.54 -1.21 -35.12
C LEU E 283 23.94 -0.29 -33.98
N ILE E 284 23.33 -0.47 -32.81
CA ILE E 284 23.59 0.35 -31.64
C ILE E 284 24.02 -0.56 -30.51
N ASN E 285 25.10 -0.19 -29.82
CA ASN E 285 25.66 -0.97 -28.72
C ASN E 285 25.25 -0.29 -27.41
N ILE E 286 24.06 -0.62 -26.92
CA ILE E 286 23.50 0.12 -25.79
C ILE E 286 24.35 -0.08 -24.53
N GLY E 287 24.76 -1.32 -24.24
CA GLY E 287 25.51 -1.63 -23.04
C GLY E 287 24.77 -2.64 -22.18
N VAL E 288 24.89 -2.48 -20.87
CA VAL E 288 24.28 -3.38 -19.90
C VAL E 288 23.48 -2.56 -18.90
N GLY E 289 22.22 -2.94 -18.69
CA GLY E 289 21.39 -2.28 -17.73
C GLY E 289 20.03 -1.90 -18.31
N PRO E 290 19.00 -1.86 -17.47
CA PRO E 290 17.68 -1.44 -17.92
C PRO E 290 17.44 0.06 -17.90
N ALA E 291 18.42 0.86 -17.47
CA ALA E 291 18.30 2.31 -17.49
C ALA E 291 18.98 2.94 -18.68
N ASN E 292 19.90 2.25 -19.33
CA ASN E 292 20.49 2.72 -20.58
C ASN E 292 19.66 2.34 -21.79
N ALA E 293 18.79 1.35 -21.67
CA ALA E 293 17.92 0.95 -22.78
C ALA E 293 16.63 1.76 -22.83
N LYS E 294 16.39 2.61 -21.83
CA LYS E 294 15.21 3.46 -21.81
C LYS E 294 15.47 4.85 -22.35
N THR E 295 16.60 5.46 -21.99
CA THR E 295 16.91 6.80 -22.48
C THR E 295 17.17 6.81 -23.98
N ILE E 296 17.89 5.80 -24.49
CA ILE E 296 18.14 5.77 -25.91
C ILE E 296 16.84 5.56 -26.69
N CYS E 297 15.90 4.79 -26.14
CA CYS E 297 14.61 4.64 -26.80
C CYS E 297 13.82 5.94 -26.75
N ASP E 298 13.85 6.64 -25.63
CA ASP E 298 13.21 7.95 -25.54
C ASP E 298 13.72 8.88 -26.63
N HIS E 299 15.04 8.94 -26.81
CA HIS E 299 15.61 9.88 -27.77
C HIS E 299 15.47 9.39 -29.20
N LEU E 300 15.36 8.09 -29.42
CA LEU E 300 15.29 7.53 -30.76
C LEU E 300 13.87 7.44 -31.30
N ALA E 301 12.86 7.54 -30.43
CA ALA E 301 11.49 7.43 -30.89
C ALA E 301 11.10 8.55 -31.85
N VAL E 302 11.72 9.73 -31.72
CA VAL E 302 11.29 10.89 -32.49
C VAL E 302 11.66 10.80 -33.96
N LEU E 303 12.45 9.80 -34.36
CA LEU E 303 12.77 9.60 -35.77
C LEU E 303 11.81 8.66 -36.46
N ARG E 304 10.90 8.04 -35.73
CA ARG E 304 9.88 7.12 -36.25
C ARG E 304 10.52 5.94 -36.99
N PRO E 305 11.19 5.03 -36.28
CA PRO E 305 11.80 3.88 -36.97
C PRO E 305 10.76 2.89 -37.43
N ASP E 306 11.18 1.83 -38.12
CA ASP E 306 10.25 0.83 -38.61
C ASP E 306 10.24 -0.44 -37.77
N VAL E 307 11.36 -0.82 -37.15
CA VAL E 307 11.39 -2.01 -36.30
C VAL E 307 12.60 -1.93 -35.39
N TRP E 308 12.41 -2.39 -34.16
CA TRP E 308 13.46 -2.56 -33.17
C TRP E 308 13.67 -4.04 -32.93
N LEU E 309 14.90 -4.52 -33.05
CA LEU E 309 15.23 -5.90 -32.74
C LEU E 309 16.26 -5.94 -31.64
N MET E 310 16.15 -6.92 -30.75
CA MET E 310 17.09 -7.11 -29.65
C MET E 310 17.81 -8.43 -29.86
N ILE E 311 19.14 -8.39 -29.80
CA ILE E 311 19.98 -9.56 -30.02
C ILE E 311 21.03 -9.58 -28.93
N GLY E 312 20.97 -10.58 -28.07
CA GLY E 312 21.89 -10.66 -26.94
C GLY E 312 22.02 -12.07 -26.45
N HIS E 313 22.31 -12.20 -25.15
CA HIS E 313 22.43 -13.50 -24.51
C HIS E 313 21.77 -13.46 -23.15
N CYS E 314 21.37 -14.63 -22.68
CA CYS E 314 20.61 -14.75 -21.44
C CYS E 314 21.17 -15.92 -20.64
N GLY E 315 20.49 -16.28 -19.56
CA GLY E 315 20.84 -17.44 -18.76
C GLY E 315 19.65 -18.35 -18.57
N GLY E 316 19.75 -19.58 -19.07
CA GLY E 316 18.65 -20.50 -19.06
C GLY E 316 18.21 -20.91 -17.66
N LEU E 317 16.93 -21.24 -17.54
CA LEU E 317 16.35 -21.64 -16.27
C LEU E 317 15.75 -23.04 -16.29
N ARG E 318 15.86 -23.75 -17.40
CA ARG E 318 15.30 -25.10 -17.54
C ARG E 318 16.43 -26.10 -17.74
N GLU E 319 16.25 -27.29 -17.15
CA GLU E 319 17.32 -28.29 -17.17
C GLU E 319 17.55 -28.85 -18.58
N SER E 320 16.54 -28.82 -19.43
CA SER E 320 16.71 -29.37 -20.78
C SER E 320 17.53 -28.48 -21.69
N GLN E 321 17.79 -27.24 -21.30
CA GLN E 321 18.49 -26.30 -22.16
C GLN E 321 20.00 -26.53 -22.11
N ALA E 322 20.64 -26.42 -23.26
CA ALA E 322 22.09 -26.52 -23.38
C ALA E 322 22.64 -25.20 -23.90
N ILE E 323 23.89 -24.91 -23.53
CA ILE E 323 24.54 -23.68 -23.97
C ILE E 323 24.57 -23.65 -25.49
N GLY E 324 24.03 -22.59 -26.08
CA GLY E 324 23.93 -22.48 -27.52
C GLY E 324 22.53 -22.62 -28.10
N ASP E 325 21.50 -22.60 -27.27
CA ASP E 325 20.12 -22.76 -27.71
C ASP E 325 19.41 -21.42 -27.72
N TYR E 326 18.41 -21.30 -28.60
CA TYR E 326 17.73 -20.04 -28.83
C TYR E 326 16.43 -19.96 -28.06
N VAL E 327 16.15 -18.77 -27.53
CA VAL E 327 14.93 -18.50 -26.78
C VAL E 327 14.20 -17.35 -27.46
N LEU E 328 12.89 -17.52 -27.64
CA LEU E 328 12.03 -16.54 -28.26
C LEU E 328 10.94 -16.17 -27.26
N ALA E 329 10.80 -14.89 -26.98
CA ALA E 329 9.89 -14.43 -25.94
C ALA E 329 8.50 -14.20 -26.51
N HIS E 330 7.49 -14.64 -25.78
CA HIS E 330 6.10 -14.32 -26.11
C HIS E 330 5.37 -13.65 -24.96
N ALA E 331 6.06 -13.33 -23.87
CA ALA E 331 5.51 -12.59 -22.75
C ALA E 331 6.65 -12.18 -21.85
N TYR E 332 6.52 -11.02 -21.23
CA TYR E 332 7.58 -10.45 -20.41
C TYR E 332 7.09 -10.22 -18.99
N LEU E 333 7.87 -10.65 -18.01
CA LEU E 333 7.61 -10.36 -16.61
C LEU E 333 8.55 -9.24 -16.20
N ARG E 334 7.98 -8.09 -15.85
CA ARG E 334 8.75 -6.86 -15.67
C ARG E 334 9.09 -6.68 -14.19
N ASP E 335 10.35 -6.89 -13.85
CA ASP E 335 10.88 -6.63 -12.51
C ASP E 335 11.82 -5.44 -12.46
N ASP E 336 11.95 -4.69 -13.55
CA ASP E 336 12.73 -3.46 -13.54
C ASP E 336 11.85 -2.31 -13.11
N HIS E 337 12.29 -1.57 -12.10
CA HIS E 337 11.44 -0.56 -11.47
C HIS E 337 11.26 0.68 -12.33
N VAL E 338 12.03 0.85 -13.40
CA VAL E 338 11.79 1.96 -14.31
C VAL E 338 10.49 1.70 -15.07
N LEU E 339 9.85 2.78 -15.52
CA LEU E 339 8.61 2.76 -16.27
C LEU E 339 7.41 2.28 -15.47
N ASP E 340 7.55 2.10 -14.16
CA ASP E 340 6.41 1.73 -13.35
C ASP E 340 5.54 2.91 -12.94
N ALA E 341 5.98 4.13 -13.22
CA ALA E 341 5.19 5.31 -12.91
C ALA E 341 4.36 5.80 -14.10
N VAL E 342 4.71 5.39 -15.32
CA VAL E 342 3.98 5.80 -16.51
C VAL E 342 3.27 4.65 -17.18
N LEU E 343 3.65 3.40 -16.91
CA LEU E 343 3.00 2.23 -17.49
C LEU E 343 2.98 1.13 -16.44
N PRO E 344 1.95 1.09 -15.61
CA PRO E 344 1.94 0.17 -14.46
C PRO E 344 2.02 -1.28 -14.92
N PRO E 345 2.51 -2.17 -14.07
CA PRO E 345 2.68 -3.57 -14.49
C PRO E 345 1.37 -4.30 -14.76
N ASP E 346 0.23 -3.71 -14.43
CA ASP E 346 -1.04 -4.35 -14.74
C ASP E 346 -1.29 -4.40 -16.24
N ILE E 347 -0.81 -3.40 -16.97
CA ILE E 347 -1.08 -3.31 -18.41
C ILE E 347 -0.34 -4.43 -19.13
N PRO E 348 -1.00 -5.21 -19.97
CA PRO E 348 -0.32 -6.32 -20.64
C PRO E 348 0.37 -5.88 -21.93
N ILE E 349 1.58 -6.40 -22.13
CA ILE E 349 2.36 -6.12 -23.33
C ILE E 349 2.30 -7.33 -24.24
N PRO E 350 1.50 -7.29 -25.30
CA PRO E 350 1.37 -8.46 -26.18
C PRO E 350 2.58 -8.67 -27.08
N SER E 351 2.49 -9.63 -27.98
CA SER E 351 3.51 -9.87 -29.00
C SER E 351 2.93 -9.55 -30.37
N ILE E 352 3.81 -9.44 -31.35
CA ILE E 352 3.44 -9.07 -32.71
C ILE E 352 3.65 -10.28 -33.60
N ALA E 353 2.59 -10.73 -34.26
CA ALA E 353 2.63 -11.99 -34.99
C ALA E 353 3.60 -11.94 -36.16
N GLU E 354 3.63 -10.82 -36.88
CA GLU E 354 4.48 -10.73 -38.06
C GLU E 354 5.95 -10.88 -37.71
N VAL E 355 6.39 -10.21 -36.65
CA VAL E 355 7.80 -10.25 -36.26
C VAL E 355 8.18 -11.65 -35.80
N GLN E 356 7.32 -12.31 -35.01
CA GLN E 356 7.63 -13.65 -34.54
C GLN E 356 7.68 -14.64 -35.69
N ARG E 357 6.77 -14.51 -36.65
CA ARG E 357 6.82 -15.38 -37.83
C ARG E 357 8.11 -15.17 -38.60
N ALA E 358 8.52 -13.90 -38.77
CA ALA E 358 9.76 -13.63 -39.49
C ALA E 358 10.97 -14.21 -38.77
N LEU E 359 11.02 -14.09 -37.45
CA LEU E 359 12.14 -14.63 -36.69
C LEU E 359 12.19 -16.16 -36.79
N TYR E 360 11.03 -16.82 -36.70
CA TYR E 360 10.99 -18.27 -36.82
C TYR E 360 11.46 -18.71 -38.19
N ASP E 361 10.98 -18.05 -39.25
CA ASP E 361 11.40 -18.41 -40.59
C ASP E 361 12.89 -18.20 -40.79
N ALA E 362 13.42 -17.08 -40.27
CA ALA E 362 14.84 -16.80 -40.42
C ALA E 362 15.69 -17.85 -39.70
N THR E 363 15.30 -18.23 -38.49
CA THR E 363 16.03 -19.26 -37.77
C THR E 363 16.02 -20.57 -38.53
N LYS E 364 14.84 -20.95 -39.04
CA LYS E 364 14.74 -22.20 -39.80
C LYS E 364 15.63 -22.18 -41.03
N GLN E 365 15.64 -21.05 -41.76
CA GLN E 365 16.40 -20.99 -43.01
C GLN E 365 17.91 -20.95 -42.74
N VAL E 366 18.35 -20.08 -41.84
CA VAL E 366 19.79 -19.91 -41.64
C VAL E 366 20.38 -21.11 -40.93
N SER E 367 19.72 -21.62 -39.88
CA SER E 367 20.27 -22.73 -39.12
C SER E 367 20.42 -23.99 -39.97
N GLY E 368 19.73 -24.08 -41.08
CA GLY E 368 19.87 -25.21 -41.99
C GLY E 368 19.39 -26.53 -41.43
N MET E 369 18.26 -26.53 -40.73
CA MET E 369 17.71 -27.76 -40.19
C MET E 369 16.18 -27.69 -40.09
N VAL E 374 14.13 -27.78 -35.87
CA VAL E 374 14.44 -26.68 -34.96
C VAL E 374 13.60 -26.80 -33.70
N LYS E 375 12.84 -27.88 -33.60
CA LYS E 375 11.96 -28.07 -32.46
C LYS E 375 12.72 -28.30 -31.14
N GLN E 376 14.01 -28.59 -31.21
CA GLN E 376 14.81 -28.87 -30.03
C GLN E 376 15.80 -27.78 -29.68
N ARG E 377 16.29 -27.03 -30.66
CA ARG E 377 17.24 -25.95 -30.42
C ARG E 377 16.57 -24.60 -30.20
N LEU E 378 15.27 -24.51 -30.38
CA LEU E 378 14.54 -23.24 -30.28
C LEU E 378 13.35 -23.41 -29.35
N ARG E 379 13.21 -22.50 -28.40
CA ARG E 379 12.10 -22.55 -27.46
C ARG E 379 11.36 -21.22 -27.48
N THR E 380 10.11 -21.26 -27.02
CA THR E 380 9.28 -20.07 -26.91
C THR E 380 8.75 -19.99 -25.48
N GLY E 381 8.89 -18.84 -24.85
CA GLY E 381 8.48 -18.76 -23.46
C GLY E 381 8.48 -17.36 -22.92
N THR E 382 8.44 -17.28 -21.59
CA THR E 382 8.40 -16.02 -20.86
C THR E 382 9.79 -15.69 -20.33
N VAL E 383 10.25 -14.47 -20.59
CA VAL E 383 11.57 -14.02 -20.14
C VAL E 383 11.41 -13.03 -19.00
N VAL E 384 12.25 -13.15 -17.99
CA VAL E 384 12.27 -12.25 -16.85
C VAL E 384 13.29 -11.17 -17.10
N THR E 385 13.01 -9.96 -16.64
CA THR E 385 13.95 -8.85 -16.74
C THR E 385 14.11 -8.22 -15.37
N THR E 386 15.35 -8.07 -14.94
CA THR E 386 15.66 -7.57 -13.61
C THR E 386 16.74 -6.50 -13.70
N ASP E 387 16.73 -5.59 -12.73
CA ASP E 387 17.73 -4.53 -12.66
C ASP E 387 18.83 -4.84 -11.65
N ASP E 388 18.87 -6.06 -11.13
CA ASP E 388 19.84 -6.48 -10.12
C ASP E 388 20.80 -7.47 -10.77
N ARG E 389 22.06 -7.06 -10.94
CA ARG E 389 23.03 -7.92 -11.59
C ARG E 389 23.49 -9.07 -10.71
N ASN E 390 23.15 -9.04 -9.42
CA ASN E 390 23.56 -10.09 -8.48
C ASN E 390 22.34 -10.74 -7.85
N TRP E 391 21.34 -11.10 -8.67
CA TRP E 391 20.11 -11.66 -8.13
C TRP E 391 20.34 -12.96 -7.38
N GLU E 392 21.44 -13.66 -7.64
CA GLU E 392 21.67 -14.95 -7.01
C GLU E 392 21.69 -14.82 -5.48
N LEU E 393 22.31 -13.77 -4.96
CA LEU E 393 22.41 -13.59 -3.53
C LEU E 393 21.06 -13.43 -2.86
N ARG E 394 20.00 -13.14 -3.63
CA ARG E 394 18.65 -13.04 -3.07
C ARG E 394 17.70 -14.04 -3.72
N TYR E 395 18.25 -15.08 -4.35
CA TYR E 395 17.44 -15.99 -5.15
C TYR E 395 16.26 -16.53 -4.38
N SER E 396 16.46 -16.82 -3.09
CA SER E 396 15.43 -17.49 -2.31
C SER E 396 14.12 -16.71 -2.27
N ALA E 397 14.16 -15.42 -2.55
CA ALA E 397 12.90 -14.69 -2.71
C ALA E 397 12.36 -14.85 -4.12
N SER E 398 13.15 -14.43 -5.12
CA SER E 398 12.64 -14.35 -6.48
C SER E 398 12.11 -15.69 -6.96
N ALA E 399 12.61 -16.79 -6.38
CA ALA E 399 12.20 -18.12 -6.80
C ALA E 399 10.69 -18.23 -6.86
N LEU E 400 9.99 -17.68 -5.86
CA LEU E 400 8.54 -17.81 -5.86
C LEU E 400 7.94 -17.30 -7.16
N ARG E 401 8.27 -16.07 -7.54
CA ARG E 401 7.72 -15.52 -8.77
C ARG E 401 8.21 -16.30 -9.97
N PHE E 402 9.46 -16.78 -9.95
CA PHE E 402 9.97 -17.54 -11.07
C PHE E 402 9.18 -18.82 -11.29
N ASN E 403 8.42 -19.26 -10.29
CA ASN E 403 7.57 -20.43 -10.44
C ASN E 403 6.18 -20.08 -10.91
N LEU E 404 5.68 -18.89 -10.58
CA LEU E 404 4.32 -18.53 -10.95
C LEU E 404 4.19 -18.21 -12.43
N SER E 405 5.26 -17.72 -13.06
CA SER E 405 5.20 -17.28 -14.44
C SER E 405 5.78 -18.28 -15.43
N ARG E 406 6.27 -19.43 -14.96
CA ARG E 406 6.80 -20.48 -15.83
C ARG E 406 7.86 -19.92 -16.77
N ALA E 407 8.85 -19.23 -16.20
CA ALA E 407 9.84 -18.53 -16.99
C ALA E 407 10.82 -19.51 -17.63
N VAL E 408 11.45 -19.05 -18.72
CA VAL E 408 12.39 -19.88 -19.47
C VAL E 408 13.79 -19.28 -19.51
N ALA E 409 13.95 -17.97 -19.35
CA ALA E 409 15.27 -17.35 -19.41
C ALA E 409 15.22 -16.07 -18.61
N ILE E 410 16.40 -15.49 -18.38
CA ILE E 410 16.53 -14.25 -17.64
C ILE E 410 17.56 -13.37 -18.34
N ASP E 411 17.26 -12.08 -18.45
CA ASP E 411 18.15 -11.12 -19.08
C ASP E 411 17.96 -9.78 -18.40
N MET E 412 18.42 -8.70 -19.03
CA MET E 412 18.44 -7.41 -18.35
C MET E 412 17.90 -6.24 -19.17
N GLU E 413 17.53 -6.43 -20.44
CA GLU E 413 17.12 -5.30 -21.28
C GLU E 413 15.83 -5.48 -22.05
N SER E 414 15.41 -6.71 -22.35
CA SER E 414 14.38 -6.93 -23.36
C SER E 414 13.03 -6.33 -22.97
N ALA E 415 12.66 -6.42 -21.70
CA ALA E 415 11.34 -5.94 -21.30
C ALA E 415 11.23 -4.43 -21.43
N THR E 416 12.31 -3.70 -21.14
CA THR E 416 12.27 -2.25 -21.25
C THR E 416 12.15 -1.81 -22.71
N ILE E 417 12.86 -2.50 -23.61
CA ILE E 417 12.74 -2.18 -25.03
C ILE E 417 11.33 -2.50 -25.52
N ALA E 418 10.75 -3.61 -25.07
CA ALA E 418 9.39 -3.94 -25.46
C ALA E 418 8.39 -2.91 -24.95
N ALA E 419 8.54 -2.47 -23.70
CA ALA E 419 7.64 -1.45 -23.17
C ALA E 419 7.76 -0.15 -23.93
N GLN E 420 8.99 0.26 -24.26
CA GLN E 420 9.18 1.51 -25.00
C GLN E 420 8.64 1.40 -26.42
N GLY E 421 8.78 0.23 -27.04
CA GLY E 421 8.17 0.05 -28.36
C GLY E 421 6.67 -0.04 -28.32
N TYR E 422 6.11 -0.39 -27.17
CA TYR E 422 4.65 -0.36 -27.00
C TYR E 422 4.15 1.06 -26.79
N ARG E 423 4.89 1.89 -26.06
CA ARG E 423 4.43 3.24 -25.77
C ARG E 423 4.45 4.12 -27.01
N PHE E 424 5.48 4.00 -27.84
CA PHE E 424 5.66 4.86 -29.00
C PHE E 424 5.18 4.24 -30.29
N ARG E 425 4.52 3.08 -30.22
CA ARG E 425 3.94 2.40 -31.38
C ARG E 425 5.00 2.06 -32.42
N VAL E 426 5.97 1.25 -32.01
CA VAL E 426 6.99 0.72 -32.90
C VAL E 426 7.01 -0.80 -32.76
N PRO E 427 7.01 -1.56 -33.86
CA PRO E 427 7.11 -3.02 -33.75
C PRO E 427 8.42 -3.45 -33.09
N TYR E 428 8.34 -4.53 -32.32
CA TYR E 428 9.47 -4.98 -31.53
C TYR E 428 9.58 -6.50 -31.57
N GLY E 429 10.78 -7.01 -31.30
CA GLY E 429 11.06 -8.42 -31.27
C GLY E 429 12.15 -8.73 -30.28
N THR E 430 12.55 -10.00 -30.20
CA THR E 430 13.59 -10.44 -29.29
C THR E 430 13.98 -11.87 -29.64
N LEU E 431 15.28 -12.14 -29.66
CA LEU E 431 15.79 -13.49 -29.91
C LEU E 431 17.09 -13.66 -29.13
N LEU E 432 17.06 -14.45 -28.07
CA LEU E 432 18.17 -14.57 -27.15
C LEU E 432 18.87 -15.91 -27.32
N CYS E 433 20.12 -15.99 -26.84
CA CYS E 433 20.93 -17.19 -26.94
C CYS E 433 21.48 -17.53 -25.57
N VAL E 434 21.34 -18.78 -25.15
CA VAL E 434 21.73 -19.19 -23.81
C VAL E 434 23.24 -19.22 -23.68
N SER E 435 23.77 -18.57 -22.64
CA SER E 435 25.20 -18.52 -22.42
C SER E 435 25.66 -19.24 -21.16
N ASP E 436 24.77 -19.48 -20.20
CA ASP E 436 25.13 -20.23 -19.00
C ASP E 436 23.87 -20.80 -18.37
N LYS E 437 24.07 -21.60 -17.33
CA LYS E 437 22.99 -22.24 -16.59
C LYS E 437 23.20 -21.94 -15.11
N PRO E 438 22.72 -20.78 -14.64
CA PRO E 438 23.02 -20.39 -13.25
C PRO E 438 22.51 -21.38 -12.22
N LEU E 439 21.32 -21.95 -12.41
CA LEU E 439 20.70 -22.77 -11.39
C LEU E 439 21.22 -24.21 -11.37
N HIS E 440 22.00 -24.62 -12.36
CA HIS E 440 22.46 -25.99 -12.48
C HIS E 440 23.98 -26.07 -12.46
N GLY E 441 24.63 -25.09 -11.86
CA GLY E 441 26.07 -25.13 -11.64
C GLY E 441 26.93 -25.12 -12.89
N GLU E 442 26.56 -24.35 -13.90
CA GLU E 442 27.41 -24.14 -15.07
C GLU E 442 27.57 -22.65 -15.34
N ILE E 443 27.54 -21.83 -14.28
CA ILE E 443 27.52 -20.38 -14.44
C ILE E 443 28.81 -19.88 -15.05
N LYS E 444 28.69 -18.98 -16.03
CA LYS E 444 29.85 -18.40 -16.70
C LYS E 444 29.71 -16.89 -16.77
N LEU E 445 30.63 -16.23 -17.46
CA LEU E 445 30.63 -14.78 -17.57
C LEU E 445 30.77 -14.37 -19.04
N PRO E 446 30.19 -13.23 -19.42
CA PRO E 446 30.35 -12.75 -20.80
C PRO E 446 31.75 -12.20 -21.03
N GLY E 447 32.48 -12.81 -21.97
CA GLY E 447 33.84 -12.43 -22.28
C GLY E 447 34.89 -13.40 -21.77
N GLN E 448 34.51 -14.36 -20.94
CA GLN E 448 35.45 -15.34 -20.41
C GLN E 448 35.50 -16.56 -21.33
N ALA E 449 36.25 -17.59 -20.91
CA ALA E 449 36.43 -18.77 -21.72
C ALA E 449 35.10 -19.49 -21.94
N ASN E 450 34.60 -19.46 -23.17
CA ASN E 450 33.33 -20.09 -23.51
C ASN E 450 33.40 -20.46 -24.99
N ARG E 451 33.70 -21.73 -25.26
CA ARG E 451 33.96 -22.15 -26.64
C ARG E 451 32.70 -22.59 -27.38
N PHE E 452 31.57 -22.73 -26.69
CA PHE E 452 30.33 -23.13 -27.35
C PHE E 452 29.41 -21.95 -27.67
N TYR E 453 29.50 -20.86 -26.89
CA TYR E 453 28.74 -19.67 -27.19
C TYR E 453 29.48 -18.74 -28.13
N GLU E 454 30.82 -18.78 -28.13
CA GLU E 454 31.59 -17.97 -29.06
C GLU E 454 31.50 -18.50 -30.49
N GLY E 455 31.20 -19.78 -30.66
CA GLY E 455 31.01 -20.31 -32.00
C GLY E 455 29.77 -19.76 -32.68
N ALA E 456 28.67 -19.64 -31.94
CA ALA E 456 27.42 -19.15 -32.48
C ALA E 456 27.26 -17.66 -32.19
N ILE E 457 28.15 -16.87 -32.77
CA ILE E 457 28.07 -15.42 -32.70
C ILE E 457 28.06 -14.87 -34.12
N SER E 458 28.67 -15.60 -35.04
CA SER E 458 28.63 -15.23 -36.45
C SER E 458 27.41 -15.78 -37.16
N GLU E 459 26.59 -16.57 -36.46
CA GLU E 459 25.35 -17.09 -37.01
C GLU E 459 24.11 -16.47 -36.39
N HIS E 460 24.19 -16.06 -35.12
CA HIS E 460 23.11 -15.31 -34.49
C HIS E 460 22.86 -14.01 -35.25
N LEU E 461 23.93 -13.29 -35.58
CA LEU E 461 23.79 -12.04 -36.31
C LEU E 461 23.20 -12.27 -37.69
N GLN E 462 23.55 -13.39 -38.33
CA GLN E 462 22.96 -13.70 -39.63
C GLN E 462 21.46 -13.92 -39.52
N ILE E 463 21.02 -14.57 -38.44
CA ILE E 463 19.59 -14.75 -38.22
C ILE E 463 18.91 -13.41 -38.06
N GLY E 464 19.51 -12.50 -37.29
CA GLY E 464 18.93 -11.18 -37.14
C GLY E 464 18.81 -10.42 -38.45
N ILE E 465 19.87 -10.46 -39.26
CA ILE E 465 19.87 -9.74 -40.52
C ILE E 465 18.86 -10.36 -41.50
N ARG E 466 18.73 -11.69 -41.50
CA ARG E 466 17.74 -12.32 -42.35
C ARG E 466 16.32 -11.96 -41.90
N ALA E 467 16.09 -11.85 -40.59
CA ALA E 467 14.79 -11.39 -40.12
C ALA E 467 14.50 -9.98 -40.61
N ILE E 468 15.49 -9.09 -40.53
CA ILE E 468 15.30 -7.73 -41.04
C ILE E 468 14.96 -7.76 -42.53
N ASP E 469 15.65 -8.60 -43.29
CA ASP E 469 15.40 -8.69 -44.72
C ASP E 469 13.98 -9.18 -45.01
N LEU E 470 13.54 -10.21 -44.28
CA LEU E 470 12.19 -10.72 -44.50
C LEU E 470 11.13 -9.70 -44.13
N LEU E 471 11.36 -8.95 -43.05
CA LEU E 471 10.42 -7.90 -42.67
C LEU E 471 10.37 -6.79 -43.72
N ARG E 472 11.52 -6.43 -44.28
CA ARG E 472 11.54 -5.38 -45.29
C ARG E 472 10.87 -5.83 -46.58
N ALA E 473 11.02 -7.10 -46.94
CA ALA E 473 10.52 -7.58 -48.23
C ALA E 473 9.01 -7.40 -48.35
N GLU E 474 8.28 -7.66 -47.27
CA GLU E 474 6.83 -7.55 -47.27
C GLU E 474 6.43 -6.19 -46.70
N GLY E 475 5.50 -5.52 -47.38
CA GLY E 475 5.05 -4.20 -46.97
C GLY E 475 6.12 -3.14 -47.14
N ASN E 487 -8.11 8.59 -29.79
CA ASN E 487 -7.17 9.69 -29.60
C ASN E 487 -5.84 9.42 -30.32
N GLU E 488 -5.95 8.95 -31.56
CA GLU E 488 -4.78 8.65 -32.37
C GLU E 488 -4.44 9.83 -33.26
N PRO E 489 -3.26 10.44 -33.12
CA PRO E 489 -2.85 11.51 -34.05
C PRO E 489 -2.85 11.02 -35.48
N PRO E 490 -3.27 11.85 -36.43
CA PRO E 490 -3.39 11.39 -37.83
C PRO E 490 -2.07 11.00 -38.48
N PHE E 491 -0.93 11.50 -38.00
CA PHE E 491 0.35 11.05 -38.52
C PHE E 491 0.72 9.69 -37.92
N ARG E 492 1.23 8.81 -38.76
CA ARG E 492 1.65 7.48 -38.34
C ARG E 492 3.11 7.45 -37.90
N LEU F 16 46.99 -21.13 20.84
CA LEU F 16 48.05 -21.16 19.83
C LEU F 16 48.53 -19.76 19.49
N THR F 17 49.83 -19.62 19.26
CA THR F 17 50.35 -18.37 18.73
C THR F 17 49.83 -18.18 17.31
N PRO F 18 49.49 -16.95 16.92
CA PRO F 18 48.86 -16.74 15.61
C PRO F 18 49.72 -17.20 14.44
N GLU F 19 51.04 -17.20 14.58
CA GLU F 19 51.91 -17.62 13.47
C GLU F 19 51.64 -19.07 13.10
N GLN F 20 51.45 -19.93 14.10
CA GLN F 20 51.13 -21.32 13.84
C GLN F 20 49.81 -21.45 13.10
N ALA F 21 48.81 -20.66 13.52
CA ALA F 21 47.52 -20.70 12.85
C ALA F 21 47.65 -20.31 11.38
N LEU F 22 48.39 -19.24 11.10
CA LEU F 22 48.56 -18.80 9.71
C LEU F 22 49.27 -19.86 8.88
N ALA F 23 50.35 -20.43 9.41
CA ALA F 23 51.08 -21.45 8.66
C ALA F 23 50.21 -22.67 8.39
N GLU F 24 49.45 -23.11 9.39
CA GLU F 24 48.59 -24.28 9.21
C GLU F 24 47.50 -24.00 8.19
N LEU F 25 46.89 -22.81 8.24
CA LEU F 25 45.86 -22.46 7.27
C LEU F 25 46.41 -22.48 5.86
N GLU F 26 47.58 -21.88 5.66
CA GLU F 26 48.19 -21.85 4.33
C GLU F 26 48.47 -23.26 3.84
N ALA F 27 49.04 -24.11 4.70
CA ALA F 27 49.39 -25.47 4.27
C ALA F 27 48.14 -26.26 3.89
N ARG F 28 47.09 -26.18 4.71
CA ARG F 28 45.88 -26.93 4.42
C ARG F 28 45.24 -26.46 3.11
N TYR F 29 45.15 -25.15 2.91
CA TYR F 29 44.54 -24.64 1.69
C TYR F 29 45.33 -25.07 0.46
N GLU F 30 46.66 -24.98 0.53
CA GLU F 30 47.48 -25.38 -0.60
C GLU F 30 47.29 -26.86 -0.92
N ALA F 31 47.27 -27.70 0.11
CA ALA F 31 47.10 -29.14 -0.11
C ALA F 31 45.77 -29.43 -0.78
N SER F 32 44.69 -28.81 -0.30
CA SER F 32 43.38 -29.09 -0.88
C SER F 32 43.30 -28.63 -2.33
N VAL F 33 43.83 -27.44 -2.63
CA VAL F 33 43.76 -26.94 -4.00
C VAL F 33 44.57 -27.83 -4.93
N THR F 34 45.77 -28.23 -4.52
CA THR F 34 46.59 -29.10 -5.35
C THR F 34 45.89 -30.44 -5.61
N ALA F 35 45.28 -31.01 -4.58
CA ALA F 35 44.59 -32.29 -4.75
C ALA F 35 43.45 -32.15 -5.76
N LEU F 36 42.64 -31.10 -5.64
CA LEU F 36 41.54 -30.92 -6.58
C LEU F 36 42.04 -30.73 -8.00
N ARG F 37 43.11 -29.94 -8.16
CA ARG F 37 43.64 -29.72 -9.51
C ARG F 37 44.12 -31.02 -10.14
N LYS F 38 44.82 -31.85 -9.36
CA LYS F 38 45.30 -33.11 -9.94
C LYS F 38 44.16 -34.07 -10.24
N ALA F 39 43.12 -34.08 -9.40
CA ALA F 39 41.96 -34.92 -9.69
C ALA F 39 41.29 -34.51 -11.00
N ILE F 40 41.11 -33.20 -11.21
CA ILE F 40 40.55 -32.74 -12.48
C ILE F 40 41.46 -33.16 -13.63
N GLY F 41 42.77 -32.98 -13.46
CA GLY F 41 43.68 -33.29 -14.55
C GLY F 41 43.64 -34.75 -14.96
N ASP F 42 43.71 -35.66 -13.99
CA ASP F 42 43.73 -37.07 -14.38
C ASP F 42 42.36 -37.59 -14.79
N TYR F 43 41.26 -36.98 -14.32
CA TYR F 43 39.98 -37.32 -14.90
C TYR F 43 39.90 -36.94 -16.37
N ILE F 44 40.39 -35.74 -16.71
CA ILE F 44 40.37 -35.33 -18.12
C ILE F 44 41.25 -36.23 -18.96
N ASP F 45 42.46 -36.52 -18.49
CA ASP F 45 43.45 -37.17 -19.33
C ASP F 45 43.43 -38.70 -19.27
N HIS F 46 42.65 -39.30 -18.36
CA HIS F 46 42.60 -40.75 -18.31
C HIS F 46 41.22 -41.33 -18.02
N ASN F 47 40.18 -40.51 -17.92
CA ASN F 47 38.82 -40.97 -17.66
C ASN F 47 38.77 -41.84 -16.41
N THR F 48 39.10 -41.23 -15.28
CA THR F 48 39.08 -41.91 -13.99
C THR F 48 38.31 -41.08 -12.97
N LEU F 49 37.70 -41.77 -12.02
CA LEU F 49 36.89 -41.11 -11.00
C LEU F 49 37.57 -41.21 -9.64
N PRO F 50 37.31 -40.26 -8.74
CA PRO F 50 37.86 -40.34 -7.39
C PRO F 50 36.99 -41.15 -6.44
N ASP F 51 37.66 -41.79 -5.48
CA ASP F 51 36.95 -42.58 -4.47
C ASP F 51 36.02 -41.69 -3.67
N THR F 52 34.88 -42.24 -3.29
CA THR F 52 33.90 -41.53 -2.47
C THR F 52 34.17 -41.67 -0.98
N GLU F 53 35.16 -42.46 -0.59
CA GLU F 53 35.51 -42.64 0.81
C GLU F 53 36.70 -41.78 1.22
N ALA F 54 37.78 -41.81 0.44
CA ALA F 54 38.91 -40.93 0.71
C ALA F 54 38.53 -39.47 0.54
N ARG F 55 37.73 -39.16 -0.48
CA ARG F 55 37.23 -37.80 -0.66
C ARG F 55 36.39 -37.35 0.54
N ALA F 56 35.75 -38.30 1.22
CA ALA F 56 34.99 -37.99 2.43
C ALA F 56 35.88 -37.83 3.66
N GLU F 57 37.21 -37.94 3.49
CA GLU F 57 38.17 -37.70 4.55
C GLU F 57 38.60 -36.24 4.62
N GLY F 58 37.74 -35.33 4.19
CA GLY F 58 38.13 -33.93 4.09
C GLY F 58 39.21 -33.67 3.07
N LEU F 59 39.06 -34.22 1.87
CA LEU F 59 40.11 -34.11 0.87
C LEU F 59 39.97 -32.84 0.04
N PHE F 60 38.76 -32.30 -0.08
CA PHE F 60 38.48 -31.10 -0.89
C PHE F 60 37.76 -30.05 -0.06
N VAL F 61 38.23 -29.76 1.15
CA VAL F 61 37.47 -28.92 2.06
C VAL F 61 38.27 -27.69 2.47
N TYR F 62 37.53 -26.63 2.77
CA TYR F 62 38.13 -25.39 3.27
C TYR F 62 38.64 -25.57 4.69
N PRO F 63 39.77 -24.99 5.05
CA PRO F 63 40.18 -24.96 6.46
C PRO F 63 39.22 -24.10 7.27
N GLN F 64 39.13 -24.41 8.56
CA GLN F 64 38.22 -23.72 9.46
C GLN F 64 38.99 -23.23 10.68
N LEU F 65 38.69 -21.99 11.09
CA LEU F 65 39.34 -21.34 12.21
C LEU F 65 38.30 -20.97 13.25
N SER F 66 38.62 -21.23 14.52
CA SER F 66 37.72 -20.94 15.63
C SER F 66 38.48 -20.28 16.77
N VAL F 67 37.84 -19.32 17.42
CA VAL F 67 38.37 -18.67 18.62
C VAL F 67 37.32 -18.74 19.71
N SER F 68 37.75 -19.08 20.92
CA SER F 68 36.86 -19.25 22.06
C SER F 68 37.24 -18.27 23.16
N TRP F 69 36.26 -17.49 23.62
CA TRP F 69 36.49 -16.49 24.65
C TRP F 69 35.18 -16.07 25.31
N ALA F 88 30.04 -14.14 25.46
CA ALA F 88 31.05 -15.18 25.59
C ALA F 88 30.64 -16.44 24.83
N GLY F 89 31.62 -17.10 24.23
CA GLY F 89 31.35 -18.31 23.47
C GLY F 89 32.47 -18.58 22.48
N CYS F 90 32.15 -19.38 21.48
CA CYS F 90 33.10 -19.79 20.45
C CYS F 90 32.59 -19.34 19.09
N TYR F 91 33.52 -18.86 18.25
CA TYR F 91 33.21 -18.34 16.93
C TYR F 91 34.04 -19.09 15.91
N THR F 92 33.40 -19.58 14.84
CA THR F 92 34.06 -20.36 13.81
C THR F 92 33.69 -19.86 12.43
N THR F 93 34.69 -19.75 11.56
CA THR F 93 34.47 -19.44 10.14
C THR F 93 35.49 -20.18 9.28
N THR F 94 35.15 -20.30 7.99
CA THR F 94 35.99 -20.98 7.02
C THR F 94 36.80 -19.94 6.23
N ILE F 95 38.12 -20.13 6.20
CA ILE F 95 39.03 -19.20 5.55
C ILE F 95 39.23 -19.64 4.11
N THR F 96 39.34 -18.66 3.20
CA THR F 96 39.37 -18.93 1.76
C THR F 96 40.70 -18.63 1.09
N ASN F 97 41.46 -17.67 1.58
CA ASN F 97 42.72 -17.28 0.95
C ASN F 97 43.65 -16.72 2.01
N PRO F 98 44.27 -17.58 2.82
CA PRO F 98 45.05 -17.08 3.96
C PRO F 98 46.26 -16.26 3.57
N LYS F 99 46.76 -16.40 2.35
CA LYS F 99 47.95 -15.67 1.94
C LYS F 99 47.65 -14.27 1.42
N LEU F 100 46.38 -13.96 1.13
CA LEU F 100 46.00 -12.63 0.70
C LEU F 100 45.54 -11.76 1.88
N PHE F 101 44.80 -12.34 2.83
CA PHE F 101 44.33 -11.63 4.02
C PHE F 101 45.30 -11.75 5.19
N ARG F 102 46.60 -11.90 4.91
CA ARG F 102 47.55 -12.26 5.97
C ARG F 102 47.61 -11.20 7.06
N ASN F 103 47.84 -9.94 6.68
CA ASN F 103 48.02 -8.89 7.68
C ASN F 103 46.75 -8.67 8.48
N TYR F 104 45.60 -8.61 7.82
CA TYR F 104 44.34 -8.39 8.50
C TYR F 104 44.07 -9.48 9.51
N LEU F 105 44.17 -10.75 9.08
CA LEU F 105 43.93 -11.86 9.98
C LEU F 105 44.93 -11.87 11.13
N LEU F 106 46.20 -11.59 10.84
CA LEU F 106 47.22 -11.63 11.88
C LEU F 106 46.96 -10.58 12.95
N GLU F 107 46.65 -9.35 12.54
CA GLU F 107 46.43 -8.30 13.53
C GLU F 107 45.14 -8.54 14.30
N GLN F 108 44.09 -9.04 13.64
CA GLN F 108 42.86 -9.31 14.36
C GLN F 108 43.03 -10.46 15.34
N LEU F 109 43.87 -11.44 15.02
CA LEU F 109 44.07 -12.55 15.94
C LEU F 109 44.98 -12.16 17.10
N THR F 110 45.98 -11.31 16.85
CA THR F 110 46.83 -10.86 17.94
C THR F 110 46.15 -9.85 18.83
N LEU F 111 45.14 -9.14 18.32
CA LEU F 111 44.42 -8.18 19.15
C LEU F 111 43.50 -8.88 20.14
N LEU F 112 43.12 -10.12 19.86
CA LEU F 112 42.28 -10.91 20.75
C LEU F 112 43.09 -11.91 21.57
N TYR F 113 44.42 -11.81 21.54
CA TYR F 113 45.29 -12.69 22.29
C TYR F 113 46.06 -11.96 23.37
N GLN F 114 46.04 -10.63 23.36
CA GLN F 114 46.70 -9.82 24.38
C GLN F 114 45.75 -8.99 25.22
N ASP F 115 44.46 -8.97 24.88
CA ASP F 115 43.48 -8.20 25.63
C ASP F 115 42.36 -9.05 26.20
N TYR F 116 42.20 -10.29 25.73
CA TYR F 116 41.16 -11.18 26.22
C TYR F 116 41.78 -12.53 26.51
N GLY F 117 40.95 -13.47 26.93
CA GLY F 117 41.36 -14.86 27.08
C GLY F 117 40.67 -15.74 26.07
N ALA F 118 41.41 -16.22 25.08
CA ALA F 118 40.82 -16.95 23.97
C ALA F 118 41.73 -18.09 23.54
N HIS F 119 41.10 -19.16 23.06
CA HIS F 119 41.81 -20.32 22.52
C HIS F 119 41.54 -20.41 21.02
N ILE F 120 42.59 -20.71 20.26
CA ILE F 120 42.55 -20.72 18.80
C ILE F 120 42.68 -22.15 18.31
N SER F 121 41.77 -22.55 17.43
CA SER F 121 41.77 -23.90 16.87
C SER F 121 41.65 -23.84 15.36
N VAL F 122 42.37 -24.73 14.68
CA VAL F 122 42.37 -24.83 13.23
C VAL F 122 42.09 -26.27 12.84
N GLU F 123 41.10 -26.48 11.98
CA GLU F 123 40.71 -27.84 11.61
C GLU F 123 40.18 -27.83 10.18
N LEU F 124 39.50 -28.92 9.80
CA LEU F 124 38.92 -29.06 8.48
C LEU F 124 37.39 -28.96 8.57
N SER F 125 36.80 -28.26 7.61
CA SER F 125 35.36 -28.09 7.55
C SER F 125 34.72 -29.13 6.63
N GLN F 126 33.40 -29.08 6.53
CA GLN F 126 32.65 -30.01 5.68
C GLN F 126 32.15 -29.36 4.40
N HIS F 127 32.67 -28.19 4.04
CA HIS F 127 32.30 -27.51 2.81
C HIS F 127 33.38 -27.71 1.76
N GLU F 128 32.98 -27.83 0.50
CA GLU F 128 33.88 -28.22 -0.57
C GLU F 128 34.16 -27.05 -1.49
N ILE F 129 35.32 -27.10 -2.14
CA ILE F 129 35.79 -26.02 -3.02
C ILE F 129 35.22 -26.28 -4.41
N PRO F 130 34.37 -25.41 -4.93
CA PRO F 130 33.92 -25.57 -6.32
C PRO F 130 35.09 -25.53 -7.28
N TYR F 131 35.01 -26.32 -8.34
CA TYR F 131 36.13 -26.42 -9.27
C TYR F 131 36.37 -25.17 -10.12
N PRO F 132 35.36 -24.38 -10.50
CA PRO F 132 35.65 -23.20 -11.34
C PRO F 132 36.59 -22.21 -10.67
N TYR F 133 36.74 -22.27 -9.35
CA TYR F 133 37.63 -21.36 -8.64
C TYR F 133 39.08 -21.80 -8.60
N VAL F 134 39.39 -23.02 -9.05
CA VAL F 134 40.75 -23.53 -8.90
C VAL F 134 41.44 -23.75 -10.24
N ILE F 135 40.91 -23.17 -11.31
CA ILE F 135 41.43 -23.40 -12.66
C ILE F 135 42.56 -22.38 -12.89
N ASP F 136 43.81 -22.82 -12.69
CA ASP F 136 44.96 -21.97 -12.96
C ASP F 136 46.11 -22.73 -13.59
N GLY F 137 45.91 -23.98 -14.01
CA GLY F 137 47.00 -24.75 -14.60
C GLY F 137 46.57 -25.62 -15.77
N SER F 138 45.31 -25.51 -16.19
CA SER F 138 44.76 -26.32 -17.25
C SER F 138 44.16 -25.42 -18.32
N THR F 139 43.75 -26.04 -19.42
CA THR F 139 43.05 -25.36 -20.51
C THR F 139 41.89 -26.24 -20.93
N LEU F 140 40.68 -25.87 -20.51
CA LEU F 140 39.49 -26.69 -20.74
C LEU F 140 38.95 -26.41 -22.14
N THR F 141 39.61 -27.01 -23.12
CA THR F 141 39.10 -27.07 -24.49
C THR F 141 38.25 -28.32 -24.68
N LEU F 142 37.27 -28.49 -23.79
CA LEU F 142 36.51 -29.73 -23.69
C LEU F 142 35.21 -29.63 -24.45
N ASP F 143 34.76 -30.75 -24.98
CA ASP F 143 33.47 -30.85 -25.66
C ASP F 143 32.36 -30.97 -24.62
N ARG F 144 31.14 -31.29 -25.08
CA ARG F 144 30.00 -31.32 -24.18
C ARG F 144 30.09 -32.47 -23.19
N SER F 145 30.63 -33.61 -23.63
CA SER F 145 30.69 -34.78 -22.76
C SER F 145 31.57 -34.52 -21.54
N MET F 146 32.73 -33.92 -21.75
CA MET F 146 33.63 -33.63 -20.63
C MET F 146 33.02 -32.60 -19.69
N SER F 147 32.34 -31.59 -20.22
CA SER F 147 31.69 -30.61 -19.37
C SER F 147 30.60 -31.25 -18.53
N ALA F 148 29.80 -32.15 -19.13
CA ALA F 148 28.78 -32.86 -18.37
C ALA F 148 29.40 -33.72 -17.29
N GLY F 149 30.49 -34.42 -17.61
CA GLY F 149 31.16 -35.23 -16.59
C GLY F 149 31.71 -34.39 -15.46
N LEU F 150 32.29 -33.24 -15.77
CA LEU F 150 32.78 -32.34 -14.73
C LEU F 150 31.64 -31.85 -13.85
N THR F 151 30.51 -31.51 -14.46
CA THR F 151 29.38 -31.05 -13.66
C THR F 151 28.81 -32.17 -12.79
N ARG F 152 28.89 -33.41 -13.25
CA ARG F 152 28.27 -34.51 -12.52
C ARG F 152 29.15 -35.06 -11.39
N TYR F 153 30.43 -35.29 -11.66
CA TYR F 153 31.30 -35.99 -10.71
C TYR F 153 32.13 -35.08 -9.83
N PHE F 154 31.92 -33.77 -9.87
CA PHE F 154 32.80 -32.84 -9.16
C PHE F 154 31.98 -31.77 -8.48
N PRO F 155 32.52 -31.15 -7.42
CA PRO F 155 31.76 -30.11 -6.71
C PRO F 155 31.48 -28.91 -7.60
N THR F 156 30.32 -28.31 -7.41
CA THR F 156 29.88 -27.17 -8.19
C THR F 156 29.26 -26.13 -7.28
N THR F 157 28.89 -24.99 -7.86
CA THR F 157 28.31 -23.89 -7.12
C THR F 157 26.81 -24.11 -6.94
N GLU F 158 26.33 -23.95 -5.72
CA GLU F 158 24.91 -24.05 -5.41
C GLU F 158 24.43 -22.71 -4.87
N LEU F 159 23.35 -22.19 -5.46
CA LEU F 159 22.84 -20.86 -5.10
C LEU F 159 22.15 -20.83 -3.76
N SER F 160 21.88 -21.97 -3.14
CA SER F 160 21.32 -21.97 -1.79
C SER F 160 22.38 -21.71 -0.74
N GLN F 161 23.65 -21.63 -1.12
CA GLN F 161 24.75 -21.50 -0.18
C GLN F 161 25.24 -20.06 -0.01
N ILE F 162 25.35 -19.30 -1.10
CA ILE F 162 25.76 -17.91 -1.02
C ILE F 162 24.57 -17.05 -0.65
N GLY F 163 24.78 -16.08 0.22
CA GLY F 163 23.71 -15.20 0.67
C GLY F 163 24.19 -13.86 1.17
N GLU F 175 30.97 -22.14 18.36
CA GLU F 175 30.59 -23.02 17.27
C GLU F 175 29.25 -22.60 16.69
N PHE F 176 28.62 -21.60 17.31
CA PHE F 176 27.27 -21.19 16.95
C PHE F 176 27.16 -19.70 16.66
N TYR F 177 28.26 -18.99 16.54
CA TYR F 177 28.24 -17.57 16.23
C TYR F 177 29.25 -17.27 15.14
N PRO F 178 28.95 -16.30 14.27
CA PRO F 178 29.87 -15.99 13.17
C PRO F 178 31.04 -15.13 13.63
N LEU F 179 32.23 -15.44 13.11
CA LEU F 179 33.45 -14.73 13.47
C LEU F 179 33.76 -13.58 12.51
N SER F 180 33.23 -13.63 11.29
CA SER F 180 33.44 -12.56 10.31
C SER F 180 32.15 -12.32 9.55
N HIS F 181 32.13 -11.24 8.78
CA HIS F 181 30.94 -10.89 8.03
C HIS F 181 30.61 -11.95 6.97
N PHE F 182 31.63 -12.47 6.29
CA PHE F 182 31.45 -13.35 5.14
C PHE F 182 32.18 -14.66 5.34
N ASP F 183 31.63 -15.72 4.76
CA ASP F 183 32.27 -17.03 4.76
C ASP F 183 33.10 -17.19 3.48
N ALA F 184 33.62 -18.39 3.25
CA ALA F 184 34.54 -18.59 2.13
C ALA F 184 33.82 -18.64 0.79
N ARG F 185 32.63 -19.23 0.75
CA ARG F 185 31.93 -19.41 -0.52
C ARG F 185 31.40 -18.11 -1.09
N ARG F 186 31.39 -17.02 -0.32
CA ARG F 186 31.02 -15.71 -0.80
C ARG F 186 32.24 -14.85 -1.15
N VAL F 187 33.28 -14.89 -0.32
CA VAL F 187 34.51 -14.20 -0.65
C VAL F 187 35.11 -14.73 -1.94
N ASP F 188 35.08 -16.04 -2.13
CA ASP F 188 35.64 -16.60 -3.35
C ASP F 188 34.77 -16.32 -4.55
N PHE F 189 33.46 -16.17 -4.34
CA PHE F 189 32.56 -15.79 -5.42
C PHE F 189 32.78 -14.35 -5.86
N SER F 190 33.16 -13.49 -4.92
CA SER F 190 33.37 -12.08 -5.24
C SER F 190 34.75 -11.80 -5.82
N LEU F 191 35.78 -12.52 -5.35
CA LEU F 191 37.11 -12.31 -5.89
C LEU F 191 37.23 -12.73 -7.35
N ALA F 192 36.36 -13.63 -7.81
CA ALA F 192 36.39 -14.04 -9.21
C ALA F 192 35.81 -12.98 -10.14
N ARG F 193 34.94 -12.11 -9.63
CA ARG F 193 34.35 -11.05 -10.44
C ARG F 193 35.08 -9.73 -10.30
N LEU F 194 35.77 -9.50 -9.17
CA LEU F 194 36.62 -8.32 -9.10
C LEU F 194 37.66 -8.32 -10.21
N ARG F 195 38.23 -9.48 -10.53
CA ARG F 195 39.23 -9.55 -11.57
C ARG F 195 38.64 -9.39 -12.97
N HIS F 196 37.34 -9.59 -13.13
CA HIS F 196 36.71 -9.48 -14.44
C HIS F 196 36.19 -8.08 -14.72
N TYR F 197 35.46 -7.49 -13.77
CA TYR F 197 34.97 -6.13 -13.97
C TYR F 197 36.13 -5.14 -14.07
N THR F 198 37.14 -5.28 -13.23
CA THR F 198 38.19 -4.28 -13.10
C THR F 198 39.32 -4.50 -14.11
N GLY F 199 39.94 -5.66 -14.11
CA GLY F 199 41.05 -5.95 -14.99
C GLY F 199 42.40 -6.07 -14.31
N THR F 200 42.45 -6.02 -12.99
CA THR F 200 43.69 -6.14 -12.24
C THR F 200 43.56 -7.23 -11.20
N PRO F 201 44.67 -7.84 -10.78
CA PRO F 201 44.59 -8.87 -9.74
C PRO F 201 44.13 -8.28 -8.42
N ALA F 202 43.46 -9.11 -7.63
CA ALA F 202 42.92 -8.66 -6.35
C ALA F 202 43.99 -8.43 -5.30
N GLU F 203 45.24 -8.81 -5.56
CA GLU F 203 46.31 -8.61 -4.61
C GLU F 203 46.87 -7.19 -4.61
N HIS F 204 46.43 -6.35 -5.54
CA HIS F 204 46.99 -5.01 -5.68
C HIS F 204 46.13 -3.93 -5.05
N PHE F 205 44.89 -4.22 -4.70
CA PHE F 205 43.98 -3.18 -4.23
C PHE F 205 44.50 -2.52 -2.97
N GLN F 206 44.27 -1.22 -2.86
CA GLN F 206 44.73 -0.39 -1.75
C GLN F 206 43.56 0.03 -0.87
N PRO F 207 43.83 0.43 0.38
CA PRO F 207 42.73 0.67 1.32
C PRO F 207 41.98 1.98 1.14
N TYR F 208 42.47 2.92 0.33
CA TYR F 208 41.83 4.24 0.16
C TYR F 208 41.31 4.35 -1.26
N VAL F 209 39.99 4.33 -1.44
CA VAL F 209 39.37 4.19 -2.74
C VAL F 209 38.73 5.51 -3.16
N LEU F 210 38.96 5.90 -4.40
CA LEU F 210 38.34 7.06 -5.03
C LEU F 210 37.46 6.61 -6.19
N PHE F 211 36.24 7.13 -6.25
CA PHE F 211 35.31 6.82 -7.34
C PHE F 211 35.13 8.06 -8.20
N THR F 212 35.13 7.88 -9.52
CA THR F 212 34.90 8.97 -10.46
C THR F 212 33.91 8.51 -11.51
N ASN F 213 33.52 9.44 -12.38
CA ASN F 213 32.67 9.10 -13.52
C ASN F 213 33.08 9.84 -14.78
N TYR F 214 34.23 10.52 -14.79
CA TYR F 214 34.63 11.38 -15.90
C TYR F 214 36.08 11.09 -16.22
N THR F 215 36.36 10.67 -17.46
CA THR F 215 37.66 10.12 -17.81
C THR F 215 38.80 11.13 -17.72
N ARG F 216 38.49 12.43 -17.74
CA ARG F 216 39.56 13.42 -17.59
C ARG F 216 40.24 13.28 -16.24
N TYR F 217 39.48 12.92 -15.21
CA TYR F 217 40.08 12.63 -13.91
C TYR F 217 41.08 11.47 -14.02
N VAL F 218 40.74 10.46 -14.80
CA VAL F 218 41.64 9.33 -14.99
C VAL F 218 42.94 9.78 -15.64
N ASP F 219 42.83 10.61 -16.68
CA ASP F 219 44.04 11.12 -17.33
C ASP F 219 44.90 11.91 -16.36
N GLU F 220 44.28 12.78 -15.58
CA GLU F 220 45.04 13.60 -14.62
C GLU F 220 45.72 12.72 -13.58
N PHE F 221 45.00 11.72 -13.07
CA PHE F 221 45.57 10.84 -12.05
C PHE F 221 46.75 10.05 -12.59
N VAL F 222 46.63 9.51 -13.81
CA VAL F 222 47.73 8.76 -14.39
C VAL F 222 48.95 9.64 -14.58
N SER F 223 48.75 10.86 -15.10
CA SER F 223 49.88 11.76 -15.30
C SER F 223 50.54 12.12 -13.97
N TRP F 224 49.75 12.46 -12.96
CA TRP F 224 50.31 12.84 -11.67
C TRP F 224 51.06 11.67 -11.03
N GLY F 225 50.52 10.46 -11.13
CA GLY F 225 51.21 9.30 -10.57
C GLY F 225 52.52 9.02 -11.28
N CYS F 226 52.53 9.06 -12.61
CA CYS F 226 53.76 8.84 -13.34
C CYS F 226 54.80 9.91 -13.04
N SER F 227 54.35 11.13 -12.71
CA SER F 227 55.28 12.17 -12.30
C SER F 227 55.81 11.93 -10.90
N GLN F 228 54.96 11.39 -10.02
CA GLN F 228 55.36 11.18 -8.62
C GLN F 228 56.31 10.01 -8.47
N ILE F 229 56.17 8.97 -9.30
CA ILE F 229 57.02 7.78 -9.16
C ILE F 229 58.49 8.14 -9.38
N LEU F 230 58.77 9.00 -10.35
CA LEU F 230 60.15 9.36 -10.67
C LEU F 230 60.83 10.15 -9.56
N ASP F 231 60.09 10.67 -8.59
CA ASP F 231 60.68 11.44 -7.51
C ASP F 231 61.47 10.51 -6.59
N PRO F 232 62.75 10.76 -6.35
CA PRO F 232 63.53 9.85 -5.50
C PRO F 232 63.00 9.73 -4.08
N ASP F 233 62.45 10.79 -3.51
CA ASP F 233 61.92 10.78 -2.14
C ASP F 233 60.41 10.85 -2.22
N SER F 234 59.77 9.68 -2.34
CA SER F 234 58.32 9.60 -2.38
C SER F 234 57.91 8.18 -2.02
N PRO F 235 56.82 8.00 -1.26
CA PRO F 235 56.44 6.64 -0.86
C PRO F 235 56.12 5.72 -2.02
N TYR F 236 55.57 6.25 -3.11
CA TYR F 236 55.08 5.41 -4.19
C TYR F 236 56.25 4.84 -5.00
N ILE F 237 56.13 3.58 -5.41
CA ILE F 237 57.23 2.88 -6.08
C ILE F 237 56.78 2.23 -7.38
N ALA F 238 55.47 2.12 -7.59
CA ALA F 238 55.00 1.46 -8.80
C ALA F 238 53.56 1.88 -9.09
N LEU F 239 53.18 1.72 -10.35
CA LEU F 239 51.83 1.99 -10.81
C LEU F 239 51.32 0.77 -11.55
N SER F 240 50.10 0.35 -11.24
CA SER F 240 49.48 -0.80 -11.88
C SER F 240 48.22 -0.35 -12.61
N CYS F 241 48.18 -0.57 -13.92
CA CYS F 241 47.08 -0.10 -14.74
C CYS F 241 46.17 -1.26 -15.13
N ALA F 242 44.96 -0.90 -15.57
CA ALA F 242 44.01 -1.91 -16.02
C ALA F 242 44.50 -2.54 -17.32
N GLY F 243 44.38 -3.86 -17.40
CA GLY F 243 44.86 -4.60 -18.55
C GLY F 243 46.16 -5.33 -18.34
N GLY F 244 46.84 -5.11 -17.22
CA GLY F 244 48.07 -5.82 -16.93
C GLY F 244 49.32 -5.06 -17.32
N ILE F 245 49.43 -3.81 -16.89
CA ILE F 245 50.61 -2.99 -17.15
C ILE F 245 51.20 -2.58 -15.81
N TRP F 246 52.51 -2.79 -15.66
CA TRP F 246 53.23 -2.55 -14.42
C TRP F 246 54.37 -1.58 -14.71
N ILE F 247 54.25 -0.35 -14.22
CA ILE F 247 55.20 0.71 -14.53
C ILE F 247 55.99 1.03 -13.26
N THR F 248 57.31 0.97 -13.36
CA THR F 248 58.21 1.31 -12.28
C THR F 248 59.10 2.48 -12.70
N ALA F 249 60.10 2.79 -11.89
CA ALA F 249 61.00 3.89 -12.17
C ALA F 249 62.12 3.51 -13.12
N GLU F 250 62.20 2.25 -13.55
CA GLU F 250 63.25 1.77 -14.43
C GLU F 250 62.70 1.23 -15.75
N THR F 251 61.55 1.73 -16.18
CA THR F 251 60.96 1.33 -17.46
C THR F 251 61.36 2.34 -18.54
N GLU F 252 61.74 1.81 -19.70
CA GLU F 252 62.13 2.68 -20.81
C GLU F 252 60.97 3.55 -21.28
N ALA F 253 59.78 2.97 -21.39
CA ALA F 253 58.63 3.67 -21.94
C ALA F 253 57.62 3.97 -20.85
N PRO F 254 57.44 5.23 -20.46
CA PRO F 254 56.30 5.60 -19.60
C PRO F 254 55.04 6.01 -20.36
N GLU F 255 54.98 5.81 -21.67
CA GLU F 255 53.91 6.33 -22.51
C GLU F 255 52.96 5.23 -22.99
N GLN F 256 52.69 4.25 -22.12
CA GLN F 256 51.70 3.22 -22.42
C GLN F 256 50.74 2.99 -21.25
N ALA F 257 50.79 3.83 -20.23
CA ALA F 257 49.91 3.64 -19.07
C ALA F 257 48.45 3.80 -19.46
N ILE F 258 48.15 4.84 -20.24
CA ILE F 258 46.77 5.12 -20.62
C ILE F 258 46.54 4.75 -22.09
N SER F 259 46.06 3.52 -22.31
CA SER F 259 45.72 3.05 -23.64
C SER F 259 44.21 2.98 -23.79
N ASP F 260 43.75 3.04 -25.04
CA ASP F 260 42.32 3.06 -25.31
C ASP F 260 41.69 1.68 -25.30
N LEU F 261 42.49 0.62 -25.25
CA LEU F 261 41.95 -0.74 -25.24
C LEU F 261 41.31 -1.11 -23.91
N ALA F 262 41.63 -0.38 -22.84
CA ALA F 262 41.08 -0.70 -21.53
C ALA F 262 39.56 -0.56 -21.51
N TRP F 263 39.04 0.50 -22.13
CA TRP F 263 37.60 0.75 -22.11
C TRP F 263 36.83 -0.20 -23.04
N LYS F 264 37.51 -0.85 -23.97
CA LYS F 264 36.91 -1.90 -24.79
C LYS F 264 36.46 -3.10 -23.99
N LYS F 265 37.33 -3.64 -23.15
CA LYS F 265 37.12 -4.97 -22.60
C LYS F 265 36.55 -4.97 -21.19
N HIS F 266 36.95 -4.01 -20.36
CA HIS F 266 36.57 -3.99 -18.94
C HIS F 266 35.58 -2.87 -18.69
N GLN F 267 34.51 -3.18 -17.95
CA GLN F 267 33.47 -2.19 -17.72
C GLN F 267 33.94 -1.09 -16.78
N MET F 268 34.70 -1.44 -15.75
CA MET F 268 35.07 -0.51 -14.69
C MET F 268 36.57 -0.62 -14.42
N PRO F 269 37.39 0.02 -15.24
CA PRO F 269 38.84 -0.08 -15.06
C PRO F 269 39.29 0.58 -13.77
N ALA F 270 40.42 0.12 -13.24
CA ALA F 270 40.97 0.68 -12.01
C ALA F 270 42.48 0.83 -12.14
N TRP F 271 42.99 1.90 -11.53
CA TRP F 271 44.41 2.20 -11.51
C TRP F 271 44.88 2.26 -10.06
N HIS F 272 45.93 1.51 -9.74
CA HIS F 272 46.47 1.47 -8.38
C HIS F 272 47.84 2.11 -8.34
N LEU F 273 48.13 2.83 -7.27
CA LEU F 273 49.42 3.50 -7.10
C LEU F 273 50.08 2.89 -5.86
N ILE F 274 50.91 1.87 -6.08
CA ILE F 274 51.35 1.02 -4.98
C ILE F 274 52.32 1.75 -4.07
N THR F 275 52.32 1.37 -2.79
CA THR F 275 53.26 1.86 -1.80
C THR F 275 53.94 0.66 -1.16
N HIS F 276 55.16 0.88 -0.64
CA HIS F 276 55.92 -0.23 -0.06
C HIS F 276 55.21 -0.85 1.13
N ASP F 277 54.62 -0.03 1.99
CA ASP F 277 53.92 -0.54 3.17
C ASP F 277 52.62 -1.23 2.82
N GLY F 278 51.83 -0.66 1.91
CA GLY F 278 50.51 -1.16 1.61
C GLY F 278 49.47 -0.08 1.80
N LYS F 279 49.90 1.17 1.75
CA LYS F 279 49.02 2.33 1.94
C LYS F 279 49.17 3.22 0.71
N GLY F 280 48.39 2.92 -0.32
CA GLY F 280 48.45 3.68 -1.56
C GLY F 280 47.12 4.30 -1.92
N ILE F 281 46.86 4.50 -3.20
CA ILE F 281 45.60 5.08 -3.66
C ILE F 281 45.09 4.24 -4.83
N THR F 282 43.79 3.99 -4.83
CA THR F 282 43.11 3.27 -5.90
C THR F 282 42.08 4.17 -6.54
N LEU F 283 42.04 4.19 -7.87
CA LEU F 283 41.05 4.98 -8.60
C LEU F 283 40.22 4.03 -9.45
N ILE F 284 38.90 4.11 -9.32
CA ILE F 284 37.98 3.25 -10.04
C ILE F 284 37.01 4.13 -10.82
N ASN F 285 36.81 3.81 -12.09
CA ASN F 285 35.93 4.57 -12.98
C ASN F 285 34.63 3.79 -13.13
N ILE F 286 33.70 3.99 -12.20
CA ILE F 286 32.51 3.16 -12.14
C ILE F 286 31.64 3.36 -13.37
N GLY F 287 31.43 4.61 -13.79
CA GLY F 287 30.57 4.91 -14.92
C GLY F 287 29.41 5.82 -14.51
N VAL F 288 28.26 5.59 -15.12
CA VAL F 288 27.07 6.39 -14.87
C VAL F 288 25.91 5.46 -14.54
N GLY F 289 25.22 5.73 -13.44
CA GLY F 289 24.08 4.94 -13.05
C GLY F 289 24.15 4.49 -11.61
N PRO F 290 22.99 4.33 -10.97
CA PRO F 290 22.94 3.82 -9.59
C PRO F 290 22.96 2.31 -9.48
N ALA F 291 22.99 1.57 -10.58
CA ALA F 291 23.07 0.12 -10.53
C ALA F 291 24.49 -0.40 -10.75
N ASN F 292 25.37 0.41 -11.34
CA ASN F 292 26.78 0.04 -11.43
C ASN F 292 27.57 0.42 -10.19
N ALA F 293 27.06 1.33 -9.38
CA ALA F 293 27.73 1.71 -8.14
C ALA F 293 27.36 0.82 -6.98
N LYS F 294 26.42 -0.11 -7.17
CA LYS F 294 26.03 -1.05 -6.13
C LYS F 294 26.73 -2.38 -6.25
N THR F 295 26.87 -2.92 -7.46
CA THR F 295 27.55 -4.21 -7.63
C THR F 295 29.03 -4.10 -7.31
N ILE F 296 29.68 -3.02 -7.73
CA ILE F 296 31.10 -2.89 -7.43
C ILE F 296 31.32 -2.74 -5.93
N CYS F 297 30.40 -2.08 -5.22
CA CYS F 297 30.52 -2.00 -3.77
C CYS F 297 30.30 -3.36 -3.12
N ASP F 298 29.32 -4.12 -3.61
CA ASP F 298 29.11 -5.48 -3.12
C ASP F 298 30.37 -6.31 -3.24
N HIS F 299 31.02 -6.25 -4.40
CA HIS F 299 32.20 -7.08 -4.62
C HIS F 299 33.44 -6.53 -3.93
N LEU F 300 33.49 -5.23 -3.67
CA LEU F 300 34.67 -4.61 -3.08
C LEU F 300 34.64 -4.61 -1.56
N ALA F 301 33.47 -4.84 -0.96
CA ALA F 301 33.38 -4.81 0.50
C ALA F 301 34.21 -5.91 1.15
N VAL F 302 34.41 -7.04 0.47
CA VAL F 302 35.07 -8.18 1.09
C VAL F 302 36.56 -7.99 1.30
N LEU F 303 37.14 -6.91 0.78
CA LEU F 303 38.54 -6.61 1.02
C LEU F 303 38.76 -5.71 2.22
N ARG F 304 37.68 -5.20 2.82
CA ARG F 304 37.72 -4.34 3.99
C ARG F 304 38.56 -3.09 3.75
N PRO F 305 38.07 -2.15 2.92
CA PRO F 305 38.84 -0.93 2.67
C PRO F 305 38.81 0.00 3.87
N ASP F 306 39.53 1.12 3.79
CA ASP F 306 39.54 2.08 4.89
C ASP F 306 38.67 3.29 4.66
N VAL F 307 38.48 3.72 3.41
CA VAL F 307 37.61 4.86 3.13
C VAL F 307 37.21 4.84 1.66
N TRP F 308 35.97 5.22 1.40
CA TRP F 308 35.42 5.41 0.06
C TRP F 308 35.16 6.90 -0.14
N LEU F 309 35.70 7.47 -1.21
CA LEU F 309 35.42 8.85 -1.55
C LEU F 309 34.77 8.92 -2.92
N MET F 310 33.82 9.84 -3.09
CA MET F 310 33.15 10.05 -4.36
C MET F 310 33.50 11.43 -4.88
N ILE F 311 33.94 11.49 -6.14
CA ILE F 311 34.36 12.73 -6.76
C ILE F 311 33.74 12.79 -8.15
N GLY F 312 32.85 13.73 -8.36
CA GLY F 312 32.13 13.81 -9.62
C GLY F 312 31.60 15.20 -9.85
N HIS F 313 30.50 15.29 -10.60
CA HIS F 313 29.86 16.55 -10.88
C HIS F 313 28.35 16.39 -10.77
N CYS F 314 27.67 17.51 -10.51
CA CYS F 314 26.23 17.50 -10.27
C CYS F 314 25.62 18.67 -11.02
N GLY F 315 24.33 18.91 -10.78
CA GLY F 315 23.63 20.05 -11.34
C GLY F 315 22.94 20.85 -10.26
N GLY F 316 23.35 22.10 -10.11
CA GLY F 316 22.85 22.93 -9.03
C GLY F 316 21.37 23.23 -9.13
N LEU F 317 20.75 23.45 -7.97
CA LEU F 317 19.32 23.74 -7.89
C LEU F 317 19.02 25.08 -7.25
N ARG F 318 20.04 25.86 -6.89
CA ARG F 318 19.85 27.16 -6.26
C ARG F 318 20.36 28.25 -7.17
N GLU F 319 19.67 29.40 -7.16
CA GLU F 319 20.00 30.48 -8.08
C GLU F 319 21.34 31.12 -7.75
N SER F 320 21.76 31.08 -6.49
CA SER F 320 23.02 31.70 -6.10
C SER F 320 24.24 30.92 -6.58
N GLN F 321 24.08 29.68 -7.03
CA GLN F 321 25.20 28.86 -7.42
C GLN F 321 25.69 29.20 -8.81
N ALA F 322 27.01 29.21 -8.98
CA ALA F 322 27.64 29.43 -10.27
C ALA F 322 28.44 28.19 -10.67
N ILE F 323 28.58 27.98 -11.97
CA ILE F 323 29.32 26.83 -12.47
C ILE F 323 30.75 26.89 -11.95
N GLY F 324 31.17 25.82 -11.27
CA GLY F 324 32.48 25.77 -10.65
C GLY F 324 32.49 25.83 -9.15
N ASP F 325 31.34 25.70 -8.50
CA ASP F 325 31.22 25.76 -7.05
C ASP F 325 31.08 24.37 -6.46
N TYR F 326 31.53 24.22 -5.22
CA TYR F 326 31.60 22.92 -4.55
C TYR F 326 30.41 22.70 -3.65
N VAL F 327 29.91 21.47 -3.64
CA VAL F 327 28.79 21.05 -2.82
C VAL F 327 29.24 19.89 -1.95
N LEU F 328 28.91 19.97 -0.66
CA LEU F 328 29.24 18.94 0.32
C LEU F 328 27.95 18.44 0.94
N ALA F 329 27.73 17.13 0.89
CA ALA F 329 26.47 16.56 1.32
C ALA F 329 26.51 16.25 2.80
N HIS F 330 25.42 16.56 3.49
CA HIS F 330 25.24 16.16 4.88
C HIS F 330 23.96 15.36 5.09
N ALA F 331 23.23 15.04 4.03
CA ALA F 331 22.04 14.20 4.08
C ALA F 331 21.67 13.83 2.66
N TYR F 332 21.14 12.63 2.49
CA TYR F 332 20.82 12.11 1.17
C TYR F 332 19.34 11.78 1.09
N LEU F 333 18.69 12.22 0.01
CA LEU F 333 17.31 11.83 -0.29
C LEU F 333 17.37 10.76 -1.36
N ARG F 334 16.93 9.55 -1.03
CA ARG F 334 17.13 8.38 -1.87
C ARG F 334 15.91 8.16 -2.75
N ASP F 335 16.05 8.44 -4.04
CA ASP F 335 15.02 8.16 -5.04
C ASP F 335 15.42 7.04 -5.99
N ASP F 336 16.53 6.36 -5.74
CA ASP F 336 16.91 5.20 -6.54
C ASP F 336 16.27 3.96 -5.95
N HIS F 337 15.56 3.21 -6.78
CA HIS F 337 14.75 2.10 -6.28
C HIS F 337 15.57 0.89 -5.86
N VAL F 338 16.86 0.85 -6.18
CA VAL F 338 17.70 -0.22 -5.68
C VAL F 338 17.91 -0.03 -4.17
N LEU F 339 18.17 -1.13 -3.48
CA LEU F 339 18.41 -1.17 -2.04
C LEU F 339 17.19 -0.84 -1.20
N ASP F 340 16.01 -0.72 -1.82
CA ASP F 340 14.80 -0.48 -1.04
C ASP F 340 14.20 -1.74 -0.46
N ALA F 341 14.72 -2.92 -0.82
CA ALA F 341 14.25 -4.17 -0.28
C ALA F 341 15.08 -4.65 0.91
N VAL F 342 16.29 -4.15 1.07
CA VAL F 342 17.16 -4.56 2.17
C VAL F 342 17.43 -3.43 3.14
N LEU F 343 17.22 -2.18 2.75
CA LEU F 343 17.43 -1.03 3.63
C LEU F 343 16.36 0.00 3.32
N PRO F 344 15.20 -0.08 3.97
CA PRO F 344 14.07 0.78 3.59
C PRO F 344 14.41 2.25 3.77
N PRO F 345 13.73 3.13 3.05
CA PRO F 345 14.07 4.56 3.13
C PRO F 345 13.78 5.19 4.48
N ASP F 346 13.09 4.50 5.38
CA ASP F 346 12.86 5.04 6.71
C ASP F 346 14.16 5.15 7.51
N ILE F 347 15.09 4.24 7.28
CA ILE F 347 16.33 4.21 8.05
C ILE F 347 17.18 5.42 7.70
N PRO F 348 17.66 6.20 8.67
CA PRO F 348 18.45 7.39 8.36
C PRO F 348 19.92 7.06 8.16
N ILE F 349 20.51 7.69 7.15
CA ILE F 349 21.94 7.53 6.86
C ILE F 349 22.66 8.79 7.34
N PRO F 350 23.35 8.75 8.46
CA PRO F 350 24.03 9.95 8.96
C PRO F 350 25.28 10.30 8.20
N SER F 351 26.01 11.30 8.67
CA SER F 351 27.30 11.66 8.12
C SER F 351 28.39 11.38 9.15
N ILE F 352 29.64 11.39 8.70
CA ILE F 352 30.79 11.07 9.52
C ILE F 352 31.59 12.33 9.73
N ALA F 353 31.77 12.73 11.00
CA ALA F 353 32.37 14.03 11.29
C ALA F 353 33.81 14.12 10.83
N GLU F 354 34.59 13.04 11.01
CA GLU F 354 36.00 13.08 10.66
C GLU F 354 36.20 13.33 9.17
N VAL F 355 35.43 12.64 8.33
CA VAL F 355 35.59 12.78 6.89
C VAL F 355 35.19 14.18 6.43
N GLN F 356 34.09 14.72 6.96
CA GLN F 356 33.66 16.05 6.58
C GLN F 356 34.67 17.11 7.02
N ARG F 357 35.23 16.96 8.22
CA ARG F 357 36.27 17.88 8.65
C ARG F 357 37.48 17.82 7.74
N ALA F 358 37.89 16.61 7.35
CA ALA F 358 39.04 16.46 6.46
C ALA F 358 38.77 17.11 5.10
N LEU F 359 37.57 16.91 4.56
CA LEU F 359 37.24 17.51 3.26
C LEU F 359 37.23 19.03 3.35
N TYR F 360 36.67 19.59 4.41
CA TYR F 360 36.65 21.05 4.57
C TYR F 360 38.06 21.60 4.67
N ASP F 361 38.90 20.96 5.48
CA ASP F 361 40.28 21.42 5.61
C ASP F 361 41.03 21.33 4.29
N ALA F 362 40.84 20.24 3.54
CA ALA F 362 41.52 20.09 2.27
C ALA F 362 41.08 21.15 1.28
N THR F 363 39.79 21.43 1.21
CA THR F 363 39.31 22.48 0.32
C THR F 363 39.91 23.83 0.69
N LYS F 364 39.92 24.15 1.98
CA LYS F 364 40.48 25.42 2.42
C LYS F 364 41.95 25.53 2.06
N GLN F 365 42.72 24.45 2.26
CA GLN F 365 44.16 24.52 2.03
C GLN F 365 44.48 24.59 0.53
N VAL F 366 43.88 23.70 -0.27
CA VAL F 366 44.22 23.64 -1.68
C VAL F 366 43.69 24.85 -2.43
N SER F 367 42.44 25.24 -2.18
CA SER F 367 41.85 26.36 -2.91
C SER F 367 42.59 27.66 -2.67
N GLY F 368 43.37 27.76 -1.60
CA GLY F 368 44.16 28.94 -1.34
C GLY F 368 43.36 30.19 -1.03
N MET F 369 42.29 30.06 -0.24
CA MET F 369 41.49 31.21 0.13
C MET F 369 40.85 31.01 1.50
N VAL F 374 36.17 30.72 1.82
CA VAL F 374 35.53 29.60 1.14
C VAL F 374 34.05 29.58 1.45
N LYS F 375 33.58 30.59 2.18
CA LYS F 375 32.19 30.64 2.58
C LYS F 375 31.24 30.87 1.41
N GLN F 376 31.76 31.25 0.24
CA GLN F 376 30.93 31.54 -0.93
C GLN F 376 31.06 30.51 -2.04
N ARG F 377 32.21 29.86 -2.17
CA ARG F 377 32.42 28.85 -3.19
C ARG F 377 32.08 27.44 -2.72
N LEU F 378 31.76 27.25 -1.45
CA LEU F 378 31.51 25.94 -0.89
C LEU F 378 30.20 25.95 -0.13
N ARG F 379 29.33 24.99 -0.40
CA ARG F 379 28.06 24.90 0.29
C ARG F 379 27.90 23.52 0.90
N THR F 380 27.01 23.43 1.89
CA THR F 380 26.70 22.17 2.56
C THR F 380 25.19 21.98 2.51
N GLY F 381 24.74 20.81 2.08
CA GLY F 381 23.32 20.62 1.93
C GLY F 381 22.92 19.20 1.65
N THR F 382 21.69 19.05 1.19
CA THR F 382 21.08 17.75 0.88
C THR F 382 21.14 17.50 -0.61
N VAL F 383 21.64 16.35 -1.02
CA VAL F 383 21.76 15.98 -2.43
C VAL F 383 20.71 14.91 -2.75
N VAL F 384 20.08 15.06 -3.91
CA VAL F 384 19.10 14.09 -4.40
C VAL F 384 19.80 13.11 -5.32
N THR F 385 19.37 11.85 -5.29
CA THR F 385 19.89 10.83 -6.18
C THR F 385 18.73 10.15 -6.88
N THR F 386 18.80 10.08 -8.20
CA THR F 386 17.72 9.53 -9.01
C THR F 386 18.29 8.56 -10.03
N ASP F 387 17.47 7.60 -10.44
CA ASP F 387 17.85 6.62 -11.45
C ASP F 387 17.30 6.96 -12.82
N ASP F 388 16.73 8.16 -12.99
CA ASP F 388 16.13 8.59 -14.24
C ASP F 388 17.00 9.69 -14.83
N ARG F 389 17.65 9.39 -15.95
CA ARG F 389 18.55 10.37 -16.56
C ARG F 389 17.81 11.49 -17.26
N ASN F 390 16.50 11.37 -17.43
CA ASN F 390 15.70 12.40 -18.09
C ASN F 390 14.61 12.91 -17.17
N TRP F 391 14.97 13.24 -15.93
CA TRP F 391 13.97 13.66 -14.95
C TRP F 391 13.25 14.93 -15.37
N GLU F 392 13.86 15.74 -16.26
CA GLU F 392 13.25 17.00 -16.64
C GLU F 392 11.85 16.80 -17.22
N LEU F 393 11.68 15.77 -18.06
CA LEU F 393 10.40 15.52 -18.70
C LEU F 393 9.30 15.22 -17.70
N ARG F 394 9.65 14.89 -16.45
CA ARG F 394 8.65 14.65 -15.42
C ARG F 394 8.81 15.61 -14.25
N TYR F 395 9.52 16.72 -14.45
CA TYR F 395 9.89 17.60 -13.35
C TYR F 395 8.69 18.00 -12.51
N SER F 396 7.55 18.24 -13.17
CA SER F 396 6.39 18.79 -12.47
C SER F 396 5.93 17.91 -11.33
N ALA F 397 6.31 16.63 -11.32
CA ALA F 397 6.05 15.81 -10.14
C ALA F 397 7.15 16.00 -9.10
N SER F 398 8.39 15.71 -9.48
CA SER F 398 9.48 15.66 -8.50
C SER F 398 9.61 16.97 -7.76
N ALA F 399 9.18 18.08 -8.39
CA ALA F 399 9.31 19.40 -7.77
C ALA F 399 8.80 19.39 -6.35
N LEU F 400 7.65 18.72 -6.10
CA LEU F 400 7.10 18.74 -4.75
C LEU F 400 8.14 18.26 -3.74
N ARG F 401 8.71 17.07 -3.97
CA ARG F 401 9.69 16.55 -3.04
C ARG F 401 10.92 17.43 -2.99
N PHE F 402 11.32 18.00 -4.12
CA PHE F 402 12.49 18.86 -4.15
C PHE F 402 12.30 20.08 -3.25
N ASN F 403 11.05 20.40 -2.90
CA ASN F 403 10.78 21.51 -2.01
C ASN F 403 10.75 21.07 -0.55
N LEU F 404 10.34 19.84 -0.28
CA LEU F 404 10.21 19.40 1.10
C LEU F 404 11.56 19.14 1.76
N SER F 405 12.57 18.77 0.97
CA SER F 405 13.87 18.40 1.52
C SER F 405 14.91 19.51 1.41
N ARG F 406 14.57 20.65 0.84
CA ARG F 406 15.49 21.79 0.72
C ARG F 406 16.81 21.37 0.07
N ALA F 407 16.69 20.73 -1.09
CA ALA F 407 17.84 20.16 -1.76
C ALA F 407 18.72 21.24 -2.38
N VAL F 408 19.99 20.90 -2.57
CA VAL F 408 20.97 21.83 -3.12
C VAL F 408 21.57 21.35 -4.43
N ALA F 409 21.60 20.06 -4.71
CA ALA F 409 22.18 19.54 -5.94
C ALA F 409 21.52 18.22 -6.27
N ILE F 410 21.79 17.73 -7.48
CA ILE F 410 21.25 16.46 -7.94
C ILE F 410 22.35 15.71 -8.68
N ASP F 411 22.44 14.41 -8.43
CA ASP F 411 23.43 13.56 -9.07
C ASP F 411 22.84 12.16 -9.22
N MET F 412 23.67 11.17 -9.48
CA MET F 412 23.16 9.84 -9.81
C MET F 412 23.82 8.68 -9.07
N GLU F 413 24.84 8.91 -8.24
CA GLU F 413 25.55 7.80 -7.62
C GLU F 413 25.77 7.93 -6.12
N SER F 414 25.79 9.13 -5.56
CA SER F 414 26.34 9.31 -4.21
C SER F 414 25.53 8.58 -3.15
N ALA F 415 24.20 8.58 -3.27
CA ALA F 415 23.38 7.97 -2.22
C ALA F 415 23.59 6.47 -2.16
N THR F 416 23.77 5.81 -3.30
CA THR F 416 23.98 4.37 -3.30
C THR F 416 25.32 4.01 -2.66
N ILE F 417 26.35 4.79 -2.95
CA ILE F 417 27.65 4.55 -2.32
C ILE F 417 27.57 4.78 -0.82
N ALA F 418 26.83 5.81 -0.40
CA ALA F 418 26.67 6.05 1.04
C ALA F 418 25.91 4.91 1.71
N ALA F 419 24.85 4.42 1.08
CA ALA F 419 24.11 3.31 1.67
C ALA F 419 24.97 2.06 1.76
N GLN F 420 25.75 1.77 0.72
CA GLN F 420 26.60 0.58 0.75
C GLN F 420 27.70 0.73 1.80
N GLY F 421 28.25 1.93 1.97
CA GLY F 421 29.22 2.13 3.02
C GLY F 421 28.63 2.10 4.40
N TYR F 422 27.33 2.35 4.52
CA TYR F 422 26.64 2.19 5.80
C TYR F 422 26.38 0.72 6.11
N ARG F 423 26.03 -0.07 5.10
CA ARG F 423 25.70 -1.48 5.35
C ARG F 423 26.93 -2.29 5.74
N PHE F 424 28.07 -2.04 5.10
CA PHE F 424 29.27 -2.83 5.33
C PHE F 424 30.24 -2.17 6.30
N ARG F 425 29.84 -1.07 6.94
CA ARG F 425 30.65 -0.38 7.95
C ARG F 425 31.98 0.10 7.37
N VAL F 426 31.89 0.96 6.36
CA VAL F 426 33.05 1.62 5.77
C VAL F 426 32.81 3.13 5.80
N PRO F 427 33.77 3.93 6.24
CA PRO F 427 33.60 5.39 6.19
C PRO F 427 33.42 5.89 4.76
N TYR F 428 32.59 6.92 4.60
CA TYR F 428 32.25 7.42 3.27
C TYR F 428 32.20 8.95 3.28
N GLY F 429 32.35 9.53 2.09
CA GLY F 429 32.32 10.95 1.91
C GLY F 429 31.78 11.30 0.53
N THR F 430 31.75 12.59 0.22
CA THR F 430 31.26 13.06 -1.07
C THR F 430 31.61 14.54 -1.23
N LEU F 431 32.09 14.91 -2.41
CA LEU F 431 32.40 16.30 -2.72
C LEU F 431 32.15 16.53 -4.20
N LEU F 432 31.09 17.27 -4.53
CA LEU F 432 30.64 17.42 -5.90
C LEU F 432 30.95 18.82 -6.40
N CYS F 433 30.96 18.97 -7.73
CA CYS F 433 31.25 20.24 -8.38
C CYS F 433 30.16 20.55 -9.38
N VAL F 434 29.62 21.77 -9.34
CA VAL F 434 28.49 22.12 -10.18
C VAL F 434 28.93 22.26 -11.63
N SER F 435 28.21 21.61 -12.54
CA SER F 435 28.54 21.67 -13.95
C SER F 435 27.48 22.35 -14.81
N ASP F 436 26.25 22.46 -14.32
CA ASP F 436 25.22 23.18 -15.07
C ASP F 436 24.12 23.61 -14.10
N LYS F 437 23.16 24.37 -14.64
CA LYS F 437 22.03 24.88 -13.88
C LYS F 437 20.76 24.51 -14.65
N PRO F 438 20.24 23.29 -14.45
CA PRO F 438 19.09 22.86 -15.25
C PRO F 438 17.87 23.75 -15.11
N LEU F 439 17.57 24.24 -13.91
CA LEU F 439 16.32 24.96 -13.68
C LEU F 439 16.38 26.42 -14.08
N HIS F 440 17.55 26.94 -14.41
CA HIS F 440 17.73 28.35 -14.72
C HIS F 440 18.27 28.55 -16.13
N GLY F 441 18.03 27.59 -17.01
CA GLY F 441 18.36 27.74 -18.42
C GLY F 441 19.83 27.87 -18.76
N GLU F 442 20.70 27.13 -18.08
CA GLU F 442 22.10 27.04 -18.45
C GLU F 442 22.53 25.58 -18.57
N ILE F 443 21.61 24.71 -18.98
CA ILE F 443 21.85 23.27 -18.97
C ILE F 443 22.93 22.91 -19.98
N LYS F 444 23.87 22.06 -19.55
CA LYS F 444 24.96 21.61 -20.40
C LYS F 444 25.10 20.09 -20.32
N LEU F 445 26.13 19.54 -20.95
CA LEU F 445 26.36 18.12 -21.00
C LEU F 445 27.79 17.80 -20.60
N PRO F 446 28.03 16.64 -19.99
CA PRO F 446 29.40 16.25 -19.64
C PRO F 446 30.17 15.83 -20.88
N GLY F 447 31.26 16.54 -21.16
CA GLY F 447 32.07 16.29 -22.33
C GLY F 447 31.92 17.31 -23.44
N GLN F 448 30.93 18.19 -23.35
CA GLN F 448 30.72 19.20 -24.37
C GLN F 448 31.48 20.48 -24.00
N ALA F 449 31.29 21.53 -24.80
CA ALA F 449 32.02 22.77 -24.59
C ALA F 449 31.66 23.40 -23.24
N ASN F 450 32.63 23.39 -22.33
CA ASN F 450 32.42 23.93 -20.98
C ASN F 450 33.79 24.39 -20.49
N ARG F 451 34.06 25.69 -20.59
CA ARG F 451 35.39 26.20 -20.29
C ARG F 451 35.57 26.58 -18.82
N PHE F 452 34.51 26.59 -18.03
CA PHE F 452 34.63 26.92 -16.61
C PHE F 452 34.68 25.69 -15.71
N TYR F 453 34.07 24.59 -16.13
CA TYR F 453 34.17 23.35 -15.37
C TYR F 453 35.39 22.53 -15.77
N GLU F 454 35.87 22.67 -17.01
CA GLU F 454 37.10 21.98 -17.41
C GLU F 454 38.34 22.58 -16.78
N GLY F 455 38.29 23.84 -16.35
CA GLY F 455 39.41 24.42 -15.65
C GLY F 455 39.63 23.81 -14.28
N ALA F 456 38.54 23.56 -13.55
CA ALA F 456 38.63 23.00 -12.21
C ALA F 456 38.41 21.49 -12.25
N ILE F 457 39.35 20.81 -12.91
CA ILE F 457 39.36 19.35 -12.93
C ILE F 457 40.72 18.88 -12.42
N SER F 458 41.74 19.70 -12.61
CA SER F 458 43.06 19.42 -12.06
C SER F 458 43.22 19.91 -10.64
N GLU F 459 42.21 20.58 -10.09
CA GLU F 459 42.21 21.04 -8.72
C GLU F 459 41.23 20.28 -7.84
N HIS F 460 40.12 19.82 -8.41
CA HIS F 460 39.20 18.94 -7.68
C HIS F 460 39.91 17.67 -7.23
N LEU F 461 40.66 17.06 -8.14
CA LEU F 461 41.40 15.84 -7.81
C LEU F 461 42.43 16.11 -6.72
N GLN F 462 43.07 17.27 -6.75
CA GLN F 462 44.03 17.61 -5.71
C GLN F 462 43.36 17.71 -4.35
N ILE F 463 42.14 18.26 -4.31
CA ILE F 463 41.40 18.31 -3.06
C ILE F 463 41.11 16.91 -2.56
N GLY F 464 40.68 16.02 -3.46
CA GLY F 464 40.43 14.64 -3.04
C GLY F 464 41.67 13.95 -2.49
N ILE F 465 42.81 14.12 -3.17
CA ILE F 465 44.03 13.47 -2.73
C ILE F 465 44.50 14.05 -1.40
N ARG F 466 44.36 15.36 -1.21
CA ARG F 466 44.73 15.96 0.07
C ARG F 466 43.83 15.46 1.19
N ALA F 467 42.54 15.27 0.90
CA ALA F 467 41.65 14.68 1.91
C ALA F 467 42.10 13.28 2.29
N ILE F 468 42.48 12.47 1.30
CA ILE F 468 42.98 11.13 1.59
C ILE F 468 44.23 11.21 2.46
N ASP F 469 45.13 12.14 2.15
CA ASP F 469 46.36 12.28 2.92
C ASP F 469 46.06 12.67 4.37
N LEU F 470 45.14 13.62 4.56
CA LEU F 470 44.81 14.05 5.93
C LEU F 470 44.15 12.91 6.71
N LEU F 471 43.29 12.13 6.06
CA LEU F 471 42.68 10.99 6.74
C LEU F 471 43.72 9.93 7.10
N ARG F 472 44.69 9.71 6.23
CA ARG F 472 45.73 8.71 6.53
C ARG F 472 46.64 9.17 7.65
N ALA F 473 46.91 10.48 7.72
CA ALA F 473 47.89 10.98 8.70
C ALA F 473 47.46 10.69 10.12
N GLU F 474 46.17 10.83 10.41
CA GLU F 474 45.64 10.60 11.75
C GLU F 474 45.07 9.19 11.84
N GLY F 475 45.41 8.48 12.91
CA GLY F 475 44.97 7.12 13.10
C GLY F 475 45.61 6.15 12.11
N ASN F 487 25.22 -7.59 18.17
CA ASN F 487 25.49 -8.61 17.16
C ASN F 487 26.61 -8.20 16.22
N GLU F 488 27.70 -7.69 16.81
CA GLU F 488 28.85 -7.25 16.04
C GLU F 488 29.89 -8.35 16.00
N PRO F 489 30.24 -8.87 14.82
CA PRO F 489 31.34 -9.86 14.74
C PRO F 489 32.63 -9.28 15.29
N PRO F 490 33.41 -10.10 16.00
CA PRO F 490 34.63 -9.58 16.64
C PRO F 490 35.69 -9.04 15.69
N PHE F 491 35.71 -9.48 14.43
CA PHE F 491 36.63 -8.89 13.47
C PHE F 491 36.10 -7.56 12.97
N ARG F 492 37.00 -6.58 12.86
CA ARG F 492 36.65 -5.25 12.39
C ARG F 492 36.78 -5.13 10.88
#